data_8EQW
#
_entry.id   8EQW
#
_cell.length_a   93.928
_cell.length_b   195.295
_cell.length_c   112.424
_cell.angle_alpha   90.000
_cell.angle_beta   91.821
_cell.angle_gamma   90.000
#
_symmetry.space_group_name_H-M   'P 1 21 1'
#
loop_
_entity.id
_entity.type
_entity.pdbx_description
1 polymer 'Sulfhydrylase FUB7'
2 water water
#
_entity_poly.entity_id   1
_entity_poly.type   'polypeptide(L)'
_entity_poly.pdbx_seq_one_letter_code
;MGSSHHHHHHENLYFQSNAEQVFQNFETLQLHAGYTPDPHTRSTAVPIYATSSYTFNDSAHGARLFGLKELGNIYSRLMN
PTVDVFEKRIAALEGGIAAAATSSGQAAQFLTIATLAKAGDNIVASSHLYGGTYNQLNVLLPRFGIKTKFVRSGKLEDYA
AAIDDQTRAIYVESMSNPDYVVPDFEGIAKIAHEHGIPLVVDNTLGAGGYYIRPIEHGADIVVHSAT(LLP)WIGGHGTT
IGGVIVDSGRFNWNKHSDRFPEMVEPSPSYHGLKYWEAFGPATFITRIRVEMLRDIGACLSPFSAQQLLLGIETLGLRAE
RHAQNTEKLSKYFESSPNVSWVLWPGSESHPTYSQAKKYLTRGFGAMLSIGVKGDASAGSKVVDGLKLVSNLANVGDAKS
LAIHPWSTTHEQLSEDERLASGVTEDMIRISVGIEHVDDIIADFEQSFQKAYGS
;
_entity_poly.pdbx_strand_id   A,B,C,D,E,F,G,H
#
# COMPACT_ATOMS: atom_id res chain seq x y z
N PHE A 23 14.01 -21.34 18.01
CA PHE A 23 13.94 -22.38 19.04
C PHE A 23 12.52 -22.88 19.14
N GLN A 24 12.41 -24.08 19.70
CA GLN A 24 11.11 -24.69 19.93
C GLN A 24 10.64 -24.53 21.36
N ASN A 25 11.57 -24.47 22.32
CA ASN A 25 11.20 -24.61 23.70
C ASN A 25 10.77 -23.28 24.30
N PHE A 26 9.57 -23.30 24.87
CA PHE A 26 9.00 -22.14 25.54
C PHE A 26 10.01 -21.52 26.50
N GLU A 27 10.72 -22.35 27.29
CA GLU A 27 11.61 -21.86 28.34
C GLU A 27 12.81 -21.09 27.78
N THR A 28 13.23 -21.41 26.57
CA THR A 28 14.31 -20.70 25.89
C THR A 28 13.79 -19.47 25.17
N LEU A 29 12.67 -19.63 24.47
CA LEU A 29 12.02 -18.53 23.76
C LEU A 29 11.73 -17.36 24.66
N GLN A 30 11.28 -17.63 25.89
CA GLN A 30 10.83 -16.54 26.75
C GLN A 30 12.00 -15.68 27.22
N LEU A 31 13.25 -16.13 27.02
CA LEU A 31 14.45 -15.36 27.36
C LEU A 31 15.11 -14.70 26.15
N HIS A 32 14.84 -15.20 24.95
CA HIS A 32 15.69 -14.91 23.81
C HIS A 32 14.94 -14.40 22.58
N ALA A 33 13.72 -14.87 22.34
CA ALA A 33 13.04 -14.52 21.10
C ALA A 33 12.88 -13.02 20.97
N GLY A 34 13.05 -12.51 19.75
CA GLY A 34 12.78 -11.14 19.45
C GLY A 34 13.83 -10.13 19.89
N TYR A 35 14.97 -10.55 20.39
CA TYR A 35 15.99 -9.54 20.73
C TYR A 35 17.38 -10.07 20.42
N THR A 36 18.19 -9.21 19.81
CA THR A 36 19.62 -9.41 19.71
C THR A 36 20.28 -8.10 20.12
N PRO A 37 21.32 -8.13 20.97
CA PRO A 37 21.97 -6.86 21.36
C PRO A 37 22.44 -6.05 20.16
N ASP A 38 22.08 -4.76 20.12
CA ASP A 38 22.49 -3.92 19.00
C ASP A 38 24.01 -3.73 19.03
N PRO A 39 24.65 -3.61 17.87
CA PRO A 39 26.13 -3.52 17.86
C PRO A 39 26.66 -2.24 18.50
N HIS A 40 25.87 -1.16 18.52
CA HIS A 40 26.32 0.08 19.13
C HIS A 40 26.69 -0.15 20.60
N THR A 41 25.69 -0.38 21.46
CA THR A 41 25.92 -0.52 22.88
C THR A 41 26.23 -1.96 23.30
N ARG A 42 25.76 -2.94 22.52
CA ARG A 42 25.85 -4.36 22.85
C ARG A 42 25.11 -4.70 24.14
N SER A 43 24.10 -3.91 24.50
CA SER A 43 23.35 -4.11 25.74
C SER A 43 22.78 -5.53 25.82
N THR A 44 23.20 -6.30 26.83
CA THR A 44 22.68 -7.66 27.03
C THR A 44 21.18 -7.69 27.35
N ALA A 45 20.75 -6.87 28.30
CA ALA A 45 19.33 -6.74 28.62
C ALA A 45 18.67 -5.77 27.64
N VAL A 46 17.35 -5.80 27.59
CA VAL A 46 16.64 -4.95 26.62
C VAL A 46 16.59 -3.53 27.16
N PRO A 47 17.03 -2.53 26.39
CA PRO A 47 16.95 -1.16 26.87
C PRO A 47 15.50 -0.68 26.86
N ILE A 48 15.26 0.35 27.66
CA ILE A 48 13.97 1.03 27.70
C ILE A 48 14.06 2.25 26.79
N TYR A 49 13.42 2.18 25.62
CA TYR A 49 13.49 3.30 24.71
C TYR A 49 12.42 4.29 25.12
N ALA A 50 12.77 5.09 26.15
CA ALA A 50 11.91 6.13 26.72
C ALA A 50 11.93 7.34 25.78
N THR A 51 11.41 7.13 24.58
CA THR A 51 11.37 8.15 23.56
C THR A 51 10.01 8.12 22.87
N SER A 52 9.50 9.32 22.52
CA SER A 52 8.32 9.36 21.68
C SER A 52 8.69 9.22 20.22
N SER A 53 9.88 9.70 19.84
CA SER A 53 10.22 9.89 18.43
C SER A 53 11.58 9.31 18.07
N TYR A 54 11.82 9.27 16.76
CA TYR A 54 13.00 8.65 16.18
C TYR A 54 13.44 9.56 15.05
N THR A 55 14.68 10.02 15.09
CA THR A 55 15.11 11.09 14.20
C THR A 55 15.36 10.52 12.79
N PHE A 56 14.78 11.19 11.79
CA PHE A 56 14.97 10.77 10.41
C PHE A 56 16.44 10.91 10.02
N ASN A 57 16.89 10.02 9.14
CA ASN A 57 18.18 10.23 8.50
C ASN A 57 18.14 11.45 7.57
N ASP A 58 17.02 11.64 6.89
CA ASP A 58 16.78 12.80 6.01
C ASP A 58 15.30 12.84 5.68
N SER A 59 14.92 13.82 4.85
CA SER A 59 13.51 14.01 4.50
C SER A 59 12.97 12.82 3.69
N ALA A 60 13.73 12.40 2.66
CA ALA A 60 13.34 11.24 1.89
C ALA A 60 13.13 10.02 2.78
N HIS A 61 13.99 9.85 3.80
CA HIS A 61 13.82 8.76 4.73
C HIS A 61 12.49 8.88 5.48
N GLY A 62 12.20 10.07 6.01
CA GLY A 62 10.92 10.30 6.66
C GLY A 62 9.75 9.97 5.77
N ALA A 63 9.82 10.35 4.49
CA ALA A 63 8.73 10.06 3.55
C ALA A 63 8.49 8.56 3.41
N ARG A 64 9.57 7.79 3.29
CA ARG A 64 9.42 6.35 3.07
C ARG A 64 8.83 5.67 4.30
N LEU A 65 9.28 6.06 5.49
CA LEU A 65 8.68 5.55 6.71
C LEU A 65 7.18 5.87 6.77
N PHE A 66 6.81 7.14 6.55
CA PHE A 66 5.40 7.52 6.62
C PHE A 66 4.60 6.96 5.46
N GLY A 67 5.24 6.82 4.30
CA GLY A 67 4.60 6.19 3.16
C GLY A 67 4.56 4.69 3.20
N LEU A 68 4.92 4.08 4.33
CA LEU A 68 4.97 2.63 4.48
C LEU A 68 5.81 1.97 3.38
N LYS A 69 6.71 2.74 2.76
CA LYS A 69 7.64 2.22 1.76
C LYS A 69 8.90 1.64 2.39
N GLU A 70 9.05 1.72 3.71
CA GLU A 70 10.23 1.25 4.42
C GLU A 70 9.87 0.98 5.88
N LEU A 71 10.41 -0.11 6.44
CA LEU A 71 10.18 -0.45 7.84
C LEU A 71 11.20 0.26 8.74
N GLY A 72 10.72 0.76 9.87
CA GLY A 72 11.57 1.46 10.80
C GLY A 72 10.75 2.26 11.78
N ASN A 73 11.39 2.64 12.87
CA ASN A 73 10.72 3.37 13.93
C ASN A 73 10.33 4.77 13.48
N ILE A 74 9.07 5.13 13.72
CA ILE A 74 8.54 6.44 13.39
C ILE A 74 8.13 7.20 14.65
N TYR A 75 7.42 6.53 15.56
CA TYR A 75 6.69 7.20 16.63
C TYR A 75 6.15 6.16 17.61
N SER A 76 6.36 6.40 18.91
CA SER A 76 6.06 5.38 19.90
C SER A 76 4.57 5.12 20.11
N ARG A 77 3.67 5.93 19.53
CA ARG A 77 2.26 5.56 19.57
C ARG A 77 2.01 4.30 18.75
N LEU A 78 2.83 4.05 17.72
CA LEU A 78 2.72 2.89 16.84
C LEU A 78 3.76 1.82 17.13
N MET A 79 5.02 2.21 17.39
CA MET A 79 6.10 1.22 17.54
C MET A 79 7.23 1.78 18.40
N ASN A 80 7.99 0.85 19.00
CA ASN A 80 9.03 1.20 19.96
C ASN A 80 9.91 -0.04 20.15
N PRO A 81 11.24 0.08 20.08
CA PRO A 81 12.07 -1.13 20.08
C PRO A 81 11.90 -1.97 21.33
N THR A 82 11.65 -1.36 22.49
CA THR A 82 11.37 -2.15 23.69
C THR A 82 10.08 -2.91 23.54
N VAL A 83 9.02 -2.22 23.08
CA VAL A 83 7.74 -2.89 22.91
C VAL A 83 7.88 -3.96 21.83
N ASP A 84 8.69 -3.67 20.81
CA ASP A 84 8.88 -4.62 19.71
C ASP A 84 9.38 -5.97 20.22
N VAL A 85 10.31 -5.96 21.19
CA VAL A 85 10.78 -7.22 21.76
C VAL A 85 9.61 -7.95 22.41
N PHE A 86 8.80 -7.20 23.17
CA PHE A 86 7.70 -7.80 23.89
C PHE A 86 6.72 -8.44 22.91
N GLU A 87 6.38 -7.71 21.84
CA GLU A 87 5.52 -8.24 20.80
C GLU A 87 6.12 -9.47 20.16
N LYS A 88 7.35 -9.37 19.69
CA LYS A 88 7.92 -10.52 19.00
C LYS A 88 8.05 -11.71 19.93
N ARG A 89 8.34 -11.48 21.21
CA ARG A 89 8.55 -12.62 22.11
C ARG A 89 7.22 -13.31 22.40
N ILE A 90 6.16 -12.53 22.63
CA ILE A 90 4.86 -13.13 22.87
C ILE A 90 4.36 -13.87 21.62
N ALA A 91 4.57 -13.30 20.42
CA ALA A 91 4.20 -14.02 19.22
C ALA A 91 4.96 -15.35 19.11
N ALA A 92 6.25 -15.35 19.41
CA ALA A 92 7.02 -16.59 19.33
C ALA A 92 6.48 -17.61 20.30
N LEU A 93 6.12 -17.17 21.50
CA LEU A 93 5.65 -18.07 22.53
C LEU A 93 4.31 -18.68 22.16
N GLU A 94 3.45 -17.92 21.49
CA GLU A 94 2.14 -18.39 21.08
C GLU A 94 2.17 -19.09 19.73
N GLY A 95 3.29 -19.00 19.01
CA GLY A 95 3.34 -19.55 17.66
C GLY A 95 2.61 -18.70 16.64
N GLY A 96 2.52 -17.38 16.86
CA GLY A 96 2.00 -16.49 15.86
C GLY A 96 3.11 -15.93 15.02
N ILE A 97 2.72 -15.26 13.92
CA ILE A 97 3.72 -14.63 13.10
C ILE A 97 4.14 -13.28 13.67
N ALA A 98 3.29 -12.63 14.44
CA ALA A 98 3.60 -11.27 14.87
C ALA A 98 2.55 -10.84 15.89
N ALA A 99 2.86 -9.78 16.61
CA ALA A 99 1.92 -9.32 17.61
C ALA A 99 1.97 -7.82 17.70
N ALA A 100 0.94 -7.26 18.31
CA ALA A 100 0.91 -5.83 18.57
C ALA A 100 0.51 -5.62 20.01
N ALA A 101 1.28 -4.79 20.69
CA ALA A 101 1.00 -4.52 22.09
C ALA A 101 -0.05 -3.44 22.21
N THR A 102 -0.80 -3.51 23.29
CA THR A 102 -1.78 -2.48 23.63
C THR A 102 -1.63 -2.08 25.09
N SER A 103 -2.26 -0.95 25.43
CA SER A 103 -2.18 -0.41 26.77
C SER A 103 -2.77 -1.34 27.81
N SER A 104 -3.65 -2.26 27.41
CA SER A 104 -4.31 -3.16 28.36
C SER A 104 -4.92 -4.33 27.61
N GLY A 105 -5.29 -5.33 28.39
CA GLY A 105 -6.04 -6.45 27.85
C GLY A 105 -7.32 -5.99 27.16
N GLN A 106 -8.09 -5.14 27.83
CA GLN A 106 -9.32 -4.60 27.22
C GLN A 106 -9.06 -3.97 25.87
N ALA A 107 -7.99 -3.18 25.76
CA ALA A 107 -7.64 -2.52 24.51
C ALA A 107 -7.28 -3.53 23.43
N ALA A 108 -6.63 -4.62 23.81
CA ALA A 108 -6.31 -5.65 22.83
C ALA A 108 -7.59 -6.24 22.24
N GLN A 109 -8.54 -6.56 23.12
CA GLN A 109 -9.84 -7.04 22.67
C GLN A 109 -10.54 -6.00 21.83
N PHE A 110 -10.50 -4.74 22.28
CA PHE A 110 -11.25 -3.73 21.56
C PHE A 110 -10.64 -3.47 20.19
N LEU A 111 -9.31 -3.32 20.13
CA LEU A 111 -8.71 -3.08 18.83
C LEU A 111 -8.99 -4.24 17.88
N THR A 112 -8.98 -5.46 18.40
CA THR A 112 -9.19 -6.62 17.54
C THR A 112 -10.58 -6.61 16.93
N ILE A 113 -11.61 -6.42 17.76
CA ILE A 113 -12.98 -6.47 17.28
C ILE A 113 -13.27 -5.32 16.34
N ALA A 114 -12.73 -4.13 16.65
CA ALA A 114 -12.95 -2.97 15.82
C ALA A 114 -12.28 -3.11 14.46
N THR A 115 -11.30 -3.99 14.33
CA THR A 115 -10.66 -4.19 13.04
C THR A 115 -11.44 -5.19 12.20
N LEU A 116 -12.04 -6.16 12.86
CA LEU A 116 -12.85 -7.16 12.17
C LEU A 116 -14.26 -6.68 11.85
N ALA A 117 -14.85 -5.82 12.69
CA ALA A 117 -16.27 -5.46 12.56
C ALA A 117 -16.45 -3.96 12.52
N LYS A 118 -17.54 -3.53 11.86
CA LYS A 118 -17.94 -2.15 11.87
C LYS A 118 -19.45 -2.10 12.05
N ALA A 119 -20.01 -0.89 12.12
CA ALA A 119 -21.43 -0.72 12.39
C ALA A 119 -22.27 -1.58 11.46
N GLY A 120 -23.22 -2.30 12.05
CA GLY A 120 -24.06 -3.23 11.33
C GLY A 120 -23.56 -4.65 11.34
N ASP A 121 -22.33 -4.88 11.82
CA ASP A 121 -21.77 -6.22 11.93
C ASP A 121 -22.04 -6.79 13.31
N ASN A 122 -21.73 -8.06 13.47
CA ASN A 122 -21.92 -8.67 14.77
C ASN A 122 -20.82 -9.68 14.98
N ILE A 123 -20.69 -10.14 16.20
CA ILE A 123 -19.79 -11.25 16.44
C ILE A 123 -20.54 -12.24 17.30
N VAL A 124 -20.12 -13.49 17.20
CA VAL A 124 -20.66 -14.56 18.02
C VAL A 124 -19.61 -14.85 19.08
N ALA A 125 -20.01 -14.86 20.34
CA ALA A 125 -19.10 -15.07 21.45
C ALA A 125 -19.68 -16.05 22.44
N SER A 126 -18.79 -16.78 23.10
CA SER A 126 -19.20 -17.51 24.28
C SER A 126 -19.72 -16.54 25.32
N SER A 127 -20.66 -17.00 26.14
CA SER A 127 -21.18 -16.18 27.23
C SER A 127 -20.29 -16.24 28.46
N HIS A 128 -19.33 -17.13 28.47
CA HIS A 128 -18.50 -17.33 29.65
C HIS A 128 -17.34 -16.36 29.53
N LEU A 129 -17.56 -15.13 30.00
CA LEU A 129 -16.71 -14.01 29.63
C LEU A 129 -16.27 -13.20 30.85
N TYR A 130 -15.02 -12.77 30.83
CA TYR A 130 -14.55 -11.72 31.72
C TYR A 130 -15.52 -10.55 31.71
N GLY A 131 -15.81 -10.01 32.90
CA GLY A 131 -16.84 -8.98 33.00
C GLY A 131 -16.53 -7.76 32.13
N GLY A 132 -15.26 -7.39 32.05
CA GLY A 132 -14.89 -6.28 31.18
C GLY A 132 -15.14 -6.59 29.72
N THR A 133 -14.89 -7.84 29.32
CA THR A 133 -15.24 -8.26 27.96
C THR A 133 -16.74 -8.24 27.73
N TYR A 134 -17.50 -8.77 28.70
CA TYR A 134 -18.97 -8.71 28.58
C TYR A 134 -19.46 -7.26 28.43
N ASN A 135 -18.87 -6.32 29.18
CA ASN A 135 -19.21 -4.92 29.02
C ASN A 135 -18.93 -4.45 27.61
N GLN A 136 -17.74 -4.74 27.10
CA GLN A 136 -17.45 -4.38 25.73
C GLN A 136 -18.50 -4.91 24.77
N LEU A 137 -18.78 -6.21 24.84
CA LEU A 137 -19.64 -6.80 23.81
C LEU A 137 -21.11 -6.47 24.01
N ASN A 138 -21.54 -6.35 25.25
CA ASN A 138 -22.97 -6.19 25.48
C ASN A 138 -23.40 -4.74 25.56
N VAL A 139 -22.48 -3.83 25.87
CA VAL A 139 -22.87 -2.45 26.12
C VAL A 139 -22.13 -1.49 25.19
N LEU A 140 -20.80 -1.55 25.20
CA LEU A 140 -20.00 -0.54 24.52
C LEU A 140 -20.06 -0.69 22.99
N LEU A 141 -19.68 -1.86 22.46
CA LEU A 141 -19.68 -2.03 21.01
C LEU A 141 -21.05 -1.85 20.39
N PRO A 142 -22.15 -2.27 21.02
CA PRO A 142 -23.47 -1.99 20.43
C PRO A 142 -23.76 -0.52 20.22
N ARG A 143 -23.12 0.38 20.98
CA ARG A 143 -23.32 1.80 20.70
C ARG A 143 -22.74 2.18 19.36
N PHE A 144 -21.77 1.39 18.88
CA PHE A 144 -21.10 1.61 17.61
C PHE A 144 -21.68 0.72 16.51
N GLY A 145 -22.86 0.16 16.74
CA GLY A 145 -23.50 -0.70 15.76
C GLY A 145 -22.88 -2.07 15.63
N ILE A 146 -22.13 -2.53 16.64
CA ILE A 146 -21.49 -3.83 16.60
C ILE A 146 -22.10 -4.67 17.72
N LYS A 147 -22.95 -5.63 17.33
CA LYS A 147 -23.71 -6.42 18.28
C LYS A 147 -23.04 -7.77 18.47
N THR A 148 -23.39 -8.43 19.57
CA THR A 148 -22.88 -9.75 19.88
C THR A 148 -24.03 -10.71 20.12
N LYS A 149 -23.95 -11.88 19.50
CA LYS A 149 -24.86 -12.98 19.82
C LYS A 149 -24.10 -13.89 20.76
N PHE A 150 -24.60 -14.01 21.99
CA PHE A 150 -23.94 -14.86 22.98
C PHE A 150 -24.43 -16.29 22.87
N VAL A 151 -23.51 -17.24 23.01
CA VAL A 151 -23.81 -18.67 23.00
C VAL A 151 -23.42 -19.23 24.35
N ARG A 152 -24.40 -19.80 25.07
CA ARG A 152 -24.15 -20.25 26.43
C ARG A 152 -23.81 -21.73 26.52
N SER A 153 -24.29 -22.53 25.57
CA SER A 153 -24.25 -23.98 25.74
C SER A 153 -22.89 -24.60 25.44
N GLY A 154 -22.03 -23.89 24.72
CA GLY A 154 -20.80 -24.48 24.21
C GLY A 154 -20.97 -25.44 23.05
N LYS A 155 -22.20 -25.71 22.61
CA LYS A 155 -22.42 -26.70 21.56
C LYS A 155 -22.10 -26.12 20.19
N LEU A 156 -21.40 -26.92 19.37
CA LEU A 156 -20.97 -26.44 18.07
C LEU A 156 -22.15 -26.00 17.21
N GLU A 157 -23.28 -26.70 17.33
CA GLU A 157 -24.43 -26.34 16.49
C GLU A 157 -25.01 -24.98 16.90
N ASP A 158 -24.87 -24.60 18.17
CA ASP A 158 -25.40 -23.30 18.59
C ASP A 158 -24.51 -22.16 18.10
N TYR A 159 -23.20 -22.35 18.16
CA TYR A 159 -22.30 -21.42 17.50
C TYR A 159 -22.66 -21.28 16.02
N ALA A 160 -22.84 -22.43 15.35
CA ALA A 160 -23.11 -22.40 13.92
C ALA A 160 -24.40 -21.63 13.62
N ALA A 161 -25.45 -21.88 14.41
CA ALA A 161 -26.75 -21.26 14.15
C ALA A 161 -26.73 -19.77 14.43
N ALA A 162 -25.86 -19.31 15.33
CA ALA A 162 -25.84 -17.89 15.67
C ALA A 162 -25.21 -17.05 14.57
N ILE A 163 -24.43 -17.66 13.67
CA ILE A 163 -23.74 -16.92 12.64
C ILE A 163 -24.73 -16.44 11.58
N ASP A 164 -24.54 -15.21 11.12
CA ASP A 164 -25.24 -14.77 9.93
C ASP A 164 -24.27 -14.04 9.04
N ASP A 165 -24.83 -13.47 7.96
CA ASP A 165 -24.02 -12.87 6.91
C ASP A 165 -23.26 -11.64 7.42
N GLN A 166 -23.68 -11.05 8.53
CA GLN A 166 -22.98 -9.90 9.08
C GLN A 166 -21.99 -10.27 10.18
N THR A 167 -21.87 -11.56 10.52
CA THR A 167 -20.95 -11.98 11.57
C THR A 167 -19.50 -11.84 11.11
N ARG A 168 -18.62 -11.43 12.02
CA ARG A 168 -17.25 -11.15 11.64
C ARG A 168 -16.22 -11.92 12.45
N ALA A 169 -16.64 -12.70 13.44
CA ALA A 169 -15.71 -13.48 14.25
C ALA A 169 -16.51 -14.39 15.15
N ILE A 170 -15.86 -15.44 15.62
CA ILE A 170 -16.27 -16.13 16.82
C ILE A 170 -15.24 -15.80 17.88
N TYR A 171 -15.70 -15.47 19.09
CA TYR A 171 -14.84 -14.98 20.17
C TYR A 171 -15.08 -15.88 21.38
N VAL A 172 -14.01 -16.47 21.92
CA VAL A 172 -14.12 -17.29 23.12
C VAL A 172 -12.88 -17.04 23.97
N GLU A 173 -13.00 -17.33 25.26
CA GLU A 173 -11.87 -17.36 26.18
C GLU A 173 -11.34 -18.78 26.23
N SER A 174 -10.02 -18.90 26.24
CA SER A 174 -9.41 -20.23 26.24
C SER A 174 -9.77 -21.00 27.51
N MET A 175 -10.05 -20.29 28.59
CA MET A 175 -10.55 -20.88 29.82
C MET A 175 -11.34 -19.80 30.52
N SER A 176 -12.62 -20.02 30.74
CA SER A 176 -13.43 -18.97 31.31
C SER A 176 -13.20 -18.90 32.83
N ASN A 177 -13.79 -17.89 33.46
CA ASN A 177 -13.43 -17.62 34.84
C ASN A 177 -14.71 -16.98 35.39
N PRO A 178 -15.26 -17.47 36.50
CA PRO A 178 -14.68 -18.40 37.48
C PRO A 178 -15.06 -19.87 37.35
N ASP A 179 -15.57 -20.30 36.19
CA ASP A 179 -15.98 -21.68 36.01
C ASP A 179 -15.00 -22.52 35.19
N TYR A 180 -14.01 -21.92 34.53
CA TYR A 180 -12.94 -22.66 33.87
C TYR A 180 -13.49 -23.58 32.76
N VAL A 181 -14.47 -23.08 32.01
CA VAL A 181 -14.91 -23.78 30.80
C VAL A 181 -13.85 -23.64 29.73
N VAL A 182 -13.42 -24.76 29.16
CA VAL A 182 -12.47 -24.78 28.05
C VAL A 182 -13.27 -25.05 26.78
N PRO A 183 -13.15 -24.22 25.74
CA PRO A 183 -13.93 -24.45 24.53
C PRO A 183 -13.34 -25.57 23.69
N ASP A 184 -14.20 -26.12 22.83
CA ASP A 184 -13.72 -27.05 21.81
C ASP A 184 -13.05 -26.21 20.74
N PHE A 185 -11.76 -25.88 20.92
CA PHE A 185 -11.12 -24.95 19.99
C PHE A 185 -11.26 -25.43 18.55
N GLU A 186 -10.95 -26.70 18.29
CA GLU A 186 -10.88 -27.18 16.93
C GLU A 186 -12.25 -27.22 16.27
N GLY A 187 -13.27 -27.70 16.98
CA GLY A 187 -14.61 -27.72 16.40
C GLY A 187 -15.14 -26.33 16.15
N ILE A 188 -14.88 -25.40 17.08
CA ILE A 188 -15.32 -24.03 16.91
C ILE A 188 -14.57 -23.37 15.77
N ALA A 189 -13.24 -23.55 15.72
CA ALA A 189 -12.48 -22.98 14.62
C ALA A 189 -12.99 -23.49 13.27
N LYS A 190 -13.35 -24.78 13.21
CA LYS A 190 -13.89 -25.37 11.98
C LYS A 190 -15.19 -24.69 11.56
N ILE A 191 -16.13 -24.53 12.51
CA ILE A 191 -17.36 -23.78 12.27
C ILE A 191 -17.07 -22.39 11.77
N ALA A 192 -16.17 -21.67 12.46
CA ALA A 192 -15.83 -20.31 12.03
C ALA A 192 -15.26 -20.32 10.63
N HIS A 193 -14.30 -21.20 10.39
CA HIS A 193 -13.64 -21.19 9.10
C HIS A 193 -14.59 -21.57 7.97
N GLU A 194 -15.55 -22.46 8.25
CA GLU A 194 -16.56 -22.79 7.23
C GLU A 194 -17.47 -21.61 6.94
N HIS A 195 -17.67 -20.75 7.93
CA HIS A 195 -18.44 -19.54 7.72
C HIS A 195 -17.60 -18.36 7.26
N GLY A 196 -16.29 -18.56 7.05
CA GLY A 196 -15.50 -17.50 6.48
C GLY A 196 -15.16 -16.41 7.47
N ILE A 197 -15.10 -16.75 8.76
CA ILE A 197 -14.75 -15.80 9.81
C ILE A 197 -13.65 -16.38 10.70
N PRO A 198 -12.84 -15.52 11.31
CA PRO A 198 -11.77 -16.00 12.19
C PRO A 198 -12.33 -16.38 13.54
N LEU A 199 -11.59 -17.26 14.21
CA LEU A 199 -11.78 -17.53 15.62
C LEU A 199 -10.82 -16.63 16.40
N VAL A 200 -11.37 -15.80 17.27
CA VAL A 200 -10.57 -14.96 18.17
C VAL A 200 -10.61 -15.59 19.56
N VAL A 201 -9.44 -15.74 20.20
CA VAL A 201 -9.39 -16.40 21.51
C VAL A 201 -8.68 -15.49 22.50
N ASP A 202 -9.35 -15.19 23.61
CA ASP A 202 -8.72 -14.52 24.73
C ASP A 202 -8.00 -15.58 25.53
N ASN A 203 -6.69 -15.65 25.38
CA ASN A 203 -5.91 -16.70 26.03
C ASN A 203 -5.20 -16.20 27.30
N THR A 204 -5.76 -15.17 27.96
CA THR A 204 -5.20 -14.69 29.22
C THR A 204 -4.97 -15.82 30.21
N LEU A 205 -5.97 -16.68 30.40
CA LEU A 205 -5.82 -17.76 31.37
C LEU A 205 -4.93 -18.92 30.88
N GLY A 206 -4.54 -18.93 29.60
CA GLY A 206 -3.52 -19.84 29.10
C GLY A 206 -2.08 -19.43 29.36
N ALA A 207 -1.86 -18.33 30.08
CA ALA A 207 -0.51 -17.93 30.51
C ALA A 207 0.51 -17.84 29.36
N GLY A 208 0.24 -16.95 28.41
CA GLY A 208 1.20 -16.67 27.37
C GLY A 208 1.45 -17.84 26.44
N GLY A 209 0.55 -18.80 26.37
CA GLY A 209 0.80 -20.00 25.62
C GLY A 209 1.48 -21.10 26.40
N TYR A 210 1.69 -20.93 27.70
CA TYR A 210 2.24 -22.03 28.49
C TYR A 210 1.18 -23.10 28.73
N TYR A 211 -0.05 -22.70 29.10
CA TYR A 211 -1.08 -23.67 29.46
C TYR A 211 -1.91 -24.10 28.27
N ILE A 212 -2.20 -23.18 27.38
CA ILE A 212 -3.15 -23.37 26.27
C ILE A 212 -2.54 -22.67 25.10
N ARG A 213 -2.60 -23.30 23.93
CA ARG A 213 -1.99 -22.76 22.72
C ARG A 213 -3.02 -22.75 21.61
N PRO A 214 -3.91 -21.74 21.58
CA PRO A 214 -5.07 -21.80 20.68
C PRO A 214 -4.72 -21.75 19.19
N ILE A 215 -3.59 -21.16 18.82
CA ILE A 215 -3.20 -21.11 17.42
C ILE A 215 -2.91 -22.51 16.91
N GLU A 216 -2.35 -23.39 17.76
CA GLU A 216 -2.14 -24.79 17.40
C GLU A 216 -3.44 -25.53 17.19
N HIS A 217 -4.57 -24.92 17.52
CA HIS A 217 -5.85 -25.63 17.48
C HIS A 217 -6.88 -24.81 16.75
N GLY A 218 -6.45 -23.95 15.84
CA GLY A 218 -7.33 -23.30 14.91
C GLY A 218 -7.62 -21.84 15.18
N ALA A 219 -7.17 -21.26 16.30
CA ALA A 219 -7.40 -19.84 16.50
C ALA A 219 -6.59 -19.02 15.51
N ASP A 220 -7.23 -18.00 14.95
CA ASP A 220 -6.56 -17.09 14.03
C ASP A 220 -5.94 -15.90 14.71
N ILE A 221 -6.58 -15.43 15.77
CA ILE A 221 -6.14 -14.24 16.51
C ILE A 221 -6.24 -14.56 17.99
N VAL A 222 -5.17 -14.29 18.74
CA VAL A 222 -5.17 -14.52 20.18
C VAL A 222 -4.94 -13.18 20.87
N VAL A 223 -5.76 -12.88 21.87
CA VAL A 223 -5.53 -11.65 22.64
C VAL A 223 -5.18 -12.05 24.08
N HIS A 224 -4.41 -11.19 24.75
CA HIS A 224 -4.03 -11.42 26.14
C HIS A 224 -4.16 -10.15 26.93
N SER A 225 -4.61 -10.27 28.18
CA SER A 225 -4.23 -9.32 29.22
C SER A 225 -2.83 -9.71 29.70
N ALA A 226 -1.82 -9.01 29.19
CA ALA A 226 -0.48 -9.25 29.67
C ALA A 226 -0.32 -8.81 31.11
N THR A 227 -1.29 -8.06 31.63
CA THR A 227 -1.40 -7.64 33.05
C THR A 227 -1.31 -8.81 34.00
N TRP A 229 -0.83 -13.34 34.05
CA TRP A 229 0.34 -14.21 34.19
C TRP A 229 1.53 -13.82 33.34
N ILE A 230 1.31 -13.19 32.19
CA ILE A 230 2.44 -12.80 31.34
C ILE A 230 3.38 -11.88 32.10
N GLY A 231 2.83 -10.78 32.63
CA GLY A 231 3.63 -9.90 33.49
C GLY A 231 4.00 -10.54 34.81
N GLY A 232 3.05 -11.23 35.45
CA GLY A 232 3.37 -12.15 36.53
C GLY A 232 3.61 -11.53 37.89
N HIS A 233 3.80 -10.22 38.00
CA HIS A 233 4.15 -9.59 39.26
C HIS A 233 3.19 -8.49 39.65
N GLY A 234 2.08 -8.34 38.91
CA GLY A 234 1.09 -7.37 39.28
C GLY A 234 1.63 -5.95 39.33
N THR A 235 2.65 -5.64 38.53
CA THR A 235 3.14 -4.26 38.48
C THR A 235 2.59 -3.44 37.33
N THR A 236 2.00 -4.06 36.29
CA THR A 236 1.88 -3.38 35.01
C THR A 236 0.62 -3.81 34.26
N ILE A 237 -0.14 -2.84 33.77
CA ILE A 237 -1.26 -3.11 32.87
C ILE A 237 -0.71 -3.22 31.46
N GLY A 238 -1.17 -4.23 30.70
CA GLY A 238 -0.76 -4.31 29.30
C GLY A 238 -1.56 -5.38 28.57
N GLY A 239 -1.68 -5.24 27.23
CA GLY A 239 -2.30 -6.27 26.43
C GLY A 239 -1.43 -6.58 25.22
N VAL A 240 -1.79 -7.62 24.52
CA VAL A 240 -1.09 -7.92 23.28
C VAL A 240 -2.06 -8.71 22.41
N ILE A 241 -1.99 -8.45 21.11
CA ILE A 241 -2.79 -9.12 20.09
C ILE A 241 -1.79 -9.93 19.27
N VAL A 242 -2.06 -11.23 19.13
CA VAL A 242 -1.18 -12.13 18.39
C VAL A 242 -1.90 -12.59 17.12
N ASP A 243 -1.23 -12.43 15.98
CA ASP A 243 -1.79 -12.83 14.69
C ASP A 243 -1.17 -14.16 14.31
N SER A 244 -2.01 -15.19 14.11
CA SER A 244 -1.56 -16.49 13.66
C SER A 244 -0.95 -16.40 12.27
N GLY A 245 -1.44 -15.47 11.45
CA GLY A 245 -1.04 -15.44 10.07
C GLY A 245 -1.79 -16.44 9.22
N ARG A 246 -2.75 -17.13 9.78
CA ARG A 246 -3.33 -18.30 9.13
C ARG A 246 -4.70 -18.03 8.51
N PHE A 247 -5.29 -16.85 8.73
CA PHE A 247 -6.61 -16.58 8.18
C PHE A 247 -6.44 -15.92 6.82
N ASN A 248 -7.03 -16.51 5.80
CA ASN A 248 -6.84 -16.05 4.44
C ASN A 248 -7.86 -14.96 4.16
N TRP A 249 -7.48 -13.70 4.43
CA TRP A 249 -8.42 -12.60 4.25
C TRP A 249 -8.89 -12.50 2.81
N ASN A 250 -8.04 -12.87 1.85
CA ASN A 250 -8.41 -12.80 0.43
C ASN A 250 -9.51 -13.81 0.10
N LYS A 251 -9.35 -15.06 0.54
CA LYS A 251 -10.37 -16.08 0.30
C LYS A 251 -11.72 -15.66 0.86
N HIS A 252 -11.73 -14.86 1.91
CA HIS A 252 -12.96 -14.49 2.60
C HIS A 252 -13.24 -13.01 2.50
N SER A 253 -12.76 -12.38 1.42
CA SER A 253 -12.92 -10.95 1.27
C SER A 253 -14.38 -10.51 1.20
N ASP A 254 -15.32 -11.43 0.94
CA ASP A 254 -16.72 -11.00 0.92
C ASP A 254 -17.15 -10.51 2.30
N ARG A 255 -16.63 -11.12 3.36
CA ARG A 255 -16.91 -10.60 4.69
C ARG A 255 -15.89 -9.56 5.16
N PHE A 256 -14.70 -9.53 4.58
CA PHE A 256 -13.64 -8.62 5.02
C PHE A 256 -13.08 -7.82 3.86
N PRO A 257 -13.91 -7.00 3.22
CA PRO A 257 -13.40 -6.21 2.08
C PRO A 257 -12.28 -5.25 2.44
N GLU A 258 -12.26 -4.71 3.66
CA GLU A 258 -11.20 -3.77 4.01
C GLU A 258 -9.81 -4.43 4.08
N MET A 259 -9.75 -5.76 4.17
CA MET A 259 -8.48 -6.47 4.17
C MET A 259 -7.84 -6.57 2.79
N VAL A 260 -8.63 -6.39 1.72
CA VAL A 260 -8.15 -6.59 0.34
C VAL A 260 -8.36 -5.35 -0.51
N GLU A 261 -9.38 -4.57 -0.20
CA GLU A 261 -9.70 -3.46 -1.09
C GLU A 261 -8.78 -2.27 -0.82
N PRO A 262 -8.66 -1.34 -1.77
CA PRO A 262 -7.81 -0.17 -1.56
C PRO A 262 -8.26 0.59 -0.33
N SER A 263 -7.30 0.89 0.52
CA SER A 263 -7.55 1.53 1.81
C SER A 263 -7.67 3.04 1.66
N PRO A 264 -8.69 3.65 2.25
CA PRO A 264 -8.74 5.12 2.28
C PRO A 264 -7.65 5.73 3.14
N SER A 265 -7.10 4.96 4.09
CA SER A 265 -6.11 5.51 5.02
C SER A 265 -4.76 5.75 4.36
N TYR A 266 -4.39 4.94 3.37
CA TYR A 266 -3.02 4.95 2.87
C TYR A 266 -2.98 5.04 1.36
N HIS A 267 -3.83 5.90 0.80
CA HIS A 267 -3.86 6.20 -0.63
C HIS A 267 -3.99 4.91 -1.46
N GLY A 268 -5.07 4.19 -1.19
CA GLY A 268 -5.42 3.00 -1.94
C GLY A 268 -4.60 1.76 -1.63
N LEU A 269 -3.74 1.80 -0.62
CA LEU A 269 -2.96 0.63 -0.24
C LEU A 269 -3.87 -0.58 -0.04
N LYS A 270 -3.51 -1.68 -0.71
CA LYS A 270 -4.25 -2.94 -0.58
C LYS A 270 -3.49 -3.83 0.39
N TYR A 271 -4.08 -4.07 1.57
CA TYR A 271 -3.33 -4.67 2.66
C TYR A 271 -2.91 -6.10 2.35
N TRP A 272 -3.86 -6.95 1.96
CA TRP A 272 -3.54 -8.34 1.65
C TRP A 272 -2.45 -8.43 0.60
N GLU A 273 -2.58 -7.64 -0.46
CA GLU A 273 -1.57 -7.62 -1.52
C GLU A 273 -0.20 -7.23 -0.97
N ALA A 274 -0.15 -6.22 -0.10
CA ALA A 274 1.15 -5.78 0.41
C ALA A 274 1.69 -6.67 1.53
N PHE A 275 0.82 -7.16 2.41
CA PHE A 275 1.29 -7.82 3.62
C PHE A 275 0.93 -9.28 3.75
N GLY A 276 0.04 -9.81 2.91
CA GLY A 276 -0.34 -11.20 2.93
C GLY A 276 -0.77 -11.65 4.31
N PRO A 277 -0.11 -12.68 4.84
CA PRO A 277 -0.54 -13.25 6.14
C PRO A 277 -0.38 -12.30 7.32
N ALA A 278 0.35 -11.20 7.18
CA ALA A 278 0.49 -10.20 8.23
C ALA A 278 -0.56 -9.09 8.10
N THR A 279 -1.58 -9.30 7.28
CA THR A 279 -2.53 -8.24 6.98
C THR A 279 -3.23 -7.73 8.24
N PHE A 280 -3.80 -8.64 9.02
CA PHE A 280 -4.58 -8.20 10.17
C PHE A 280 -3.69 -7.42 11.15
N ILE A 281 -2.54 -7.98 11.52
CA ILE A 281 -1.72 -7.32 12.54
C ILE A 281 -1.10 -6.02 11.98
N THR A 282 -0.87 -5.95 10.67
CA THR A 282 -0.41 -4.69 10.09
C THR A 282 -1.47 -3.62 10.21
N ARG A 283 -2.74 -3.96 9.94
CA ARG A 283 -3.84 -3.02 10.08
C ARG A 283 -4.02 -2.62 11.54
N ILE A 284 -3.87 -3.57 12.47
CA ILE A 284 -3.95 -3.22 13.88
C ILE A 284 -2.99 -2.07 14.15
N ARG A 285 -1.76 -2.20 13.65
CA ARG A 285 -0.75 -1.20 13.97
C ARG A 285 -0.95 0.09 13.19
N VAL A 286 -1.06 0.01 11.86
CA VAL A 286 -1.04 1.23 11.05
C VAL A 286 -2.38 1.96 11.03
N GLU A 287 -3.48 1.27 11.36
CA GLU A 287 -4.77 1.93 11.51
C GLU A 287 -5.17 2.06 12.97
N MET A 288 -5.15 0.96 13.73
CA MET A 288 -5.85 1.00 14.99
C MET A 288 -4.99 1.58 16.12
N LEU A 289 -3.77 1.08 16.30
CA LEU A 289 -2.87 1.78 17.22
C LEU A 289 -2.72 3.24 16.82
N ARG A 290 -2.61 3.52 15.52
CA ARG A 290 -2.44 4.90 15.07
C ARG A 290 -3.65 5.76 15.40
N ASP A 291 -4.87 5.26 15.21
CA ASP A 291 -6.02 6.15 15.33
C ASP A 291 -6.72 6.04 16.67
N ILE A 292 -6.69 4.88 17.30
CA ILE A 292 -7.25 4.73 18.63
C ILE A 292 -6.21 5.06 19.69
N GLY A 293 -4.94 4.70 19.47
CA GLY A 293 -3.87 5.20 20.31
C GLY A 293 -3.71 4.50 21.63
N ALA A 294 -4.17 3.25 21.75
CA ALA A 294 -4.04 2.50 22.99
C ALA A 294 -2.70 1.77 23.04
N CYS A 295 -1.63 2.54 23.08
CA CYS A 295 -0.29 2.01 22.96
C CYS A 295 0.27 1.62 24.31
N LEU A 296 1.32 0.83 24.28
CA LEU A 296 1.98 0.32 25.49
C LEU A 296 3.29 1.06 25.70
N SER A 297 3.49 1.57 26.91
CA SER A 297 4.72 2.29 27.27
C SER A 297 5.94 1.36 27.25
N PRO A 298 7.12 1.84 26.85
CA PRO A 298 8.34 1.00 26.96
C PRO A 298 8.69 0.61 28.38
N PHE A 299 8.38 1.47 29.37
CA PHE A 299 8.60 1.08 30.76
C PHE A 299 7.74 -0.12 31.11
N SER A 300 6.49 -0.10 30.67
CA SER A 300 5.58 -1.22 30.88
C SER A 300 6.07 -2.46 30.16
N ALA A 301 6.46 -2.32 28.90
CA ALA A 301 6.94 -3.48 28.18
C ALA A 301 8.15 -4.09 28.90
N GLN A 302 9.03 -3.24 29.45
CA GLN A 302 10.19 -3.76 30.15
C GLN A 302 9.78 -4.52 31.41
N GLN A 303 8.83 -3.99 32.21
CA GLN A 303 8.30 -4.77 33.33
C GLN A 303 7.79 -6.11 32.84
N LEU A 304 7.02 -6.09 31.76
CA LEU A 304 6.42 -7.32 31.25
C LEU A 304 7.49 -8.29 30.76
N LEU A 305 8.56 -7.77 30.17
CA LEU A 305 9.64 -8.63 29.71
C LEU A 305 10.32 -9.35 30.88
N LEU A 306 10.52 -8.66 32.02
CA LEU A 306 11.08 -9.35 33.19
C LEU A 306 10.15 -10.44 33.65
N GLY A 307 8.83 -10.20 33.56
CA GLY A 307 7.88 -11.24 33.87
C GLY A 307 8.00 -12.40 32.91
N ILE A 308 8.07 -12.11 31.62
CA ILE A 308 8.13 -13.17 30.61
C ILE A 308 9.36 -14.05 30.77
N GLU A 309 10.49 -13.48 31.24
CA GLU A 309 11.71 -14.27 31.38
C GLU A 309 11.55 -15.44 32.32
N THR A 310 10.53 -15.43 33.19
CA THR A 310 10.29 -16.57 34.06
C THR A 310 8.92 -17.18 33.83
N LEU A 311 8.26 -16.86 32.71
CA LEU A 311 6.86 -17.24 32.54
C LEU A 311 6.66 -18.74 32.70
N GLY A 312 7.50 -19.54 32.04
CA GLY A 312 7.36 -20.98 32.16
C GLY A 312 7.54 -21.44 33.60
N LEU A 313 8.56 -20.90 34.28
CA LEU A 313 8.80 -21.32 35.64
C LEU A 313 7.64 -20.98 36.53
N ARG A 314 7.08 -19.77 36.36
CA ARG A 314 5.97 -19.36 37.21
C ARG A 314 4.73 -20.21 36.92
N ALA A 315 4.36 -20.31 35.64
CA ALA A 315 3.16 -21.07 35.30
C ALA A 315 3.26 -22.49 35.82
N GLU A 316 4.46 -23.08 35.74
CA GLU A 316 4.66 -24.43 36.22
C GLU A 316 4.38 -24.52 37.72
N ARG A 317 4.91 -23.58 38.49
CA ARG A 317 4.66 -23.61 39.93
C ARG A 317 3.21 -23.26 40.24
N HIS A 318 2.66 -22.25 39.55
CA HIS A 318 1.24 -21.94 39.70
C HIS A 318 0.39 -23.20 39.56
N ALA A 319 0.63 -23.95 38.49
CA ALA A 319 -0.21 -25.10 38.16
C ALA A 319 -0.01 -26.22 39.16
N GLN A 320 1.24 -26.40 39.62
CA GLN A 320 1.54 -27.41 40.61
C GLN A 320 0.91 -27.07 41.96
N ASN A 321 1.04 -25.81 42.40
CA ASN A 321 0.36 -25.37 43.60
C ASN A 321 -1.15 -25.52 43.45
N THR A 322 -1.67 -25.18 42.27
CA THR A 322 -3.11 -25.21 42.06
C THR A 322 -3.65 -26.63 42.16
N GLU A 323 -2.93 -27.58 41.58
CA GLU A 323 -3.31 -28.99 41.69
C GLU A 323 -3.32 -29.43 43.14
N LYS A 324 -2.29 -29.04 43.91
CA LYS A 324 -2.20 -29.46 45.31
C LYS A 324 -3.28 -28.80 46.15
N LEU A 325 -3.61 -27.56 45.83
CA LEU A 325 -4.67 -26.88 46.56
C LEU A 325 -6.03 -27.48 46.22
N SER A 326 -6.20 -27.98 45.00
CA SER A 326 -7.47 -28.63 44.66
C SER A 326 -7.68 -29.84 45.56
N LYS A 327 -6.61 -30.63 45.76
CA LYS A 327 -6.67 -31.81 46.61
C LYS A 327 -6.91 -31.44 48.07
N TYR A 328 -6.26 -30.40 48.55
CA TYR A 328 -6.50 -29.94 49.91
C TYR A 328 -7.96 -29.55 50.11
N PHE A 329 -8.52 -28.76 49.17
CA PHE A 329 -9.88 -28.28 49.34
C PHE A 329 -10.90 -29.41 49.19
N GLU A 330 -10.66 -30.37 48.29
CA GLU A 330 -11.68 -31.40 48.07
C GLU A 330 -11.83 -32.30 49.29
N SER A 331 -10.83 -32.34 50.17
CA SER A 331 -10.92 -33.12 51.40
C SER A 331 -11.15 -32.24 52.63
N SER A 332 -11.51 -30.96 52.45
CA SER A 332 -11.74 -30.15 53.65
C SER A 332 -13.22 -30.22 54.05
N PRO A 333 -13.51 -30.42 55.34
CA PRO A 333 -14.91 -30.42 55.79
C PRO A 333 -15.63 -29.13 55.49
N ASN A 334 -14.91 -28.02 55.31
CA ASN A 334 -15.56 -26.73 55.18
C ASN A 334 -15.98 -26.40 53.75
N VAL A 335 -15.69 -27.27 52.80
CA VAL A 335 -15.83 -26.94 51.38
C VAL A 335 -16.94 -27.79 50.77
N SER A 336 -17.95 -27.12 50.22
CA SER A 336 -19.05 -27.83 49.57
C SER A 336 -18.60 -28.49 48.27
N TRP A 337 -17.69 -27.84 47.53
CA TRP A 337 -17.35 -28.28 46.18
C TRP A 337 -16.11 -27.55 45.69
N VAL A 338 -15.47 -28.11 44.66
CA VAL A 338 -14.27 -27.53 44.06
C VAL A 338 -14.44 -27.50 42.55
N LEU A 339 -14.17 -26.35 41.95
CA LEU A 339 -14.21 -26.16 40.51
C LEU A 339 -12.75 -25.99 40.03
N TRP A 340 -12.24 -26.99 39.31
CA TRP A 340 -10.87 -27.01 38.85
C TRP A 340 -10.87 -27.74 37.51
N PRO A 341 -10.35 -27.12 36.44
CA PRO A 341 -10.42 -27.76 35.12
C PRO A 341 -9.72 -29.09 35.04
N GLY A 342 -8.84 -29.41 35.99
CA GLY A 342 -8.17 -30.68 35.92
C GLY A 342 -8.98 -31.85 36.44
N SER A 343 -10.15 -31.56 37.01
CA SER A 343 -10.96 -32.60 37.63
C SER A 343 -11.80 -33.33 36.59
N GLU A 344 -11.84 -34.65 36.70
CA GLU A 344 -12.63 -35.41 35.73
C GLU A 344 -14.12 -35.11 35.83
N SER A 345 -14.58 -34.63 36.98
CA SER A 345 -15.99 -34.28 37.10
C SER A 345 -16.31 -32.93 36.47
N HIS A 346 -15.32 -32.21 35.98
CA HIS A 346 -15.57 -30.88 35.43
C HIS A 346 -16.34 -31.01 34.12
N PRO A 347 -17.37 -30.20 33.91
CA PRO A 347 -18.24 -30.35 32.72
C PRO A 347 -17.49 -30.43 31.40
N THR A 348 -16.44 -29.63 31.23
CA THR A 348 -15.67 -29.58 30.00
C THR A 348 -14.31 -30.23 30.15
N TYR A 349 -14.19 -31.21 31.05
CA TYR A 349 -12.92 -31.90 31.23
C TYR A 349 -12.38 -32.51 29.94
N SER A 350 -13.25 -32.99 29.04
CA SER A 350 -12.69 -33.61 27.83
C SER A 350 -11.89 -32.60 27.03
N GLN A 351 -12.37 -31.34 27.00
CA GLN A 351 -11.62 -30.28 26.32
C GLN A 351 -10.36 -29.91 27.10
N ALA A 352 -10.47 -29.78 28.42
CA ALA A 352 -9.30 -29.49 29.24
C ALA A 352 -8.24 -30.57 29.07
N LYS A 353 -8.65 -31.85 29.07
CA LYS A 353 -7.67 -32.92 28.88
C LYS A 353 -6.98 -32.80 27.54
N LYS A 354 -7.74 -32.44 26.51
CA LYS A 354 -7.15 -32.32 25.18
C LYS A 354 -6.22 -31.12 25.07
N TYR A 355 -6.62 -29.97 25.58
CA TYR A 355 -5.95 -28.72 25.26
C TYR A 355 -4.98 -28.22 26.33
N LEU A 356 -4.98 -28.80 27.53
CA LEU A 356 -4.11 -28.43 28.63
C LEU A 356 -3.27 -29.62 29.06
N THR A 357 -2.08 -29.72 28.50
CA THR A 357 -1.21 -30.84 28.77
C THR A 357 0.01 -30.42 29.58
N ARG A 358 0.13 -29.14 29.92
CA ARG A 358 1.26 -28.61 30.67
C ARG A 358 0.80 -28.03 32.00
N GLY A 359 -0.19 -28.65 32.62
CA GLY A 359 -0.79 -28.08 33.83
C GLY A 359 -2.17 -27.50 33.56
N PHE A 360 -3.08 -27.73 34.50
CA PHE A 360 -4.46 -27.28 34.35
C PHE A 360 -4.68 -25.90 34.94
N GLY A 361 -3.76 -24.98 34.68
CA GLY A 361 -4.03 -23.60 35.00
C GLY A 361 -3.69 -23.27 36.44
N ALA A 362 -3.94 -22.01 36.76
CA ALA A 362 -3.50 -21.40 37.99
C ALA A 362 -4.67 -20.92 38.84
N MET A 363 -5.89 -21.33 38.48
CA MET A 363 -7.09 -20.87 39.15
C MET A 363 -7.84 -22.06 39.71
N LEU A 364 -8.62 -21.79 40.75
CA LEU A 364 -9.68 -22.73 41.13
C LEU A 364 -10.77 -21.97 41.87
N SER A 365 -11.90 -22.64 42.09
CA SER A 365 -12.99 -22.02 42.79
C SER A 365 -13.55 -23.03 43.75
N ILE A 366 -14.05 -22.55 44.87
CA ILE A 366 -14.54 -23.43 45.91
C ILE A 366 -15.83 -22.83 46.44
N GLY A 367 -16.72 -23.70 46.92
CA GLY A 367 -17.87 -23.30 47.69
C GLY A 367 -17.63 -23.67 49.15
N VAL A 368 -17.87 -22.74 50.04
CA VAL A 368 -17.69 -22.99 51.46
C VAL A 368 -19.05 -23.23 52.11
N LYS A 369 -19.07 -24.06 53.15
CA LYS A 369 -20.30 -24.36 53.85
C LYS A 369 -20.67 -23.22 54.81
N GLY A 370 -21.96 -23.14 55.14
CA GLY A 370 -22.49 -22.17 56.07
C GLY A 370 -23.45 -21.20 55.40
N ASP A 371 -23.74 -20.11 56.09
CA ASP A 371 -24.65 -19.10 55.54
C ASP A 371 -23.95 -18.32 54.43
N ALA A 372 -24.58 -17.24 53.97
CA ALA A 372 -24.06 -16.45 52.86
C ALA A 372 -22.84 -15.62 53.23
N SER A 373 -22.54 -15.45 54.52
CA SER A 373 -21.40 -14.65 54.94
C SER A 373 -20.13 -15.47 55.06
N ALA A 374 -20.23 -16.80 54.99
CA ALA A 374 -19.06 -17.65 55.18
C ALA A 374 -17.99 -17.38 54.12
N GLY A 375 -18.41 -17.09 52.88
CA GLY A 375 -17.43 -16.86 51.83
C GLY A 375 -16.60 -15.61 52.09
N SER A 376 -17.28 -14.51 52.45
CA SER A 376 -16.57 -13.27 52.72
C SER A 376 -15.76 -13.35 54.00
N LYS A 377 -16.19 -14.15 54.97
CA LYS A 377 -15.41 -14.34 56.19
C LYS A 377 -14.15 -15.16 55.94
N VAL A 378 -14.23 -16.16 55.06
CA VAL A 378 -13.02 -16.94 54.80
C VAL A 378 -11.99 -16.08 54.06
N VAL A 379 -12.43 -15.29 53.08
CA VAL A 379 -11.50 -14.41 52.38
C VAL A 379 -10.95 -13.36 53.33
N ASP A 380 -11.85 -12.63 54.01
CA ASP A 380 -11.43 -11.59 54.96
C ASP A 380 -10.42 -12.12 55.97
N GLY A 381 -10.50 -13.41 56.32
CA GLY A 381 -9.61 -13.95 57.34
C GLY A 381 -8.26 -14.39 56.84
N LEU A 382 -8.06 -14.39 55.52
CA LEU A 382 -6.76 -14.71 54.95
C LEU A 382 -5.73 -13.63 55.30
N LYS A 383 -4.53 -14.07 55.67
CA LYS A 383 -3.43 -13.17 56.05
C LYS A 383 -2.25 -13.20 55.09
N LEU A 384 -2.11 -14.27 54.30
CA LEU A 384 -1.08 -14.40 53.28
C LEU A 384 -1.64 -14.14 51.89
N VAL A 385 -2.63 -14.93 51.49
CA VAL A 385 -3.41 -14.66 50.30
C VAL A 385 -4.03 -13.28 50.39
N SER A 386 -3.93 -12.51 49.30
CA SER A 386 -4.47 -11.16 49.25
C SER A 386 -5.90 -11.13 48.72
N ASN A 387 -6.68 -10.18 49.25
CA ASN A 387 -8.10 -10.01 48.92
C ASN A 387 -8.24 -8.91 47.89
N LEU A 388 -8.31 -9.28 46.62
CA LEU A 388 -8.47 -8.32 45.54
C LEU A 388 -8.92 -9.09 44.30
N ALA A 389 -9.36 -8.35 43.30
CA ALA A 389 -10.05 -8.91 42.13
C ALA A 389 -9.10 -9.32 41.00
N ASN A 390 -7.82 -9.03 41.11
CA ASN A 390 -6.85 -9.36 40.06
C ASN A 390 -6.61 -10.87 40.03
N VAL A 391 -6.03 -11.34 38.92
CA VAL A 391 -5.58 -12.73 38.78
C VAL A 391 -4.20 -12.70 38.12
N GLY A 392 -3.46 -13.79 38.29
CA GLY A 392 -2.23 -13.94 37.56
C GLY A 392 -1.04 -13.19 38.15
N ASP A 393 -1.06 -12.92 39.45
CA ASP A 393 0.10 -12.43 40.20
C ASP A 393 0.90 -13.59 40.75
N ALA A 394 2.19 -13.35 41.00
CA ALA A 394 2.96 -14.38 41.71
C ALA A 394 2.42 -14.58 43.13
N LYS A 395 1.91 -13.52 43.76
CA LYS A 395 1.25 -13.63 45.05
C LYS A 395 -0.14 -14.23 44.89
N SER A 396 -0.51 -15.09 45.84
CA SER A 396 -1.84 -15.69 45.84
C SER A 396 -2.93 -14.65 46.12
N LEU A 397 -4.03 -14.74 45.36
CA LEU A 397 -5.13 -13.82 45.50
C LEU A 397 -6.43 -14.58 45.61
N ALA A 398 -7.37 -14.02 46.35
CA ALA A 398 -8.68 -14.63 46.47
C ALA A 398 -9.72 -13.53 46.55
N ILE A 399 -10.92 -13.88 46.12
CA ILE A 399 -12.04 -12.96 46.19
C ILE A 399 -13.33 -13.76 46.39
N HIS A 400 -14.32 -13.11 47.00
CA HIS A 400 -15.69 -13.60 47.12
C HIS A 400 -16.52 -12.80 46.13
N PRO A 401 -16.61 -13.20 44.87
CA PRO A 401 -17.18 -12.28 43.86
C PRO A 401 -18.60 -11.87 44.16
N TRP A 402 -19.37 -12.74 44.81
CA TRP A 402 -20.77 -12.48 45.13
C TRP A 402 -20.94 -11.15 45.88
N SER A 403 -20.15 -10.92 46.92
CA SER A 403 -20.29 -9.74 47.75
C SER A 403 -19.31 -8.63 47.37
N THR A 404 -18.63 -8.75 46.24
CA THR A 404 -17.67 -7.70 45.89
C THR A 404 -17.90 -7.23 44.46
N THR A 405 -17.29 -7.92 43.50
CA THR A 405 -17.40 -7.50 42.11
C THR A 405 -18.81 -7.67 41.57
N HIS A 406 -19.60 -8.59 42.15
CA HIS A 406 -20.93 -8.89 41.61
C HIS A 406 -22.07 -8.49 42.57
N ASP A 412 -30.14 -14.59 40.08
CA ASP A 412 -29.58 -13.24 40.02
C ASP A 412 -28.89 -13.01 38.66
N GLU A 413 -28.53 -11.75 38.39
CA GLU A 413 -27.55 -11.51 37.34
C GLU A 413 -26.23 -12.16 37.70
N ARG A 414 -25.93 -12.25 39.01
CA ARG A 414 -24.73 -12.98 39.44
C ARG A 414 -24.78 -14.44 39.00
N LEU A 415 -25.97 -15.05 39.04
CA LEU A 415 -26.05 -16.49 38.77
C LEU A 415 -25.77 -16.79 37.31
N ALA A 416 -26.30 -15.96 36.40
CA ALA A 416 -25.98 -16.09 34.99
C ALA A 416 -24.47 -16.02 34.75
N SER A 417 -23.75 -15.24 35.56
CA SER A 417 -22.32 -15.03 35.42
C SER A 417 -21.48 -16.19 35.93
N GLY A 418 -22.12 -17.25 36.46
CA GLY A 418 -21.41 -18.34 37.11
C GLY A 418 -20.94 -18.08 38.52
N VAL A 419 -21.50 -17.07 39.20
CA VAL A 419 -21.11 -16.69 40.56
C VAL A 419 -22.21 -17.14 41.52
N THR A 420 -21.81 -17.76 42.63
CA THR A 420 -22.75 -18.21 43.65
C THR A 420 -22.39 -17.59 45.00
N GLU A 421 -23.37 -17.59 45.92
CA GLU A 421 -23.15 -17.06 47.27
C GLU A 421 -21.96 -17.73 47.95
N ASP A 422 -21.75 -19.02 47.69
CA ASP A 422 -20.77 -19.75 48.46
C ASP A 422 -19.39 -19.80 47.78
N MET A 423 -19.23 -19.16 46.64
CA MET A 423 -18.02 -19.31 45.84
C MET A 423 -16.93 -18.33 46.27
N ILE A 424 -15.73 -18.89 46.53
CA ILE A 424 -14.48 -18.15 46.59
C ILE A 424 -13.69 -18.48 45.33
N ARG A 425 -13.22 -17.45 44.63
CA ARG A 425 -12.37 -17.63 43.46
C ARG A 425 -10.91 -17.40 43.87
N ILE A 426 -10.02 -18.30 43.49
CA ILE A 426 -8.63 -18.24 43.96
C ILE A 426 -7.68 -18.19 42.78
N SER A 427 -6.84 -17.16 42.74
CA SER A 427 -5.73 -17.12 41.80
C SER A 427 -4.52 -17.62 42.56
N VAL A 428 -4.12 -18.85 42.28
CA VAL A 428 -3.14 -19.51 43.13
C VAL A 428 -1.77 -18.98 42.77
N GLY A 429 -1.05 -18.47 43.78
CA GLY A 429 0.26 -17.88 43.59
C GLY A 429 1.34 -18.95 43.59
N ILE A 430 2.59 -18.49 43.57
CA ILE A 430 3.75 -19.38 43.62
C ILE A 430 4.39 -19.44 45.00
N GLU A 431 3.72 -18.93 46.04
CA GLU A 431 4.24 -19.14 47.39
C GLU A 431 4.43 -20.64 47.69
N HIS A 432 5.07 -20.93 48.82
CA HIS A 432 5.15 -22.33 49.22
C HIS A 432 3.74 -22.82 49.53
N VAL A 433 3.36 -23.94 48.94
CA VAL A 433 1.95 -24.33 49.00
C VAL A 433 1.54 -24.63 50.45
N ASP A 434 2.47 -25.13 51.27
CA ASP A 434 2.19 -25.32 52.70
C ASP A 434 1.76 -24.01 53.35
N ASP A 435 2.37 -22.90 52.94
CA ASP A 435 1.97 -21.64 53.54
C ASP A 435 0.62 -21.20 53.03
N ILE A 436 0.31 -21.47 51.77
CA ILE A 436 -1.01 -21.12 51.24
C ILE A 436 -2.08 -21.94 51.96
N ILE A 437 -1.81 -23.23 52.11
CA ILE A 437 -2.76 -24.11 52.79
C ILE A 437 -2.92 -23.67 54.24
N ALA A 438 -1.81 -23.35 54.91
CA ALA A 438 -1.92 -22.91 56.31
C ALA A 438 -2.75 -21.65 56.42
N ASP A 439 -2.66 -20.75 55.43
CA ASP A 439 -3.44 -19.53 55.49
C ASP A 439 -4.93 -19.83 55.40
N PHE A 440 -5.35 -20.72 54.49
CA PHE A 440 -6.77 -21.07 54.42
C PHE A 440 -7.21 -21.80 55.69
N GLU A 441 -6.38 -22.70 56.20
CA GLU A 441 -6.69 -23.45 57.41
C GLU A 441 -7.00 -22.52 58.59
N GLN A 442 -6.12 -21.53 58.86
CA GLN A 442 -6.38 -20.66 60.00
C GLN A 442 -7.58 -19.74 59.76
N SER A 443 -7.90 -19.43 58.49
CA SER A 443 -9.10 -18.65 58.23
C SER A 443 -10.35 -19.51 58.36
N PHE A 444 -10.27 -20.77 57.95
CA PHE A 444 -11.34 -21.73 58.23
C PHE A 444 -11.58 -21.84 59.73
N GLN A 445 -10.52 -22.03 60.52
CA GLN A 445 -10.65 -22.10 61.98
C GLN A 445 -11.37 -20.88 62.56
N LYS A 446 -11.10 -19.70 62.01
CA LYS A 446 -11.74 -18.50 62.54
C LYS A 446 -13.19 -18.37 62.10
N ALA A 447 -13.55 -18.92 60.95
CA ALA A 447 -14.91 -18.74 60.45
C ALA A 447 -15.86 -19.84 60.90
N TYR A 448 -15.33 -21.02 61.25
CA TYR A 448 -16.13 -22.19 61.56
C TYR A 448 -15.85 -22.81 62.92
N GLY A 449 -14.78 -22.40 63.61
CA GLY A 449 -14.43 -22.98 64.89
C GLY A 449 -14.01 -24.44 64.86
N PHE B 23 28.92 25.02 18.51
CA PHE B 23 28.19 25.93 19.44
C PHE B 23 28.57 25.57 20.90
N GLN B 24 28.39 26.53 21.83
CA GLN B 24 28.71 26.28 23.23
C GLN B 24 27.92 27.18 24.20
N ASN B 25 26.67 27.51 23.87
CA ASN B 25 25.79 28.14 24.86
C ASN B 25 25.24 27.09 25.82
N PHE B 26 25.27 27.42 27.12
CA PHE B 26 24.75 26.52 28.15
C PHE B 26 23.38 25.98 27.79
N GLU B 27 22.46 26.86 27.38
CA GLU B 27 21.05 26.48 27.10
C GLU B 27 20.96 25.47 25.98
N THR B 28 21.91 25.50 25.06
CA THR B 28 21.96 24.53 23.99
C THR B 28 22.68 23.25 24.45
N LEU B 29 23.81 23.41 25.14
CA LEU B 29 24.54 22.24 25.57
C LEU B 29 23.66 21.32 26.40
N GLN B 30 22.76 21.91 27.21
CA GLN B 30 22.06 21.08 28.19
C GLN B 30 21.04 20.16 27.54
N LEU B 31 20.73 20.37 26.26
CA LEU B 31 19.82 19.55 25.49
C LEU B 31 20.53 18.61 24.53
N HIS B 32 21.78 18.92 24.16
CA HIS B 32 22.44 18.25 23.03
C HIS B 32 23.79 17.62 23.33
N ALA B 33 24.56 18.15 24.27
CA ALA B 33 25.93 17.68 24.45
C ALA B 33 25.96 16.20 24.84
N GLY B 34 26.85 15.42 24.21
CA GLY B 34 27.08 14.05 24.61
C GLY B 34 26.08 13.01 24.12
N TYR B 35 25.16 13.36 23.22
CA TYR B 35 24.29 12.33 22.67
C TYR B 35 23.97 12.63 21.21
N THR B 36 24.10 11.60 20.39
CA THR B 36 23.56 11.51 19.04
C THR B 36 22.71 10.25 18.97
N PRO B 37 21.53 10.30 18.35
CA PRO B 37 20.73 9.07 18.19
C PRO B 37 21.53 7.97 17.50
N ASP B 38 21.50 6.77 18.08
CA ASP B 38 22.17 5.66 17.44
C ASP B 38 21.44 5.28 16.16
N PRO B 39 22.16 4.85 15.12
CA PRO B 39 21.49 4.57 13.84
C PRO B 39 20.66 3.30 13.84
N HIS B 40 20.80 2.44 14.86
CA HIS B 40 19.94 1.26 14.95
C HIS B 40 18.49 1.67 15.20
N THR B 41 18.24 2.39 16.31
CA THR B 41 16.86 2.76 16.66
C THR B 41 16.51 4.19 16.29
N ARG B 42 17.51 5.08 16.21
CA ARG B 42 17.33 6.50 15.93
C ARG B 42 16.58 7.20 17.04
N SER B 43 16.53 6.59 18.23
CA SER B 43 15.86 7.16 19.40
C SER B 43 16.27 8.61 19.65
N THR B 44 15.30 9.53 19.54
CA THR B 44 15.58 10.95 19.78
C THR B 44 15.94 11.23 21.24
N ALA B 45 15.17 10.68 22.17
CA ALA B 45 15.48 10.76 23.58
C ALA B 45 16.53 9.71 23.96
N VAL B 46 17.21 9.97 25.06
CA VAL B 46 18.24 9.02 25.51
C VAL B 46 17.56 7.77 26.06
N PRO B 47 17.89 6.59 25.55
CA PRO B 47 17.30 5.37 26.13
C PRO B 47 17.90 5.09 27.50
N ILE B 48 17.16 4.30 28.27
CA ILE B 48 17.60 3.83 29.58
C ILE B 48 18.20 2.44 29.39
N TYR B 49 19.52 2.35 29.46
CA TYR B 49 20.16 1.07 29.27
C TYR B 49 20.13 0.35 30.61
N ALA B 50 18.93 -0.18 30.94
CA ALA B 50 18.73 -1.00 32.14
C ALA B 50 19.39 -2.37 31.91
N THR B 51 20.72 -2.39 31.86
CA THR B 51 21.50 -3.60 31.68
C THR B 51 22.73 -3.56 32.57
N SER B 52 23.04 -4.70 33.20
CA SER B 52 24.30 -4.77 33.94
C SER B 52 25.48 -4.94 32.99
N SER B 53 25.27 -5.62 31.87
CA SER B 53 26.36 -6.16 31.06
C SER B 53 26.15 -5.89 29.58
N TYR B 54 27.21 -6.11 28.81
CA TYR B 54 27.24 -5.83 27.38
C TYR B 54 27.96 -6.98 26.73
N THR B 55 27.34 -7.58 25.71
CA THR B 55 27.81 -8.85 25.16
C THR B 55 29.04 -8.63 24.27
N PHE B 56 30.12 -9.38 24.52
CA PHE B 56 31.33 -9.31 23.68
C PHE B 56 30.97 -9.70 22.25
N ASN B 57 31.65 -9.09 21.28
CA ASN B 57 31.52 -9.57 19.90
C ASN B 57 32.16 -10.94 19.75
N ASP B 58 33.25 -11.18 20.48
CA ASP B 58 34.01 -12.43 20.45
C ASP B 58 34.96 -12.35 21.64
N SER B 59 35.66 -13.47 21.90
CA SER B 59 36.55 -13.51 23.06
C SER B 59 37.63 -12.45 22.96
N ALA B 60 38.26 -12.31 21.79
CA ALA B 60 39.35 -11.34 21.65
C ALA B 60 38.86 -9.93 21.93
N HIS B 61 37.62 -9.63 21.50
CA HIS B 61 37.02 -8.34 21.80
C HIS B 61 36.98 -8.08 23.31
N GLY B 62 36.48 -9.05 24.08
CA GLY B 62 36.47 -8.89 25.52
C GLY B 62 37.85 -8.68 26.11
N ALA B 63 38.85 -9.38 25.56
CA ALA B 63 40.22 -9.17 26.00
C ALA B 63 40.61 -7.71 25.91
N ARG B 64 40.42 -7.11 24.73
CA ARG B 64 40.80 -5.70 24.53
C ARG B 64 40.00 -4.79 25.44
N LEU B 65 38.70 -5.08 25.61
CA LEU B 65 37.87 -4.29 26.51
C LEU B 65 38.40 -4.33 27.94
N PHE B 66 38.64 -5.53 28.47
CA PHE B 66 39.12 -5.63 29.84
C PHE B 66 40.55 -5.13 29.99
N GLY B 67 41.39 -5.36 28.98
CA GLY B 67 42.74 -4.85 29.01
C GLY B 67 42.87 -3.37 28.70
N LEU B 68 41.76 -2.65 28.63
CA LEU B 68 41.71 -1.23 28.27
C LEU B 68 42.41 -0.96 26.94
N LYS B 69 42.53 -1.97 26.07
CA LYS B 69 43.10 -1.76 24.75
C LYS B 69 42.11 -1.14 23.76
N GLU B 70 40.84 -1.01 24.14
CA GLU B 70 39.78 -0.57 23.24
C GLU B 70 38.64 0.04 24.05
N LEU B 71 38.15 1.21 23.64
CA LEU B 71 37.02 1.82 24.34
C LEU B 71 35.73 1.06 24.04
N GLY B 72 34.93 0.85 25.09
CA GLY B 72 33.64 0.19 24.92
C GLY B 72 32.96 -0.14 26.23
N ASN B 73 31.65 -0.39 26.16
CA ASN B 73 30.91 -0.78 27.35
C ASN B 73 31.34 -2.16 27.82
N ILE B 74 31.73 -2.25 29.08
CA ILE B 74 32.12 -3.51 29.69
C ILE B 74 31.12 -3.98 30.73
N TYR B 75 30.63 -3.07 31.58
CA TYR B 75 29.87 -3.42 32.78
C TYR B 75 29.37 -2.17 33.49
N SER B 76 28.07 -2.15 33.84
CA SER B 76 27.43 -0.91 34.28
C SER B 76 27.90 -0.42 35.66
N ARG B 77 28.70 -1.22 36.40
CA ARG B 77 29.34 -0.63 37.58
C ARG B 77 30.32 0.46 37.18
N LEU B 78 30.91 0.33 35.98
CA LEU B 78 31.90 1.25 35.44
C LEU B 78 31.30 2.25 34.44
N MET B 79 30.53 1.75 33.47
CA MET B 79 30.02 2.61 32.41
C MET B 79 28.69 2.08 31.89
N ASN B 80 27.93 2.99 31.29
CA ASN B 80 26.58 2.71 30.84
C ASN B 80 26.21 3.81 29.84
N PRO B 81 25.71 3.49 28.65
CA PRO B 81 25.47 4.55 27.67
C PRO B 81 24.53 5.64 28.13
N THR B 82 23.59 5.36 29.03
CA THR B 82 22.72 6.44 29.55
C THR B 82 23.52 7.34 30.48
N VAL B 83 24.20 6.72 31.43
CA VAL B 83 25.07 7.47 32.33
C VAL B 83 26.11 8.23 31.52
N ASP B 84 26.58 7.64 30.42
CA ASP B 84 27.64 8.29 29.64
C ASP B 84 27.18 9.64 29.12
N VAL B 85 25.90 9.72 28.72
CA VAL B 85 25.36 11.01 28.26
C VAL B 85 25.35 12.00 29.41
N PHE B 86 24.93 11.54 30.59
CA PHE B 86 24.87 12.41 31.73
C PHE B 86 26.26 12.97 32.06
N GLU B 87 27.27 12.09 32.08
CA GLU B 87 28.63 12.53 32.37
C GLU B 87 29.11 13.52 31.32
N LYS B 88 28.99 13.15 30.05
CA LYS B 88 29.50 14.02 29.00
C LYS B 88 28.79 15.37 29.01
N ARG B 89 27.49 15.36 29.31
CA ARG B 89 26.75 16.62 29.29
C ARG B 89 27.17 17.54 30.43
N ILE B 90 27.38 16.98 31.64
CA ILE B 90 27.85 17.79 32.76
C ILE B 90 29.27 18.28 32.51
N ALA B 91 30.13 17.39 32.01
CA ALA B 91 31.46 17.83 31.57
C ALA B 91 31.36 19.03 30.64
N ALA B 92 30.52 18.93 29.60
CA ALA B 92 30.42 20.02 28.63
C ALA B 92 29.88 21.29 29.26
N LEU B 93 28.93 21.15 30.20
CA LEU B 93 28.39 22.35 30.82
C LEU B 93 29.40 23.01 31.75
N GLU B 94 30.28 22.22 32.35
CA GLU B 94 31.27 22.80 33.25
C GLU B 94 32.55 23.21 32.54
N GLY B 95 32.71 22.80 31.30
CA GLY B 95 33.95 23.07 30.60
C GLY B 95 35.07 22.13 30.96
N GLY B 96 34.75 20.91 31.47
CA GLY B 96 35.76 19.91 31.73
C GLY B 96 35.95 19.01 30.54
N ILE B 97 36.99 18.17 30.59
CA ILE B 97 37.17 17.27 29.45
C ILE B 97 36.31 16.04 29.58
N ALA B 98 36.03 15.60 30.80
CA ALA B 98 35.22 14.40 30.97
C ALA B 98 34.70 14.38 32.41
N ALA B 99 33.77 13.46 32.65
CA ALA B 99 33.22 13.38 33.99
C ALA B 99 32.93 11.93 34.30
N ALA B 100 32.78 11.64 35.60
CA ALA B 100 32.35 10.31 36.00
C ALA B 100 31.22 10.45 36.99
N ALA B 101 30.17 9.68 36.76
CA ALA B 101 29.00 9.71 37.61
C ALA B 101 29.22 8.84 38.83
N THR B 102 28.54 9.20 39.92
CA THR B 102 28.62 8.46 41.18
C THR B 102 27.21 8.35 41.74
N SER B 103 27.04 7.42 42.67
CA SER B 103 25.72 7.18 43.22
C SER B 103 25.20 8.38 44.02
N SER B 104 26.08 9.28 44.47
CA SER B 104 25.65 10.45 45.21
C SER B 104 26.73 11.51 45.17
N GLY B 105 26.36 12.71 45.62
CA GLY B 105 27.36 13.76 45.80
C GLY B 105 28.41 13.37 46.81
N GLN B 106 27.98 12.75 47.93
CA GLN B 106 28.97 12.30 48.90
C GLN B 106 29.95 11.35 48.25
N ALA B 107 29.47 10.45 47.42
CA ALA B 107 30.36 9.52 46.75
C ALA B 107 31.29 10.25 45.78
N ALA B 108 30.81 11.28 45.08
CA ALA B 108 31.70 12.03 44.19
C ALA B 108 32.88 12.62 44.97
N GLN B 109 32.60 13.21 46.13
CA GLN B 109 33.65 13.76 46.99
C GLN B 109 34.58 12.68 47.52
N PHE B 110 34.00 11.58 48.02
CA PHE B 110 34.80 10.50 48.56
C PHE B 110 35.73 9.90 47.49
N LEU B 111 35.20 9.56 46.31
CA LEU B 111 36.06 8.93 45.31
C LEU B 111 37.17 9.88 44.89
N THR B 112 36.85 11.17 44.80
CA THR B 112 37.85 12.17 44.38
C THR B 112 38.99 12.25 45.38
N ILE B 113 38.64 12.41 46.66
CA ILE B 113 39.66 12.51 47.69
C ILE B 113 40.42 11.21 47.82
N ALA B 114 39.72 10.06 47.67
CA ALA B 114 40.36 8.76 47.77
C ALA B 114 41.40 8.55 46.69
N THR B 115 41.23 9.21 45.56
CA THR B 115 42.15 9.05 44.43
C THR B 115 43.37 9.94 44.60
N LEU B 116 43.20 11.11 45.21
CA LEU B 116 44.31 12.04 45.37
C LEU B 116 45.18 11.68 46.56
N ALA B 117 44.61 11.00 47.55
CA ALA B 117 45.22 10.92 48.86
C ALA B 117 45.21 9.49 49.36
N LYS B 118 46.18 9.16 50.20
CA LYS B 118 46.14 7.88 50.88
C LYS B 118 46.62 8.08 52.31
N ALA B 119 46.73 6.99 53.06
CA ALA B 119 47.03 7.13 54.48
C ALA B 119 48.36 7.85 54.66
N GLY B 120 48.38 8.79 55.61
CA GLY B 120 49.51 9.68 55.81
C GLY B 120 49.36 11.01 55.13
N ASP B 121 48.40 11.14 54.22
CA ASP B 121 48.22 12.37 53.46
C ASP B 121 47.19 13.24 54.14
N ASN B 122 47.10 14.50 53.68
CA ASN B 122 46.09 15.40 54.19
C ASN B 122 45.57 16.26 53.05
N ILE B 123 44.43 16.89 53.29
CA ILE B 123 43.90 17.88 52.37
C ILE B 123 43.62 19.14 53.18
N VAL B 124 43.67 20.27 52.48
CA VAL B 124 43.40 21.57 53.09
C VAL B 124 42.02 21.98 52.60
N ALA B 125 41.11 22.26 53.53
CA ALA B 125 39.75 22.59 53.11
C ALA B 125 39.28 23.87 53.77
N SER B 126 38.39 24.58 53.09
CA SER B 126 37.60 25.58 53.79
C SER B 126 36.83 24.90 54.91
N SER B 127 36.56 25.63 55.98
CA SER B 127 35.72 25.16 57.07
C SER B 127 34.24 25.41 56.82
N HIS B 128 33.91 26.03 55.71
CA HIS B 128 32.54 26.38 55.39
C HIS B 128 32.06 25.27 54.46
N LEU B 129 31.50 24.23 55.07
CA LEU B 129 31.26 22.99 54.36
C LEU B 129 29.83 22.51 54.59
N TYR B 130 29.30 21.82 53.59
CA TYR B 130 28.13 21.01 53.79
C TYR B 130 28.40 20.06 54.95
N GLY B 131 27.38 19.88 55.80
CA GLY B 131 27.55 19.03 56.96
C GLY B 131 28.03 17.64 56.62
N GLY B 132 27.51 17.06 55.53
CA GLY B 132 27.98 15.75 55.14
C GLY B 132 29.44 15.74 54.77
N THR B 133 29.90 16.77 54.06
CA THR B 133 31.31 16.86 53.71
C THR B 133 32.17 17.03 54.96
N TYR B 134 31.73 17.85 55.91
CA TYR B 134 32.53 18.02 57.12
C TYR B 134 32.70 16.69 57.83
N ASN B 135 31.64 15.88 57.89
CA ASN B 135 31.77 14.59 58.54
C ASN B 135 32.70 13.68 57.77
N GLN B 136 32.58 13.71 56.44
CA GLN B 136 33.51 12.96 55.62
C GLN B 136 34.97 13.29 55.97
N LEU B 137 35.29 14.59 56.00
CA LEU B 137 36.68 15.02 56.17
C LEU B 137 37.14 14.91 57.61
N ASN B 138 36.26 15.18 58.55
CA ASN B 138 36.69 15.28 59.92
C ASN B 138 36.57 13.97 60.67
N VAL B 139 35.73 13.04 60.21
CA VAL B 139 35.49 11.79 60.91
C VAL B 139 35.87 10.57 60.06
N LEU B 140 35.31 10.47 58.86
CA LEU B 140 35.44 9.24 58.06
C LEU B 140 36.83 9.08 57.47
N LEU B 141 37.29 10.06 56.68
CA LEU B 141 38.59 9.89 56.03
C LEU B 141 39.75 9.70 57.03
N PRO B 142 39.78 10.36 58.20
CA PRO B 142 40.86 10.07 59.17
C PRO B 142 40.95 8.61 59.56
N ARG B 143 39.85 7.86 59.50
CA ARG B 143 39.93 6.42 59.71
C ARG B 143 40.80 5.74 58.65
N PHE B 144 40.94 6.36 57.48
CA PHE B 144 41.75 5.83 56.39
C PHE B 144 43.13 6.48 56.36
N GLY B 145 43.49 7.20 57.41
CA GLY B 145 44.77 7.89 57.46
C GLY B 145 44.81 9.18 56.70
N ILE B 146 43.66 9.73 56.30
CA ILE B 146 43.60 10.95 55.50
C ILE B 146 42.99 12.02 56.37
N LYS B 147 43.78 13.03 56.68
CA LYS B 147 43.35 14.08 57.57
C LYS B 147 43.08 15.36 56.81
N THR B 148 42.29 16.23 57.41
CA THR B 148 42.01 17.52 56.82
C THR B 148 42.40 18.66 57.76
N LYS B 149 43.11 19.63 57.21
CA LYS B 149 43.38 20.88 57.90
C LYS B 149 42.35 21.88 57.44
N PHE B 150 41.50 22.35 58.35
CA PHE B 150 40.46 23.29 57.97
C PHE B 150 41.00 24.70 58.04
N VAL B 151 40.60 25.52 57.08
CA VAL B 151 40.97 26.93 57.04
C VAL B 151 39.69 27.72 57.18
N ARG B 152 39.55 28.48 58.26
CA ARG B 152 38.32 29.24 58.50
C ARG B 152 38.35 30.63 57.88
N SER B 153 39.52 31.24 57.74
CA SER B 153 39.58 32.66 57.41
C SER B 153 39.26 33.00 55.97
N GLY B 154 39.43 32.07 55.03
CA GLY B 154 39.36 32.44 53.64
C GLY B 154 40.58 33.16 53.11
N LYS B 155 41.56 33.49 53.97
CA LYS B 155 42.72 34.26 53.55
C LYS B 155 43.70 33.38 52.80
N LEU B 156 44.17 33.86 51.64
CA LEU B 156 45.12 33.10 50.85
C LEU B 156 46.32 32.64 51.69
N GLU B 157 46.81 33.49 52.59
CA GLU B 157 47.99 33.16 53.39
C GLU B 157 47.75 31.98 54.30
N ASP B 158 46.54 31.86 54.84
CA ASP B 158 46.23 30.75 55.73
C ASP B 158 46.14 29.44 54.97
N TYR B 159 45.61 29.48 53.74
CA TYR B 159 45.65 28.28 52.91
C TYR B 159 47.09 27.88 52.63
N ALA B 160 47.95 28.84 52.31
CA ALA B 160 49.32 28.50 51.98
C ALA B 160 50.04 27.89 53.17
N ALA B 161 49.82 28.48 54.35
CA ALA B 161 50.48 28.04 55.58
C ALA B 161 50.04 26.64 55.98
N ALA B 162 48.79 26.26 55.66
CA ALA B 162 48.25 24.95 56.01
C ALA B 162 48.82 23.82 55.15
N ILE B 163 49.33 24.13 53.96
CA ILE B 163 49.86 23.09 53.10
C ILE B 163 51.18 22.55 53.64
N ASP B 164 51.33 21.23 53.67
CA ASP B 164 52.66 20.65 53.87
C ASP B 164 52.99 19.63 52.79
N ASP B 165 54.07 18.88 53.00
CA ASP B 165 54.54 17.97 51.98
C ASP B 165 53.58 16.80 51.75
N GLN B 166 52.68 16.53 52.69
CA GLN B 166 51.75 15.42 52.57
C GLN B 166 50.39 15.86 52.03
N THR B 167 50.19 17.16 51.81
CA THR B 167 48.93 17.71 51.34
C THR B 167 48.67 17.27 49.90
N ARG B 168 47.40 17.02 49.56
CA ARG B 168 47.10 16.47 48.25
C ARG B 168 46.06 17.25 47.48
N ALA B 169 45.43 18.24 48.09
CA ALA B 169 44.48 19.09 47.42
C ALA B 169 44.15 20.24 48.33
N ILE B 170 43.56 21.26 47.74
CA ILE B 170 42.79 22.25 48.47
C ILE B 170 41.34 22.03 48.06
N TYR B 171 40.45 22.01 49.03
CA TYR B 171 39.05 21.64 48.82
C TYR B 171 38.18 22.78 49.32
N VAL B 172 37.30 23.30 48.46
CA VAL B 172 36.40 24.37 48.86
C VAL B 172 35.06 24.15 48.17
N GLU B 173 34.01 24.74 48.73
CA GLU B 173 32.73 24.80 48.02
C GLU B 173 32.65 26.11 47.25
N SER B 174 32.00 26.07 46.09
CA SER B 174 31.97 27.26 45.26
C SER B 174 31.09 28.34 45.88
N MET B 175 30.13 27.94 46.70
CA MET B 175 29.36 28.86 47.53
C MET B 175 28.98 28.03 48.74
N SER B 176 29.56 28.37 49.90
CA SER B 176 29.29 27.57 51.08
C SER B 176 27.84 27.72 51.50
N ASN B 177 27.36 26.76 52.28
CA ASN B 177 25.98 26.98 52.69
C ASN B 177 25.91 26.55 54.15
N PRO B 178 25.10 27.22 54.96
CA PRO B 178 24.14 28.29 54.70
C PRO B 178 24.63 29.71 54.72
N ASP B 179 25.95 29.95 54.67
CA ASP B 179 26.42 31.32 54.76
C ASP B 179 26.84 31.91 53.41
N TYR B 180 26.94 31.11 52.34
CA TYR B 180 27.14 31.62 50.97
C TYR B 180 28.47 32.37 50.82
N VAL B 181 29.53 31.83 51.44
CA VAL B 181 30.87 32.35 51.23
C VAL B 181 31.34 31.91 49.85
N VAL B 182 31.74 32.85 49.02
CA VAL B 182 32.30 32.54 47.70
C VAL B 182 33.81 32.65 47.81
N PRO B 183 34.57 31.60 47.49
CA PRO B 183 36.02 31.66 47.65
C PRO B 183 36.69 32.48 46.55
N ASP B 184 37.92 32.89 46.84
CA ASP B 184 38.76 33.49 45.83
C ASP B 184 39.36 32.34 44.99
N PHE B 185 38.58 31.89 44.00
CA PHE B 185 39.00 30.71 43.23
C PHE B 185 40.39 30.89 42.66
N GLU B 186 40.62 32.02 41.97
CA GLU B 186 41.86 32.19 41.23
C GLU B 186 43.06 32.31 42.18
N GLY B 187 42.91 33.04 43.28
CA GLY B 187 43.99 33.16 44.25
C GLY B 187 44.29 31.84 44.95
N ILE B 188 43.24 31.11 45.37
CA ILE B 188 43.45 29.81 45.98
C ILE B 188 44.04 28.84 44.96
N ALA B 189 43.50 28.83 43.74
CA ALA B 189 44.03 27.95 42.70
C ALA B 189 45.52 28.21 42.50
N LYS B 190 45.92 29.48 42.56
CA LYS B 190 47.34 29.83 42.40
C LYS B 190 48.18 29.24 43.52
N ILE B 191 47.71 29.37 44.75
CA ILE B 191 48.40 28.80 45.89
C ILE B 191 48.52 27.29 45.73
N ALA B 192 47.42 26.63 45.37
CA ALA B 192 47.46 25.18 45.23
C ALA B 192 48.44 24.78 44.14
N HIS B 193 48.37 25.42 42.98
CA HIS B 193 49.24 25.02 41.87
C HIS B 193 50.70 25.31 42.17
N GLU B 194 50.98 26.38 42.91
CA GLU B 194 52.38 26.63 43.28
C GLU B 194 52.89 25.60 44.27
N HIS B 195 51.99 25.03 45.06
CA HIS B 195 52.36 23.95 45.97
C HIS B 195 52.22 22.60 45.30
N GLY B 196 51.89 22.57 44.02
CA GLY B 196 51.82 21.32 43.28
C GLY B 196 50.64 20.43 43.63
N ILE B 197 49.49 21.01 43.96
CA ILE B 197 48.30 20.23 44.30
C ILE B 197 47.12 20.79 43.54
N PRO B 198 46.11 19.97 43.27
CA PRO B 198 44.92 20.46 42.60
C PRO B 198 44.02 21.24 43.54
N LEU B 199 43.24 22.11 42.95
CA LEU B 199 42.11 22.75 43.61
C LEU B 199 40.86 21.94 43.27
N VAL B 200 40.20 21.41 44.29
CA VAL B 200 38.96 20.64 44.14
C VAL B 200 37.83 21.52 44.61
N VAL B 201 36.79 21.68 43.78
CA VAL B 201 35.69 22.56 44.12
C VAL B 201 34.40 21.76 44.08
N ASP B 202 33.62 21.86 45.15
CA ASP B 202 32.26 21.34 45.19
C ASP B 202 31.36 22.45 44.67
N ASN B 203 30.92 22.30 43.44
CA ASN B 203 30.15 23.35 42.79
C ASN B 203 28.65 23.06 42.80
N THR B 204 28.19 22.23 43.75
CA THR B 204 26.76 21.96 43.88
C THR B 204 25.94 23.24 43.84
N LEU B 205 26.29 24.22 44.68
CA LEU B 205 25.47 25.43 44.68
C LEU B 205 25.66 26.30 43.45
N GLY B 206 26.62 25.98 42.58
CA GLY B 206 26.78 26.64 41.30
C GLY B 206 25.85 26.14 40.20
N ALA B 207 24.94 25.21 40.54
CA ALA B 207 23.92 24.70 39.62
C ALA B 207 24.53 24.26 38.29
N GLY B 208 25.42 23.27 38.39
CA GLY B 208 25.90 22.61 37.19
C GLY B 208 26.65 23.51 36.24
N GLY B 209 27.21 24.60 36.75
CA GLY B 209 27.92 25.55 35.94
C GLY B 209 27.09 26.72 35.49
N TYR B 210 25.81 26.77 35.84
CA TYR B 210 25.05 27.93 35.43
C TYR B 210 25.48 29.17 36.23
N TYR B 211 25.64 29.03 37.55
CA TYR B 211 25.93 30.20 38.38
C TYR B 211 27.43 30.46 38.55
N ILE B 212 28.23 29.40 38.63
CA ILE B 212 29.65 29.46 38.95
C ILE B 212 30.32 28.42 38.08
N ARG B 213 31.47 28.76 37.52
CA ARG B 213 32.19 27.89 36.60
C ARG B 213 33.62 27.76 37.09
N PRO B 214 33.85 26.96 38.13
CA PRO B 214 35.16 26.97 38.79
C PRO B 214 36.32 26.60 37.87
N ILE B 215 36.11 25.74 36.87
CA ILE B 215 37.22 25.34 36.00
C ILE B 215 37.77 26.55 35.24
N GLU B 216 36.89 27.49 34.86
CA GLU B 216 37.32 28.74 34.23
C GLU B 216 38.12 29.62 35.17
N HIS B 217 38.21 29.28 36.45
CA HIS B 217 38.92 30.12 37.40
C HIS B 217 39.93 29.31 38.20
N GLY B 218 40.38 28.19 37.68
CA GLY B 218 41.54 27.51 38.20
C GLY B 218 41.26 26.19 38.90
N ALA B 219 39.99 25.85 39.11
CA ALA B 219 39.67 24.53 39.63
C ALA B 219 40.15 23.46 38.67
N ASP B 220 40.77 22.43 39.23
CA ASP B 220 41.19 21.28 38.46
C ASP B 220 40.14 20.19 38.40
N ILE B 221 39.36 20.06 39.46
CA ILE B 221 38.43 18.96 39.67
C ILE B 221 37.20 19.59 40.26
N VAL B 222 36.03 19.28 39.71
CA VAL B 222 34.78 19.82 40.22
C VAL B 222 33.88 18.64 40.58
N VAL B 223 33.27 18.70 41.76
CA VAL B 223 32.32 17.66 42.16
C VAL B 223 30.97 18.31 42.38
N HIS B 224 29.91 17.53 42.21
CA HIS B 224 28.53 17.99 42.31
C HIS B 224 27.72 16.94 43.02
N SER B 225 26.81 17.37 43.88
CA SER B 225 25.59 16.62 44.16
C SER B 225 24.60 16.93 43.05
N ALA B 226 24.49 16.00 42.09
CA ALA B 226 23.46 16.10 41.07
C ALA B 226 22.08 15.97 41.68
N THR B 227 21.99 15.47 42.90
CA THR B 227 20.73 15.39 43.63
C THR B 227 20.01 16.71 43.65
N TRP B 229 20.41 21.03 42.30
CA TRP B 229 19.89 21.75 41.15
C TRP B 229 20.03 21.03 39.81
N ILE B 230 21.08 20.23 39.64
CA ILE B 230 21.27 19.50 38.39
C ILE B 230 20.06 18.62 38.10
N GLY B 231 19.70 17.77 39.06
CA GLY B 231 18.50 16.95 38.92
C GLY B 231 17.23 17.79 38.97
N GLY B 232 17.17 18.72 39.93
CA GLY B 232 16.21 19.80 39.93
C GLY B 232 14.79 19.47 40.37
N HIS B 233 14.44 18.19 40.51
CA HIS B 233 13.06 17.82 40.80
C HIS B 233 12.96 16.99 42.07
N GLY B 234 14.04 16.89 42.84
CA GLY B 234 14.01 16.12 44.05
C GLY B 234 13.61 14.66 43.85
N THR B 235 13.80 14.11 42.66
CA THR B 235 13.45 12.70 42.50
C THR B 235 14.61 11.72 42.70
N THR B 236 15.86 12.17 42.64
CA THR B 236 16.97 11.26 42.36
C THR B 236 18.26 11.68 43.05
N ILE B 237 18.91 10.73 43.72
CA ILE B 237 20.22 10.94 44.32
C ILE B 237 21.28 10.68 43.26
N GLY B 238 22.29 11.54 43.18
CA GLY B 238 23.40 11.26 42.27
C GLY B 238 24.50 12.28 42.45
N GLY B 239 25.72 11.88 42.04
CA GLY B 239 26.87 12.77 42.04
C GLY B 239 27.60 12.70 40.72
N VAL B 240 28.52 13.64 40.53
CA VAL B 240 29.32 13.61 39.32
C VAL B 240 30.66 14.28 39.63
N ILE B 241 31.73 13.72 39.07
CA ILE B 241 33.08 14.26 39.21
C ILE B 241 33.48 14.79 37.84
N VAL B 242 33.88 16.06 37.76
CA VAL B 242 34.31 16.64 36.50
C VAL B 242 35.80 16.91 36.55
N ASP B 243 36.52 16.43 35.54
CA ASP B 243 37.96 16.65 35.45
C ASP B 243 38.21 17.75 34.42
N SER B 244 38.91 18.80 34.83
CA SER B 244 39.28 19.84 33.89
C SER B 244 40.26 19.33 32.84
N GLY B 245 41.03 18.30 33.19
CA GLY B 245 42.14 17.90 32.37
C GLY B 245 43.30 18.87 32.41
N ARG B 246 43.29 19.84 33.31
CA ARG B 246 44.30 20.87 33.30
C ARG B 246 45.41 20.65 34.33
N PHE B 247 45.31 19.64 35.21
CA PHE B 247 46.34 19.46 36.22
C PHE B 247 47.38 18.49 35.68
N ASN B 248 48.63 18.93 35.65
CA ASN B 248 49.68 18.09 35.09
C ASN B 248 50.19 17.14 36.16
N TRP B 249 49.64 15.94 36.19
CA TRP B 249 50.02 14.97 37.21
C TRP B 249 51.50 14.63 37.11
N ASN B 250 52.02 14.56 35.88
CA ASN B 250 53.41 14.17 35.70
C ASN B 250 54.36 15.19 36.32
N LYS B 251 54.08 16.49 36.14
CA LYS B 251 54.91 17.52 36.74
C LYS B 251 54.89 17.43 38.26
N HIS B 252 53.82 16.90 38.84
CA HIS B 252 53.75 16.81 40.28
C HIS B 252 53.71 15.37 40.75
N SER B 253 54.39 14.51 40.01
CA SER B 253 54.43 13.10 40.35
C SER B 253 55.01 12.87 41.75
N ASP B 254 55.75 13.83 42.31
CA ASP B 254 56.28 13.59 43.66
C ASP B 254 55.15 13.57 44.68
N ARG B 255 54.09 14.33 44.46
CA ARG B 255 52.93 14.21 45.33
C ARG B 255 51.94 13.15 44.87
N PHE B 256 51.91 12.84 43.57
CA PHE B 256 50.90 11.95 42.98
C PHE B 256 51.56 10.83 42.19
N PRO B 257 52.40 10.01 42.84
CA PRO B 257 53.09 8.96 42.07
C PRO B 257 52.15 7.96 41.43
N GLU B 258 51.00 7.66 42.06
CA GLU B 258 50.10 6.69 41.45
C GLU B 258 49.54 7.19 40.13
N MET B 259 49.63 8.49 39.84
CA MET B 259 49.19 8.97 38.53
C MET B 259 50.17 8.59 37.42
N VAL B 260 51.43 8.26 37.72
CA VAL B 260 52.39 8.07 36.64
C VAL B 260 53.12 6.73 36.73
N GLU B 261 53.26 6.19 37.94
CA GLU B 261 54.02 4.99 38.14
C GLU B 261 53.21 3.78 37.67
N PRO B 262 53.88 2.68 37.33
CA PRO B 262 53.15 1.47 36.92
C PRO B 262 52.11 1.09 37.96
N SER B 263 50.88 0.91 37.50
CA SER B 263 49.79 0.64 38.43
C SER B 263 49.72 -0.85 38.74
N PRO B 264 49.48 -1.22 40.00
CA PRO B 264 49.33 -2.65 40.33
C PRO B 264 48.03 -3.24 39.82
N SER B 265 47.12 -2.41 39.29
CA SER B 265 45.81 -2.91 38.93
C SER B 265 45.76 -3.44 37.49
N TYR B 266 46.48 -2.81 36.56
CA TYR B 266 46.28 -3.06 35.13
C TYR B 266 47.59 -3.37 34.44
N HIS B 267 48.31 -4.37 34.97
CA HIS B 267 49.51 -4.89 34.32
C HIS B 267 50.57 -3.79 34.17
N GLY B 268 50.84 -3.11 35.29
CA GLY B 268 51.85 -2.06 35.27
C GLY B 268 51.49 -0.85 34.46
N LEU B 269 50.21 -0.66 34.16
CA LEU B 269 49.77 0.46 33.33
C LEU B 269 50.17 1.78 33.96
N LYS B 270 50.65 2.68 33.13
CA LYS B 270 51.04 4.01 33.57
C LYS B 270 49.97 4.98 33.07
N TYR B 271 49.17 5.51 34.01
CA TYR B 271 47.99 6.26 33.61
C TYR B 271 48.36 7.52 32.83
N TRP B 272 49.35 8.28 33.30
CA TRP B 272 49.68 9.53 32.63
C TRP B 272 50.17 9.28 31.21
N GLU B 273 51.05 8.29 31.02
CA GLU B 273 51.46 7.93 29.65
C GLU B 273 50.28 7.51 28.80
N ALA B 274 49.35 6.78 29.39
CA ALA B 274 48.27 6.26 28.58
C ALA B 274 47.20 7.31 28.32
N PHE B 275 46.89 8.15 29.30
CA PHE B 275 45.71 8.99 29.15
C PHE B 275 45.98 10.49 29.27
N GLY B 276 47.17 10.92 29.63
CA GLY B 276 47.47 12.35 29.69
C GLY B 276 46.48 13.17 30.49
N PRO B 277 45.89 14.19 29.87
CA PRO B 277 44.95 15.05 30.62
C PRO B 277 43.72 14.31 31.17
N ALA B 278 43.35 13.16 30.66
CA ALA B 278 42.25 12.39 31.23
C ALA B 278 42.71 11.43 32.34
N THR B 279 43.91 11.63 32.89
CA THR B 279 44.47 10.64 33.81
C THR B 279 43.58 10.49 35.04
N PHE B 280 43.23 11.60 35.67
CA PHE B 280 42.50 11.53 36.94
C PHE B 280 41.15 10.87 36.75
N ILE B 281 40.33 11.39 35.82
CA ILE B 281 39.00 10.85 35.60
C ILE B 281 39.05 9.41 35.11
N THR B 282 40.11 9.03 34.39
CA THR B 282 40.22 7.65 33.96
C THR B 282 40.50 6.73 35.16
N ARG B 283 41.36 7.18 36.07
CA ARG B 283 41.57 6.40 37.28
C ARG B 283 40.30 6.32 38.09
N ILE B 284 39.55 7.42 38.17
CA ILE B 284 38.28 7.39 38.88
C ILE B 284 37.43 6.24 38.38
N ARG B 285 37.31 6.12 37.06
CA ARG B 285 36.46 5.09 36.48
C ARG B 285 37.09 3.70 36.59
N VAL B 286 38.30 3.51 36.05
CA VAL B 286 38.82 2.15 35.93
C VAL B 286 39.32 1.60 37.27
N GLU B 287 39.52 2.43 38.27
CA GLU B 287 39.95 1.99 39.59
C GLU B 287 38.86 2.21 40.63
N MET B 288 38.41 3.45 40.79
CA MET B 288 37.64 3.76 41.98
C MET B 288 36.17 3.32 41.84
N LEU B 289 35.51 3.66 40.73
CA LEU B 289 34.18 3.08 40.48
C LEU B 289 34.27 1.56 40.42
N ARG B 290 35.37 1.05 39.88
CA ARG B 290 35.51 -0.39 39.76
C ARG B 290 35.60 -1.05 41.13
N ASP B 291 36.37 -0.45 42.04
CA ASP B 291 36.69 -1.07 43.32
C ASP B 291 35.83 -0.59 44.47
N ILE B 292 35.40 0.68 44.46
CA ILE B 292 34.50 1.13 45.52
C ILE B 292 33.06 0.92 45.10
N GLY B 293 32.74 1.09 43.81
CA GLY B 293 31.46 0.63 43.29
C GLY B 293 30.28 1.57 43.53
N ALA B 294 30.54 2.86 43.76
CA ALA B 294 29.47 3.83 44.00
C ALA B 294 28.96 4.37 42.66
N CYS B 295 28.36 3.46 41.89
CA CYS B 295 27.92 3.78 40.54
C CYS B 295 26.52 4.38 40.53
N LEU B 296 26.22 5.04 39.44
CA LEU B 296 24.92 5.66 39.21
C LEU B 296 24.06 4.78 38.29
N SER B 297 22.83 4.54 38.72
CA SER B 297 21.85 3.80 37.92
C SER B 297 21.50 4.53 36.61
N PRO B 298 21.27 3.79 35.52
CA PRO B 298 20.78 4.45 34.29
C PRO B 298 19.41 5.04 34.47
N PHE B 299 18.57 4.44 35.33
CA PHE B 299 17.29 5.07 35.65
C PHE B 299 17.50 6.43 36.28
N SER B 300 18.40 6.50 37.25
CA SER B 300 18.74 7.77 37.89
C SER B 300 19.28 8.76 36.87
N ALA B 301 20.19 8.29 36.00
CA ALA B 301 20.78 9.20 35.02
C ALA B 301 19.71 9.80 34.12
N GLN B 302 18.71 8.99 33.71
CA GLN B 302 17.65 9.50 32.85
C GLN B 302 16.82 10.55 33.57
N GLN B 303 16.53 10.33 34.86
CA GLN B 303 15.86 11.35 35.65
C GLN B 303 16.67 12.62 35.66
N LEU B 304 17.98 12.47 35.86
CA LEU B 304 18.84 13.67 35.99
C LEU B 304 18.98 14.37 34.66
N LEU B 305 19.00 13.60 33.57
CA LEU B 305 19.05 14.21 32.26
C LEU B 305 17.79 15.04 31.97
N LEU B 306 16.62 14.58 32.43
CA LEU B 306 15.40 15.41 32.24
C LEU B 306 15.52 16.71 33.01
N GLY B 307 16.14 16.67 34.19
CA GLY B 307 16.39 17.89 34.92
C GLY B 307 17.38 18.78 34.19
N ILE B 308 18.43 18.18 33.62
CA ILE B 308 19.45 18.98 32.95
C ILE B 308 18.87 19.70 31.74
N GLU B 309 17.93 19.07 31.04
CA GLU B 309 17.33 19.71 29.86
C GLU B 309 16.74 21.08 30.17
N THR B 310 16.37 21.39 31.42
CA THR B 310 15.87 22.71 31.77
C THR B 310 16.78 23.43 32.75
N LEU B 311 18.01 22.96 32.94
CA LEU B 311 18.82 23.49 34.05
C LEU B 311 18.97 25.01 33.96
N GLY B 312 19.36 25.52 32.79
CA GLY B 312 19.49 26.97 32.65
C GLY B 312 18.20 27.71 32.95
N LEU B 313 17.06 27.20 32.43
CA LEU B 313 15.78 27.83 32.68
C LEU B 313 15.45 27.86 34.15
N ARG B 314 15.64 26.71 34.83
CA ARG B 314 15.33 26.63 36.24
C ARG B 314 16.25 27.55 37.04
N ALA B 315 17.56 27.43 36.81
CA ALA B 315 18.51 28.20 37.61
C ALA B 315 18.31 29.69 37.43
N GLU B 316 17.91 30.08 36.23
CA GLU B 316 17.60 31.48 35.95
C GLU B 316 16.38 31.93 36.77
N ARG B 317 15.32 31.13 36.78
CA ARG B 317 14.14 31.49 37.55
C ARG B 317 14.43 31.43 39.04
N HIS B 318 15.21 30.43 39.45
CA HIS B 318 15.61 30.29 40.85
C HIS B 318 16.25 31.57 41.35
N ALA B 319 17.24 32.07 40.62
CA ALA B 319 17.98 33.24 41.12
C ALA B 319 17.15 34.51 41.02
N GLN B 320 16.29 34.60 40.01
CA GLN B 320 15.39 35.74 39.92
C GLN B 320 14.40 35.77 41.09
N ASN B 321 13.84 34.62 41.44
CA ASN B 321 12.98 34.58 42.64
C ASN B 321 13.79 34.87 43.90
N THR B 322 15.02 34.37 43.95
CA THR B 322 15.84 34.56 45.14
C THR B 322 16.13 36.04 45.33
N GLU B 323 16.48 36.71 44.24
CA GLU B 323 16.75 38.15 44.31
C GLU B 323 15.52 38.88 44.83
N LYS B 324 14.33 38.53 44.34
CA LYS B 324 13.12 39.21 44.76
C LYS B 324 12.77 38.88 46.20
N LEU B 325 13.04 37.64 46.63
CA LEU B 325 12.76 37.26 48.00
C LEU B 325 13.72 37.94 48.98
N SER B 326 14.99 38.12 48.58
CA SER B 326 15.94 38.85 49.41
C SER B 326 15.44 40.27 49.71
N LYS B 327 14.91 40.96 48.70
CA LYS B 327 14.37 42.29 48.92
C LYS B 327 13.14 42.25 49.83
N TYR B 328 12.26 41.27 49.63
CA TYR B 328 11.10 41.16 50.51
C TYR B 328 11.54 40.98 51.95
N PHE B 329 12.49 40.08 52.19
CA PHE B 329 12.97 39.86 53.55
C PHE B 329 13.68 41.09 54.11
N GLU B 330 14.40 41.85 53.26
CA GLU B 330 15.12 43.00 53.78
C GLU B 330 14.19 44.09 54.29
N SER B 331 12.99 44.20 53.71
CA SER B 331 12.02 45.22 54.14
C SER B 331 10.89 44.62 54.96
N SER B 332 11.14 43.48 55.62
CA SER B 332 10.16 42.85 56.47
C SER B 332 10.48 43.14 57.93
N PRO B 333 9.54 43.69 58.69
CA PRO B 333 9.83 44.01 60.10
C PRO B 333 10.15 42.78 60.93
N ASN B 334 9.80 41.60 60.45
CA ASN B 334 10.01 40.38 61.21
C ASN B 334 11.39 39.78 61.01
N VAL B 335 12.22 40.35 60.14
CA VAL B 335 13.49 39.74 59.75
C VAL B 335 14.64 40.51 60.39
N SER B 336 15.42 39.83 61.23
CA SER B 336 16.59 40.44 61.85
C SER B 336 17.67 40.73 60.80
N TRP B 337 18.02 39.72 59.99
CA TRP B 337 19.08 39.88 59.00
C TRP B 337 18.77 39.00 57.80
N VAL B 338 19.38 39.35 56.65
CA VAL B 338 19.30 38.56 55.43
C VAL B 338 20.72 38.27 54.95
N LEU B 339 20.99 37.01 54.65
CA LEU B 339 22.27 36.54 54.13
C LEU B 339 22.05 36.08 52.68
N TRP B 340 22.52 36.89 51.72
CA TRP B 340 22.36 36.60 50.28
C TRP B 340 23.65 37.02 49.59
N PRO B 341 24.27 36.13 48.81
CA PRO B 341 25.60 36.47 48.25
C PRO B 341 25.56 37.66 47.31
N GLY B 342 24.39 38.07 46.84
CA GLY B 342 24.28 39.24 46.01
C GLY B 342 24.31 40.54 46.77
N SER B 343 24.28 40.47 48.10
CA SER B 343 24.23 41.68 48.92
C SER B 343 25.61 42.33 49.00
N GLU B 344 25.66 43.64 48.73
CA GLU B 344 26.94 44.33 48.84
C GLU B 344 27.52 44.27 50.25
N SER B 345 26.67 44.04 51.25
CA SER B 345 27.10 43.87 52.64
C SER B 345 27.66 42.48 52.92
N HIS B 346 27.39 41.52 52.04
CA HIS B 346 27.85 40.16 52.28
C HIS B 346 29.37 40.18 52.40
N PRO B 347 29.93 39.55 53.42
CA PRO B 347 31.39 39.50 53.58
C PRO B 347 32.18 39.26 52.29
N THR B 348 31.79 38.28 51.47
CA THR B 348 32.59 37.91 50.32
C THR B 348 31.99 38.43 49.03
N TYR B 349 31.30 39.57 49.10
CA TYR B 349 30.65 40.14 47.93
C TYR B 349 31.63 40.37 46.79
N SER B 350 32.88 40.75 47.11
CA SER B 350 33.85 41.02 46.04
C SER B 350 34.11 39.76 45.24
N GLN B 351 34.12 38.61 45.89
CA GLN B 351 34.26 37.36 45.15
C GLN B 351 32.98 37.02 44.41
N ALA B 352 31.82 37.18 45.06
CA ALA B 352 30.56 36.84 44.39
C ALA B 352 30.34 37.74 43.17
N LYS B 353 30.74 39.02 43.25
CA LYS B 353 30.55 39.90 42.11
C LYS B 353 31.41 39.45 40.93
N LYS B 354 32.61 38.97 41.23
CA LYS B 354 33.56 38.52 40.22
C LYS B 354 33.15 37.18 39.63
N TYR B 355 32.64 36.28 40.45
CA TYR B 355 32.47 34.91 40.02
C TYR B 355 31.02 34.53 39.73
N LEU B 356 30.05 35.33 40.15
CA LEU B 356 28.64 35.05 39.87
C LEU B 356 28.08 36.18 39.01
N THR B 357 28.10 35.99 37.69
CA THR B 357 27.62 36.99 36.77
C THR B 357 26.35 36.56 36.06
N ARG B 358 25.78 35.41 36.47
CA ARG B 358 24.56 34.88 35.88
C ARG B 358 23.51 34.64 36.96
N GLY B 359 23.57 35.39 38.06
CA GLY B 359 22.62 35.24 39.15
C GLY B 359 23.34 34.83 40.41
N PHE B 360 22.92 35.37 41.55
CA PHE B 360 23.62 35.08 42.80
C PHE B 360 23.00 33.90 43.51
N GLY B 361 22.80 32.85 42.74
CA GLY B 361 22.44 31.59 43.34
C GLY B 361 20.97 31.51 43.65
N ALA B 362 20.62 30.38 44.27
CA ALA B 362 19.23 29.99 44.49
C ALA B 362 18.89 29.91 45.97
N MET B 363 19.77 30.44 46.83
CA MET B 363 19.63 30.28 48.25
C MET B 363 19.61 31.64 48.94
N LEU B 364 19.02 31.66 50.13
CA LEU B 364 19.29 32.74 51.08
C LEU B 364 19.00 32.24 52.49
N SER B 365 19.54 32.94 53.47
CA SER B 365 19.29 32.61 54.87
C SER B 365 18.81 33.87 55.57
N ILE B 366 18.03 33.68 56.65
CA ILE B 366 17.45 34.79 57.38
C ILE B 366 17.43 34.43 58.87
N GLY B 367 17.56 35.47 59.69
CA GLY B 367 17.24 35.39 61.10
C GLY B 367 15.98 36.21 61.35
N VAL B 368 15.06 35.64 62.11
CA VAL B 368 13.76 36.28 62.34
C VAL B 368 13.72 36.81 63.78
N LYS B 369 12.91 37.85 63.96
CA LYS B 369 12.80 38.52 65.25
C LYS B 369 12.16 37.60 66.29
N GLY B 370 12.48 37.85 67.55
CA GLY B 370 11.86 37.15 68.66
C GLY B 370 12.78 36.16 69.34
N ASP B 371 12.15 35.27 70.12
CA ASP B 371 12.89 34.33 70.96
C ASP B 371 13.32 33.12 70.13
N ALA B 372 13.94 32.15 70.81
CA ALA B 372 14.56 31.03 70.12
C ALA B 372 13.55 30.16 69.38
N SER B 373 12.26 30.31 69.67
CA SER B 373 11.24 29.50 69.03
C SER B 373 10.72 30.11 67.74
N ALA B 374 11.13 31.33 67.40
CA ALA B 374 10.52 32.01 66.27
C ALA B 374 10.86 31.35 64.95
N GLY B 375 12.12 30.93 64.77
CA GLY B 375 12.52 30.30 63.52
C GLY B 375 11.64 29.13 63.16
N SER B 376 11.43 28.23 64.13
CA SER B 376 10.59 27.05 63.92
C SER B 376 9.14 27.42 63.64
N LYS B 377 8.63 28.47 64.30
CA LYS B 377 7.23 28.84 64.09
C LYS B 377 7.02 29.37 62.68
N VAL B 378 7.98 30.12 62.15
CA VAL B 378 7.83 30.61 60.79
C VAL B 378 7.92 29.45 59.80
N VAL B 379 8.81 28.50 60.03
CA VAL B 379 8.95 27.39 59.09
C VAL B 379 7.71 26.50 59.13
N ASP B 380 7.28 26.12 60.34
CA ASP B 380 6.10 25.27 60.49
C ASP B 380 4.84 25.90 59.90
N GLY B 381 4.71 27.22 59.96
CA GLY B 381 3.51 27.80 59.41
C GLY B 381 3.52 27.98 57.91
N LEU B 382 4.65 27.68 57.26
CA LEU B 382 4.67 27.69 55.80
C LEU B 382 3.77 26.60 55.27
N LYS B 383 2.96 26.92 54.27
CA LYS B 383 2.02 25.97 53.70
C LYS B 383 2.39 25.54 52.28
N LEU B 384 3.23 26.31 51.61
CA LEU B 384 3.67 26.05 50.25
C LEU B 384 5.13 25.65 50.19
N VAL B 385 6.01 26.48 50.76
CA VAL B 385 7.38 26.06 51.04
C VAL B 385 7.35 24.81 51.92
N SER B 386 8.19 23.83 51.58
CA SER B 386 8.24 22.56 52.30
C SER B 386 9.41 22.55 53.28
N ASN B 387 9.17 21.99 54.44
CA ASN B 387 10.16 21.87 55.47
C ASN B 387 10.85 20.54 55.40
N LEU B 388 12.00 20.56 54.79
CA LEU B 388 12.82 19.39 54.65
C LEU B 388 14.25 19.78 54.40
N ALA B 389 15.09 18.80 54.44
CA ALA B 389 16.52 18.90 54.29
C ALA B 389 17.17 19.38 52.98
N ASN B 390 16.74 18.85 51.85
CA ASN B 390 17.28 19.09 50.51
C ASN B 390 17.38 20.56 50.05
N VAL B 391 18.20 20.79 49.06
CA VAL B 391 18.29 22.09 48.40
C VAL B 391 18.21 21.79 46.91
N GLY B 392 17.84 22.79 46.12
CA GLY B 392 17.91 22.60 44.70
C GLY B 392 16.76 21.83 44.09
N ASP B 393 15.59 21.80 44.74
CA ASP B 393 14.36 21.29 44.15
C ASP B 393 13.67 22.45 43.43
N ALA B 394 12.85 22.13 42.43
CA ALA B 394 12.00 23.16 41.83
C ALA B 394 11.01 23.71 42.85
N LYS B 395 10.61 22.89 43.83
CA LYS B 395 9.78 23.35 44.92
C LYS B 395 10.61 24.08 45.97
N SER B 396 10.04 25.15 46.52
CA SER B 396 10.75 25.92 47.53
C SER B 396 10.85 25.12 48.82
N LEU B 397 12.02 25.19 49.45
CA LEU B 397 12.30 24.43 50.67
C LEU B 397 12.80 25.38 51.75
N ALA B 398 12.63 24.97 53.00
CA ALA B 398 13.22 25.70 54.11
C ALA B 398 13.51 24.76 55.27
N ILE B 399 14.44 25.19 56.13
CA ILE B 399 14.59 24.61 57.46
C ILE B 399 14.73 25.74 58.47
N VAL B 419 27.32 28.84 60.51
CA VAL B 419 26.02 28.40 60.96
C VAL B 419 25.69 28.83 62.40
N THR B 420 24.58 29.58 62.50
CA THR B 420 24.09 29.98 63.79
C THR B 420 22.81 29.20 64.08
N GLU B 421 22.02 29.73 65.02
CA GLU B 421 20.85 29.02 65.55
C GLU B 421 19.55 29.81 65.47
N ASP B 422 19.58 31.04 64.98
CA ASP B 422 18.37 31.78 64.63
C ASP B 422 18.15 31.82 63.13
N MET B 423 18.94 31.07 62.39
CA MET B 423 18.95 31.15 60.93
C MET B 423 17.93 30.21 60.30
N ILE B 424 17.11 30.74 59.40
CA ILE B 424 16.28 29.93 58.52
C ILE B 424 16.94 29.89 57.14
N ARG B 425 17.30 28.69 56.68
CA ARG B 425 17.88 28.51 55.36
C ARG B 425 16.78 28.21 54.35
N ILE B 426 16.82 28.88 53.21
CA ILE B 426 15.75 28.81 52.24
C ILE B 426 16.35 28.46 50.88
N SER B 427 15.94 27.32 50.33
CA SER B 427 16.24 27.00 48.95
C SER B 427 15.06 27.52 48.13
N VAL B 428 15.28 28.63 47.42
CA VAL B 428 14.17 29.29 46.78
C VAL B 428 13.81 28.52 45.52
N GLY B 429 12.55 28.07 45.43
CA GLY B 429 12.07 27.32 44.28
C GLY B 429 11.71 28.19 43.10
N ILE B 430 11.08 27.56 42.10
CA ILE B 430 10.69 28.26 40.90
C ILE B 430 9.18 28.51 40.85
N GLU B 431 8.49 28.40 41.99
CA GLU B 431 7.08 28.79 42.00
C GLU B 431 6.96 30.27 41.67
N HIS B 432 5.72 30.71 41.41
CA HIS B 432 5.53 32.13 41.25
C HIS B 432 5.97 32.82 42.53
N VAL B 433 6.82 33.85 42.38
CA VAL B 433 7.41 34.49 43.55
C VAL B 433 6.31 35.09 44.44
N ASP B 434 5.20 35.56 43.85
CA ASP B 434 4.12 36.12 44.67
C ASP B 434 3.56 35.09 45.63
N ASP B 435 3.45 33.84 45.20
CA ASP B 435 2.96 32.81 46.10
C ASP B 435 3.97 32.48 47.17
N ILE B 436 5.26 32.51 46.82
CA ILE B 436 6.30 32.25 47.79
C ILE B 436 6.25 33.32 48.87
N ILE B 437 6.16 34.56 48.46
CA ILE B 437 6.12 35.69 49.38
C ILE B 437 4.87 35.61 50.26
N ALA B 438 3.71 35.38 49.64
CA ALA B 438 2.47 35.24 50.41
C ALA B 438 2.57 34.15 51.45
N ASP B 439 3.24 33.04 51.10
CA ASP B 439 3.41 31.98 52.09
C ASP B 439 4.18 32.47 53.30
N PHE B 440 5.30 33.17 53.07
CA PHE B 440 6.05 33.72 54.21
C PHE B 440 5.22 34.75 54.96
N GLU B 441 4.48 35.57 54.21
CA GLU B 441 3.66 36.61 54.82
C GLU B 441 2.63 36.02 55.78
N GLN B 442 1.85 35.02 55.31
CA GLN B 442 0.82 34.43 56.17
C GLN B 442 1.43 33.68 57.33
N SER B 443 2.65 33.14 57.19
CA SER B 443 3.28 32.47 58.32
C SER B 443 3.79 33.48 59.33
N PHE B 444 4.18 34.64 58.85
CA PHE B 444 4.64 35.71 59.74
C PHE B 444 3.49 36.21 60.61
N GLN B 445 2.31 36.45 60.00
CA GLN B 445 1.14 36.86 60.76
C GLN B 445 0.83 35.89 61.90
N LYS B 446 0.88 34.58 61.63
CA LYS B 446 0.56 33.59 62.65
C LYS B 446 1.58 33.59 63.78
N ALA B 447 2.86 33.76 63.48
CA ALA B 447 3.88 33.72 64.51
C ALA B 447 4.04 35.05 65.23
N TYR B 448 3.79 36.17 64.56
CA TYR B 448 3.85 37.47 65.18
C TYR B 448 2.47 38.13 65.13
N GLN C 24 -41.97 -34.69 -20.14
CA GLN C 24 -42.27 -35.60 -19.03
C GLN C 24 -41.10 -35.65 -17.99
N ASN C 25 -41.05 -36.68 -17.15
CA ASN C 25 -40.06 -36.74 -16.08
C ASN C 25 -38.65 -36.99 -16.63
N PHE C 26 -37.64 -36.48 -15.90
CA PHE C 26 -36.24 -36.62 -16.32
C PHE C 26 -35.87 -38.08 -16.54
N GLU C 27 -36.20 -38.92 -15.56
CA GLU C 27 -35.82 -40.32 -15.61
C GLU C 27 -36.40 -41.02 -16.83
N THR C 28 -37.54 -40.54 -17.33
CA THR C 28 -38.16 -41.14 -18.51
C THR C 28 -37.55 -40.59 -19.79
N LEU C 29 -37.36 -39.27 -19.82
CA LEU C 29 -36.74 -38.62 -20.96
C LEU C 29 -35.35 -39.18 -21.24
N GLN C 30 -34.58 -39.47 -20.18
CA GLN C 30 -33.18 -39.86 -20.45
C GLN C 30 -33.08 -41.24 -21.10
N LEU C 31 -34.21 -41.94 -21.21
CA LEU C 31 -34.29 -43.24 -21.87
C LEU C 31 -35.00 -43.20 -23.22
N HIS C 32 -35.77 -42.15 -23.50
CA HIS C 32 -36.72 -42.17 -24.62
C HIS C 32 -36.66 -40.93 -25.50
N ALA C 33 -36.18 -39.81 -25.00
CA ALA C 33 -36.27 -38.58 -25.78
C ALA C 33 -35.42 -38.66 -27.03
N GLY C 34 -35.99 -38.29 -28.17
CA GLY C 34 -35.17 -38.11 -29.35
C GLY C 34 -34.88 -39.35 -30.17
N TYR C 35 -35.58 -40.47 -29.91
CA TYR C 35 -35.32 -41.67 -30.70
C TYR C 35 -36.59 -42.49 -30.77
N THR C 36 -36.97 -42.88 -31.98
CA THR C 36 -37.95 -43.93 -32.17
C THR C 36 -37.33 -44.93 -33.13
N PRO C 37 -37.48 -46.23 -32.88
CA PRO C 37 -36.89 -47.23 -33.78
C PRO C 37 -37.32 -46.96 -35.23
N ASP C 38 -36.35 -47.00 -36.16
CA ASP C 38 -36.67 -46.78 -37.56
C ASP C 38 -37.42 -48.01 -38.09
N PRO C 39 -38.31 -47.83 -39.07
CA PRO C 39 -39.14 -48.97 -39.52
C PRO C 39 -38.37 -49.99 -40.34
N HIS C 40 -37.23 -49.62 -40.92
CA HIS C 40 -36.39 -50.61 -41.60
C HIS C 40 -35.95 -51.71 -40.64
N THR C 41 -35.13 -51.36 -39.64
CA THR C 41 -34.59 -52.38 -38.75
C THR C 41 -35.37 -52.54 -37.45
N ARG C 42 -36.13 -51.52 -37.03
CA ARG C 42 -36.84 -51.51 -35.75
C ARG C 42 -35.90 -51.71 -34.54
N SER C 43 -34.61 -51.39 -34.70
CA SER C 43 -33.64 -51.46 -33.61
C SER C 43 -34.12 -50.75 -32.37
N THR C 44 -34.22 -51.47 -31.24
CA THR C 44 -34.66 -50.85 -30.00
C THR C 44 -33.61 -49.88 -29.44
N ALA C 45 -32.35 -50.30 -29.42
CA ALA C 45 -31.25 -49.44 -29.02
C ALA C 45 -30.78 -48.57 -30.20
N VAL C 46 -30.04 -47.51 -29.86
CA VAL C 46 -29.62 -46.58 -30.91
C VAL C 46 -28.45 -47.19 -31.68
N PRO C 47 -28.58 -47.33 -33.00
CA PRO C 47 -27.46 -47.79 -33.82
C PRO C 47 -26.34 -46.78 -33.82
N ILE C 48 -25.12 -47.26 -34.03
CA ILE C 48 -23.95 -46.43 -34.20
C ILE C 48 -23.76 -46.21 -35.69
N TYR C 49 -24.06 -45.01 -36.17
CA TYR C 49 -23.91 -44.75 -37.60
C TYR C 49 -22.45 -44.35 -37.85
N ALA C 50 -21.59 -45.37 -37.96
CA ALA C 50 -20.16 -45.19 -38.24
C ALA C 50 -20.00 -44.95 -39.74
N THR C 51 -20.46 -43.77 -40.16
CA THR C 51 -20.37 -43.39 -41.55
C THR C 51 -19.95 -41.94 -41.58
N SER C 52 -19.11 -41.59 -42.55
CA SER C 52 -18.82 -40.18 -42.79
C SER C 52 -19.93 -39.53 -43.60
N SER C 53 -20.58 -40.30 -44.48
CA SER C 53 -21.36 -39.77 -45.58
C SER C 53 -22.72 -40.48 -45.67
N TYR C 54 -23.59 -39.89 -46.51
CA TYR C 54 -24.97 -40.32 -46.67
C TYR C 54 -25.33 -40.11 -48.13
N THR C 55 -25.73 -41.19 -48.79
CA THR C 55 -25.88 -41.23 -50.25
C THR C 55 -27.14 -40.48 -50.67
N PHE C 56 -26.98 -39.52 -51.59
CA PHE C 56 -28.13 -38.76 -52.08
C PHE C 56 -29.08 -39.67 -52.85
N ASN C 57 -30.38 -39.39 -52.72
CA ASN C 57 -31.37 -40.08 -53.54
C ASN C 57 -31.18 -39.76 -55.03
N ASP C 58 -30.87 -38.51 -55.33
CA ASP C 58 -30.46 -38.06 -56.66
C ASP C 58 -29.78 -36.71 -56.49
N SER C 59 -29.26 -36.17 -57.60
CA SER C 59 -28.51 -34.92 -57.53
C SER C 59 -29.38 -33.78 -57.01
N ALA C 60 -30.65 -33.73 -57.43
CA ALA C 60 -31.55 -32.68 -56.96
C ALA C 60 -31.74 -32.77 -55.44
N HIS C 61 -31.85 -34.01 -54.94
CA HIS C 61 -31.91 -34.24 -53.49
C HIS C 61 -30.65 -33.70 -52.82
N GLY C 62 -29.47 -34.02 -53.36
CA GLY C 62 -28.23 -33.51 -52.79
C GLY C 62 -28.14 -32.00 -52.79
N ALA C 63 -28.69 -31.36 -53.83
CA ALA C 63 -28.69 -29.90 -53.90
C ALA C 63 -29.49 -29.30 -52.75
N ARG C 64 -30.71 -29.80 -52.54
CA ARG C 64 -31.53 -29.32 -51.44
C ARG C 64 -30.85 -29.54 -50.08
N LEU C 65 -30.13 -30.64 -49.93
CA LEU C 65 -29.39 -30.85 -48.68
C LEU C 65 -28.33 -29.76 -48.48
N PHE C 66 -27.46 -29.57 -49.48
CA PHE C 66 -26.36 -28.61 -49.35
C PHE C 66 -26.86 -27.18 -49.20
N GLY C 67 -27.95 -26.84 -49.89
CA GLY C 67 -28.52 -25.51 -49.80
C GLY C 67 -29.40 -25.26 -48.59
N LEU C 68 -29.45 -26.21 -47.65
CA LEU C 68 -30.35 -26.17 -46.49
C LEU C 68 -31.81 -26.00 -46.89
N LYS C 69 -32.18 -26.42 -48.10
CA LYS C 69 -33.56 -26.39 -48.56
C LYS C 69 -34.40 -27.54 -48.03
N GLU C 70 -33.76 -28.57 -47.44
CA GLU C 70 -34.46 -29.78 -47.00
C GLU C 70 -33.63 -30.44 -45.90
N LEU C 71 -34.25 -30.75 -44.76
CA LEU C 71 -33.54 -31.38 -43.65
C LEU C 71 -33.20 -32.83 -43.99
N GLY C 72 -31.98 -33.24 -43.66
CA GLY C 72 -31.49 -34.56 -43.97
C GLY C 72 -30.01 -34.68 -43.70
N ASN C 73 -29.50 -35.90 -43.52
CA ASN C 73 -28.09 -36.08 -43.23
C ASN C 73 -27.23 -35.83 -44.47
N ILE C 74 -26.23 -34.98 -44.33
CA ILE C 74 -25.30 -34.70 -45.41
C ILE C 74 -23.90 -35.25 -45.13
N TYR C 75 -23.39 -35.09 -43.89
CA TYR C 75 -21.98 -35.42 -43.60
C TYR C 75 -21.70 -35.45 -42.10
N SER C 76 -21.00 -36.47 -41.60
CA SER C 76 -20.92 -36.63 -40.14
C SER C 76 -20.03 -35.57 -39.45
N ARG C 77 -19.37 -34.64 -40.17
CA ARG C 77 -18.77 -33.48 -39.52
C ARG C 77 -19.85 -32.57 -38.98
N LEU C 78 -21.01 -32.54 -39.65
CA LEU C 78 -22.18 -31.71 -39.32
C LEU C 78 -23.19 -32.47 -38.45
N MET C 79 -23.58 -33.67 -38.88
CA MET C 79 -24.66 -34.37 -38.22
C MET C 79 -24.54 -35.87 -38.43
N ASN C 80 -25.21 -36.60 -37.58
CA ASN C 80 -25.10 -38.04 -37.61
C ASN C 80 -26.27 -38.58 -36.80
N PRO C 81 -26.98 -39.60 -37.28
CA PRO C 81 -28.20 -40.03 -36.58
C PRO C 81 -27.95 -40.48 -35.16
N THR C 82 -26.81 -41.08 -34.86
CA THR C 82 -26.50 -41.42 -33.48
C THR C 82 -26.31 -40.15 -32.67
N VAL C 83 -25.54 -39.22 -33.23
CA VAL C 83 -25.28 -37.98 -32.52
C VAL C 83 -26.57 -37.18 -32.39
N ASP C 84 -27.45 -37.28 -33.39
CA ASP C 84 -28.74 -36.60 -33.32
C ASP C 84 -29.52 -37.03 -32.08
N VAL C 85 -29.46 -38.33 -31.72
CA VAL C 85 -30.22 -38.74 -30.54
C VAL C 85 -29.61 -38.14 -29.30
N PHE C 86 -28.29 -38.17 -29.22
CA PHE C 86 -27.60 -37.56 -28.09
C PHE C 86 -27.99 -36.09 -27.94
N GLU C 87 -28.00 -35.36 -29.07
CA GLU C 87 -28.36 -33.93 -29.03
C GLU C 87 -29.78 -33.74 -28.57
N LYS C 88 -30.72 -34.45 -29.19
CA LYS C 88 -32.12 -34.24 -28.84
C LYS C 88 -32.38 -34.63 -27.41
N ARG C 89 -31.71 -35.69 -26.94
CA ARG C 89 -31.98 -36.15 -25.58
C ARG C 89 -31.49 -35.13 -24.55
N ILE C 90 -30.27 -34.62 -24.75
CA ILE C 90 -29.77 -33.60 -23.81
C ILE C 90 -30.62 -32.34 -23.89
N ALA C 91 -31.00 -31.93 -25.10
CA ALA C 91 -31.90 -30.78 -25.22
C ALA C 91 -33.20 -31.02 -24.45
N ALA C 92 -33.80 -32.20 -24.61
CA ALA C 92 -35.03 -32.50 -23.85
C ALA C 92 -34.80 -32.47 -22.35
N LEU C 93 -33.66 -33.04 -21.89
CA LEU C 93 -33.39 -33.10 -20.45
C LEU C 93 -33.22 -31.70 -19.87
N GLU C 94 -32.58 -30.83 -20.62
CA GLU C 94 -32.34 -29.47 -20.17
C GLU C 94 -33.52 -28.56 -20.45
N GLY C 95 -34.50 -29.00 -21.21
CA GLY C 95 -35.62 -28.14 -21.53
C GLY C 95 -35.32 -27.10 -22.59
N GLY C 96 -34.38 -27.37 -23.50
CA GLY C 96 -34.14 -26.52 -24.65
C GLY C 96 -34.81 -27.09 -25.88
N ILE C 97 -34.77 -26.33 -26.97
CA ILE C 97 -35.43 -26.78 -28.18
C ILE C 97 -34.53 -27.70 -29.00
N ALA C 98 -33.22 -27.59 -28.86
CA ALA C 98 -32.32 -28.33 -29.72
C ALA C 98 -30.90 -28.17 -29.21
N ALA C 99 -30.04 -29.06 -29.68
CA ALA C 99 -28.66 -29.12 -29.19
C ALA C 99 -27.75 -29.54 -30.33
N ALA C 100 -26.47 -29.20 -30.17
CA ALA C 100 -25.44 -29.53 -31.12
C ALA C 100 -24.28 -30.13 -30.35
N ALA C 101 -23.86 -31.32 -30.79
CA ALA C 101 -22.77 -31.98 -30.08
C ALA C 101 -21.43 -31.45 -30.57
N THR C 102 -20.40 -31.56 -29.71
CA THR C 102 -19.04 -31.22 -30.07
C THR C 102 -18.06 -32.28 -29.55
N SER C 103 -16.81 -32.24 -30.05
CA SER C 103 -15.78 -33.20 -29.63
C SER C 103 -15.41 -33.11 -28.14
N SER C 104 -15.69 -31.99 -27.48
CA SER C 104 -15.28 -31.85 -26.09
C SER C 104 -16.08 -30.72 -25.46
N GLY C 105 -16.10 -30.72 -24.13
CA GLY C 105 -16.57 -29.55 -23.39
C GLY C 105 -15.89 -28.26 -23.82
N GLN C 106 -14.56 -28.28 -23.92
CA GLN C 106 -13.84 -27.08 -24.39
C GLN C 106 -14.38 -26.64 -25.74
N ALA C 107 -14.63 -27.58 -26.65
CA ALA C 107 -15.10 -27.19 -27.97
C ALA C 107 -16.53 -26.64 -27.94
N ALA C 108 -17.38 -27.18 -27.07
CA ALA C 108 -18.71 -26.60 -26.93
C ALA C 108 -18.63 -25.14 -26.50
N GLN C 109 -17.77 -24.85 -25.54
CA GLN C 109 -17.53 -23.48 -25.10
C GLN C 109 -16.96 -22.63 -26.22
N PHE C 110 -15.96 -23.16 -26.91
CA PHE C 110 -15.32 -22.37 -27.96
C PHE C 110 -16.30 -22.05 -29.07
N LEU C 111 -17.04 -23.08 -29.58
CA LEU C 111 -17.94 -22.84 -30.70
C LEU C 111 -19.01 -21.81 -30.33
N THR C 112 -19.51 -21.91 -29.10
CA THR C 112 -20.54 -21.00 -28.62
C THR C 112 -20.04 -19.55 -28.64
N ILE C 113 -18.94 -19.29 -27.94
CA ILE C 113 -18.35 -17.94 -27.91
C ILE C 113 -17.98 -17.48 -29.31
N ALA C 114 -17.42 -18.38 -30.13
CA ALA C 114 -17.02 -18.01 -31.49
C ALA C 114 -18.21 -17.63 -32.35
N THR C 115 -19.40 -18.11 -31.99
CA THR C 115 -20.59 -17.79 -32.76
C THR C 115 -21.15 -16.46 -32.30
N LEU C 116 -21.07 -16.20 -31.00
CA LEU C 116 -21.62 -14.96 -30.46
C LEU C 116 -20.71 -13.77 -30.70
N ALA C 117 -19.39 -14.00 -30.73
CA ALA C 117 -18.40 -12.92 -30.64
C ALA C 117 -17.40 -13.06 -31.78
N LYS C 118 -16.76 -11.93 -32.09
CA LYS C 118 -15.70 -11.90 -33.10
C LYS C 118 -14.71 -10.84 -32.67
N ALA C 119 -13.62 -10.70 -33.43
CA ALA C 119 -12.55 -9.77 -33.05
C ALA C 119 -13.15 -8.39 -32.77
N GLY C 120 -12.80 -7.85 -31.60
CA GLY C 120 -13.29 -6.56 -31.16
C GLY C 120 -14.39 -6.67 -30.13
N ASP C 121 -14.85 -7.88 -29.84
CA ASP C 121 -15.95 -8.11 -28.91
C ASP C 121 -15.43 -8.60 -27.57
N ASN C 122 -16.32 -8.60 -26.59
CA ASN C 122 -15.95 -9.14 -25.31
C ASN C 122 -17.10 -9.96 -24.75
N ILE C 123 -16.76 -10.75 -23.76
CA ILE C 123 -17.75 -11.42 -22.95
C ILE C 123 -17.47 -11.07 -21.51
N VAL C 124 -18.52 -11.09 -20.71
CA VAL C 124 -18.42 -10.87 -19.28
C VAL C 124 -18.55 -12.24 -18.64
N ALA C 125 -17.57 -12.64 -17.87
CA ALA C 125 -17.58 -14.00 -17.31
C ALA C 125 -17.31 -13.92 -15.82
N SER C 126 -17.90 -14.86 -15.09
CA SER C 126 -17.46 -15.07 -13.72
C SER C 126 -15.98 -15.46 -13.69
N SER C 127 -15.27 -15.06 -12.65
CA SER C 127 -13.89 -15.52 -12.52
C SER C 127 -13.80 -16.94 -11.96
N HIS C 128 -14.91 -17.52 -11.56
CA HIS C 128 -14.88 -18.84 -10.90
C HIS C 128 -15.03 -19.87 -11.99
N LEU C 129 -13.92 -20.27 -12.57
CA LEU C 129 -13.96 -20.98 -13.83
C LEU C 129 -13.10 -22.22 -13.78
N TYR C 130 -13.57 -23.24 -14.50
CA TYR C 130 -12.70 -24.34 -14.88
C TYR C 130 -11.41 -23.81 -15.50
N GLY C 131 -10.28 -24.39 -15.08
CA GLY C 131 -8.99 -23.98 -15.62
C GLY C 131 -8.96 -23.86 -17.13
N GLY C 132 -9.55 -24.84 -17.83
CA GLY C 132 -9.48 -24.80 -19.28
C GLY C 132 -10.29 -23.66 -19.88
N THR C 133 -11.44 -23.33 -19.27
CA THR C 133 -12.24 -22.20 -19.73
C THR C 133 -11.49 -20.90 -19.49
N TYR C 134 -10.80 -20.82 -18.37
CA TYR C 134 -10.00 -19.63 -18.08
C TYR C 134 -8.88 -19.44 -19.10
N ASN C 135 -8.18 -20.52 -19.45
CA ASN C 135 -7.22 -20.47 -20.53
C ASN C 135 -7.86 -19.97 -21.81
N GLN C 136 -9.04 -20.52 -22.15
CA GLN C 136 -9.73 -20.07 -23.34
C GLN C 136 -10.01 -18.59 -23.29
N LEU C 137 -10.56 -18.13 -22.17
CA LEU C 137 -11.03 -16.74 -22.11
C LEU C 137 -9.88 -15.79 -21.86
N ASN C 138 -8.87 -16.22 -21.12
CA ASN C 138 -7.80 -15.29 -20.74
C ASN C 138 -6.62 -15.31 -21.70
N VAL C 139 -6.44 -16.39 -22.48
CA VAL C 139 -5.25 -16.52 -23.29
C VAL C 139 -5.61 -16.77 -24.76
N LEU C 140 -6.47 -17.76 -25.02
CA LEU C 140 -6.69 -18.20 -26.39
C LEU C 140 -7.55 -17.21 -27.17
N LEU C 141 -8.73 -16.90 -26.65
CA LEU C 141 -9.64 -16.04 -27.40
C LEU C 141 -9.10 -14.63 -27.59
N PRO C 142 -8.39 -14.03 -26.63
CA PRO C 142 -7.80 -12.69 -26.92
C PRO C 142 -6.89 -12.69 -28.14
N ARG C 143 -6.29 -13.82 -28.51
CA ARG C 143 -5.49 -13.88 -29.73
C ARG C 143 -6.36 -13.62 -30.95
N PHE C 144 -7.65 -13.93 -30.86
CA PHE C 144 -8.61 -13.66 -31.90
C PHE C 144 -9.35 -12.36 -31.70
N GLY C 145 -8.85 -11.48 -30.83
CA GLY C 145 -9.47 -10.20 -30.57
C GLY C 145 -10.75 -10.26 -29.76
N ILE C 146 -10.98 -11.36 -29.05
CA ILE C 146 -12.15 -11.51 -28.22
C ILE C 146 -11.68 -11.51 -26.78
N LYS C 147 -12.09 -10.50 -26.01
CA LYS C 147 -11.56 -10.36 -24.67
C LYS C 147 -12.62 -10.72 -23.65
N THR C 148 -12.15 -11.04 -22.45
CA THR C 148 -13.05 -11.32 -21.36
C THR C 148 -12.80 -10.41 -20.17
N LYS C 149 -13.90 -9.96 -19.60
CA LYS C 149 -13.91 -9.25 -18.34
C LYS C 149 -14.38 -10.22 -17.27
N PHE C 150 -13.56 -10.44 -16.26
CA PHE C 150 -13.89 -11.39 -15.21
C PHE C 150 -14.53 -10.67 -14.03
N VAL C 151 -15.64 -11.20 -13.55
CA VAL C 151 -16.35 -10.64 -12.41
C VAL C 151 -16.20 -11.63 -11.26
N ARG C 152 -15.56 -11.20 -10.19
CA ARG C 152 -15.27 -12.10 -9.08
C ARG C 152 -16.36 -12.14 -8.01
N SER C 153 -17.08 -11.04 -7.80
CA SER C 153 -17.93 -10.88 -6.62
C SER C 153 -19.23 -11.67 -6.67
N GLY C 154 -19.72 -12.02 -7.85
CA GLY C 154 -21.04 -12.58 -7.94
C GLY C 154 -22.17 -11.56 -7.86
N LYS C 155 -21.89 -10.28 -7.59
CA LYS C 155 -22.96 -9.29 -7.40
C LYS C 155 -23.52 -8.83 -8.73
N LEU C 156 -24.84 -8.69 -8.78
CA LEU C 156 -25.50 -8.28 -10.02
C LEU C 156 -24.94 -6.95 -10.54
N GLU C 157 -24.71 -6.00 -9.64
CA GLU C 157 -24.21 -4.70 -10.06
C GLU C 157 -22.85 -4.82 -10.70
N ASP C 158 -22.03 -5.78 -10.26
CA ASP C 158 -20.71 -5.94 -10.88
C ASP C 158 -20.81 -6.56 -12.26
N TYR C 159 -21.75 -7.49 -12.48
CA TYR C 159 -21.95 -7.97 -13.84
C TYR C 159 -22.41 -6.82 -14.73
N ALA C 160 -23.38 -6.04 -14.24
CA ALA C 160 -23.88 -4.94 -15.04
C ALA C 160 -22.77 -3.96 -15.37
N ALA C 161 -21.93 -3.63 -14.39
CA ALA C 161 -20.87 -2.65 -14.62
C ALA C 161 -19.86 -3.10 -15.68
N ALA C 162 -19.77 -4.41 -15.96
CA ALA C 162 -18.77 -4.89 -16.91
C ALA C 162 -19.30 -4.91 -18.34
N ILE C 163 -20.58 -4.73 -18.52
CA ILE C 163 -21.17 -4.79 -19.85
C ILE C 163 -20.85 -3.52 -20.59
N ASP C 164 -20.49 -3.65 -21.86
CA ASP C 164 -20.37 -2.46 -22.73
C ASP C 164 -20.95 -2.84 -24.08
N ASP C 165 -20.81 -1.92 -25.04
CA ASP C 165 -21.45 -2.12 -26.34
C ASP C 165 -20.88 -3.30 -27.10
N GLN C 166 -19.65 -3.72 -26.77
CA GLN C 166 -19.00 -4.82 -27.45
C GLN C 166 -19.25 -6.14 -26.75
N THR C 167 -20.03 -6.13 -25.67
CA THR C 167 -20.27 -7.35 -24.93
C THR C 167 -21.23 -8.24 -25.70
N ARG C 168 -20.94 -9.56 -25.72
CA ARG C 168 -21.75 -10.49 -26.49
C ARG C 168 -22.35 -11.61 -25.66
N ALA C 169 -21.96 -11.74 -24.39
CA ALA C 169 -22.58 -12.74 -23.54
C ALA C 169 -22.20 -12.43 -22.11
N ILE C 170 -23.00 -12.94 -21.18
CA ILE C 170 -22.51 -13.18 -19.84
C ILE C 170 -22.34 -14.69 -19.74
N TYR C 171 -21.21 -15.11 -19.17
CA TYR C 171 -20.83 -16.52 -19.12
C TYR C 171 -20.57 -16.89 -17.67
N VAL C 172 -21.29 -17.90 -17.15
CA VAL C 172 -21.04 -18.36 -15.79
C VAL C 172 -21.13 -19.86 -15.81
N GLU C 173 -20.48 -20.47 -14.86
CA GLU C 173 -20.70 -21.90 -14.60
C GLU C 173 -21.86 -22.05 -13.64
N SER C 174 -22.68 -23.11 -13.83
CA SER C 174 -23.84 -23.24 -12.94
C SER C 174 -23.39 -23.55 -11.52
N MET C 175 -22.24 -24.19 -11.38
CA MET C 175 -21.63 -24.44 -10.08
C MET C 175 -20.15 -24.52 -10.32
N SER C 176 -19.42 -23.60 -9.72
CA SER C 176 -18.03 -23.52 -10.07
C SER C 176 -17.27 -24.60 -9.30
N ASN C 177 -16.02 -24.81 -9.69
CA ASN C 177 -15.32 -25.91 -9.12
C ASN C 177 -13.88 -25.44 -8.99
N PRO C 178 -13.25 -25.56 -7.81
CA PRO C 178 -13.62 -26.30 -6.60
C PRO C 178 -14.28 -25.51 -5.50
N ASP C 179 -14.92 -24.37 -5.80
CA ASP C 179 -15.53 -23.61 -4.72
C ASP C 179 -17.05 -23.62 -4.76
N TYR C 180 -17.64 -24.23 -5.79
CA TYR C 180 -19.08 -24.54 -5.84
C TYR C 180 -19.92 -23.29 -5.64
N VAL C 181 -19.49 -22.20 -6.28
CA VAL C 181 -20.28 -20.98 -6.28
C VAL C 181 -21.45 -21.18 -7.23
N VAL C 182 -22.66 -20.94 -6.74
CA VAL C 182 -23.87 -21.02 -7.55
C VAL C 182 -24.28 -19.58 -7.87
N PRO C 183 -24.38 -19.22 -9.13
CA PRO C 183 -24.71 -17.84 -9.50
C PRO C 183 -26.17 -17.56 -9.28
N ASP C 184 -26.48 -16.27 -9.22
CA ASP C 184 -27.86 -15.85 -9.15
C ASP C 184 -28.35 -15.85 -10.59
N PHE C 185 -28.81 -17.03 -11.06
CA PHE C 185 -29.16 -17.14 -12.47
C PHE C 185 -30.19 -16.09 -12.88
N GLU C 186 -31.30 -15.99 -12.13
CA GLU C 186 -32.39 -15.14 -12.59
C GLU C 186 -31.98 -13.69 -12.58
N GLY C 187 -31.25 -13.27 -11.55
CA GLY C 187 -30.75 -11.89 -11.52
C GLY C 187 -29.74 -11.62 -12.63
N ILE C 188 -28.80 -12.55 -12.85
CA ILE C 188 -27.85 -12.31 -13.94
C ILE C 188 -28.58 -12.33 -15.29
N ALA C 189 -29.50 -13.28 -15.48
CA ALA C 189 -30.25 -13.32 -16.74
C ALA C 189 -30.94 -12.01 -16.99
N LYS C 190 -31.60 -11.48 -15.97
CA LYS C 190 -32.35 -10.24 -16.12
C LYS C 190 -31.42 -9.12 -16.58
N ILE C 191 -30.22 -9.04 -16.01
CA ILE C 191 -29.24 -8.04 -16.41
C ILE C 191 -28.81 -8.28 -17.84
N ALA C 192 -28.51 -9.53 -18.18
CA ALA C 192 -28.07 -9.81 -19.54
C ALA C 192 -29.15 -9.40 -20.54
N HIS C 193 -30.40 -9.78 -20.25
CA HIS C 193 -31.47 -9.57 -21.20
C HIS C 193 -31.81 -8.10 -21.32
N GLU C 194 -31.72 -7.37 -20.22
CA GLU C 194 -31.94 -5.93 -20.26
C GLU C 194 -30.93 -5.22 -21.14
N HIS C 195 -29.74 -5.79 -21.29
CA HIS C 195 -28.70 -5.27 -22.18
C HIS C 195 -28.68 -5.93 -23.54
N GLY C 196 -29.61 -6.82 -23.82
CA GLY C 196 -29.65 -7.46 -25.11
C GLY C 196 -28.56 -8.49 -25.31
N ILE C 197 -28.12 -9.14 -24.24
CA ILE C 197 -27.12 -10.19 -24.45
C ILE C 197 -27.63 -11.51 -23.86
N PRO C 198 -27.24 -12.64 -24.43
CA PRO C 198 -27.68 -13.92 -23.86
C PRO C 198 -26.84 -14.24 -22.63
N LEU C 199 -27.41 -15.07 -21.78
CA LEU C 199 -26.70 -15.67 -20.68
C LEU C 199 -26.32 -17.09 -21.11
N VAL C 200 -25.02 -17.37 -21.08
CA VAL C 200 -24.45 -18.68 -21.37
C VAL C 200 -24.06 -19.32 -20.05
N VAL C 201 -24.55 -20.54 -19.80
CA VAL C 201 -24.21 -21.26 -18.58
C VAL C 201 -23.49 -22.55 -18.93
N ASP C 202 -22.31 -22.74 -18.36
CA ASP C 202 -21.68 -24.06 -18.42
C ASP C 202 -22.29 -24.82 -17.27
N ASN C 203 -23.23 -25.73 -17.60
CA ASN C 203 -23.94 -26.50 -16.61
C ASN C 203 -23.31 -27.87 -16.36
N THR C 204 -22.03 -28.02 -16.63
CA THR C 204 -21.38 -29.32 -16.45
C THR C 204 -21.64 -29.88 -15.07
N LEU C 205 -21.42 -29.08 -14.02
CA LEU C 205 -21.64 -29.63 -12.68
C LEU C 205 -23.12 -29.78 -12.35
N GLY C 206 -24.01 -29.36 -13.24
CA GLY C 206 -25.42 -29.56 -13.04
C GLY C 206 -25.91 -30.92 -13.52
N ALA C 207 -25.01 -31.75 -14.04
CA ALA C 207 -25.33 -33.14 -14.42
C ALA C 207 -26.47 -33.22 -15.44
N GLY C 208 -26.26 -32.55 -16.58
CA GLY C 208 -27.19 -32.65 -17.69
C GLY C 208 -28.57 -32.11 -17.40
N GLY C 209 -28.71 -31.21 -16.44
CA GLY C 209 -30.04 -30.75 -16.05
C GLY C 209 -30.62 -31.45 -14.84
N TYR C 210 -29.95 -32.43 -14.29
CA TYR C 210 -30.51 -33.11 -13.13
C TYR C 210 -30.45 -32.23 -11.88
N TYR C 211 -29.27 -31.64 -11.57
CA TYR C 211 -29.14 -30.84 -10.34
C TYR C 211 -29.58 -29.40 -10.57
N ILE C 212 -29.27 -28.86 -11.74
CA ILE C 212 -29.45 -27.44 -12.00
C ILE C 212 -30.03 -27.33 -13.41
N ARG C 213 -31.07 -26.51 -13.57
CA ARG C 213 -31.74 -26.38 -14.86
C ARG C 213 -31.72 -24.91 -15.27
N PRO C 214 -30.58 -24.42 -15.77
CA PRO C 214 -30.44 -22.97 -16.02
C PRO C 214 -31.47 -22.40 -16.99
N ILE C 215 -31.92 -23.17 -17.98
CA ILE C 215 -32.88 -22.60 -18.93
C ILE C 215 -34.16 -22.22 -18.21
N GLU C 216 -34.51 -22.96 -17.16
CA GLU C 216 -35.68 -22.60 -16.38
C GLU C 216 -35.49 -21.31 -15.61
N HIS C 217 -34.26 -20.81 -15.51
CA HIS C 217 -33.98 -19.63 -14.71
C HIS C 217 -33.30 -18.56 -15.52
N GLY C 218 -33.56 -18.53 -16.84
CA GLY C 218 -33.16 -17.41 -17.68
C GLY C 218 -31.94 -17.63 -18.53
N ALA C 219 -31.30 -18.80 -18.45
CA ALA C 219 -30.20 -19.07 -19.35
C ALA C 219 -30.70 -19.26 -20.79
N ASP C 220 -29.97 -18.68 -21.73
CA ASP C 220 -30.31 -18.76 -23.13
C ASP C 220 -29.63 -19.92 -23.83
N ILE C 221 -28.38 -20.16 -23.46
CA ILE C 221 -27.55 -21.19 -24.07
C ILE C 221 -26.89 -21.94 -22.91
N VAL C 222 -26.88 -23.27 -22.99
CA VAL C 222 -26.21 -24.06 -21.97
C VAL C 222 -25.16 -24.92 -22.64
N VAL C 223 -23.96 -24.97 -22.05
CA VAL C 223 -22.92 -25.85 -22.57
C VAL C 223 -22.55 -26.84 -21.48
N HIS C 224 -22.07 -28.01 -21.91
CA HIS C 224 -21.69 -29.10 -21.02
C HIS C 224 -20.41 -29.73 -21.51
N SER C 225 -19.58 -30.10 -20.57
CA SER C 225 -18.66 -31.19 -20.85
C SER C 225 -19.42 -32.46 -20.56
N ALA C 226 -19.93 -33.09 -21.60
CA ALA C 226 -20.53 -34.41 -21.52
C ALA C 226 -19.52 -35.44 -21.03
N THR C 227 -18.23 -35.14 -21.16
CA THR C 227 -17.16 -35.96 -20.60
C THR C 227 -17.36 -36.38 -19.15
N TRP C 229 -20.40 -35.85 -15.84
CA TRP C 229 -21.51 -36.65 -15.36
C TRP C 229 -22.46 -37.17 -16.43
N ILE C 230 -22.62 -36.45 -17.54
CA ILE C 230 -23.50 -36.92 -18.59
C ILE C 230 -23.05 -38.28 -19.09
N GLY C 231 -21.77 -38.38 -19.48
CA GLY C 231 -21.24 -39.68 -19.88
C GLY C 231 -21.13 -40.62 -18.70
N GLY C 232 -20.59 -40.13 -17.58
CA GLY C 232 -20.70 -40.78 -16.30
C GLY C 232 -19.74 -41.91 -16.03
N HIS C 233 -18.98 -42.37 -17.02
CA HIS C 233 -18.12 -43.53 -16.85
C HIS C 233 -16.67 -43.24 -17.20
N GLY C 234 -16.33 -41.97 -17.39
CA GLY C 234 -14.95 -41.63 -17.74
C GLY C 234 -14.40 -42.33 -18.97
N THR C 235 -15.27 -42.71 -19.95
CA THR C 235 -14.76 -43.36 -21.15
C THR C 235 -14.54 -42.42 -22.32
N THR C 236 -15.15 -41.23 -22.30
CA THR C 236 -15.43 -40.56 -23.56
C THR C 236 -15.38 -39.05 -23.36
N ILE C 237 -14.66 -38.39 -24.24
CA ILE C 237 -14.64 -36.93 -24.25
C ILE C 237 -15.78 -36.48 -25.13
N GLY C 238 -16.51 -35.44 -24.70
CA GLY C 238 -17.51 -34.87 -25.59
C GLY C 238 -18.13 -33.62 -24.99
N GLY C 239 -18.74 -32.81 -25.86
CA GLY C 239 -19.44 -31.63 -25.41
C GLY C 239 -20.81 -31.54 -26.07
N VAL C 240 -21.60 -30.59 -25.58
CA VAL C 240 -22.89 -30.35 -26.19
C VAL C 240 -23.29 -28.93 -25.87
N ILE C 241 -23.92 -28.30 -26.86
CA ILE C 241 -24.43 -26.94 -26.77
C ILE C 241 -25.93 -27.05 -26.87
N VAL C 242 -26.64 -26.52 -25.87
CA VAL C 242 -28.10 -26.57 -25.84
C VAL C 242 -28.61 -25.15 -26.02
N ASP C 243 -29.54 -24.97 -26.99
CA ASP C 243 -30.19 -23.70 -27.23
C ASP C 243 -31.57 -23.71 -26.59
N SER C 244 -31.83 -22.72 -25.73
CA SER C 244 -33.16 -22.61 -25.14
C SER C 244 -34.22 -22.23 -26.18
N GLY C 245 -33.80 -21.60 -27.28
CA GLY C 245 -34.75 -21.05 -28.21
C GLY C 245 -35.40 -19.78 -27.74
N ARG C 246 -35.00 -19.27 -26.58
CA ARG C 246 -35.72 -18.16 -25.95
C ARG C 246 -35.05 -16.82 -26.15
N PHE C 247 -33.92 -16.77 -26.82
CA PHE C 247 -33.28 -15.49 -27.02
C PHE C 247 -33.68 -14.92 -28.37
N ASN C 248 -34.29 -13.74 -28.37
CA ASN C 248 -34.77 -13.17 -29.64
C ASN C 248 -33.62 -12.44 -30.31
N TRP C 249 -32.90 -13.16 -31.17
CA TRP C 249 -31.77 -12.57 -31.89
C TRP C 249 -32.23 -11.39 -32.76
N ASN C 250 -33.45 -11.45 -33.28
CA ASN C 250 -33.89 -10.35 -34.13
C ASN C 250 -34.06 -9.06 -33.33
N LYS C 251 -34.63 -9.13 -32.12
CA LYS C 251 -34.71 -7.92 -31.30
C LYS C 251 -33.34 -7.37 -30.93
N HIS C 252 -32.28 -8.15 -31.08
CA HIS C 252 -30.97 -7.68 -30.66
C HIS C 252 -29.95 -7.84 -31.77
N SER C 253 -30.42 -7.61 -33.00
CA SER C 253 -29.57 -7.70 -34.18
C SER C 253 -28.39 -6.75 -34.13
N ASP C 254 -28.47 -5.66 -33.34
CA ASP C 254 -27.37 -4.71 -33.29
C ASP C 254 -26.12 -5.34 -32.69
N ARG C 255 -26.29 -6.21 -31.69
CA ARG C 255 -25.17 -6.97 -31.16
C ARG C 255 -24.89 -8.24 -31.95
N PHE C 256 -25.91 -8.80 -32.62
CA PHE C 256 -25.82 -10.11 -33.27
C PHE C 256 -26.27 -10.07 -34.73
N PRO C 257 -25.64 -9.23 -35.56
CA PRO C 257 -26.14 -9.04 -36.93
C PRO C 257 -26.10 -10.30 -37.78
N GLU C 258 -25.07 -11.13 -37.57
CA GLU C 258 -24.94 -12.38 -38.31
C GLU C 258 -26.15 -13.28 -38.11
N MET C 259 -26.93 -13.04 -37.05
CA MET C 259 -28.10 -13.86 -36.77
C MET C 259 -29.28 -13.50 -37.67
N VAL C 260 -29.25 -12.35 -38.33
CA VAL C 260 -30.41 -11.90 -39.09
C VAL C 260 -29.99 -11.53 -40.51
N GLU C 261 -28.77 -11.04 -40.67
CA GLU C 261 -28.34 -10.50 -41.95
C GLU C 261 -27.98 -11.61 -42.92
N PRO C 262 -28.13 -11.36 -44.23
CA PRO C 262 -27.78 -12.38 -45.21
C PRO C 262 -26.39 -12.93 -44.93
N SER C 263 -26.28 -14.24 -44.92
CA SER C 263 -25.02 -14.83 -44.50
C SER C 263 -24.12 -15.12 -45.70
N PRO C 264 -22.81 -14.91 -45.56
CA PRO C 264 -21.92 -15.16 -46.69
C PRO C 264 -21.78 -16.62 -47.07
N SER C 265 -22.04 -17.53 -46.13
CA SER C 265 -21.80 -18.95 -46.34
C SER C 265 -22.90 -19.63 -47.13
N TYR C 266 -24.11 -19.09 -47.11
CA TYR C 266 -25.25 -19.82 -47.63
C TYR C 266 -26.05 -19.01 -48.62
N HIS C 267 -25.37 -18.31 -49.52
CA HIS C 267 -26.04 -17.63 -50.62
C HIS C 267 -27.10 -16.68 -50.07
N GLY C 268 -26.69 -15.87 -49.10
CA GLY C 268 -27.51 -14.81 -48.56
C GLY C 268 -28.60 -15.26 -47.62
N LEU C 269 -28.54 -16.48 -47.11
CA LEU C 269 -29.58 -16.97 -46.23
C LEU C 269 -29.62 -16.16 -44.92
N LYS C 270 -30.83 -15.73 -44.53
CA LYS C 270 -31.06 -15.00 -43.30
C LYS C 270 -31.52 -15.99 -42.24
N TYR C 271 -30.68 -16.25 -41.24
CA TYR C 271 -30.95 -17.31 -40.29
C TYR C 271 -32.25 -17.07 -39.52
N TRP C 272 -32.41 -15.86 -38.95
CA TRP C 272 -33.56 -15.64 -38.09
C TRP C 272 -34.86 -15.83 -38.88
N GLU C 273 -34.91 -15.27 -40.08
CA GLU C 273 -36.07 -15.46 -40.94
C GLU C 273 -36.29 -16.93 -41.23
N ALA C 274 -35.22 -17.69 -41.42
CA ALA C 274 -35.35 -19.06 -41.86
C ALA C 274 -35.67 -20.00 -40.69
N PHE C 275 -35.08 -19.76 -39.52
CA PHE C 275 -35.07 -20.73 -38.44
C PHE C 275 -35.61 -20.22 -37.11
N GLY C 276 -35.86 -18.91 -36.96
CA GLY C 276 -36.50 -18.40 -35.77
C GLY C 276 -35.77 -18.74 -34.49
N PRO C 277 -36.47 -19.37 -33.53
CA PRO C 277 -35.84 -19.68 -32.23
C PRO C 277 -34.71 -20.66 -32.34
N ALA C 278 -34.61 -21.41 -33.43
CA ALA C 278 -33.49 -22.31 -33.64
C ALA C 278 -32.33 -21.63 -34.33
N THR C 279 -32.33 -20.29 -34.41
CA THR C 279 -31.27 -19.62 -35.17
C THR C 279 -29.86 -19.96 -34.65
N PHE C 280 -29.59 -19.75 -33.36
CA PHE C 280 -28.23 -19.95 -32.86
C PHE C 280 -27.75 -21.39 -33.05
N ILE C 281 -28.59 -22.35 -32.71
CA ILE C 281 -28.11 -23.71 -32.82
C ILE C 281 -27.99 -24.12 -34.28
N THR C 282 -28.80 -23.52 -35.17
CA THR C 282 -28.66 -23.83 -36.59
C THR C 282 -27.33 -23.28 -37.12
N ARG C 283 -26.95 -22.07 -36.69
CA ARG C 283 -25.65 -21.56 -37.10
C ARG C 283 -24.49 -22.37 -36.53
N ILE C 284 -24.63 -22.86 -35.30
CA ILE C 284 -23.58 -23.67 -34.71
C ILE C 284 -23.27 -24.85 -35.60
N ARG C 285 -24.32 -25.48 -36.13
CA ARG C 285 -24.18 -26.67 -36.94
C ARG C 285 -23.72 -26.31 -38.35
N VAL C 286 -24.47 -25.44 -39.03
CA VAL C 286 -24.21 -25.25 -40.46
C VAL C 286 -23.02 -24.33 -40.73
N GLU C 287 -22.57 -23.54 -39.75
CA GLU C 287 -21.37 -22.73 -39.90
C GLU C 287 -20.20 -23.23 -39.07
N MET C 288 -20.36 -23.37 -37.75
CA MET C 288 -19.20 -23.57 -36.89
C MET C 288 -18.75 -25.02 -36.82
N LEU C 289 -19.67 -25.97 -36.65
CA LEU C 289 -19.26 -27.35 -36.82
C LEU C 289 -18.69 -27.55 -38.21
N ARG C 290 -19.37 -26.99 -39.22
CA ARG C 290 -18.87 -27.09 -40.59
C ARG C 290 -17.45 -26.56 -40.72
N ASP C 291 -17.14 -25.41 -40.10
CA ASP C 291 -15.86 -24.79 -40.38
C ASP C 291 -14.78 -25.06 -39.35
N ILE C 292 -15.14 -25.18 -38.07
CA ILE C 292 -14.14 -25.50 -37.07
C ILE C 292 -13.96 -27.02 -36.99
N GLY C 293 -15.06 -27.76 -37.12
CA GLY C 293 -14.98 -29.19 -37.33
C GLY C 293 -14.67 -29.97 -36.08
N ALA C 294 -15.03 -29.42 -34.92
CA ALA C 294 -14.98 -30.11 -33.62
C ALA C 294 -16.22 -30.99 -33.43
N CYS C 295 -16.32 -32.03 -34.27
CA CYS C 295 -17.49 -32.90 -34.31
C CYS C 295 -17.34 -34.09 -33.34
N LEU C 296 -18.48 -34.65 -32.95
CA LEU C 296 -18.50 -35.74 -32.00
C LEU C 296 -18.66 -37.02 -32.80
N SER C 297 -17.84 -38.00 -32.49
CA SER C 297 -17.93 -39.29 -33.15
C SER C 297 -19.21 -40.01 -32.76
N PRO C 298 -19.80 -40.81 -33.66
CA PRO C 298 -20.98 -41.60 -33.25
C PRO C 298 -20.63 -42.65 -32.23
N PHE C 299 -19.39 -43.16 -32.24
CA PHE C 299 -19.00 -44.09 -31.19
C PHE C 299 -19.01 -43.40 -29.84
N SER C 300 -18.49 -42.18 -29.80
CA SER C 300 -18.51 -41.40 -28.57
C SER C 300 -19.93 -41.15 -28.12
N ALA C 301 -20.79 -40.74 -29.06
CA ALA C 301 -22.17 -40.43 -28.72
C ALA C 301 -22.90 -41.65 -28.18
N GLN C 302 -22.60 -42.84 -28.71
CA GLN C 302 -23.25 -44.04 -28.15
C GLN C 302 -22.78 -44.30 -26.73
N GLN C 303 -21.49 -44.10 -26.45
CA GLN C 303 -21.01 -44.20 -25.07
C GLN C 303 -21.76 -43.22 -24.18
N LEU C 304 -21.90 -41.97 -24.65
CA LEU C 304 -22.58 -40.97 -23.82
C LEU C 304 -24.04 -41.34 -23.61
N LEU C 305 -24.71 -41.88 -24.65
CA LEU C 305 -26.10 -42.29 -24.52
C LEU C 305 -26.25 -43.36 -23.46
N LEU C 306 -25.31 -44.30 -23.40
CA LEU C 306 -25.36 -45.30 -22.34
C LEU C 306 -25.26 -44.64 -20.98
N GLY C 307 -24.38 -43.66 -20.84
CA GLY C 307 -24.32 -42.90 -19.60
C GLY C 307 -25.62 -42.19 -19.29
N ILE C 308 -26.19 -41.49 -20.30
CA ILE C 308 -27.40 -40.73 -20.10
C ILE C 308 -28.57 -41.61 -19.64
N GLU C 309 -28.64 -42.85 -20.16
CA GLU C 309 -29.75 -43.73 -19.76
C GLU C 309 -29.83 -43.92 -18.24
N THR C 310 -28.75 -43.65 -17.48
CA THR C 310 -28.77 -43.75 -16.01
C THR C 310 -28.45 -42.40 -15.35
N LEU C 311 -28.52 -41.31 -16.11
CA LEU C 311 -28.05 -40.03 -15.59
C LEU C 311 -28.75 -39.65 -14.28
N GLY C 312 -30.08 -39.69 -14.28
CA GLY C 312 -30.82 -39.34 -13.06
C GLY C 312 -30.46 -40.25 -11.90
N LEU C 313 -30.40 -41.56 -12.14
CA LEU C 313 -30.03 -42.50 -11.08
C LEU C 313 -28.66 -42.21 -10.50
N ARG C 314 -27.66 -42.01 -11.38
CA ARG C 314 -26.30 -41.75 -10.93
C ARG C 314 -26.24 -40.44 -10.17
N ALA C 315 -26.80 -39.38 -10.75
CA ALA C 315 -26.73 -38.07 -10.08
C ALA C 315 -27.39 -38.13 -8.71
N GLU C 316 -28.49 -38.89 -8.60
CA GLU C 316 -29.15 -39.04 -7.31
C GLU C 316 -28.22 -39.67 -6.28
N ARG C 317 -27.58 -40.78 -6.67
CA ARG C 317 -26.71 -41.46 -5.72
C ARG C 317 -25.47 -40.62 -5.44
N HIS C 318 -24.88 -40.01 -6.49
CA HIS C 318 -23.74 -39.10 -6.30
C HIS C 318 -24.04 -38.10 -5.21
N ALA C 319 -25.21 -37.45 -5.31
CA ALA C 319 -25.58 -36.37 -4.39
C ALA C 319 -25.86 -36.91 -3.01
N GLN C 320 -26.52 -38.06 -2.91
CA GLN C 320 -26.70 -38.71 -1.62
C GLN C 320 -25.37 -39.01 -0.97
N ASN C 321 -24.45 -39.60 -1.74
CA ASN C 321 -23.15 -39.94 -1.19
C ASN C 321 -22.42 -38.68 -0.77
N THR C 322 -22.53 -37.64 -1.58
CA THR C 322 -21.82 -36.40 -1.25
C THR C 322 -22.35 -35.80 0.05
N GLU C 323 -23.68 -35.78 0.22
CA GLU C 323 -24.22 -35.30 1.50
C GLU C 323 -23.68 -36.13 2.66
N LYS C 324 -23.68 -37.46 2.52
CA LYS C 324 -23.20 -38.28 3.63
C LYS C 324 -21.71 -38.06 3.87
N LEU C 325 -20.92 -37.97 2.81
CA LEU C 325 -19.48 -37.76 3.00
C LEU C 325 -19.23 -36.41 3.65
N SER C 326 -20.03 -35.42 3.29
CA SER C 326 -19.84 -34.13 3.95
C SER C 326 -20.09 -34.27 5.45
N LYS C 327 -21.13 -35.04 5.84
CA LYS C 327 -21.41 -35.23 7.26
C LYS C 327 -20.22 -35.87 7.95
N TYR C 328 -19.64 -36.89 7.32
CA TYR C 328 -18.46 -37.55 7.87
C TYR C 328 -17.31 -36.57 8.03
N PHE C 329 -17.01 -35.80 6.98
CA PHE C 329 -15.88 -34.87 7.08
C PHE C 329 -16.13 -33.78 8.12
N GLU C 330 -17.39 -33.36 8.28
CA GLU C 330 -17.72 -32.27 9.20
C GLU C 330 -17.40 -32.64 10.65
N SER C 331 -17.41 -33.93 10.98
CA SER C 331 -17.09 -34.39 12.32
C SER C 331 -15.70 -35.00 12.42
N SER C 332 -14.95 -34.99 11.36
CA SER C 332 -13.62 -35.60 11.40
C SER C 332 -12.61 -34.66 12.04
N PRO C 333 -11.85 -35.10 13.05
CA PRO C 333 -10.79 -34.23 13.60
C PRO C 333 -9.66 -33.97 12.62
N ASN C 334 -9.57 -34.72 11.54
CA ASN C 334 -8.49 -34.52 10.60
C ASN C 334 -8.82 -33.51 9.54
N VAL C 335 -10.05 -33.00 9.56
CA VAL C 335 -10.54 -32.09 8.53
C VAL C 335 -10.72 -30.72 9.16
N SER C 336 -10.06 -29.72 8.60
CA SER C 336 -10.11 -28.35 9.08
C SER C 336 -11.39 -27.64 8.67
N TRP C 337 -11.99 -28.04 7.56
CA TRP C 337 -13.18 -27.42 6.99
C TRP C 337 -13.68 -28.28 5.85
N VAL C 338 -14.99 -28.24 5.65
CA VAL C 338 -15.67 -28.84 4.50
C VAL C 338 -16.29 -27.72 3.69
N LEU C 339 -16.18 -27.80 2.37
CA LEU C 339 -16.84 -26.89 1.46
C LEU C 339 -17.79 -27.70 0.58
N TRP C 340 -19.08 -27.49 0.74
CA TRP C 340 -20.12 -28.23 0.04
C TRP C 340 -21.27 -27.26 -0.21
N PRO C 341 -21.76 -27.12 -1.44
CA PRO C 341 -22.81 -26.12 -1.70
C PRO C 341 -24.10 -26.38 -0.97
N GLY C 342 -24.29 -27.59 -0.39
CA GLY C 342 -25.45 -27.83 0.43
C GLY C 342 -25.33 -27.32 1.85
N SER C 343 -24.15 -26.89 2.26
CA SER C 343 -23.95 -26.44 3.64
C SER C 343 -24.51 -25.03 3.80
N GLU C 344 -25.28 -24.82 4.87
CA GLU C 344 -25.80 -23.49 5.17
C GLU C 344 -24.68 -22.46 5.38
N SER C 345 -23.47 -22.91 5.61
CA SER C 345 -22.36 -21.97 5.76
C SER C 345 -21.76 -21.57 4.42
N HIS C 346 -22.12 -22.25 3.36
CA HIS C 346 -21.52 -21.97 2.07
C HIS C 346 -21.82 -20.53 1.65
N PRO C 347 -20.84 -19.80 1.12
CA PRO C 347 -21.10 -18.39 0.71
C PRO C 347 -22.34 -18.20 -0.16
N THR C 348 -22.60 -19.08 -1.14
CA THR C 348 -23.75 -18.92 -2.00
C THR C 348 -24.82 -19.96 -1.69
N TYR C 349 -24.94 -20.31 -0.42
CA TYR C 349 -25.98 -21.26 -0.07
C TYR C 349 -27.37 -20.74 -0.42
N SER C 350 -27.59 -19.41 -0.32
CA SER C 350 -28.92 -18.91 -0.67
C SER C 350 -29.25 -19.21 -2.14
N GLN C 351 -28.26 -19.12 -3.04
CA GLN C 351 -28.55 -19.47 -4.42
C GLN C 351 -28.70 -20.99 -4.58
N ALA C 352 -27.84 -21.75 -3.92
CA ALA C 352 -27.89 -23.20 -4.04
C ALA C 352 -29.22 -23.74 -3.54
N LYS C 353 -29.76 -23.14 -2.48
CA LYS C 353 -31.04 -23.61 -1.96
C LYS C 353 -32.19 -23.29 -2.91
N LYS C 354 -32.09 -22.16 -3.62
CA LYS C 354 -33.06 -21.81 -4.64
C LYS C 354 -32.97 -22.70 -5.87
N TYR C 355 -31.75 -22.99 -6.37
CA TYR C 355 -31.60 -23.56 -7.70
C TYR C 355 -31.32 -25.05 -7.70
N LEU C 356 -30.99 -25.64 -6.55
CA LEU C 356 -30.68 -27.07 -6.45
C LEU C 356 -31.66 -27.70 -5.47
N THR C 357 -32.76 -28.21 -6.02
CA THR C 357 -33.84 -28.80 -5.22
C THR C 357 -33.85 -30.31 -5.33
N ARG C 358 -32.92 -30.89 -6.09
CA ARG C 358 -32.86 -32.31 -6.37
C ARG C 358 -31.49 -32.86 -6.00
N GLY C 359 -30.81 -32.24 -5.01
CA GLY C 359 -29.50 -32.72 -4.56
C GLY C 359 -28.42 -31.66 -4.76
N PHE C 360 -27.48 -31.54 -3.82
CA PHE C 360 -26.53 -30.43 -3.94
C PHE C 360 -25.26 -30.83 -4.66
N GLY C 361 -25.37 -31.56 -5.77
CA GLY C 361 -24.22 -31.82 -6.57
C GLY C 361 -23.42 -33.01 -6.10
N ALA C 362 -22.35 -33.25 -6.82
CA ALA C 362 -21.57 -34.47 -6.67
C ALA C 362 -20.16 -34.18 -6.19
N MET C 363 -19.91 -32.96 -5.70
CA MET C 363 -18.57 -32.49 -5.38
C MET C 363 -18.50 -31.95 -3.95
N LEU C 364 -17.34 -32.10 -3.35
CA LEU C 364 -17.03 -31.26 -2.20
C LEU C 364 -15.53 -31.12 -2.09
N SER C 365 -15.10 -30.10 -1.33
CA SER C 365 -13.70 -29.91 -1.06
C SER C 365 -13.51 -29.88 0.45
N ILE C 366 -12.32 -30.22 0.90
CA ILE C 366 -12.02 -30.28 2.32
C ILE C 366 -10.63 -29.70 2.52
N GLY C 367 -10.40 -29.18 3.72
CA GLY C 367 -9.08 -28.85 4.19
C GLY C 367 -8.66 -29.87 5.23
N VAL C 368 -7.43 -30.34 5.12
CA VAL C 368 -6.94 -31.30 6.09
C VAL C 368 -5.93 -30.57 6.96
N LYS C 369 -5.84 -31.00 8.22
CA LYS C 369 -4.94 -30.37 9.20
C LYS C 369 -3.49 -30.74 8.92
N GLY C 370 -2.56 -29.95 9.50
CA GLY C 370 -1.14 -30.25 9.41
C GLY C 370 -0.40 -29.42 8.39
N ASP C 371 0.81 -29.88 8.05
CA ASP C 371 1.74 -29.06 7.26
C ASP C 371 1.38 -29.10 5.76
N ALA C 372 2.29 -28.55 4.95
CA ALA C 372 2.03 -28.40 3.51
C ALA C 372 1.78 -29.74 2.86
N SER C 373 2.49 -30.77 3.33
CA SER C 373 2.46 -32.10 2.73
C SER C 373 1.21 -32.88 3.10
N ALA C 374 0.39 -32.39 4.04
CA ALA C 374 -0.68 -33.22 4.58
C ALA C 374 -1.69 -33.59 3.50
N GLY C 375 -2.16 -32.61 2.72
CA GLY C 375 -3.13 -32.89 1.68
C GLY C 375 -2.62 -33.90 0.67
N SER C 376 -1.36 -33.74 0.27
CA SER C 376 -0.72 -34.67 -0.66
C SER C 376 -0.67 -36.08 -0.08
N LYS C 377 -0.30 -36.20 1.20
CA LYS C 377 -0.24 -37.52 1.81
C LYS C 377 -1.62 -38.17 1.91
N VAL C 378 -2.66 -37.38 2.21
CA VAL C 378 -3.99 -37.97 2.34
C VAL C 378 -4.47 -38.50 1.00
N VAL C 379 -4.32 -37.71 -0.07
CA VAL C 379 -4.73 -38.18 -1.40
C VAL C 379 -3.89 -39.39 -1.79
N ASP C 380 -2.58 -39.31 -1.60
CA ASP C 380 -1.70 -40.40 -1.98
C ASP C 380 -2.04 -41.68 -1.24
N GLY C 381 -2.56 -41.57 -0.02
CA GLY C 381 -2.82 -42.78 0.77
C GLY C 381 -4.14 -43.48 0.45
N LEU C 382 -4.99 -42.84 -0.34
CA LEU C 382 -6.26 -43.44 -0.73
C LEU C 382 -6.02 -44.64 -1.64
N LYS C 383 -6.87 -45.64 -1.50
CA LYS C 383 -6.79 -46.91 -2.23
C LYS C 383 -7.99 -47.18 -3.11
N LEU C 384 -9.12 -46.55 -2.85
CA LEU C 384 -10.35 -46.72 -3.61
C LEU C 384 -10.61 -45.52 -4.49
N VAL C 385 -10.65 -44.35 -3.86
CA VAL C 385 -10.69 -43.08 -4.56
C VAL C 385 -9.45 -42.93 -5.42
N SER C 386 -9.62 -42.47 -6.68
CA SER C 386 -8.51 -42.35 -7.63
C SER C 386 -7.96 -40.94 -7.64
N ASN C 387 -6.63 -40.84 -7.77
CA ASN C 387 -5.94 -39.55 -7.79
C ASN C 387 -5.71 -39.17 -9.24
N LEU C 388 -6.61 -38.32 -9.76
CA LEU C 388 -6.52 -37.78 -11.10
C LEU C 388 -7.46 -36.59 -11.14
N ALA C 389 -7.44 -35.86 -12.25
CA ALA C 389 -8.03 -34.53 -12.27
C ALA C 389 -9.44 -34.49 -12.85
N ASN C 390 -9.94 -35.59 -13.45
CA ASN C 390 -11.30 -35.65 -13.95
C ASN C 390 -12.31 -35.47 -12.80
N VAL C 391 -13.54 -35.11 -13.16
CA VAL C 391 -14.68 -35.18 -12.27
C VAL C 391 -15.82 -35.86 -13.03
N GLY C 392 -16.87 -36.24 -12.31
CA GLY C 392 -18.06 -36.75 -12.95
C GLY C 392 -17.95 -38.17 -13.44
N ASP C 393 -16.97 -38.91 -12.96
CA ASP C 393 -16.94 -40.37 -13.12
C ASP C 393 -17.83 -41.05 -12.06
N ALA C 394 -18.33 -42.24 -12.39
CA ALA C 394 -18.98 -43.05 -11.38
C ALA C 394 -18.00 -43.42 -10.25
N LYS C 395 -16.72 -43.54 -10.58
CA LYS C 395 -15.67 -43.79 -9.58
C LYS C 395 -15.37 -42.50 -8.84
N SER C 396 -15.07 -42.62 -7.56
CA SER C 396 -14.69 -41.46 -6.76
C SER C 396 -13.28 -41.02 -7.15
N LEU C 397 -13.11 -39.69 -7.26
CA LEU C 397 -11.83 -39.10 -7.61
C LEU C 397 -11.50 -38.00 -6.60
N ALA C 398 -10.20 -37.83 -6.36
CA ALA C 398 -9.74 -36.78 -5.46
C ALA C 398 -8.41 -36.28 -6.00
N ILE C 399 -8.08 -35.05 -5.63
CA ILE C 399 -6.80 -34.49 -6.04
C ILE C 399 -6.48 -33.39 -5.05
N HIS C 400 -5.19 -33.11 -4.88
CA HIS C 400 -4.63 -32.03 -4.08
C HIS C 400 -4.15 -31.02 -5.11
N PRO C 401 -4.95 -30.05 -5.52
CA PRO C 401 -4.52 -29.15 -6.61
C PRO C 401 -3.25 -28.37 -6.27
N TRP C 402 -2.94 -28.19 -4.97
CA TRP C 402 -1.76 -27.43 -4.57
C TRP C 402 -0.48 -28.09 -5.06
N SER C 403 -0.35 -29.39 -4.83
CA SER C 403 0.85 -30.13 -5.21
C SER C 403 0.75 -30.75 -6.58
N THR C 404 -0.31 -30.47 -7.35
CA THR C 404 -0.49 -31.16 -8.62
C THR C 404 -0.78 -30.17 -9.74
N THR C 405 -2.06 -29.95 -10.01
CA THR C 405 -2.44 -29.14 -11.15
C THR C 405 -1.89 -27.73 -11.04
N HIS C 406 -1.68 -27.22 -9.82
CA HIS C 406 -1.31 -25.83 -9.59
C HIS C 406 0.14 -25.66 -9.08
N LEU C 415 -1.09 -17.34 -7.35
CA LEU C 415 -1.38 -17.68 -5.96
C LEU C 415 -2.78 -17.18 -5.55
N ALA C 416 -3.18 -16.02 -6.06
CA ALA C 416 -4.54 -15.57 -5.82
C ALA C 416 -5.49 -16.33 -6.74
N SER C 417 -5.41 -17.67 -6.71
CA SER C 417 -6.17 -18.52 -7.62
C SER C 417 -7.42 -19.09 -6.97
N GLY C 418 -7.38 -19.40 -5.69
CA GLY C 418 -8.51 -20.02 -5.01
C GLY C 418 -8.24 -21.40 -4.49
N VAL C 419 -7.01 -21.88 -4.64
CA VAL C 419 -6.60 -23.17 -4.14
C VAL C 419 -5.64 -22.90 -3.00
N THR C 420 -5.91 -23.51 -1.85
CA THR C 420 -5.04 -23.39 -0.69
C THR C 420 -4.26 -24.69 -0.53
N GLU C 421 -3.22 -24.62 0.29
CA GLU C 421 -2.33 -25.75 0.47
C GLU C 421 -2.96 -26.88 1.27
N ASP C 422 -4.04 -26.61 1.99
CA ASP C 422 -4.69 -27.65 2.76
C ASP C 422 -5.80 -28.36 1.99
N MET C 423 -6.13 -27.93 0.76
CA MET C 423 -7.37 -28.34 0.09
C MET C 423 -7.24 -29.63 -0.71
N ILE C 424 -8.22 -30.54 -0.51
CA ILE C 424 -8.45 -31.70 -1.37
C ILE C 424 -9.82 -31.51 -2.03
N ARG C 425 -9.87 -31.65 -3.36
CA ARG C 425 -11.10 -31.58 -4.12
C ARG C 425 -11.56 -33.00 -4.39
N ILE C 426 -12.84 -33.29 -4.15
CA ILE C 426 -13.37 -34.66 -4.21
C ILE C 426 -14.57 -34.72 -5.15
N SER C 427 -14.46 -35.55 -6.17
CA SER C 427 -15.58 -35.84 -7.05
C SER C 427 -16.14 -37.14 -6.52
N VAL C 428 -17.28 -37.06 -5.85
CA VAL C 428 -17.77 -38.18 -5.07
C VAL C 428 -18.45 -39.16 -6.02
N GLY C 429 -18.00 -40.41 -6.01
CA GLY C 429 -18.54 -41.42 -6.92
C GLY C 429 -19.77 -42.05 -6.35
N ILE C 430 -20.23 -43.12 -7.04
CA ILE C 430 -21.43 -43.84 -6.61
C ILE C 430 -21.09 -45.17 -5.93
N GLU C 431 -19.83 -45.40 -5.58
CA GLU C 431 -19.50 -46.53 -4.72
C GLU C 431 -20.36 -46.49 -3.46
N HIS C 432 -20.36 -47.58 -2.70
CA HIS C 432 -21.03 -47.52 -1.40
C HIS C 432 -20.29 -46.53 -0.49
N VAL C 433 -21.06 -45.63 0.13
CA VAL C 433 -20.46 -44.51 0.85
C VAL C 433 -19.61 -45.01 2.02
N ASP C 434 -19.97 -46.13 2.64
CA ASP C 434 -19.15 -46.70 3.71
C ASP C 434 -17.74 -46.98 3.23
N ASP C 435 -17.59 -47.47 1.99
CA ASP C 435 -16.26 -47.75 1.49
C ASP C 435 -15.49 -46.49 1.18
N ILE C 436 -16.17 -45.44 0.72
CA ILE C 436 -15.50 -44.17 0.49
C ILE C 436 -14.98 -43.59 1.81
N ILE C 437 -15.84 -43.58 2.82
CA ILE C 437 -15.46 -43.12 4.16
C ILE C 437 -14.27 -43.93 4.70
N ALA C 438 -14.39 -45.26 4.65
CA ALA C 438 -13.30 -46.13 5.09
C ALA C 438 -11.98 -45.81 4.37
N ASP C 439 -12.03 -45.48 3.08
CA ASP C 439 -10.78 -45.16 2.38
C ASP C 439 -10.14 -43.91 2.96
N PHE C 440 -10.92 -42.85 3.17
CA PHE C 440 -10.36 -41.66 3.81
C PHE C 440 -9.90 -41.97 5.23
N GLU C 441 -10.67 -42.75 5.97
CA GLU C 441 -10.30 -43.03 7.35
C GLU C 441 -8.94 -43.72 7.42
N GLN C 442 -8.69 -44.69 6.54
CA GLN C 442 -7.37 -45.34 6.55
C GLN C 442 -6.27 -44.43 6.01
N SER C 443 -6.55 -43.57 5.03
CA SER C 443 -5.53 -42.62 4.58
C SER C 443 -5.19 -41.62 5.70
N PHE C 444 -6.22 -41.15 6.40
CA PHE C 444 -6.02 -40.25 7.54
C PHE C 444 -5.10 -40.88 8.58
N GLN C 445 -5.38 -42.12 8.95
CA GLN C 445 -4.58 -42.76 9.98
C GLN C 445 -3.13 -42.96 9.53
N LYS C 446 -2.89 -43.15 8.24
CA LYS C 446 -1.50 -43.21 7.78
C LYS C 446 -0.85 -41.85 7.83
N ALA C 447 -1.59 -40.79 7.47
CA ALA C 447 -1.03 -39.44 7.46
C ALA C 447 -0.83 -38.88 8.87
N TYR C 448 -1.70 -39.24 9.82
CA TYR C 448 -1.68 -38.60 11.14
C TYR C 448 -1.45 -39.56 12.32
N GLY C 449 -1.67 -40.86 12.16
CA GLY C 449 -1.50 -41.80 13.25
C GLY C 449 -2.60 -41.77 14.31
N PHE D 23 -3.12 37.51 -9.55
CA PHE D 23 -4.22 38.18 -8.83
C PHE D 23 -5.34 37.22 -8.62
N GLN D 24 -6.30 37.62 -7.79
CA GLN D 24 -7.48 36.80 -7.60
C GLN D 24 -8.68 37.34 -8.34
N ASN D 25 -8.74 38.65 -8.58
CA ASN D 25 -9.99 39.25 -9.02
C ASN D 25 -10.11 39.14 -10.53
N PHE D 26 -11.25 38.61 -10.96
CA PHE D 26 -11.59 38.47 -12.36
C PHE D 26 -11.36 39.75 -13.14
N GLU D 27 -11.87 40.86 -12.61
CA GLU D 27 -11.76 42.14 -13.31
C GLU D 27 -10.30 42.55 -13.55
N THR D 28 -9.39 42.14 -12.68
CA THR D 28 -7.98 42.44 -12.87
C THR D 28 -7.33 41.48 -13.83
N LEU D 29 -7.58 40.18 -13.64
CA LEU D 29 -7.03 39.17 -14.54
C LEU D 29 -7.39 39.43 -15.98
N GLN D 30 -8.62 39.82 -16.25
CA GLN D 30 -9.05 39.92 -17.64
C GLN D 30 -8.28 40.99 -18.40
N LEU D 31 -7.55 41.87 -17.69
CA LEU D 31 -6.72 42.91 -18.29
C LEU D 31 -5.23 42.60 -18.26
N HIS D 32 -4.76 41.67 -17.40
CA HIS D 32 -3.34 41.52 -17.09
C HIS D 32 -2.80 40.10 -17.23
N ALA D 33 -3.64 39.10 -17.03
CA ALA D 33 -3.12 37.74 -16.94
C ALA D 33 -2.48 37.31 -18.25
N GLY D 34 -1.33 36.64 -18.17
CA GLY D 34 -0.77 36.05 -19.37
C GLY D 34 -0.01 36.98 -20.29
N TYR D 35 0.29 38.21 -19.90
CA TYR D 35 1.04 39.08 -20.81
C TYR D 35 1.84 40.07 -20.00
N THR D 36 3.08 40.28 -20.42
CA THR D 36 3.93 41.36 -19.91
C THR D 36 4.65 41.92 -21.13
N PRO D 37 4.73 43.25 -21.27
CA PRO D 37 5.42 43.82 -22.45
C PRO D 37 6.84 43.27 -22.61
N ASP D 38 7.17 42.85 -23.82
CA ASP D 38 8.49 42.28 -24.07
C ASP D 38 9.53 43.41 -24.04
N PRO D 39 10.79 43.10 -23.68
CA PRO D 39 11.78 44.20 -23.54
C PRO D 39 12.16 44.86 -24.87
N HIS D 40 12.06 44.14 -25.99
CA HIS D 40 12.47 44.70 -27.28
C HIS D 40 11.62 45.91 -27.66
N THR D 41 10.29 45.77 -27.65
CA THR D 41 9.39 46.87 -28.00
C THR D 41 8.71 47.52 -26.80
N ARG D 42 8.52 46.79 -25.70
CA ARG D 42 7.77 47.28 -24.54
C ARG D 42 6.31 47.63 -24.88
N SER D 43 5.76 46.95 -25.90
CA SER D 43 4.38 47.24 -26.31
C SER D 43 3.40 46.96 -25.16
N THR D 44 2.64 48.00 -24.77
CA THR D 44 1.68 47.87 -23.68
C THR D 44 0.52 46.93 -24.04
N ALA D 45 -0.08 47.12 -25.21
CA ALA D 45 -1.08 46.23 -25.78
C ALA D 45 -0.42 45.00 -26.42
N VAL D 46 -1.21 43.94 -26.58
CA VAL D 46 -0.73 42.69 -27.18
C VAL D 46 -0.56 42.84 -28.68
N PRO D 47 0.65 42.63 -29.20
CA PRO D 47 0.86 42.69 -30.64
C PRO D 47 0.12 41.54 -31.32
N ILE D 48 -0.17 41.73 -32.60
CA ILE D 48 -0.76 40.68 -33.43
C ILE D 48 0.39 40.06 -34.21
N TYR D 49 0.78 38.85 -33.83
CA TYR D 49 1.88 38.17 -34.51
C TYR D 49 1.30 37.47 -35.72
N ALA D 50 1.04 38.27 -36.77
CA ALA D 50 0.53 37.83 -38.06
C ALA D 50 1.66 37.14 -38.79
N THR D 51 2.07 35.98 -38.28
CA THR D 51 3.17 35.23 -38.84
C THR D 51 2.77 33.78 -38.79
N SER D 52 3.09 33.06 -39.87
CA SER D 52 2.85 31.63 -39.82
C SER D 52 4.00 30.93 -39.11
N SER D 53 5.19 31.55 -39.11
CA SER D 53 6.43 30.84 -38.79
C SER D 53 7.32 31.68 -37.89
N TYR D 54 8.31 30.99 -37.27
CA TYR D 54 9.26 31.62 -36.33
C TYR D 54 10.65 31.06 -36.61
N THR D 55 11.61 31.96 -36.82
CA THR D 55 12.91 31.56 -37.33
C THR D 55 13.78 30.91 -36.24
N PHE D 56 14.38 29.77 -36.57
CA PHE D 56 15.28 29.09 -35.63
C PHE D 56 16.53 29.93 -35.40
N ASN D 57 17.01 29.93 -34.16
CA ASN D 57 18.32 30.53 -33.91
C ASN D 57 19.42 29.78 -34.65
N ASP D 58 19.27 28.46 -34.76
CA ASP D 58 20.16 27.58 -35.50
C ASP D 58 19.46 26.24 -35.61
N SER D 59 20.06 25.32 -36.37
CA SER D 59 19.41 24.03 -36.59
C SER D 59 19.23 23.25 -35.29
N ALA D 60 20.19 23.37 -34.36
CA ALA D 60 20.05 22.68 -33.08
C ALA D 60 18.85 23.21 -32.32
N HIS D 61 18.63 24.52 -32.40
CA HIS D 61 17.42 25.11 -31.83
C HIS D 61 16.17 24.51 -32.47
N GLY D 62 16.12 24.50 -33.82
CA GLY D 62 14.97 23.93 -34.50
C GLY D 62 14.75 22.47 -34.16
N ALA D 63 15.83 21.73 -33.94
CA ALA D 63 15.71 20.35 -33.47
C ALA D 63 15.04 20.29 -32.10
N ARG D 64 15.54 21.08 -31.14
CA ARG D 64 14.97 21.03 -29.79
C ARG D 64 13.51 21.49 -29.79
N LEU D 65 13.16 22.44 -30.65
CA LEU D 65 11.76 22.86 -30.74
C LEU D 65 10.87 21.73 -31.24
N PHE D 66 11.22 21.13 -32.39
CA PHE D 66 10.41 20.06 -32.98
C PHE D 66 10.40 18.82 -32.09
N GLY D 67 11.53 18.50 -31.45
CA GLY D 67 11.58 17.40 -30.52
C GLY D 67 10.91 17.64 -29.18
N LEU D 68 10.17 18.75 -29.04
CA LEU D 68 9.59 19.20 -27.78
C LEU D 68 10.62 19.17 -26.65
N LYS D 69 11.89 19.36 -26.99
CA LYS D 69 12.96 19.42 -26.01
C LYS D 69 13.14 20.81 -25.42
N GLU D 70 12.51 21.83 -26.00
CA GLU D 70 12.60 23.21 -25.52
C GLU D 70 11.35 23.97 -25.93
N LEU D 71 10.81 24.76 -24.99
CA LEU D 71 9.61 25.56 -25.28
C LEU D 71 9.96 26.75 -26.16
N GLY D 72 9.09 27.01 -27.14
CA GLY D 72 9.25 28.15 -28.01
C GLY D 72 8.27 28.03 -29.14
N ASN D 73 8.15 29.12 -29.89
CA ASN D 73 7.20 29.15 -30.99
C ASN D 73 7.76 28.36 -32.17
N ILE D 74 6.98 27.40 -32.67
CA ILE D 74 7.36 26.61 -33.84
C ILE D 74 6.58 27.07 -35.09
N TYR D 75 5.26 27.15 -34.99
CA TYR D 75 4.41 27.36 -36.17
C TYR D 75 3.02 27.74 -35.70
N SER D 76 2.38 28.71 -36.38
CA SER D 76 1.14 29.26 -35.85
C SER D 76 -0.06 28.31 -35.99
N ARG D 77 0.08 27.17 -36.69
CA ARG D 77 -0.98 26.16 -36.61
C ARG D 77 -1.09 25.62 -35.20
N LEU D 78 0.02 25.67 -34.44
CA LEU D 78 0.16 25.15 -33.08
C LEU D 78 0.11 26.24 -32.03
N MET D 79 0.84 27.33 -32.23
CA MET D 79 1.01 28.35 -31.19
C MET D 79 1.31 29.67 -31.85
N ASN D 80 1.19 30.72 -31.04
CA ASN D 80 1.34 32.06 -31.56
C ASN D 80 1.30 33.01 -30.36
N PRO D 81 2.21 33.97 -30.24
CA PRO D 81 2.30 34.74 -28.98
C PRO D 81 1.05 35.53 -28.66
N THR D 82 0.35 36.02 -29.68
CA THR D 82 -0.96 36.65 -29.48
C THR D 82 -1.96 35.62 -28.97
N VAL D 83 -2.00 34.46 -29.61
CA VAL D 83 -2.92 33.43 -29.17
C VAL D 83 -2.54 32.94 -27.78
N ASP D 84 -1.24 32.90 -27.48
CA ASP D 84 -0.78 32.48 -26.16
C ASP D 84 -1.37 33.35 -25.08
N VAL D 85 -1.51 34.66 -25.33
CA VAL D 85 -2.08 35.51 -24.30
C VAL D 85 -3.54 35.19 -24.11
N PHE D 86 -4.27 35.04 -25.22
CA PHE D 86 -5.67 34.67 -25.14
C PHE D 86 -5.82 33.40 -24.31
N GLU D 87 -5.00 32.39 -24.59
CA GLU D 87 -5.08 31.11 -23.88
C GLU D 87 -4.82 31.28 -22.40
N LYS D 88 -3.68 31.90 -22.07
CA LYS D 88 -3.31 32.10 -20.68
C LYS D 88 -4.34 32.91 -19.92
N ARG D 89 -4.89 33.94 -20.57
CA ARG D 89 -5.84 34.80 -19.88
C ARG D 89 -7.11 34.04 -19.58
N ILE D 90 -7.63 33.29 -20.57
CA ILE D 90 -8.84 32.51 -20.30
C ILE D 90 -8.55 31.42 -19.27
N ALA D 91 -7.39 30.77 -19.36
CA ALA D 91 -7.05 29.80 -18.32
C ALA D 91 -7.09 30.47 -16.95
N ALA D 92 -6.43 31.63 -16.81
CA ALA D 92 -6.40 32.33 -15.53
C ALA D 92 -7.79 32.67 -15.04
N LEU D 93 -8.67 33.11 -15.97
CA LEU D 93 -10.02 33.53 -15.59
C LEU D 93 -10.83 32.35 -15.09
N GLU D 94 -10.73 31.22 -15.77
CA GLU D 94 -11.45 30.01 -15.36
C GLU D 94 -10.80 29.29 -14.19
N GLY D 95 -9.60 29.70 -13.81
CA GLY D 95 -8.81 28.98 -12.81
C GLY D 95 -8.27 27.63 -13.25
N GLY D 96 -7.92 27.48 -14.54
CA GLY D 96 -7.19 26.32 -15.01
C GLY D 96 -5.71 26.60 -15.08
N ILE D 97 -4.94 25.55 -15.35
CA ILE D 97 -3.49 25.78 -15.47
C ILE D 97 -3.12 26.28 -16.85
N ALA D 98 -3.89 25.92 -17.89
CA ALA D 98 -3.50 26.29 -19.24
C ALA D 98 -4.67 26.08 -20.18
N ALA D 99 -4.55 26.64 -21.36
CA ALA D 99 -5.62 26.57 -22.33
C ALA D 99 -5.02 26.46 -23.72
N ALA D 100 -5.83 25.95 -24.64
CA ALA D 100 -5.51 25.89 -26.05
C ALA D 100 -6.65 26.50 -26.85
N ALA D 101 -6.32 27.42 -27.73
CA ALA D 101 -7.33 28.07 -28.55
C ALA D 101 -7.67 27.21 -29.78
N THR D 102 -8.89 27.36 -30.28
CA THR D 102 -9.30 26.67 -31.50
C THR D 102 -10.04 27.65 -32.41
N SER D 103 -10.27 27.23 -33.67
CA SER D 103 -10.95 28.08 -34.65
C SER D 103 -12.40 28.41 -34.30
N SER D 104 -13.05 27.59 -33.48
CA SER D 104 -14.44 27.81 -33.10
C SER D 104 -14.75 27.05 -31.83
N GLY D 105 -15.89 27.36 -31.25
CA GLY D 105 -16.39 26.53 -30.15
C GLY D 105 -16.60 25.09 -30.57
N GLN D 106 -17.17 24.88 -31.75
CA GLN D 106 -17.33 23.50 -32.23
C GLN D 106 -15.99 22.78 -32.23
N ALA D 107 -14.94 23.42 -32.76
CA ALA D 107 -13.63 22.79 -32.79
C ALA D 107 -13.10 22.51 -31.40
N ALA D 108 -13.37 23.40 -30.43
CA ALA D 108 -12.86 23.13 -29.09
C ALA D 108 -13.49 21.87 -28.54
N GLN D 109 -14.80 21.72 -28.75
CA GLN D 109 -15.50 20.50 -28.38
C GLN D 109 -14.98 19.29 -29.15
N PHE D 110 -14.78 19.43 -30.45
CA PHE D 110 -14.35 18.27 -31.22
C PHE D 110 -12.96 17.82 -30.81
N LEU D 111 -12.01 18.75 -30.69
CA LEU D 111 -10.64 18.40 -30.34
C LEU D 111 -10.60 17.77 -28.96
N THR D 112 -11.43 18.28 -28.04
CA THR D 112 -11.44 17.72 -26.69
C THR D 112 -11.92 16.28 -26.70
N ILE D 113 -13.07 16.04 -27.31
CA ILE D 113 -13.62 14.68 -27.37
C ILE D 113 -12.69 13.77 -28.14
N ALA D 114 -12.14 14.24 -29.27
CA ALA D 114 -11.28 13.39 -30.10
C ALA D 114 -9.98 13.05 -29.42
N THR D 115 -9.60 13.81 -28.39
CA THR D 115 -8.41 13.48 -27.61
C THR D 115 -8.72 12.45 -26.54
N LEU D 116 -9.89 12.57 -25.93
CA LEU D 116 -10.28 11.67 -24.86
C LEU D 116 -10.74 10.32 -25.39
N ALA D 117 -11.31 10.29 -26.57
CA ALA D 117 -12.02 9.13 -27.06
C ALA D 117 -11.55 8.78 -28.45
N LYS D 118 -11.67 7.49 -28.80
CA LYS D 118 -11.39 7.02 -30.14
C LYS D 118 -12.45 5.96 -30.48
N ALA D 119 -12.36 5.41 -31.68
CA ALA D 119 -13.36 4.47 -32.15
C ALA D 119 -13.61 3.37 -31.12
N GLY D 120 -14.88 3.10 -30.84
CA GLY D 120 -15.32 2.14 -29.84
C GLY D 120 -15.61 2.75 -28.49
N ASP D 121 -15.27 4.03 -28.31
CA ASP D 121 -15.48 4.71 -27.04
C ASP D 121 -16.81 5.44 -27.05
N ASN D 122 -17.24 5.85 -25.86
CA ASN D 122 -18.42 6.69 -25.78
C ASN D 122 -18.15 7.82 -24.79
N ILE D 123 -19.04 8.79 -24.82
CA ILE D 123 -19.08 9.78 -23.76
C ILE D 123 -20.50 9.79 -23.26
N VAL D 124 -20.67 10.13 -22.00
CA VAL D 124 -22.00 10.32 -21.42
C VAL D 124 -22.25 11.81 -21.42
N ALA D 125 -23.35 12.23 -22.02
CA ALA D 125 -23.67 13.64 -22.23
C ALA D 125 -25.06 13.96 -21.71
N SER D 126 -25.23 15.15 -21.15
CA SER D 126 -26.58 15.64 -20.96
C SER D 126 -27.25 15.76 -22.32
N SER D 127 -28.57 15.60 -22.36
CA SER D 127 -29.29 15.81 -23.61
C SER D 127 -29.62 17.27 -23.87
N HIS D 128 -29.32 18.14 -22.90
CA HIS D 128 -29.67 19.55 -23.02
C HIS D 128 -28.46 20.23 -23.63
N LEU D 129 -28.45 20.31 -24.95
CA LEU D 129 -27.25 20.70 -25.67
C LEU D 129 -27.59 21.72 -26.73
N TYR D 130 -26.65 22.63 -26.95
CA TYR D 130 -26.57 23.39 -28.18
C TYR D 130 -26.76 22.45 -29.36
N GLY D 131 -27.51 22.90 -30.38
CA GLY D 131 -27.81 22.03 -31.51
C GLY D 131 -26.58 21.57 -32.27
N GLY D 132 -25.57 22.45 -32.37
CA GLY D 132 -24.34 22.06 -33.05
C GLY D 132 -23.63 20.93 -32.32
N THR D 133 -23.69 20.95 -30.99
CA THR D 133 -23.07 19.91 -30.19
C THR D 133 -23.86 18.61 -30.33
N TYR D 134 -25.17 18.72 -30.35
CA TYR D 134 -26.00 17.54 -30.52
C TYR D 134 -25.68 16.86 -31.86
N ASN D 135 -25.53 17.65 -32.92
CA ASN D 135 -25.07 17.13 -34.20
C ASN D 135 -23.72 16.45 -34.08
N GLN D 136 -22.75 17.09 -33.41
CA GLN D 136 -21.46 16.45 -33.21
C GLN D 136 -21.62 15.09 -32.56
N LEU D 137 -22.31 15.06 -31.44
CA LEU D 137 -22.37 13.82 -30.67
C LEU D 137 -23.32 12.81 -31.30
N ASN D 138 -24.42 13.28 -31.89
CA ASN D 138 -25.42 12.35 -32.41
C ASN D 138 -25.15 11.92 -33.84
N VAL D 139 -24.39 12.69 -34.62
CA VAL D 139 -24.21 12.37 -36.03
C VAL D 139 -22.74 12.32 -36.42
N LEU D 140 -21.96 13.35 -36.08
CA LEU D 140 -20.58 13.40 -36.57
C LEU D 140 -19.68 12.37 -35.88
N LEU D 141 -19.64 12.39 -34.56
CA LEU D 141 -18.66 11.52 -33.90
C LEU D 141 -18.98 10.03 -34.10
N PRO D 142 -20.24 9.62 -34.22
CA PRO D 142 -20.47 8.19 -34.50
C PRO D 142 -19.89 7.70 -35.82
N ARG D 143 -19.75 8.57 -36.82
CA ARG D 143 -19.06 8.16 -38.04
C ARG D 143 -17.61 7.74 -37.74
N PHE D 144 -17.04 8.26 -36.65
CA PHE D 144 -15.69 7.91 -36.22
C PHE D 144 -15.68 6.86 -35.13
N GLY D 145 -16.81 6.20 -34.90
CA GLY D 145 -16.92 5.16 -33.89
C GLY D 145 -16.98 5.65 -32.47
N ILE D 146 -17.29 6.93 -32.28
CA ILE D 146 -17.40 7.53 -30.95
C ILE D 146 -18.88 7.84 -30.76
N LYS D 147 -19.52 7.15 -29.83
CA LYS D 147 -20.94 7.26 -29.61
C LYS D 147 -21.23 8.06 -28.34
N THR D 148 -22.45 8.58 -28.24
CA THR D 148 -22.86 9.28 -27.04
C THR D 148 -24.09 8.67 -26.43
N LYS D 149 -24.06 8.51 -25.10
CA LYS D 149 -25.21 8.12 -24.31
C LYS D 149 -25.80 9.37 -23.68
N PHE D 150 -27.02 9.77 -24.11
CA PHE D 150 -27.62 10.98 -23.58
C PHE D 150 -28.40 10.73 -22.30
N VAL D 151 -28.26 11.67 -21.35
CA VAL D 151 -28.97 11.64 -20.08
C VAL D 151 -29.88 12.87 -20.03
N ARG D 152 -31.17 12.63 -19.94
CA ARG D 152 -32.13 13.72 -20.00
C ARG D 152 -32.49 14.31 -18.64
N SER D 153 -32.49 13.49 -17.59
CA SER D 153 -33.11 13.88 -16.33
C SER D 153 -32.28 14.79 -15.46
N GLY D 154 -30.96 14.87 -15.68
CA GLY D 154 -30.12 15.55 -14.73
C GLY D 154 -29.80 14.79 -13.46
N LYS D 155 -30.37 13.59 -13.26
CA LYS D 155 -30.20 12.88 -11.99
C LYS D 155 -28.85 12.19 -11.93
N LEU D 156 -28.20 12.30 -10.76
CA LEU D 156 -26.87 11.70 -10.61
C LEU D 156 -26.88 10.23 -10.94
N GLU D 157 -27.94 9.52 -10.52
CA GLU D 157 -27.99 8.08 -10.72
C GLU D 157 -28.11 7.71 -12.18
N ASP D 158 -28.73 8.57 -13.00
CA ASP D 158 -28.79 8.29 -14.43
C ASP D 158 -27.44 8.51 -15.10
N TYR D 159 -26.70 9.56 -14.70
CA TYR D 159 -25.34 9.69 -15.18
C TYR D 159 -24.53 8.46 -14.79
N ALA D 160 -24.59 8.08 -13.51
CA ALA D 160 -23.85 6.90 -13.05
C ALA D 160 -24.19 5.69 -13.90
N ALA D 161 -25.48 5.44 -14.14
CA ALA D 161 -25.91 4.22 -14.81
C ALA D 161 -25.49 4.18 -16.25
N ALA D 162 -25.27 5.34 -16.86
CA ALA D 162 -24.87 5.41 -18.26
C ALA D 162 -23.41 5.05 -18.47
N ILE D 163 -22.58 5.14 -17.44
CA ILE D 163 -21.12 4.97 -17.61
C ILE D 163 -20.81 3.48 -17.81
N ASP D 164 -19.99 3.18 -18.78
CA ASP D 164 -19.44 1.82 -18.93
C ASP D 164 -17.94 1.95 -19.14
N ASP D 165 -17.27 0.82 -19.35
CA ASP D 165 -15.82 0.80 -19.43
C ASP D 165 -15.25 1.57 -20.61
N GLN D 166 -16.07 1.81 -21.63
CA GLN D 166 -15.64 2.52 -22.82
C GLN D 166 -15.93 4.01 -22.72
N THR D 167 -16.61 4.43 -21.66
CA THR D 167 -16.89 5.85 -21.46
C THR D 167 -15.60 6.63 -21.23
N ARG D 168 -15.51 7.82 -21.81
CA ARG D 168 -14.30 8.61 -21.71
C ARG D 168 -14.52 9.99 -21.10
N ALA D 169 -15.76 10.37 -20.84
CA ALA D 169 -16.07 11.66 -20.25
C ALA D 169 -17.54 11.73 -19.89
N ILE D 170 -17.86 12.59 -18.93
CA ILE D 170 -19.22 13.10 -18.82
C ILE D 170 -19.16 14.51 -19.35
N TYR D 171 -20.12 14.86 -20.21
CA TYR D 171 -20.14 16.15 -20.91
C TYR D 171 -21.46 16.85 -20.65
N VAL D 172 -21.39 18.10 -20.14
CA VAL D 172 -22.55 18.89 -19.78
C VAL D 172 -22.26 20.33 -20.18
N GLU D 173 -23.32 21.08 -20.44
CA GLU D 173 -23.21 22.53 -20.53
C GLU D 173 -23.42 23.13 -19.14
N SER D 174 -22.71 24.22 -18.86
CA SER D 174 -22.82 24.78 -17.52
C SER D 174 -24.18 25.39 -17.34
N MET D 175 -24.77 25.85 -18.44
CA MET D 175 -26.15 26.30 -18.47
C MET D 175 -26.66 26.02 -19.88
N SER D 176 -27.65 25.16 -19.98
CA SER D 176 -28.04 24.72 -21.32
C SER D 176 -28.85 25.83 -21.97
N ASN D 177 -29.06 25.69 -23.27
CA ASN D 177 -29.73 26.77 -23.93
C ASN D 177 -30.53 26.12 -25.04
N PRO D 178 -31.85 26.40 -25.13
CA PRO D 178 -32.58 27.51 -24.52
C PRO D 178 -33.38 27.23 -23.26
N ASP D 179 -33.08 26.18 -22.49
CA ASP D 179 -33.86 25.90 -21.29
C ASP D 179 -33.07 26.18 -20.01
N TYR D 180 -31.81 26.61 -20.12
CA TYR D 180 -31.03 27.11 -18.97
C TYR D 180 -30.99 26.13 -17.81
N VAL D 181 -30.85 24.83 -18.12
CA VAL D 181 -30.61 23.83 -17.09
C VAL D 181 -29.20 23.96 -16.56
N VAL D 182 -29.09 24.09 -15.25
CA VAL D 182 -27.81 24.12 -14.58
C VAL D 182 -27.58 22.76 -13.97
N PRO D 183 -26.49 22.09 -14.29
CA PRO D 183 -26.22 20.77 -13.76
C PRO D 183 -25.68 20.83 -12.33
N ASP D 184 -25.82 19.71 -11.65
CA ASP D 184 -25.20 19.54 -10.34
C ASP D 184 -23.72 19.23 -10.58
N PHE D 185 -22.91 20.30 -10.74
CA PHE D 185 -21.51 20.08 -11.09
C PHE D 185 -20.82 19.16 -10.09
N GLU D 186 -20.96 19.46 -8.81
CA GLU D 186 -20.20 18.71 -7.81
C GLU D 186 -20.65 17.25 -7.76
N GLY D 187 -21.96 17.01 -7.77
CA GLY D 187 -22.44 15.63 -7.79
C GLY D 187 -21.98 14.89 -9.02
N ILE D 188 -22.06 15.53 -10.19
CA ILE D 188 -21.66 14.85 -11.42
C ILE D 188 -20.16 14.62 -11.44
N ALA D 189 -19.39 15.63 -11.02
CA ALA D 189 -17.93 15.44 -10.98
C ALA D 189 -17.56 14.28 -10.09
N LYS D 190 -18.27 14.11 -8.97
CA LYS D 190 -17.99 13.00 -8.06
C LYS D 190 -18.22 11.67 -8.74
N ILE D 191 -19.37 11.53 -9.41
CA ILE D 191 -19.68 10.33 -10.19
C ILE D 191 -18.60 10.08 -11.23
N ALA D 192 -18.27 11.11 -12.02
CA ALA D 192 -17.28 10.93 -13.06
C ALA D 192 -15.95 10.48 -12.45
N HIS D 193 -15.54 11.15 -11.37
CA HIS D 193 -14.24 10.87 -10.81
C HIS D 193 -14.20 9.50 -10.13
N GLU D 194 -15.29 9.10 -9.52
CA GLU D 194 -15.37 7.75 -8.97
C GLU D 194 -15.21 6.69 -10.06
N HIS D 195 -15.56 7.01 -11.30
CA HIS D 195 -15.42 6.09 -12.40
C HIS D 195 -14.16 6.34 -13.24
N GLY D 196 -13.27 7.23 -12.81
CA GLY D 196 -12.08 7.37 -13.59
C GLY D 196 -12.23 8.17 -14.87
N ILE D 197 -13.26 9.02 -14.96
CA ILE D 197 -13.41 9.81 -16.16
C ILE D 197 -13.48 11.29 -15.79
N PRO D 198 -13.04 12.13 -16.70
CA PRO D 198 -13.07 13.56 -16.44
C PRO D 198 -14.47 14.09 -16.67
N LEU D 199 -14.76 15.20 -16.00
CA LEU D 199 -15.97 15.94 -16.29
C LEU D 199 -15.58 17.08 -17.23
N VAL D 200 -16.21 17.14 -18.39
CA VAL D 200 -15.95 18.17 -19.39
C VAL D 200 -17.15 19.10 -19.40
N VAL D 201 -16.93 20.42 -19.31
CA VAL D 201 -18.07 21.31 -19.23
C VAL D 201 -17.94 22.36 -20.33
N ASP D 202 -18.99 22.52 -21.11
CA ASP D 202 -19.09 23.64 -22.05
C ASP D 202 -19.62 24.79 -21.22
N ASN D 203 -18.71 25.72 -20.88
CA ASN D 203 -19.07 26.84 -20.05
C ASN D 203 -19.35 28.09 -20.88
N THR D 204 -19.64 27.93 -22.18
CA THR D 204 -19.99 29.10 -23.01
C THR D 204 -20.94 30.06 -22.31
N LEU D 205 -22.06 29.56 -21.78
CA LEU D 205 -23.03 30.49 -21.18
C LEU D 205 -22.60 31.00 -19.82
N GLY D 206 -21.48 30.50 -19.27
CA GLY D 206 -20.89 30.97 -18.05
C GLY D 206 -20.01 32.19 -18.25
N ALA D 207 -19.92 32.66 -19.49
CA ALA D 207 -19.17 33.90 -19.83
C ALA D 207 -17.73 33.89 -19.30
N GLY D 208 -16.95 32.94 -19.81
CA GLY D 208 -15.52 32.90 -19.50
C GLY D 208 -15.19 32.74 -18.04
N GLY D 209 -16.10 32.16 -17.26
CA GLY D 209 -15.88 32.07 -15.83
C GLY D 209 -16.54 33.16 -15.02
N TYR D 210 -17.18 34.12 -15.64
CA TYR D 210 -17.75 35.18 -14.82
C TYR D 210 -18.98 34.66 -14.07
N TYR D 211 -19.89 33.98 -14.79
CA TYR D 211 -21.13 33.56 -14.14
C TYR D 211 -20.95 32.22 -13.44
N ILE D 212 -20.19 31.32 -14.05
CA ILE D 212 -20.07 29.96 -13.57
C ILE D 212 -18.61 29.56 -13.69
N ARG D 213 -18.10 28.88 -12.68
CA ARG D 213 -16.69 28.56 -12.58
C ARG D 213 -16.58 27.04 -12.41
N PRO D 214 -16.80 26.27 -13.49
CA PRO D 214 -16.93 24.81 -13.31
C PRO D 214 -15.71 24.15 -12.70
N ILE D 215 -14.50 24.69 -12.93
CA ILE D 215 -13.30 24.07 -12.37
C ILE D 215 -13.32 24.15 -10.85
N GLU D 216 -13.98 25.17 -10.28
CA GLU D 216 -14.07 25.26 -8.82
C GLU D 216 -15.03 24.24 -8.25
N HIS D 217 -15.75 23.52 -9.10
CA HIS D 217 -16.78 22.60 -8.64
C HIS D 217 -16.62 21.22 -9.24
N GLY D 218 -15.41 20.87 -9.67
CA GLY D 218 -15.13 19.51 -10.08
C GLY D 218 -14.81 19.31 -11.54
N ALA D 219 -15.07 20.30 -12.42
CA ALA D 219 -14.80 20.11 -13.84
C ALA D 219 -13.31 19.97 -14.08
N ASP D 220 -12.95 19.01 -14.95
CA ASP D 220 -11.56 18.82 -15.31
C ASP D 220 -11.16 19.58 -16.57
N ILE D 221 -12.09 19.68 -17.51
CA ILE D 221 -11.81 20.34 -18.78
C ILE D 221 -12.98 21.26 -19.06
N VAL D 222 -12.70 22.51 -19.49
CA VAL D 222 -13.77 23.43 -19.79
C VAL D 222 -13.61 23.85 -21.24
N VAL D 223 -14.72 23.88 -21.98
CA VAL D 223 -14.64 24.36 -23.35
C VAL D 223 -15.59 25.54 -23.47
N HIS D 224 -15.28 26.44 -24.37
CA HIS D 224 -16.10 27.59 -24.66
C HIS D 224 -16.13 27.91 -26.12
N SER D 225 -17.23 28.51 -26.52
CA SER D 225 -17.27 29.14 -27.78
C SER D 225 -16.90 30.56 -27.38
N ALA D 226 -15.70 30.99 -27.73
CA ALA D 226 -15.27 32.33 -27.47
C ALA D 226 -16.06 33.29 -28.37
N THR D 227 -16.60 32.78 -29.43
CA THR D 227 -17.51 33.53 -30.32
C THR D 227 -18.54 34.35 -29.56
N TRP D 229 -19.98 35.25 -25.38
CA TRP D 229 -19.72 36.35 -24.44
C TRP D 229 -18.24 36.69 -24.28
N ILE D 230 -17.35 35.70 -24.44
CA ILE D 230 -15.93 35.99 -24.28
C ILE D 230 -15.50 37.07 -25.27
N GLY D 231 -15.81 36.88 -26.55
CA GLY D 231 -15.53 37.89 -27.56
C GLY D 231 -16.43 39.09 -27.41
N GLY D 232 -17.72 38.85 -27.16
CA GLY D 232 -18.62 39.89 -26.69
C GLY D 232 -19.13 40.86 -27.75
N HIS D 233 -18.58 40.84 -28.97
CA HIS D 233 -18.94 41.85 -29.95
C HIS D 233 -19.41 41.24 -31.25
N GLY D 234 -19.64 39.93 -31.30
CA GLY D 234 -20.09 39.31 -32.54
C GLY D 234 -19.17 39.54 -33.72
N THR D 235 -17.86 39.75 -33.50
CA THR D 235 -16.99 39.94 -34.66
C THR D 235 -16.26 38.69 -35.08
N THR D 236 -16.13 37.68 -34.20
CA THR D 236 -15.06 36.70 -34.34
C THR D 236 -15.54 35.34 -33.89
N ILE D 237 -15.31 34.35 -34.72
CA ILE D 237 -15.50 32.96 -34.32
C ILE D 237 -14.24 32.50 -33.60
N GLY D 238 -14.41 31.76 -32.50
CA GLY D 238 -13.26 31.18 -31.86
C GLY D 238 -13.67 30.26 -30.74
N GLY D 239 -12.73 29.39 -30.35
CA GLY D 239 -13.01 28.49 -29.26
C GLY D 239 -11.80 28.39 -28.36
N VAL D 240 -12.02 27.78 -27.19
CA VAL D 240 -10.89 27.60 -26.29
C VAL D 240 -11.17 26.43 -25.38
N ILE D 241 -10.09 25.69 -25.07
CA ILE D 241 -10.10 24.49 -24.24
C ILE D 241 -9.23 24.80 -23.03
N VAL D 242 -9.81 24.68 -21.84
CA VAL D 242 -9.11 24.97 -20.59
C VAL D 242 -8.95 23.67 -19.83
N ASP D 243 -7.72 23.40 -19.41
CA ASP D 243 -7.35 22.22 -18.63
C ASP D 243 -7.17 22.65 -17.18
N SER D 244 -7.91 22.01 -16.29
CA SER D 244 -7.78 22.30 -14.87
C SER D 244 -6.45 21.82 -14.33
N GLY D 245 -5.82 20.85 -15.00
CA GLY D 245 -4.61 20.22 -14.47
C GLY D 245 -4.86 19.30 -13.29
N ARG D 246 -6.12 18.97 -13.01
CA ARG D 246 -6.50 18.26 -11.80
C ARG D 246 -6.87 16.81 -12.07
N PHE D 247 -6.91 16.37 -13.32
CA PHE D 247 -7.28 14.99 -13.59
C PHE D 247 -6.02 14.14 -13.70
N ASN D 248 -5.94 13.14 -12.85
CA ASN D 248 -4.76 12.28 -12.84
C ASN D 248 -4.92 11.25 -13.95
N TRP D 249 -4.39 11.57 -15.13
CA TRP D 249 -4.43 10.63 -16.25
C TRP D 249 -3.68 9.35 -15.90
N ASN D 250 -2.56 9.49 -15.21
CA ASN D 250 -1.76 8.32 -14.89
C ASN D 250 -2.58 7.33 -14.08
N LYS D 251 -3.26 7.81 -13.03
CA LYS D 251 -4.11 6.94 -12.24
C LYS D 251 -5.22 6.28 -13.06
N HIS D 252 -5.60 6.86 -14.20
CA HIS D 252 -6.69 6.30 -15.01
C HIS D 252 -6.20 5.95 -16.41
N SER D 253 -4.93 5.53 -16.49
CA SER D 253 -4.34 5.10 -17.75
C SER D 253 -5.08 3.93 -18.40
N ASP D 254 -5.91 3.20 -17.64
CA ASP D 254 -6.64 2.12 -18.30
C ASP D 254 -7.65 2.67 -19.30
N ARG D 255 -8.28 3.80 -18.98
CA ARG D 255 -9.18 4.49 -19.91
C ARG D 255 -8.48 5.46 -20.84
N PHE D 256 -7.30 5.96 -20.46
CA PHE D 256 -6.58 6.98 -21.24
C PHE D 256 -5.14 6.57 -21.52
N PRO D 257 -4.96 5.40 -22.15
CA PRO D 257 -3.58 4.90 -22.33
C PRO D 257 -2.71 5.86 -23.09
N GLU D 258 -3.29 6.61 -24.03
CA GLU D 258 -2.48 7.55 -24.81
C GLU D 258 -1.88 8.65 -23.97
N MET D 259 -2.45 8.92 -22.80
CA MET D 259 -1.92 9.97 -21.93
C MET D 259 -0.61 9.56 -21.26
N VAL D 260 -0.30 8.25 -21.21
CA VAL D 260 0.88 7.79 -20.46
C VAL D 260 1.82 6.99 -21.36
N GLU D 261 1.26 6.26 -22.33
CA GLU D 261 2.05 5.33 -23.14
C GLU D 261 2.93 6.07 -24.14
N PRO D 262 4.06 5.46 -24.53
CA PRO D 262 4.94 6.07 -25.50
C PRO D 262 4.18 6.48 -26.74
N SER D 263 4.31 7.73 -27.10
CA SER D 263 3.49 8.28 -28.16
C SER D 263 4.11 7.98 -29.52
N PRO D 264 3.33 7.44 -30.47
CA PRO D 264 3.88 7.20 -31.81
C PRO D 264 4.23 8.47 -32.55
N SER D 265 3.68 9.63 -32.15
CA SER D 265 3.89 10.85 -32.91
C SER D 265 5.21 11.55 -32.56
N TYR D 266 5.79 11.26 -31.39
CA TYR D 266 6.99 11.94 -30.92
C TYR D 266 8.06 10.97 -30.46
N HIS D 267 8.18 9.84 -31.16
CA HIS D 267 9.20 8.86 -30.88
C HIS D 267 9.19 8.49 -29.39
N GLY D 268 8.07 7.89 -28.98
CA GLY D 268 7.97 7.33 -27.65
C GLY D 268 7.83 8.32 -26.52
N LEU D 269 7.65 9.61 -26.81
CA LEU D 269 7.40 10.56 -25.74
C LEU D 269 6.20 10.09 -24.90
N LYS D 270 6.40 10.02 -23.59
CA LYS D 270 5.36 9.68 -22.63
C LYS D 270 4.85 10.99 -22.02
N TYR D 271 3.64 11.40 -22.41
CA TYR D 271 3.16 12.74 -22.04
C TYR D 271 3.09 12.91 -20.53
N TRP D 272 2.44 11.97 -19.84
CA TRP D 272 2.28 12.17 -18.40
C TRP D 272 3.63 12.36 -17.73
N GLU D 273 4.63 11.55 -18.10
CA GLU D 273 5.94 11.67 -17.48
C GLU D 273 6.55 13.03 -17.74
N ALA D 274 6.36 13.53 -18.97
CA ALA D 274 7.00 14.79 -19.34
C ALA D 274 6.21 15.99 -18.85
N PHE D 275 4.89 15.91 -18.78
CA PHE D 275 4.08 17.12 -18.61
C PHE D 275 3.15 17.08 -17.41
N GLY D 276 2.95 15.93 -16.77
CA GLY D 276 2.17 15.84 -15.56
C GLY D 276 0.78 16.44 -15.70
N PRO D 277 0.45 17.40 -14.83
CA PRO D 277 -0.90 18.00 -14.88
C PRO D 277 -1.23 18.69 -16.19
N ALA D 278 -0.23 19.06 -16.97
CA ALA D 278 -0.46 19.69 -18.27
C ALA D 278 -0.61 18.67 -19.39
N THR D 279 -0.80 17.40 -19.08
CA THR D 279 -0.74 16.38 -20.12
C THR D 279 -1.83 16.55 -21.18
N PHE D 280 -3.09 16.75 -20.77
CA PHE D 280 -4.18 16.80 -21.75
C PHE D 280 -3.98 17.99 -22.68
N ILE D 281 -3.70 19.15 -22.11
CA ILE D 281 -3.66 20.34 -22.95
C ILE D 281 -2.39 20.34 -23.79
N THR D 282 -1.32 19.68 -23.31
CA THR D 282 -0.16 19.55 -24.17
C THR D 282 -0.46 18.67 -25.38
N ARG D 283 -1.18 17.54 -25.16
CA ARG D 283 -1.55 16.69 -26.28
C ARG D 283 -2.48 17.43 -27.24
N ILE D 284 -3.39 18.23 -26.71
CA ILE D 284 -4.27 19.02 -27.57
C ILE D 284 -3.44 19.86 -28.52
N ARG D 285 -2.38 20.48 -28.01
CA ARG D 285 -1.59 21.35 -28.87
C ARG D 285 -0.69 20.54 -29.79
N VAL D 286 0.17 19.68 -29.23
CA VAL D 286 1.20 19.04 -30.04
C VAL D 286 0.68 17.91 -30.92
N GLU D 287 -0.51 17.37 -30.65
CA GLU D 287 -1.11 16.37 -31.53
C GLU D 287 -2.32 16.91 -32.29
N MET D 288 -3.35 17.36 -31.58
CA MET D 288 -4.63 17.58 -32.23
C MET D 288 -4.69 18.87 -33.00
N LEU D 289 -4.21 19.98 -32.42
CA LEU D 289 -4.05 21.18 -33.24
C LEU D 289 -3.15 20.88 -34.42
N ARG D 290 -2.04 20.19 -34.17
CA ARG D 290 -1.10 19.92 -35.25
C ARG D 290 -1.77 19.10 -36.34
N ASP D 291 -2.56 18.10 -35.96
CA ASP D 291 -3.07 17.20 -36.99
C ASP D 291 -4.45 17.55 -37.52
N ILE D 292 -5.34 18.05 -36.68
CA ILE D 292 -6.64 18.46 -37.18
C ILE D 292 -6.56 19.88 -37.74
N GLY D 293 -5.73 20.73 -37.11
CA GLY D 293 -5.45 22.03 -37.68
C GLY D 293 -6.53 23.07 -37.54
N ALA D 294 -7.35 22.97 -36.50
CA ALA D 294 -8.42 23.93 -36.23
C ALA D 294 -7.87 25.06 -35.36
N CYS D 295 -6.96 25.85 -35.96
CA CYS D 295 -6.21 26.84 -35.21
C CYS D 295 -6.91 28.19 -35.25
N LEU D 296 -6.58 29.01 -34.27
CA LEU D 296 -7.14 30.35 -34.13
C LEU D 296 -6.17 31.33 -34.71
N SER D 297 -6.68 32.21 -35.57
CA SER D 297 -5.86 33.27 -36.12
C SER D 297 -5.43 34.25 -35.02
N PRO D 298 -4.23 34.83 -35.14
CA PRO D 298 -3.87 35.89 -34.17
C PRO D 298 -4.77 37.11 -34.31
N PHE D 299 -5.28 37.39 -35.51
CA PHE D 299 -6.19 38.52 -35.65
C PHE D 299 -7.44 38.26 -34.83
N SER D 300 -7.94 37.03 -34.95
CA SER D 300 -9.09 36.61 -34.16
C SER D 300 -8.82 36.75 -32.69
N ALA D 301 -7.64 36.26 -32.26
CA ALA D 301 -7.31 36.29 -30.84
C ALA D 301 -7.30 37.73 -30.34
N GLN D 302 -6.77 38.64 -31.16
CA GLN D 302 -6.71 40.01 -30.66
C GLN D 302 -8.12 40.60 -30.52
N GLN D 303 -9.02 40.28 -31.45
CA GLN D 303 -10.41 40.69 -31.32
C GLN D 303 -10.98 40.15 -30.02
N LEU D 304 -10.72 38.87 -29.74
CA LEU D 304 -11.24 38.27 -28.52
C LEU D 304 -10.63 38.93 -27.28
N LEU D 305 -9.31 39.16 -27.29
CA LEU D 305 -8.66 39.85 -26.18
C LEU D 305 -9.32 41.19 -25.89
N LEU D 306 -9.69 41.93 -26.94
CA LEU D 306 -10.39 43.18 -26.70
C LEU D 306 -11.73 42.94 -26.00
N GLY D 307 -12.41 41.86 -26.34
CA GLY D 307 -13.61 41.52 -25.60
C GLY D 307 -13.30 41.14 -24.16
N ILE D 308 -12.26 40.33 -23.96
CA ILE D 308 -11.97 39.86 -22.62
C ILE D 308 -11.67 41.01 -21.69
N GLU D 309 -11.02 42.05 -22.20
CA GLU D 309 -10.69 43.21 -21.36
C GLU D 309 -11.89 43.81 -20.67
N THR D 310 -13.12 43.64 -21.19
CA THR D 310 -14.33 44.12 -20.51
C THR D 310 -15.26 42.98 -20.10
N LEU D 311 -14.81 41.74 -20.13
CA LEU D 311 -15.76 40.64 -19.97
C LEU D 311 -16.57 40.75 -18.66
N GLY D 312 -15.89 40.93 -17.53
CA GLY D 312 -16.61 41.07 -16.27
C GLY D 312 -17.61 42.21 -16.27
N LEU D 313 -17.21 43.38 -16.80
CA LEU D 313 -18.16 44.49 -16.94
C LEU D 313 -19.38 44.14 -17.77
N ARG D 314 -19.15 43.53 -18.95
CA ARG D 314 -20.26 43.23 -19.85
C ARG D 314 -21.15 42.18 -19.21
N ALA D 315 -20.52 41.13 -18.72
CA ALA D 315 -21.32 40.06 -18.11
C ALA D 315 -22.12 40.59 -16.93
N GLU D 316 -21.58 41.53 -16.18
CA GLU D 316 -22.34 42.14 -15.09
C GLU D 316 -23.57 42.84 -15.62
N ARG D 317 -23.39 43.67 -16.64
CA ARG D 317 -24.52 44.43 -17.16
C ARG D 317 -25.51 43.52 -17.89
N HIS D 318 -25.01 42.58 -18.70
CA HIS D 318 -25.89 41.56 -19.29
C HIS D 318 -26.85 40.98 -18.24
N ALA D 319 -26.29 40.50 -17.13
CA ALA D 319 -27.11 39.82 -16.13
C ALA D 319 -28.05 40.78 -15.43
N GLN D 320 -27.59 41.99 -15.16
CA GLN D 320 -28.49 42.99 -14.62
C GLN D 320 -29.67 43.23 -15.54
N ASN D 321 -29.40 43.41 -16.85
CA ASN D 321 -30.48 43.68 -17.77
C ASN D 321 -31.41 42.49 -17.83
N THR D 322 -30.82 41.29 -17.77
CA THR D 322 -31.62 40.07 -17.89
C THR D 322 -32.58 39.96 -16.73
N GLU D 323 -32.08 40.13 -15.50
CA GLU D 323 -32.93 40.15 -14.32
C GLU D 323 -34.06 41.18 -14.48
N LYS D 324 -33.72 42.39 -14.95
CA LYS D 324 -34.75 43.40 -15.06
C LYS D 324 -35.74 43.07 -16.16
N LEU D 325 -35.28 42.53 -17.28
CA LEU D 325 -36.19 42.24 -18.36
C LEU D 325 -37.12 41.09 -17.96
N SER D 326 -36.58 40.14 -17.22
CA SER D 326 -37.41 39.06 -16.69
C SER D 326 -38.55 39.63 -15.85
N LYS D 327 -38.28 40.67 -15.06
CA LYS D 327 -39.35 41.28 -14.28
C LYS D 327 -40.39 41.91 -15.18
N TYR D 328 -39.96 42.60 -16.24
CA TYR D 328 -40.89 43.20 -17.18
C TYR D 328 -41.78 42.14 -17.83
N PHE D 329 -41.15 41.08 -18.34
CA PHE D 329 -41.89 40.04 -19.03
C PHE D 329 -42.87 39.33 -18.09
N GLU D 330 -42.50 39.21 -16.81
CA GLU D 330 -43.32 38.45 -15.86
C GLU D 330 -44.63 39.14 -15.56
N SER D 331 -44.67 40.46 -15.62
CA SER D 331 -45.89 41.21 -15.40
C SER D 331 -46.54 41.65 -16.71
N SER D 332 -46.09 41.13 -17.83
CA SER D 332 -46.69 41.53 -19.08
C SER D 332 -47.82 40.57 -19.43
N PRO D 333 -49.01 41.10 -19.73
CA PRO D 333 -50.13 40.23 -20.15
C PRO D 333 -49.93 39.59 -21.51
N ASN D 334 -48.94 40.02 -22.28
CA ASN D 334 -48.68 39.41 -23.58
C ASN D 334 -47.75 38.23 -23.48
N VAL D 335 -47.22 37.97 -22.30
CA VAL D 335 -46.27 36.89 -22.08
C VAL D 335 -46.97 35.80 -21.30
N SER D 336 -46.94 34.59 -21.87
CA SER D 336 -47.53 33.38 -21.30
C SER D 336 -46.68 32.77 -20.20
N TRP D 337 -45.37 32.92 -20.30
CA TRP D 337 -44.44 32.39 -19.32
C TRP D 337 -43.06 33.01 -19.57
N VAL D 338 -42.23 33.03 -18.53
CA VAL D 338 -40.84 33.45 -18.61
C VAL D 338 -39.98 32.32 -18.10
N LEU D 339 -38.92 32.00 -18.82
CA LEU D 339 -37.95 31.01 -18.36
C LEU D 339 -36.60 31.70 -18.18
N TRP D 340 -36.10 31.70 -16.94
CA TRP D 340 -34.85 32.40 -16.54
C TRP D 340 -34.27 31.62 -15.38
N PRO D 341 -32.99 31.25 -15.42
CA PRO D 341 -32.46 30.37 -14.35
C PRO D 341 -32.40 31.05 -13.00
N GLY D 342 -32.59 32.37 -12.93
CA GLY D 342 -32.75 33.05 -11.67
C GLY D 342 -34.13 32.86 -11.01
N SER D 343 -35.13 32.40 -11.76
CA SER D 343 -36.48 32.28 -11.22
C SER D 343 -36.56 31.11 -10.25
N GLU D 344 -37.15 31.35 -9.09
CA GLU D 344 -37.33 30.31 -8.09
C GLU D 344 -38.14 29.16 -8.63
N SER D 345 -38.97 29.41 -9.65
CA SER D 345 -39.74 28.33 -10.25
C SER D 345 -38.94 27.55 -11.29
N HIS D 346 -37.73 27.97 -11.61
CA HIS D 346 -36.98 27.28 -12.64
C HIS D 346 -36.68 25.85 -12.23
N PRO D 347 -36.78 24.89 -13.15
CA PRO D 347 -36.57 23.48 -12.73
C PRO D 347 -35.23 23.22 -12.04
N THR D 348 -34.15 23.93 -12.36
CA THR D 348 -32.88 23.71 -11.69
C THR D 348 -32.44 24.91 -10.87
N TYR D 349 -33.39 25.64 -10.28
CA TYR D 349 -33.03 26.80 -9.49
C TYR D 349 -32.11 26.46 -8.31
N SER D 350 -32.26 25.26 -7.73
CA SER D 350 -31.42 24.95 -6.59
C SER D 350 -29.96 24.87 -7.04
N GLN D 351 -29.73 24.38 -8.25
CA GLN D 351 -28.37 24.38 -8.77
C GLN D 351 -27.93 25.79 -9.17
N ALA D 352 -28.80 26.56 -9.84
CA ALA D 352 -28.43 27.93 -10.19
C ALA D 352 -28.09 28.74 -8.94
N LYS D 353 -28.88 28.56 -7.88
CA LYS D 353 -28.61 29.31 -6.65
C LYS D 353 -27.24 28.98 -6.10
N LYS D 354 -26.85 27.71 -6.19
CA LYS D 354 -25.57 27.32 -5.63
C LYS D 354 -24.40 27.77 -6.50
N TYR D 355 -24.56 27.72 -7.84
CA TYR D 355 -23.44 27.85 -8.75
C TYR D 355 -23.33 29.20 -9.45
N LEU D 356 -24.37 30.03 -9.36
CA LEU D 356 -24.41 31.30 -10.05
C LEU D 356 -24.64 32.35 -8.99
N THR D 357 -23.54 32.90 -8.47
CA THR D 357 -23.61 33.89 -7.41
C THR D 357 -23.17 35.26 -7.89
N ARG D 358 -22.95 35.43 -9.19
CA ARG D 358 -22.56 36.71 -9.78
C ARG D 358 -23.48 37.07 -10.94
N GLY D 359 -24.75 36.68 -10.85
CA GLY D 359 -25.73 37.01 -11.87
C GLY D 359 -26.25 35.75 -12.55
N PHE D 360 -27.54 35.71 -12.87
CA PHE D 360 -28.10 34.46 -13.44
C PHE D 360 -28.03 34.40 -14.95
N GLY D 361 -26.86 34.76 -15.52
CA GLY D 361 -26.62 34.66 -16.93
C GLY D 361 -27.23 35.80 -17.72
N ALA D 362 -27.12 35.66 -19.05
CA ALA D 362 -27.48 36.71 -19.99
C ALA D 362 -28.61 36.31 -20.92
N MET D 363 -29.35 35.25 -20.58
CA MET D 363 -30.34 34.68 -21.47
C MET D 363 -31.68 34.59 -20.77
N LEU D 364 -32.75 34.72 -21.55
CA LEU D 364 -34.02 34.18 -21.08
C LEU D 364 -34.85 33.74 -22.28
N SER D 365 -35.89 32.99 -22.01
CA SER D 365 -36.85 32.59 -23.03
C SER D 365 -38.25 32.94 -22.52
N ILE D 366 -39.14 33.28 -23.44
CA ILE D 366 -40.50 33.66 -23.07
C ILE D 366 -41.46 32.94 -24.01
N GLY D 367 -42.67 32.74 -23.54
CA GLY D 367 -43.79 32.35 -24.39
C GLY D 367 -44.71 33.55 -24.54
N VAL D 368 -45.16 33.79 -25.76
CA VAL D 368 -46.10 34.87 -25.98
C VAL D 368 -47.47 34.28 -26.30
N LYS D 369 -48.51 35.01 -25.89
CA LYS D 369 -49.88 34.54 -26.01
C LYS D 369 -50.34 34.63 -27.48
N GLY D 370 -51.57 34.17 -27.74
CA GLY D 370 -52.13 34.25 -29.08
C GLY D 370 -51.76 33.06 -29.95
N ASP D 371 -51.98 33.21 -31.26
CA ASP D 371 -51.82 32.13 -32.21
C ASP D 371 -50.35 31.78 -32.45
N ALA D 372 -50.11 30.77 -33.29
CA ALA D 372 -48.75 30.32 -33.57
C ALA D 372 -47.90 31.36 -34.28
N SER D 373 -48.52 32.29 -35.02
CA SER D 373 -47.77 33.32 -35.71
C SER D 373 -47.42 34.50 -34.80
N ALA D 374 -47.78 34.45 -33.52
CA ALA D 374 -47.54 35.60 -32.66
C ALA D 374 -46.07 35.74 -32.27
N GLY D 375 -45.38 34.62 -32.02
CA GLY D 375 -43.97 34.69 -31.72
C GLY D 375 -43.17 35.27 -32.87
N SER D 376 -43.48 34.81 -34.10
CA SER D 376 -42.87 35.36 -35.30
C SER D 376 -43.17 36.85 -35.44
N LYS D 377 -44.42 37.25 -35.19
CA LYS D 377 -44.76 38.67 -35.31
C LYS D 377 -44.01 39.50 -34.27
N VAL D 378 -43.88 38.97 -33.05
CA VAL D 378 -43.23 39.74 -32.01
C VAL D 378 -41.76 39.96 -32.36
N VAL D 379 -41.05 38.88 -32.71
CA VAL D 379 -39.64 39.01 -33.06
C VAL D 379 -39.48 39.89 -34.28
N ASP D 380 -40.33 39.70 -35.30
CA ASP D 380 -40.24 40.47 -36.53
C ASP D 380 -40.53 41.95 -36.29
N GLY D 381 -41.34 42.25 -35.28
CA GLY D 381 -41.67 43.61 -34.95
C GLY D 381 -40.61 44.36 -34.16
N LEU D 382 -39.58 43.68 -33.67
CA LEU D 382 -38.53 44.37 -32.92
C LEU D 382 -37.72 45.25 -33.86
N LYS D 383 -37.32 46.41 -33.35
CA LYS D 383 -36.52 47.38 -34.07
C LYS D 383 -35.14 47.64 -33.49
N LEU D 384 -34.89 47.25 -32.25
CA LEU D 384 -33.58 47.39 -31.61
C LEU D 384 -32.90 46.03 -31.48
N VAL D 385 -33.58 45.11 -30.80
CA VAL D 385 -33.17 43.72 -30.74
C VAL D 385 -33.07 43.13 -32.15
N SER D 386 -32.00 42.38 -32.43
CA SER D 386 -31.78 41.83 -33.75
C SER D 386 -32.25 40.39 -33.85
N ASN D 387 -32.83 40.06 -35.00
CA ASN D 387 -33.32 38.75 -35.36
C ASN D 387 -32.18 37.95 -35.97
N LEU D 388 -31.50 37.14 -35.16
CA LEU D 388 -30.47 36.23 -35.69
C LEU D 388 -30.21 35.18 -34.62
N ALA D 389 -29.35 34.21 -34.95
CA ALA D 389 -29.21 32.99 -34.16
C ALA D 389 -28.11 33.03 -33.11
N ASN D 390 -27.15 33.95 -33.23
CA ASN D 390 -26.04 34.08 -32.28
C ASN D 390 -26.55 34.38 -30.86
N VAL D 391 -25.68 34.19 -29.88
CA VAL D 391 -25.90 34.67 -28.52
C VAL D 391 -24.61 35.32 -28.04
N GLY D 392 -24.70 36.06 -26.94
CA GLY D 392 -23.49 36.59 -26.36
C GLY D 392 -22.90 37.78 -27.07
N ASP D 393 -23.71 38.50 -27.86
CA ASP D 393 -23.29 39.78 -28.40
C ASP D 393 -23.59 40.86 -27.38
N ALA D 394 -22.83 41.95 -27.43
CA ALA D 394 -23.22 43.12 -26.67
C ALA D 394 -24.59 43.65 -27.12
N LYS D 395 -24.94 43.48 -28.40
CA LYS D 395 -26.27 43.82 -28.89
C LYS D 395 -27.26 42.74 -28.49
N SER D 396 -28.47 43.17 -28.14
CA SER D 396 -29.57 42.25 -27.88
C SER D 396 -30.01 41.48 -29.12
N LEU D 397 -30.17 40.17 -28.93
CA LEU D 397 -30.57 39.27 -30.02
C LEU D 397 -31.78 38.47 -29.58
N ALA D 398 -32.63 38.15 -30.53
CA ALA D 398 -33.81 37.34 -30.22
C ALA D 398 -34.15 36.51 -31.44
N ILE D 399 -34.81 35.39 -31.20
CA ILE D 399 -35.14 34.46 -32.28
C ILE D 399 -36.46 33.79 -31.93
N HIS D 400 -37.23 33.46 -32.96
CA HIS D 400 -38.41 32.60 -32.82
C HIS D 400 -37.98 31.27 -33.40
N PRO D 401 -37.39 30.37 -32.60
CA PRO D 401 -36.85 29.15 -33.20
C PRO D 401 -37.91 28.31 -33.90
N TRP D 402 -39.18 28.43 -33.49
CA TRP D 402 -40.23 27.58 -34.07
C TRP D 402 -40.30 27.76 -35.58
N SER D 403 -40.22 29.01 -36.04
CA SER D 403 -40.41 29.36 -37.43
C SER D 403 -39.10 29.68 -38.14
N THR D 404 -37.94 29.46 -37.48
CA THR D 404 -36.63 29.79 -38.05
C THR D 404 -35.73 28.58 -37.96
N THR D 405 -35.09 28.42 -36.78
CA THR D 405 -34.54 27.15 -36.27
C THR D 405 -33.03 27.26 -36.06
N VAL D 419 -38.63 23.27 -27.70
CA VAL D 419 -38.89 24.30 -28.69
C VAL D 419 -40.36 24.25 -29.10
N THR D 420 -41.08 25.31 -28.76
CA THR D 420 -42.53 25.33 -28.90
C THR D 420 -42.96 26.54 -29.73
N GLU D 421 -44.22 26.52 -30.16
CA GLU D 421 -44.68 27.50 -31.15
C GLU D 421 -44.87 28.90 -30.56
N ASP D 422 -44.94 29.02 -29.23
CA ASP D 422 -45.04 30.32 -28.58
C ASP D 422 -43.70 30.88 -28.13
N MET D 423 -42.60 30.19 -28.40
CA MET D 423 -41.35 30.45 -27.70
C MET D 423 -40.49 31.51 -28.42
N ILE D 424 -40.03 32.51 -27.67
CA ILE D 424 -39.02 33.47 -28.14
C ILE D 424 -37.80 33.32 -27.23
N ARG D 425 -36.63 33.14 -27.84
CA ARG D 425 -35.36 33.06 -27.12
C ARG D 425 -34.63 34.39 -27.23
N ILE D 426 -34.17 34.92 -26.09
CA ILE D 426 -33.60 36.27 -26.04
C ILE D 426 -32.19 36.24 -25.43
N SER D 427 -31.22 36.72 -26.20
CA SER D 427 -29.88 36.93 -25.67
C SER D 427 -29.83 38.41 -25.30
N VAL D 428 -29.86 38.70 -24.01
CA VAL D 428 -30.08 40.08 -23.55
C VAL D 428 -28.76 40.84 -23.64
N GLY D 429 -28.79 41.98 -24.32
CA GLY D 429 -27.59 42.72 -24.56
C GLY D 429 -27.32 43.70 -23.42
N ILE D 430 -26.35 44.59 -23.67
CA ILE D 430 -25.98 45.59 -22.68
C ILE D 430 -26.49 46.98 -23.03
N GLU D 431 -27.40 47.08 -24.01
CA GLU D 431 -28.11 48.34 -24.23
C GLU D 431 -28.78 48.78 -22.94
N HIS D 432 -29.23 50.03 -22.92
CA HIS D 432 -30.00 50.46 -21.75
C HIS D 432 -31.27 49.63 -21.67
N VAL D 433 -31.57 49.12 -20.48
CA VAL D 433 -32.69 48.19 -20.36
C VAL D 433 -34.02 48.84 -20.71
N ASP D 434 -34.17 50.15 -20.45
CA ASP D 434 -35.41 50.83 -20.82
C ASP D 434 -35.64 50.74 -22.31
N ASP D 435 -34.56 50.79 -23.11
CA ASP D 435 -34.75 50.70 -24.55
C ASP D 435 -35.06 49.28 -25.00
N ILE D 436 -34.44 48.27 -24.36
CA ILE D 436 -34.81 46.88 -24.67
C ILE D 436 -36.27 46.64 -24.35
N ILE D 437 -36.70 47.06 -23.16
CA ILE D 437 -38.09 46.94 -22.76
C ILE D 437 -38.99 47.70 -23.72
N ALA D 438 -38.61 48.93 -24.06
CA ALA D 438 -39.44 49.73 -24.96
C ALA D 438 -39.59 49.06 -26.32
N ASP D 439 -38.55 48.36 -26.79
CA ASP D 439 -38.63 47.67 -28.07
C ASP D 439 -39.63 46.52 -28.02
N PHE D 440 -39.62 45.75 -26.93
CA PHE D 440 -40.62 44.69 -26.84
C PHE D 440 -42.02 45.26 -26.73
N GLU D 441 -42.17 46.32 -25.94
CA GLU D 441 -43.47 46.95 -25.74
C GLU D 441 -44.08 47.39 -27.07
N GLN D 442 -43.31 48.06 -27.93
CA GLN D 442 -43.88 48.50 -29.21
C GLN D 442 -44.17 47.31 -30.12
N SER D 443 -43.29 46.29 -30.14
CA SER D 443 -43.59 45.12 -30.95
C SER D 443 -44.83 44.41 -30.44
N PHE D 444 -45.04 44.42 -29.12
CA PHE D 444 -46.26 43.84 -28.54
C PHE D 444 -47.51 44.61 -28.98
N GLN D 445 -47.41 45.93 -29.08
CA GLN D 445 -48.56 46.72 -29.50
C GLN D 445 -48.96 46.40 -30.93
N LYS D 446 -47.98 46.26 -31.84
CA LYS D 446 -48.29 45.95 -33.22
C LYS D 446 -48.93 44.57 -33.34
N ALA D 447 -48.39 43.58 -32.63
CA ALA D 447 -48.86 42.22 -32.80
C ALA D 447 -50.22 42.01 -32.14
N TYR D 448 -50.48 42.67 -31.02
CA TYR D 448 -51.68 42.41 -30.25
C TYR D 448 -52.68 43.56 -30.23
N GLY D 449 -52.28 44.77 -30.60
CA GLY D 449 -53.20 45.90 -30.64
C GLY D 449 -53.63 46.43 -29.29
N GLN E 24 12.15 -47.64 -43.36
CA GLN E 24 11.34 -48.73 -43.90
C GLN E 24 10.43 -48.16 -45.01
N ASN E 25 9.92 -49.05 -45.87
CA ASN E 25 9.05 -48.65 -46.96
C ASN E 25 7.66 -48.27 -46.45
N PHE E 26 6.96 -47.44 -47.23
CA PHE E 26 5.59 -47.05 -46.91
C PHE E 26 4.72 -48.24 -46.54
N GLU E 27 4.74 -49.29 -47.38
CA GLU E 27 3.86 -50.42 -47.16
C GLU E 27 4.14 -51.10 -45.82
N THR E 28 5.38 -51.00 -45.35
CA THR E 28 5.75 -51.53 -44.04
C THR E 28 5.40 -50.56 -42.92
N LEU E 29 5.79 -49.29 -43.07
CA LEU E 29 5.45 -48.29 -42.06
C LEU E 29 3.95 -48.27 -41.75
N GLN E 30 3.10 -48.46 -42.75
CA GLN E 30 1.66 -48.28 -42.53
C GLN E 30 1.06 -49.37 -41.64
N LEU E 31 1.81 -50.44 -41.37
CA LEU E 31 1.39 -51.52 -40.48
C LEU E 31 2.13 -51.52 -39.14
N HIS E 32 3.23 -50.80 -39.01
CA HIS E 32 4.16 -51.02 -37.90
C HIS E 32 4.57 -49.74 -37.18
N ALA E 33 4.63 -48.61 -37.88
CA ALA E 33 5.27 -47.47 -37.25
C ALA E 33 4.43 -46.98 -36.09
N GLY E 34 5.10 -46.66 -34.97
CA GLY E 34 4.43 -46.03 -33.85
C GLY E 34 3.73 -46.94 -32.87
N TYR E 35 3.88 -48.26 -32.97
CA TYR E 35 3.27 -49.15 -32.00
C TYR E 35 4.18 -50.34 -31.74
N THR E 36 4.32 -50.67 -30.46
CA THR E 36 4.94 -51.90 -29.98
C THR E 36 3.99 -52.48 -28.95
N PRO E 37 3.62 -53.76 -29.02
CA PRO E 37 2.75 -54.33 -27.99
C PRO E 37 3.31 -54.07 -26.59
N ASP E 38 2.48 -53.48 -25.72
CA ASP E 38 2.89 -53.27 -24.34
C ASP E 38 3.15 -54.61 -23.67
N PRO E 39 4.11 -54.68 -22.75
CA PRO E 39 4.38 -55.95 -22.06
C PRO E 39 3.27 -56.43 -21.15
N HIS E 40 2.35 -55.54 -20.71
CA HIS E 40 1.27 -56.00 -19.85
C HIS E 40 0.39 -57.01 -20.59
N THR E 41 -0.28 -56.57 -21.67
CA THR E 41 -1.17 -57.44 -22.43
C THR E 41 -0.52 -58.08 -23.66
N ARG E 42 0.49 -57.45 -24.27
CA ARG E 42 1.12 -57.94 -25.50
C ARG E 42 0.14 -57.95 -26.69
N SER E 43 -0.93 -57.18 -26.58
CA SER E 43 -1.90 -57.03 -27.67
C SER E 43 -1.22 -56.73 -29.02
N THR E 44 -1.34 -57.65 -29.98
CA THR E 44 -0.76 -57.44 -31.31
C THR E 44 -1.42 -56.27 -32.04
N ALA E 45 -2.73 -56.15 -31.94
CA ALA E 45 -3.48 -55.04 -32.53
C ALA E 45 -3.51 -53.87 -31.54
N VAL E 46 -3.83 -52.70 -32.07
CA VAL E 46 -3.80 -51.51 -31.19
C VAL E 46 -5.07 -51.50 -30.36
N PRO E 47 -4.95 -51.44 -29.04
CA PRO E 47 -6.13 -51.34 -28.19
C PRO E 47 -6.83 -50.01 -28.34
N ILE E 48 -8.12 -50.01 -28.01
CA ILE E 48 -8.93 -48.79 -28.03
C ILE E 48 -9.00 -48.31 -26.59
N TYR E 49 -8.25 -47.23 -26.28
CA TYR E 49 -8.22 -46.73 -24.92
C TYR E 49 -9.40 -45.77 -24.81
N ALA E 50 -10.59 -46.37 -24.62
CA ALA E 50 -11.84 -45.63 -24.45
C ALA E 50 -11.88 -45.11 -23.02
N THR E 51 -11.05 -44.07 -22.80
CA THR E 51 -10.88 -43.50 -21.49
C THR E 51 -10.71 -42.01 -21.65
N SER E 52 -11.34 -41.26 -20.76
CA SER E 52 -11.14 -39.82 -20.74
C SER E 52 -9.90 -39.45 -19.95
N SER E 53 -9.49 -40.30 -18.99
CA SER E 53 -8.51 -39.91 -17.99
C SER E 53 -7.52 -41.03 -17.68
N TYR E 54 -6.48 -40.68 -16.93
CA TYR E 54 -5.37 -41.59 -16.63
C TYR E 54 -4.96 -41.32 -15.20
N THR E 55 -4.83 -42.37 -14.41
CA THR E 55 -4.67 -42.21 -12.97
C THR E 55 -3.22 -41.87 -12.63
N PHE E 56 -3.04 -40.80 -11.87
CA PHE E 56 -1.70 -40.44 -11.38
C PHE E 56 -1.12 -41.56 -10.54
N ASN E 57 0.20 -41.73 -10.64
CA ASN E 57 0.90 -42.61 -9.70
C ASN E 57 0.84 -42.06 -8.28
N ASP E 58 0.92 -40.74 -8.14
CA ASP E 58 0.83 -40.02 -6.87
C ASP E 58 0.68 -38.55 -7.23
N SER E 59 0.54 -37.70 -6.20
CA SER E 59 0.31 -36.28 -6.47
C SER E 59 1.50 -35.64 -7.18
N ALA E 60 2.72 -35.97 -6.76
CA ALA E 60 3.91 -35.40 -7.40
C ALA E 60 3.98 -35.79 -8.87
N HIS E 61 3.55 -37.02 -9.19
CA HIS E 61 3.45 -37.41 -10.59
C HIS E 61 2.49 -36.49 -11.33
N GLY E 62 1.31 -36.25 -10.75
CA GLY E 62 0.35 -35.36 -11.40
C GLY E 62 0.94 -33.98 -11.65
N ALA E 63 1.76 -33.50 -10.71
CA ALA E 63 2.42 -32.20 -10.88
C ALA E 63 3.38 -32.23 -12.06
N ARG E 64 4.26 -33.24 -12.11
CA ARG E 64 5.22 -33.30 -13.20
C ARG E 64 4.53 -33.36 -14.56
N LEU E 65 3.40 -34.07 -14.64
CA LEU E 65 2.63 -34.15 -15.88
C LEU E 65 2.00 -32.80 -16.22
N PHE E 66 1.26 -32.22 -15.25
CA PHE E 66 0.57 -30.96 -15.52
C PHE E 66 1.56 -29.83 -15.77
N GLY E 67 2.75 -29.90 -15.17
CA GLY E 67 3.78 -28.91 -15.44
C GLY E 67 4.60 -29.18 -16.67
N LEU E 68 4.26 -30.22 -17.45
CA LEU E 68 5.04 -30.65 -18.61
C LEU E 68 6.50 -30.95 -18.25
N LYS E 69 6.75 -31.36 -16.99
CA LYS E 69 8.08 -31.77 -16.58
C LYS E 69 8.37 -33.24 -16.87
N GLU E 70 7.35 -34.00 -17.28
CA GLU E 70 7.46 -35.42 -17.58
C GLU E 70 6.39 -35.77 -18.60
N LEU E 71 6.76 -36.55 -19.63
CA LEU E 71 5.77 -37.01 -20.60
C LEU E 71 4.94 -38.15 -20.02
N GLY E 72 3.68 -38.17 -20.42
CA GLY E 72 2.72 -39.16 -19.95
C GLY E 72 1.31 -38.70 -20.26
N ASN E 73 0.40 -39.67 -20.32
CA ASN E 73 -1.01 -39.37 -20.58
C ASN E 73 -1.61 -38.60 -19.39
N ILE E 74 -2.28 -37.49 -19.69
CA ILE E 74 -3.01 -36.71 -18.70
C ILE E 74 -4.52 -36.81 -18.93
N TYR E 75 -4.93 -36.66 -20.20
CA TYR E 75 -6.35 -36.48 -20.49
C TYR E 75 -6.60 -36.63 -21.98
N SER E 76 -7.62 -37.42 -22.39
CA SER E 76 -7.77 -37.75 -23.79
C SER E 76 -8.22 -36.58 -24.66
N ARG E 77 -8.50 -35.40 -24.07
CA ARG E 77 -8.68 -34.22 -24.92
C ARG E 77 -7.35 -33.84 -25.55
N LEU E 78 -6.24 -34.22 -24.90
CA LEU E 78 -4.89 -33.90 -25.37
C LEU E 78 -4.17 -35.07 -26.02
N MET E 79 -4.27 -36.25 -25.40
CA MET E 79 -3.51 -37.40 -25.87
C MET E 79 -4.24 -38.67 -25.46
N ASN E 80 -3.86 -39.75 -26.07
CA ASN E 80 -4.55 -41.03 -25.92
C ASN E 80 -3.70 -42.07 -26.63
N PRO E 81 -3.38 -43.22 -26.02
CA PRO E 81 -2.41 -44.13 -26.64
C PRO E 81 -2.84 -44.68 -27.98
N THR E 82 -4.14 -44.90 -28.20
CA THR E 82 -4.62 -45.27 -29.52
C THR E 82 -4.37 -44.14 -30.51
N VAL E 83 -4.71 -42.93 -30.08
CA VAL E 83 -4.52 -41.81 -30.98
C VAL E 83 -3.03 -41.57 -31.19
N ASP E 84 -2.23 -41.82 -30.16
CA ASP E 84 -0.78 -41.64 -30.31
C ASP E 84 -0.24 -42.50 -31.45
N VAL E 85 -0.77 -43.73 -31.60
CA VAL E 85 -0.26 -44.59 -32.68
C VAL E 85 -0.65 -44.01 -34.02
N PHE E 86 -1.89 -43.56 -34.13
CA PHE E 86 -2.35 -42.95 -35.36
C PHE E 86 -1.46 -41.76 -35.73
N GLU E 87 -1.19 -40.88 -34.75
CA GLU E 87 -0.31 -39.73 -35.00
C GLU E 87 1.08 -40.15 -35.45
N LYS E 88 1.75 -41.01 -34.67
CA LYS E 88 3.11 -41.41 -35.01
C LYS E 88 3.16 -42.09 -36.37
N ARG E 89 2.15 -42.88 -36.68
CA ARG E 89 2.18 -43.62 -37.93
C ARG E 89 2.03 -42.70 -39.13
N ILE E 90 1.11 -41.74 -39.05
CA ILE E 90 0.98 -40.76 -40.13
C ILE E 90 2.24 -39.92 -40.23
N ALA E 91 2.82 -39.54 -39.07
CA ALA E 91 4.06 -38.76 -39.13
C ALA E 91 5.18 -39.56 -39.79
N ALA E 92 5.26 -40.84 -39.49
CA ALA E 92 6.28 -41.69 -40.11
C ALA E 92 6.03 -41.84 -41.60
N LEU E 93 4.75 -41.94 -42.00
CA LEU E 93 4.42 -42.11 -43.40
C LEU E 93 4.78 -40.87 -44.20
N GLU E 94 4.56 -39.70 -43.62
CA GLU E 94 4.82 -38.43 -44.29
C GLU E 94 6.27 -37.98 -44.14
N GLY E 95 7.03 -38.65 -43.29
CA GLY E 95 8.38 -38.20 -43.03
C GLY E 95 8.46 -36.95 -42.18
N GLY E 96 7.47 -36.75 -41.27
CA GLY E 96 7.57 -35.71 -40.26
C GLY E 96 8.11 -36.27 -38.96
N ILE E 97 8.44 -35.37 -38.05
CA ILE E 97 8.99 -35.81 -36.77
C ILE E 97 7.90 -36.27 -35.83
N ALA E 98 6.69 -35.71 -35.98
CA ALA E 98 5.60 -35.94 -35.03
C ALA E 98 4.33 -35.37 -35.64
N ALA E 99 3.18 -35.80 -35.10
CA ALA E 99 1.88 -35.35 -35.58
C ALA E 99 0.92 -35.23 -34.41
N ALA E 100 -0.18 -34.49 -34.64
CA ALA E 100 -1.26 -34.40 -33.70
C ALA E 100 -2.58 -34.62 -34.41
N ALA E 101 -3.39 -35.51 -33.86
CA ALA E 101 -4.69 -35.80 -34.45
C ALA E 101 -5.73 -34.78 -34.02
N THR E 102 -6.75 -34.59 -34.88
CA THR E 102 -7.86 -33.71 -34.60
C THR E 102 -9.17 -34.42 -34.97
N SER E 103 -10.27 -33.80 -34.56
CA SER E 103 -11.58 -34.40 -34.80
C SER E 103 -11.97 -34.39 -36.27
N SER E 104 -11.35 -33.53 -37.09
CA SER E 104 -11.66 -33.54 -38.52
C SER E 104 -10.49 -32.93 -39.28
N GLY E 105 -10.53 -33.10 -40.61
CA GLY E 105 -9.71 -32.30 -41.49
C GLY E 105 -9.86 -30.81 -41.27
N GLN E 106 -11.10 -30.32 -41.24
CA GLN E 106 -11.32 -28.90 -40.99
C GLN E 106 -10.62 -28.46 -39.71
N ALA E 107 -10.71 -29.29 -38.65
CA ALA E 107 -10.06 -28.94 -37.39
C ALA E 107 -8.54 -28.98 -37.48
N ALA E 108 -7.97 -29.89 -38.25
CA ALA E 108 -6.52 -29.85 -38.47
C ALA E 108 -6.07 -28.52 -39.07
N GLN E 109 -6.79 -28.04 -40.08
CA GLN E 109 -6.44 -26.77 -40.71
C GLN E 109 -6.62 -25.62 -39.75
N PHE E 110 -7.72 -25.62 -39.00
CA PHE E 110 -8.01 -24.49 -38.14
C PHE E 110 -7.00 -24.38 -37.00
N LEU E 111 -6.70 -25.51 -36.35
CA LEU E 111 -5.73 -25.47 -35.25
C LEU E 111 -4.36 -25.00 -35.76
N THR E 112 -3.93 -25.50 -36.91
CA THR E 112 -2.64 -25.08 -37.47
C THR E 112 -2.60 -23.57 -37.67
N ILE E 113 -3.58 -23.02 -38.38
CA ILE E 113 -3.53 -21.59 -38.68
C ILE E 113 -3.66 -20.75 -37.41
N ALA E 114 -4.53 -21.18 -36.48
CA ALA E 114 -4.70 -20.44 -35.22
C ALA E 114 -3.45 -20.45 -34.36
N THR E 115 -2.55 -21.37 -34.60
CA THR E 115 -1.30 -21.44 -33.90
C THR E 115 -0.26 -20.55 -34.55
N LEU E 116 -0.34 -20.42 -35.86
CA LEU E 116 0.64 -19.62 -36.58
C LEU E 116 0.30 -18.15 -36.57
N ALA E 117 -0.99 -17.83 -36.56
CA ALA E 117 -1.47 -16.48 -36.80
C ALA E 117 -2.40 -16.06 -35.68
N LYS E 118 -2.47 -14.75 -35.45
CA LYS E 118 -3.45 -14.19 -34.54
C LYS E 118 -4.05 -12.95 -35.19
N ALA E 119 -5.00 -12.32 -34.47
CA ALA E 119 -5.70 -11.18 -35.03
C ALA E 119 -4.69 -10.18 -35.57
N GLY E 120 -4.93 -9.69 -36.79
CA GLY E 120 -3.99 -8.80 -37.43
C GLY E 120 -3.00 -9.46 -38.36
N ASP E 121 -2.87 -10.78 -38.30
CA ASP E 121 -1.97 -11.50 -39.18
C ASP E 121 -2.71 -11.95 -40.42
N ASN E 122 -1.97 -12.49 -41.37
CA ASN E 122 -2.60 -13.00 -42.57
C ASN E 122 -1.84 -14.25 -43.00
N ILE E 123 -2.46 -14.99 -43.89
CA ILE E 123 -1.76 -16.06 -44.58
C ILE E 123 -1.97 -15.85 -46.07
N VAL E 124 -1.00 -16.31 -46.84
CA VAL E 124 -1.10 -16.34 -48.29
C VAL E 124 -1.46 -17.76 -48.70
N ALA E 125 -2.50 -17.90 -49.50
CA ALA E 125 -3.04 -19.22 -49.85
C ALA E 125 -3.30 -19.30 -51.34
N SER E 126 -3.16 -20.52 -51.88
CA SER E 126 -3.68 -20.76 -53.21
C SER E 126 -5.19 -20.60 -53.17
N SER E 127 -5.77 -20.23 -54.32
CA SER E 127 -7.21 -20.12 -54.44
C SER E 127 -7.89 -21.43 -54.79
N HIS E 128 -7.10 -22.46 -55.08
CA HIS E 128 -7.61 -23.78 -55.49
C HIS E 128 -7.85 -24.57 -54.22
N LEU E 129 -9.05 -24.48 -53.68
CA LEU E 129 -9.26 -24.92 -52.32
C LEU E 129 -10.53 -25.73 -52.17
N TYR E 130 -10.46 -26.69 -51.26
CA TYR E 130 -11.66 -27.36 -50.78
C TYR E 130 -12.64 -26.31 -50.25
N GLY E 131 -13.93 -26.50 -50.54
CA GLY E 131 -14.94 -25.53 -50.10
C GLY E 131 -14.86 -25.22 -48.61
N GLY E 132 -14.64 -26.25 -47.78
CA GLY E 132 -14.56 -26.01 -46.35
C GLY E 132 -13.38 -25.15 -45.97
N THR E 133 -12.22 -25.40 -46.59
CA THR E 133 -11.06 -24.56 -46.33
C THR E 133 -11.32 -23.12 -46.78
N TYR E 134 -12.02 -22.96 -47.91
CA TYR E 134 -12.35 -21.63 -48.41
C TYR E 134 -13.26 -20.89 -47.42
N ASN E 135 -14.26 -21.59 -46.85
CA ASN E 135 -15.06 -20.99 -45.79
C ASN E 135 -14.20 -20.54 -44.62
N GLN E 136 -13.25 -21.39 -44.19
CA GLN E 136 -12.43 -21.00 -43.07
C GLN E 136 -11.67 -19.74 -43.39
N LEU E 137 -10.99 -19.72 -44.54
CA LEU E 137 -10.10 -18.60 -44.87
C LEU E 137 -10.88 -17.36 -45.27
N ASN E 138 -12.03 -17.55 -45.90
CA ASN E 138 -12.77 -16.42 -46.44
C ASN E 138 -13.82 -15.88 -45.48
N VAL E 139 -14.34 -16.68 -44.57
CA VAL E 139 -15.43 -16.25 -43.72
C VAL E 139 -15.03 -16.34 -42.26
N LEU E 140 -14.63 -17.54 -41.80
CA LEU E 140 -14.47 -17.78 -40.38
C LEU E 140 -13.26 -17.06 -39.81
N LEU E 141 -12.07 -17.37 -40.31
CA LEU E 141 -10.87 -16.79 -39.74
C LEU E 141 -10.88 -15.26 -39.77
N PRO E 142 -11.43 -14.59 -40.78
CA PRO E 142 -11.51 -13.12 -40.72
C PRO E 142 -12.31 -12.60 -39.54
N ARG E 143 -13.31 -13.36 -39.07
CA ARG E 143 -14.00 -12.94 -37.85
C ARG E 143 -13.05 -12.87 -36.67
N PHE E 144 -11.93 -13.58 -36.73
CA PHE E 144 -10.91 -13.56 -35.69
C PHE E 144 -9.72 -12.68 -36.05
N GLY E 145 -9.88 -11.82 -37.05
CA GLY E 145 -8.82 -10.93 -37.45
C GLY E 145 -7.73 -11.54 -38.32
N ILE E 146 -7.92 -12.75 -38.81
CA ILE E 146 -6.90 -13.44 -39.60
C ILE E 146 -7.41 -13.50 -41.02
N LYS E 147 -6.78 -12.76 -41.92
CA LYS E 147 -7.27 -12.67 -43.29
C LYS E 147 -6.40 -13.50 -44.21
N THR E 148 -6.91 -13.79 -45.40
CA THR E 148 -6.17 -14.56 -46.37
C THR E 148 -5.99 -13.74 -47.65
N LYS E 149 -4.78 -13.80 -48.22
CA LYS E 149 -4.52 -13.28 -49.55
C LYS E 149 -4.44 -14.47 -50.50
N PHE E 150 -5.41 -14.58 -51.40
CA PHE E 150 -5.48 -15.71 -52.32
C PHE E 150 -4.69 -15.45 -53.59
N VAL E 151 -3.97 -16.46 -54.04
CA VAL E 151 -3.12 -16.38 -55.23
C VAL E 151 -3.69 -17.35 -56.25
N ARG E 152 -4.19 -16.83 -57.36
CA ARG E 152 -4.96 -17.64 -58.28
C ARG E 152 -4.10 -18.31 -59.34
N SER E 153 -2.94 -17.73 -59.65
CA SER E 153 -2.17 -18.09 -60.83
C SER E 153 -1.16 -19.20 -60.60
N GLY E 154 -0.74 -19.42 -59.37
CA GLY E 154 0.27 -20.40 -59.10
C GLY E 154 1.69 -19.96 -59.37
N LYS E 155 1.89 -18.69 -59.74
CA LYS E 155 3.21 -18.20 -60.09
C LYS E 155 3.99 -17.85 -58.82
N LEU E 156 5.24 -18.32 -58.75
CA LEU E 156 6.10 -18.07 -57.59
C LEU E 156 6.17 -16.58 -57.28
N GLU E 157 6.16 -15.74 -58.31
CA GLU E 157 6.27 -14.30 -58.10
C GLU E 157 5.03 -13.75 -57.42
N ASP E 158 3.86 -14.28 -57.75
CA ASP E 158 2.63 -13.85 -57.09
C ASP E 158 2.62 -14.25 -55.63
N TYR E 159 3.12 -15.45 -55.31
CA TYR E 159 3.24 -15.83 -53.90
C TYR E 159 4.20 -14.91 -53.17
N ALA E 160 5.35 -14.64 -53.79
CA ALA E 160 6.32 -13.74 -53.17
C ALA E 160 5.71 -12.37 -52.94
N ALA E 161 4.97 -11.86 -53.94
CA ALA E 161 4.42 -10.52 -53.83
C ALA E 161 3.32 -10.41 -52.76
N ALA E 162 2.61 -11.51 -52.49
CA ALA E 162 1.50 -11.47 -51.54
C ALA E 162 2.00 -11.34 -50.11
N ILE E 163 3.21 -11.78 -49.81
CA ILE E 163 3.70 -11.80 -48.44
C ILE E 163 3.90 -10.39 -47.94
N ASP E 164 3.53 -10.14 -46.68
CA ASP E 164 3.93 -8.89 -46.02
C ASP E 164 4.40 -9.25 -44.62
N ASP E 165 4.69 -8.22 -43.81
CA ASP E 165 5.30 -8.47 -42.51
C ASP E 165 4.36 -9.21 -41.56
N GLN E 166 3.07 -9.21 -41.88
CA GLN E 166 2.02 -9.85 -41.10
C GLN E 166 1.70 -11.25 -41.59
N THR E 167 2.31 -11.66 -42.70
CA THR E 167 2.07 -13.00 -43.21
C THR E 167 2.66 -14.06 -42.27
N ARG E 168 1.89 -15.10 -42.03
CA ARG E 168 2.35 -16.13 -41.14
C ARG E 168 2.44 -17.49 -41.80
N ALA E 169 1.97 -17.66 -43.04
CA ALA E 169 2.20 -18.92 -43.73
C ALA E 169 1.86 -18.75 -45.19
N ILE E 170 2.40 -19.67 -46.00
CA ILE E 170 1.84 -19.97 -47.32
C ILE E 170 1.12 -21.30 -47.16
N TYR E 171 -0.09 -21.39 -47.69
CA TYR E 171 -0.96 -22.55 -47.52
C TYR E 171 -1.43 -22.99 -48.90
N VAL E 172 -1.20 -24.26 -49.26
CA VAL E 172 -1.71 -24.79 -50.51
C VAL E 172 -2.18 -26.21 -50.24
N GLU E 173 -3.02 -26.70 -51.15
CA GLU E 173 -3.37 -28.11 -51.22
C GLU E 173 -2.36 -28.81 -52.10
N SER E 174 -1.94 -30.03 -51.70
CA SER E 174 -0.96 -30.75 -52.51
C SER E 174 -1.54 -31.11 -53.88
N MET E 175 -2.84 -31.33 -53.98
CA MET E 175 -3.50 -31.46 -55.27
C MET E 175 -4.93 -30.99 -55.10
N SER E 176 -5.29 -29.94 -55.81
CA SER E 176 -6.60 -29.37 -55.57
C SER E 176 -7.68 -30.26 -56.17
N ASN E 177 -8.94 -29.88 -55.93
CA ASN E 177 -10.08 -30.75 -56.22
C ASN E 177 -11.29 -29.86 -56.48
N PRO E 178 -11.97 -29.98 -57.62
CA PRO E 178 -11.91 -31.01 -58.66
C PRO E 178 -11.10 -30.65 -59.88
N ASP E 179 -10.07 -29.83 -59.73
CA ASP E 179 -9.26 -29.43 -60.87
C ASP E 179 -7.82 -29.91 -60.80
N TYR E 180 -7.40 -30.51 -59.68
CA TYR E 180 -6.17 -31.30 -59.58
C TYR E 180 -4.93 -30.48 -59.91
N VAL E 181 -4.94 -29.21 -59.49
CA VAL E 181 -3.74 -28.40 -59.60
C VAL E 181 -2.72 -28.87 -58.57
N VAL E 182 -1.50 -29.11 -59.02
CA VAL E 182 -0.38 -29.47 -58.16
C VAL E 182 0.54 -28.26 -58.08
N PRO E 183 0.90 -27.81 -56.89
CA PRO E 183 1.76 -26.64 -56.76
C PRO E 183 3.22 -26.99 -56.96
N ASP E 184 4.00 -25.96 -57.31
CA ASP E 184 5.45 -26.04 -57.28
C ASP E 184 5.93 -26.06 -55.84
N PHE E 185 5.98 -27.24 -55.21
CA PHE E 185 6.31 -27.26 -53.79
C PHE E 185 7.63 -26.56 -53.52
N GLU E 186 8.71 -26.96 -54.22
CA GLU E 186 10.04 -26.52 -53.84
C GLU E 186 10.24 -25.04 -54.12
N GLY E 187 9.61 -24.54 -55.18
CA GLY E 187 9.68 -23.11 -55.45
C GLY E 187 8.90 -22.28 -54.45
N ILE E 188 7.71 -22.77 -54.04
CA ILE E 188 6.95 -22.04 -53.04
C ILE E 188 7.63 -22.14 -51.68
N ALA E 189 8.19 -23.30 -51.36
CA ALA E 189 8.90 -23.47 -50.09
C ALA E 189 10.09 -22.51 -50.00
N LYS E 190 10.82 -22.35 -51.11
CA LYS E 190 11.90 -21.37 -51.15
C LYS E 190 11.39 -19.98 -50.82
N ILE E 191 10.34 -19.53 -51.53
CA ILE E 191 9.78 -18.21 -51.29
C ILE E 191 9.39 -18.07 -49.82
N ALA E 192 8.68 -19.07 -49.29
CA ALA E 192 8.27 -19.02 -47.89
C ALA E 192 9.48 -18.87 -46.98
N HIS E 193 10.47 -19.75 -47.13
CA HIS E 193 11.56 -19.77 -46.16
C HIS E 193 12.43 -18.52 -46.25
N GLU E 194 12.60 -17.97 -47.46
CA GLU E 194 13.27 -16.68 -47.63
C GLU E 194 12.61 -15.60 -46.81
N HIS E 195 11.28 -15.64 -46.69
CA HIS E 195 10.55 -14.62 -45.96
C HIS E 195 10.33 -14.97 -44.49
N GLY E 196 10.96 -16.03 -43.99
CA GLY E 196 10.74 -16.40 -42.60
C GLY E 196 9.36 -16.94 -42.27
N ILE E 197 8.74 -17.69 -43.18
CA ILE E 197 7.43 -18.27 -42.89
C ILE E 197 7.40 -19.73 -43.36
N PRO E 198 6.56 -20.52 -42.70
CA PRO E 198 6.40 -21.93 -43.09
C PRO E 198 5.52 -22.10 -44.31
N LEU E 199 5.76 -23.19 -45.03
CA LEU E 199 4.82 -23.69 -46.04
C LEU E 199 3.93 -24.74 -45.38
N VAL E 200 2.61 -24.50 -45.36
CA VAL E 200 1.61 -25.45 -44.86
C VAL E 200 0.94 -26.09 -46.07
N VAL E 201 0.84 -27.42 -46.09
CA VAL E 201 0.27 -28.13 -47.22
C VAL E 201 -0.81 -29.06 -46.69
N ASP E 202 -2.02 -28.91 -47.23
CA ASP E 202 -3.11 -29.88 -47.05
C ASP E 202 -2.84 -30.98 -48.07
N ASN E 203 -2.31 -32.11 -47.58
CA ASN E 203 -1.96 -33.23 -48.43
C ASN E 203 -3.06 -34.29 -48.47
N THR E 204 -4.32 -33.90 -48.27
CA THR E 204 -5.40 -34.89 -48.27
C THR E 204 -5.38 -35.71 -49.56
N LEU E 205 -5.29 -35.05 -50.72
CA LEU E 205 -5.36 -35.85 -51.95
C LEU E 205 -4.07 -36.61 -52.23
N GLY E 206 -3.01 -36.38 -51.47
CA GLY E 206 -1.78 -37.16 -51.51
C GLY E 206 -1.87 -38.49 -50.80
N ALA E 207 -3.02 -38.81 -50.21
CA ALA E 207 -3.26 -40.11 -49.58
C ALA E 207 -2.18 -40.44 -48.55
N GLY E 208 -2.05 -39.58 -47.54
CA GLY E 208 -1.20 -39.91 -46.42
C GLY E 208 0.27 -39.99 -46.78
N GLY E 209 0.68 -39.35 -47.86
CA GLY E 209 2.05 -39.47 -48.30
C GLY E 209 2.30 -40.51 -49.34
N TYR E 210 1.27 -41.22 -49.80
CA TYR E 210 1.51 -42.23 -50.81
C TYR E 210 1.73 -41.57 -52.17
N TYR E 211 0.82 -40.67 -52.58
CA TYR E 211 0.96 -40.06 -53.89
C TYR E 211 1.88 -38.86 -53.87
N ILE E 212 1.85 -38.08 -52.80
CA ILE E 212 2.55 -36.80 -52.75
C ILE E 212 3.18 -36.69 -51.37
N ARG E 213 4.44 -36.29 -51.33
CA ARG E 213 5.21 -36.22 -50.08
C ARG E 213 5.75 -34.81 -49.89
N PRO E 214 4.92 -33.87 -49.43
CA PRO E 214 5.32 -32.46 -49.40
C PRO E 214 6.52 -32.16 -48.52
N ILE E 215 6.69 -32.91 -47.42
CA ILE E 215 7.81 -32.62 -46.54
C ILE E 215 9.14 -32.85 -47.26
N GLU E 216 9.18 -33.84 -48.14
CA GLU E 216 10.35 -34.09 -48.96
C GLU E 216 10.68 -32.93 -49.90
N HIS E 217 9.78 -31.97 -50.05
CA HIS E 217 9.90 -30.94 -51.07
C HIS E 217 9.73 -29.56 -50.47
N GLY E 218 9.98 -29.42 -49.18
CA GLY E 218 10.04 -28.12 -48.54
C GLY E 218 8.88 -27.79 -47.62
N ALA E 219 7.82 -28.61 -47.58
CA ALA E 219 6.70 -28.28 -46.71
C ALA E 219 7.15 -28.37 -45.25
N ASP E 220 6.72 -27.41 -44.46
CA ASP E 220 7.05 -27.42 -43.03
C ASP E 220 5.99 -28.13 -42.20
N ILE E 221 4.74 -27.94 -42.57
CA ILE E 221 3.60 -28.49 -41.83
C ILE E 221 2.63 -29.07 -42.85
N VAL E 222 2.13 -30.26 -42.57
CA VAL E 222 1.22 -30.92 -43.49
C VAL E 222 -0.04 -31.30 -42.73
N VAL E 223 -1.19 -30.95 -43.30
CA VAL E 223 -2.45 -31.33 -42.68
C VAL E 223 -3.22 -32.25 -43.62
N HIS E 224 -4.03 -33.11 -43.02
CA HIS E 224 -4.81 -34.09 -43.75
C HIS E 224 -6.21 -34.13 -43.18
N SER E 225 -7.18 -34.31 -44.06
CA SER E 225 -8.46 -34.94 -43.67
C SER E 225 -8.24 -36.44 -43.72
N ALA E 226 -8.04 -37.05 -42.56
CA ALA E 226 -7.94 -38.51 -42.45
C ALA E 226 -9.25 -39.18 -42.85
N THR E 227 -10.35 -38.42 -42.84
CA THR E 227 -11.68 -38.85 -43.32
C THR E 227 -11.66 -39.49 -44.71
N TRP E 229 -8.74 -40.65 -47.92
CA TRP E 229 -8.07 -41.88 -48.35
C TRP E 229 -7.36 -42.54 -47.16
N ILE E 230 -6.93 -41.72 -46.19
CA ILE E 230 -6.24 -42.31 -45.03
C ILE E 230 -7.13 -43.32 -44.35
N GLY E 231 -8.34 -42.90 -44.01
CA GLY E 231 -9.28 -43.82 -43.41
C GLY E 231 -9.79 -44.83 -44.43
N GLY E 232 -10.14 -44.38 -45.63
CA GLY E 232 -10.35 -45.24 -46.79
C GLY E 232 -11.68 -45.96 -46.88
N HIS E 233 -12.49 -45.95 -45.85
CA HIS E 233 -13.74 -46.71 -45.91
C HIS E 233 -14.96 -45.87 -45.63
N GLY E 234 -14.81 -44.54 -45.55
CA GLY E 234 -15.94 -43.67 -45.29
C GLY E 234 -16.68 -43.95 -44.00
N THR E 235 -15.99 -44.44 -42.97
CA THR E 235 -16.69 -44.67 -41.70
C THR E 235 -16.50 -43.56 -40.70
N THR E 236 -15.50 -42.70 -40.89
CA THR E 236 -14.95 -41.93 -39.77
C THR E 236 -14.45 -40.56 -40.20
N ILE E 237 -14.82 -39.56 -39.44
CA ILE E 237 -14.26 -38.21 -39.61
C ILE E 237 -12.99 -38.11 -38.78
N GLY E 238 -11.94 -37.50 -39.35
CA GLY E 238 -10.75 -37.26 -38.55
C GLY E 238 -9.75 -36.43 -39.30
N GLY E 239 -8.85 -35.78 -38.56
CA GLY E 239 -7.80 -35.00 -39.17
C GLY E 239 -6.47 -35.25 -38.49
N VAL E 240 -5.41 -34.74 -39.09
CA VAL E 240 -4.10 -34.91 -38.48
C VAL E 240 -3.22 -33.78 -39.00
N ILE E 241 -2.38 -33.27 -38.10
CA ILE E 241 -1.41 -32.23 -38.37
C ILE E 241 -0.03 -32.84 -38.25
N VAL E 242 0.83 -32.67 -39.27
CA VAL E 242 2.14 -33.31 -39.25
C VAL E 242 3.22 -32.21 -39.27
N ASP E 243 4.20 -32.31 -38.38
CA ASP E 243 5.27 -31.31 -38.24
C ASP E 243 6.54 -31.88 -38.84
N SER E 244 7.11 -31.20 -39.84
CA SER E 244 8.39 -31.66 -40.35
C SER E 244 9.51 -31.48 -39.33
N GLY E 245 9.34 -30.58 -38.36
CA GLY E 245 10.40 -30.28 -37.44
C GLY E 245 11.53 -29.48 -38.04
N ARG E 246 11.36 -29.00 -39.29
CA ARG E 246 12.41 -28.36 -40.07
C ARG E 246 12.34 -26.83 -40.06
N PHE E 247 11.28 -26.24 -39.55
CA PHE E 247 11.18 -24.80 -39.55
C PHE E 247 11.82 -24.28 -38.26
N ASN E 248 12.80 -23.39 -38.39
CA ASN E 248 13.49 -22.89 -37.21
C ASN E 248 12.73 -21.68 -36.67
N TRP E 249 11.89 -21.91 -35.65
CA TRP E 249 11.06 -20.83 -35.10
C TRP E 249 11.91 -19.79 -34.40
N ASN E 250 13.06 -20.20 -33.87
CA ASN E 250 13.88 -19.24 -33.14
C ASN E 250 14.47 -18.21 -34.08
N LYS E 251 14.98 -18.62 -35.25
CA LYS E 251 15.46 -17.66 -36.24
C LYS E 251 14.39 -16.73 -36.73
N HIS E 252 13.12 -17.14 -36.68
CA HIS E 252 12.06 -16.28 -37.18
C HIS E 252 11.12 -15.86 -36.07
N SER E 253 11.69 -15.65 -34.88
CA SER E 253 10.94 -15.26 -33.71
C SER E 253 10.23 -13.94 -33.90
N ASP E 254 10.65 -13.12 -34.87
CA ASP E 254 9.96 -11.86 -35.09
C ASP E 254 8.54 -12.06 -35.61
N ARG E 255 8.32 -13.09 -36.44
CA ARG E 255 6.98 -13.43 -36.91
C ARG E 255 6.25 -14.36 -35.97
N PHE E 256 6.98 -15.14 -35.18
CA PHE E 256 6.41 -16.17 -34.32
C PHE E 256 6.96 -16.03 -32.91
N PRO E 257 6.72 -14.89 -32.25
CA PRO E 257 7.26 -14.72 -30.89
C PRO E 257 6.72 -15.75 -29.90
N GLU E 258 5.47 -16.19 -30.04
CA GLU E 258 4.91 -17.14 -29.09
C GLU E 258 5.66 -18.46 -29.11
N MET E 259 6.43 -18.75 -30.17
CA MET E 259 7.20 -19.99 -30.19
C MET E 259 8.46 -19.92 -29.33
N VAL E 260 8.91 -18.72 -28.93
CA VAL E 260 10.16 -18.61 -28.20
C VAL E 260 9.94 -17.91 -26.86
N GLU E 261 8.96 -17.02 -26.80
CA GLU E 261 8.85 -16.17 -25.63
C GLU E 261 8.13 -16.88 -24.49
N PRO E 262 8.38 -16.45 -23.26
CA PRO E 262 7.67 -17.02 -22.10
C PRO E 262 6.18 -17.09 -22.33
N SER E 263 5.63 -18.28 -22.13
CA SER E 263 4.25 -18.55 -22.52
C SER E 263 3.31 -18.32 -21.35
N PRO E 264 2.24 -17.54 -21.54
CA PRO E 264 1.31 -17.29 -20.41
C PRO E 264 0.60 -18.54 -19.92
N SER E 265 0.47 -19.55 -20.77
CA SER E 265 -0.26 -20.75 -20.38
C SER E 265 0.53 -21.61 -19.39
N TYR E 266 1.86 -21.57 -19.44
CA TYR E 266 2.65 -22.54 -18.68
C TYR E 266 3.74 -21.86 -17.88
N HIS E 267 3.38 -20.76 -17.21
CA HIS E 267 4.27 -20.03 -16.31
C HIS E 267 5.64 -19.82 -16.95
N GLY E 268 5.61 -19.02 -18.02
CA GLY E 268 6.81 -18.56 -18.67
C GLY E 268 7.50 -19.59 -19.52
N LEU E 269 6.95 -20.80 -19.65
CA LEU E 269 7.59 -21.84 -20.45
C LEU E 269 7.92 -21.33 -21.85
N LYS E 270 9.18 -21.48 -22.23
CA LYS E 270 9.64 -21.09 -23.55
C LYS E 270 9.67 -22.35 -24.43
N TYR E 271 8.84 -22.37 -25.47
CA TYR E 271 8.66 -23.58 -26.24
C TYR E 271 9.92 -23.95 -27.01
N TRP E 272 10.50 -23.01 -27.77
CA TRP E 272 11.69 -23.34 -28.55
C TRP E 272 12.79 -23.91 -27.65
N GLU E 273 13.06 -23.27 -26.52
CA GLU E 273 14.09 -23.78 -25.62
C GLU E 273 13.74 -25.17 -25.11
N ALA E 274 12.47 -25.39 -24.76
CA ALA E 274 12.09 -26.67 -24.16
C ALA E 274 12.04 -27.80 -25.19
N PHE E 275 11.61 -27.50 -26.42
CA PHE E 275 11.24 -28.55 -27.36
C PHE E 275 11.93 -28.48 -28.73
N GLY E 276 12.59 -27.37 -29.08
CA GLY E 276 13.31 -27.29 -30.33
C GLY E 276 12.46 -27.59 -31.54
N PRO E 277 12.89 -28.56 -32.37
CA PRO E 277 12.17 -28.85 -33.62
C PRO E 277 10.74 -29.32 -33.40
N ALA E 278 10.40 -29.75 -32.21
CA ALA E 278 9.03 -30.18 -31.90
C ALA E 278 8.18 -29.04 -31.38
N THR E 279 8.64 -27.79 -31.52
CA THR E 279 7.95 -26.69 -30.86
C THR E 279 6.52 -26.52 -31.39
N PHE E 280 6.32 -26.56 -32.71
CA PHE E 280 5.00 -26.29 -33.25
C PHE E 280 4.02 -27.39 -32.85
N ILE E 281 4.40 -28.64 -33.08
CA ILE E 281 3.42 -29.70 -32.82
C ILE E 281 3.17 -29.81 -31.33
N THR E 282 4.15 -29.44 -30.50
CA THR E 282 3.93 -29.42 -29.05
C THR E 282 2.93 -28.34 -28.66
N ARG E 283 3.04 -27.15 -29.24
CA ARG E 283 2.05 -26.12 -28.93
C ARG E 283 0.67 -26.57 -29.37
N ILE E 284 0.57 -27.26 -30.52
CA ILE E 284 -0.73 -27.73 -30.99
C ILE E 284 -1.39 -28.55 -29.90
N ARG E 285 -0.62 -29.47 -29.31
CA ARG E 285 -1.16 -30.36 -28.29
C ARG E 285 -1.41 -29.62 -26.99
N VAL E 286 -0.38 -28.99 -26.42
CA VAL E 286 -0.55 -28.52 -25.04
C VAL E 286 -1.26 -27.19 -24.95
N GLU E 287 -1.43 -26.47 -26.06
CA GLU E 287 -2.26 -25.28 -26.08
C GLU E 287 -3.56 -25.47 -26.86
N MET E 288 -3.47 -25.91 -28.11
CA MET E 288 -4.60 -25.78 -29.01
C MET E 288 -5.62 -26.91 -28.88
N LEU E 289 -5.17 -28.16 -28.86
CA LEU E 289 -6.09 -29.22 -28.48
C LEU E 289 -6.64 -28.96 -27.09
N ARG E 290 -5.79 -28.47 -26.19
CA ARG E 290 -6.22 -28.28 -24.82
C ARG E 290 -7.30 -27.21 -24.75
N ASP E 291 -7.17 -26.13 -25.52
CA ASP E 291 -8.13 -25.06 -25.38
C ASP E 291 -9.25 -25.08 -26.40
N ILE E 292 -9.00 -25.52 -27.62
CA ILE E 292 -10.08 -25.58 -28.58
C ILE E 292 -10.80 -26.92 -28.47
N GLY E 293 -10.08 -27.98 -28.16
CA GLY E 293 -10.73 -29.23 -27.80
C GLY E 293 -11.28 -30.01 -28.96
N ALA E 294 -10.68 -29.88 -30.14
CA ALA E 294 -11.10 -30.63 -31.31
C ALA E 294 -10.30 -31.93 -31.38
N CYS E 295 -10.56 -32.81 -30.40
CA CYS E 295 -9.77 -34.02 -30.23
C CYS E 295 -10.43 -35.18 -31.00
N LEU E 296 -9.62 -36.17 -31.30
CA LEU E 296 -10.04 -37.34 -32.05
C LEU E 296 -10.33 -38.47 -31.08
N SER E 297 -11.50 -39.10 -31.24
CA SER E 297 -11.86 -40.24 -30.41
C SER E 297 -10.89 -41.40 -30.65
N PRO E 298 -10.59 -42.17 -29.62
CA PRO E 298 -9.86 -43.43 -29.86
C PRO E 298 -10.60 -44.43 -30.75
N PHE E 299 -11.93 -44.48 -30.69
CA PHE E 299 -12.67 -45.33 -31.61
C PHE E 299 -12.40 -44.90 -33.02
N SER E 300 -12.47 -43.58 -33.25
CA SER E 300 -12.18 -43.04 -34.57
C SER E 300 -10.76 -43.39 -34.98
N ALA E 301 -9.82 -43.22 -34.06
CA ALA E 301 -8.44 -43.53 -34.40
C ALA E 301 -8.29 -44.99 -34.79
N GLN E 302 -9.02 -45.88 -34.11
CA GLN E 302 -8.88 -47.29 -34.48
C GLN E 302 -9.43 -47.58 -35.86
N GLN E 303 -10.56 -46.93 -36.22
CA GLN E 303 -11.12 -47.07 -37.56
C GLN E 303 -10.13 -46.59 -38.61
N LEU E 304 -9.51 -45.43 -38.37
CA LEU E 304 -8.51 -44.92 -39.29
C LEU E 304 -7.27 -45.81 -39.37
N LEU E 305 -6.81 -46.33 -38.22
CA LEU E 305 -5.68 -47.23 -38.24
C LEU E 305 -5.95 -48.47 -39.10
N LEU E 306 -7.16 -49.04 -39.02
CA LEU E 306 -7.49 -50.14 -39.93
C LEU E 306 -7.37 -49.71 -41.38
N GLY E 307 -7.80 -48.49 -41.68
CA GLY E 307 -7.64 -48.00 -43.03
C GLY E 307 -6.19 -47.85 -43.42
N ILE E 308 -5.37 -47.29 -42.52
CA ILE E 308 -3.95 -47.02 -42.79
C ILE E 308 -3.23 -48.32 -43.11
N GLU E 309 -3.63 -49.42 -42.47
CA GLU E 309 -2.99 -50.71 -42.73
C GLU E 309 -3.04 -51.14 -44.19
N THR E 310 -3.96 -50.61 -44.99
CA THR E 310 -3.95 -50.96 -46.42
C THR E 310 -3.76 -49.73 -47.31
N LEU E 311 -3.33 -48.62 -46.73
CA LEU E 311 -3.30 -47.36 -47.45
C LEU E 311 -2.54 -47.48 -48.77
N GLY E 312 -1.32 -48.00 -48.72
CA GLY E 312 -0.55 -48.20 -49.95
C GLY E 312 -1.27 -49.07 -50.97
N LEU E 313 -1.84 -50.20 -50.52
CA LEU E 313 -2.56 -51.08 -51.45
C LEU E 313 -3.74 -50.38 -52.10
N ARG E 314 -4.56 -49.72 -51.28
CA ARG E 314 -5.72 -49.04 -51.82
C ARG E 314 -5.30 -47.91 -52.77
N ALA E 315 -4.37 -47.05 -52.32
CA ALA E 315 -3.92 -45.95 -53.16
C ALA E 315 -3.36 -46.47 -54.48
N GLU E 316 -2.62 -47.57 -54.42
CA GLU E 316 -2.14 -48.18 -55.66
C GLU E 316 -3.30 -48.50 -56.60
N ARG E 317 -4.32 -49.19 -56.09
CA ARG E 317 -5.39 -49.63 -56.95
C ARG E 317 -6.27 -48.46 -57.40
N HIS E 318 -6.55 -47.54 -56.48
CA HIS E 318 -7.26 -46.33 -56.83
C HIS E 318 -6.62 -45.70 -58.06
N ALA E 319 -5.29 -45.52 -58.03
CA ALA E 319 -4.61 -44.81 -59.11
C ALA E 319 -4.56 -45.63 -60.39
N GLN E 320 -4.44 -46.94 -60.27
CA GLN E 320 -4.47 -47.78 -61.46
C GLN E 320 -5.85 -47.73 -62.11
N ASN E 321 -6.92 -47.79 -61.30
CA ASN E 321 -8.29 -47.69 -61.82
C ASN E 321 -8.53 -46.32 -62.42
N THR E 322 -8.00 -45.28 -61.78
CA THR E 322 -8.21 -43.92 -62.27
C THR E 322 -7.57 -43.73 -63.63
N GLU E 323 -6.37 -44.25 -63.80
CA GLU E 323 -5.69 -44.15 -65.08
C GLU E 323 -6.49 -44.87 -66.17
N LYS E 324 -6.97 -46.08 -65.88
CA LYS E 324 -7.77 -46.81 -66.86
C LYS E 324 -9.10 -46.10 -67.15
N LEU E 325 -9.75 -45.54 -66.10
CA LEU E 325 -11.00 -44.84 -66.35
C LEU E 325 -10.78 -43.59 -67.21
N SER E 326 -9.64 -42.92 -67.03
CA SER E 326 -9.33 -41.75 -67.84
C SER E 326 -9.28 -42.13 -69.32
N LYS E 327 -8.72 -43.30 -69.63
CA LYS E 327 -8.72 -43.81 -71.00
C LYS E 327 -10.13 -44.15 -71.48
N TYR E 328 -10.92 -44.88 -70.67
CA TYR E 328 -12.32 -45.14 -71.03
C TYR E 328 -13.06 -43.84 -71.37
N PHE E 329 -12.96 -42.84 -70.51
CA PHE E 329 -13.72 -41.63 -70.77
C PHE E 329 -13.20 -40.90 -72.00
N GLU E 330 -11.89 -40.92 -72.23
CA GLU E 330 -11.27 -40.29 -73.39
C GLU E 330 -11.68 -40.97 -74.70
N SER E 331 -12.24 -42.17 -74.62
CA SER E 331 -12.75 -42.89 -75.77
C SER E 331 -14.25 -42.76 -75.93
N SER E 332 -14.95 -42.20 -74.97
CA SER E 332 -16.41 -42.24 -74.97
C SER E 332 -16.98 -41.15 -75.85
N PRO E 333 -17.95 -41.46 -76.72
CA PRO E 333 -18.67 -40.40 -77.44
C PRO E 333 -19.50 -39.49 -76.54
N ASN E 334 -19.69 -39.86 -75.28
CA ASN E 334 -20.57 -39.11 -74.39
C ASN E 334 -19.83 -38.10 -73.55
N VAL E 335 -18.52 -38.04 -73.66
CA VAL E 335 -17.66 -37.20 -72.84
C VAL E 335 -17.06 -36.10 -73.72
N SER E 336 -17.00 -34.88 -73.20
CA SER E 336 -16.45 -33.72 -73.92
C SER E 336 -15.00 -33.45 -73.60
N TRP E 337 -14.52 -33.93 -72.46
CA TRP E 337 -13.17 -33.68 -71.97
C TRP E 337 -12.97 -34.49 -70.70
N VAL E 338 -11.72 -34.82 -70.44
CA VAL E 338 -11.31 -35.53 -69.24
C VAL E 338 -10.26 -34.68 -68.55
N LEU E 339 -10.43 -34.46 -67.25
CA LEU E 339 -9.41 -33.75 -66.48
C LEU E 339 -8.81 -34.74 -65.49
N TRP E 340 -7.52 -35.05 -65.65
CA TRP E 340 -6.81 -36.02 -64.84
C TRP E 340 -5.40 -35.45 -64.73
N PRO E 341 -4.81 -35.38 -63.54
CA PRO E 341 -3.48 -34.77 -63.43
C PRO E 341 -2.38 -35.57 -64.11
N GLY E 342 -2.63 -36.86 -64.44
CA GLY E 342 -1.67 -37.58 -65.25
C GLY E 342 -1.64 -37.17 -66.72
N SER E 343 -2.67 -36.49 -67.23
CA SER E 343 -2.69 -36.08 -68.63
C SER E 343 -1.58 -35.08 -68.92
N GLU E 344 -0.84 -35.30 -70.00
CA GLU E 344 0.20 -34.37 -70.43
C GLU E 344 -0.34 -32.98 -70.68
N SER E 345 -1.61 -32.88 -71.03
CA SER E 345 -2.26 -31.60 -71.28
C SER E 345 -2.67 -30.88 -70.01
N HIS E 346 -2.49 -31.50 -68.86
CA HIS E 346 -3.04 -30.92 -67.65
C HIS E 346 -2.33 -29.62 -67.35
N PRO E 347 -3.06 -28.58 -66.97
CA PRO E 347 -2.44 -27.27 -66.70
C PRO E 347 -1.21 -27.33 -65.79
N THR E 348 -1.18 -28.25 -64.82
CA THR E 348 0.01 -28.35 -63.98
C THR E 348 0.68 -29.72 -64.13
N TYR E 349 0.58 -30.33 -65.32
CA TYR E 349 1.22 -31.63 -65.56
C TYR E 349 2.70 -31.60 -65.18
N SER E 350 3.41 -30.51 -65.48
CA SER E 350 4.83 -30.47 -65.17
C SER E 350 5.08 -30.66 -63.68
N GLN E 351 4.21 -30.14 -62.83
CA GLN E 351 4.40 -30.33 -61.38
C GLN E 351 4.00 -31.74 -60.96
N ALA E 352 2.89 -32.23 -61.49
CA ALA E 352 2.45 -33.58 -61.17
C ALA E 352 3.49 -34.60 -61.60
N LYS E 353 4.09 -34.39 -62.78
CA LYS E 353 5.11 -35.32 -63.23
C LYS E 353 6.28 -35.32 -62.26
N LYS E 354 6.61 -34.16 -61.69
CA LYS E 354 7.73 -34.08 -60.75
C LYS E 354 7.37 -34.70 -59.40
N TYR E 355 6.17 -34.42 -58.91
CA TYR E 355 5.82 -34.68 -57.53
C TYR E 355 4.97 -35.91 -57.30
N LEU E 356 4.40 -36.50 -58.36
CA LEU E 356 3.55 -37.69 -58.26
C LEU E 356 4.22 -38.78 -59.09
N THR E 357 5.10 -39.54 -58.45
CA THR E 357 5.80 -40.63 -59.13
C THR E 357 5.34 -42.01 -58.69
N ARG E 358 4.31 -42.09 -57.84
CA ARG E 358 3.74 -43.33 -57.37
C ARG E 358 2.27 -43.37 -57.76
N GLY E 359 1.92 -42.76 -58.88
CA GLY E 359 0.57 -42.79 -59.39
C GLY E 359 -0.07 -41.42 -59.30
N PHE E 360 -0.93 -41.10 -60.28
CA PHE E 360 -1.47 -39.74 -60.41
C PHE E 360 -2.77 -39.54 -59.66
N GLY E 361 -2.87 -40.05 -58.43
CA GLY E 361 -4.05 -39.78 -57.63
C GLY E 361 -5.22 -40.69 -57.96
N ALA E 362 -6.31 -40.45 -57.23
CA ALA E 362 -7.51 -41.29 -57.26
C ALA E 362 -8.75 -40.54 -57.77
N MET E 363 -8.56 -39.37 -58.36
CA MET E 363 -9.66 -38.52 -58.78
C MET E 363 -9.59 -38.25 -60.27
N LEU E 364 -10.76 -38.13 -60.90
CA LEU E 364 -10.76 -37.42 -62.17
C LEU E 364 -12.09 -36.70 -62.33
N SER E 365 -12.10 -35.75 -63.24
CA SER E 365 -13.30 -35.02 -63.59
C SER E 365 -13.47 -35.17 -65.08
N ILE E 366 -14.73 -35.13 -65.51
CA ILE E 366 -15.09 -35.23 -66.92
C ILE E 366 -16.20 -34.23 -67.18
N GLY E 367 -16.27 -33.76 -68.43
CA GLY E 367 -17.44 -33.05 -68.91
C GLY E 367 -18.24 -33.99 -69.78
N VAL E 368 -19.55 -33.97 -69.63
CA VAL E 368 -20.41 -34.84 -70.41
C VAL E 368 -21.15 -33.98 -71.43
N LYS E 369 -21.50 -34.59 -72.56
CA LYS E 369 -22.04 -33.80 -73.65
C LYS E 369 -23.49 -33.42 -73.38
N GLY E 370 -24.02 -32.57 -74.26
CA GLY E 370 -25.42 -32.18 -74.15
C GLY E 370 -25.61 -30.96 -73.26
N ASP E 371 -26.81 -30.86 -72.71
CA ASP E 371 -27.24 -29.59 -72.18
C ASP E 371 -27.02 -29.51 -70.67
N ALA E 372 -27.79 -28.66 -70.00
CA ALA E 372 -27.59 -28.41 -68.58
C ALA E 372 -27.81 -29.68 -67.76
N SER E 373 -28.75 -30.52 -68.18
CA SER E 373 -29.24 -31.60 -67.34
C SER E 373 -28.47 -32.90 -67.48
N ALA E 374 -27.48 -32.96 -68.37
CA ALA E 374 -26.85 -34.24 -68.67
C ALA E 374 -26.00 -34.73 -67.49
N GLY E 375 -25.19 -33.84 -66.91
CA GLY E 375 -24.31 -34.24 -65.82
C GLY E 375 -25.08 -34.83 -64.66
N SER E 376 -26.16 -34.15 -64.26
CA SER E 376 -27.05 -34.66 -63.22
C SER E 376 -27.70 -35.97 -63.62
N LYS E 377 -28.14 -36.09 -64.87
CA LYS E 377 -28.75 -37.33 -65.30
C LYS E 377 -27.77 -38.48 -65.26
N VAL E 378 -26.53 -38.24 -65.71
CA VAL E 378 -25.54 -39.32 -65.76
C VAL E 378 -25.21 -39.80 -64.34
N VAL E 379 -24.98 -38.86 -63.43
CA VAL E 379 -24.70 -39.22 -62.04
C VAL E 379 -25.90 -39.97 -61.46
N ASP E 380 -27.10 -39.45 -61.66
CA ASP E 380 -28.29 -40.05 -61.07
C ASP E 380 -28.54 -41.44 -61.62
N GLY E 381 -28.08 -41.73 -62.84
CA GLY E 381 -28.30 -43.04 -63.43
C GLY E 381 -27.33 -44.12 -63.01
N LEU E 382 -26.29 -43.75 -62.25
CA LEU E 382 -25.31 -44.71 -61.77
C LEU E 382 -25.94 -45.58 -60.67
N LYS E 383 -25.67 -46.87 -60.75
CA LYS E 383 -26.19 -47.86 -59.82
C LYS E 383 -25.11 -48.52 -58.97
N LEU E 384 -23.84 -48.37 -59.33
CA LEU E 384 -22.74 -48.89 -58.54
C LEU E 384 -21.99 -47.74 -57.87
N VAL E 385 -21.47 -46.82 -58.68
CA VAL E 385 -20.92 -45.58 -58.16
C VAL E 385 -21.98 -44.84 -57.37
N SER E 386 -21.59 -44.27 -56.23
CA SER E 386 -22.54 -43.63 -55.32
C SER E 386 -22.55 -42.13 -55.51
N ASN E 387 -23.74 -41.54 -55.44
CA ASN E 387 -23.91 -40.09 -55.54
C ASN E 387 -23.82 -39.48 -54.15
N LEU E 388 -22.63 -38.99 -53.79
CA LEU E 388 -22.44 -38.21 -52.56
C LEU E 388 -21.11 -37.48 -52.65
N ALA E 389 -20.88 -36.61 -51.67
CA ALA E 389 -19.86 -35.57 -51.78
C ALA E 389 -18.49 -35.97 -51.24
N ASN E 390 -18.38 -37.09 -50.50
CA ASN E 390 -17.10 -37.58 -49.97
C ASN E 390 -16.16 -37.97 -51.10
N VAL E 391 -14.85 -38.03 -50.79
CA VAL E 391 -13.87 -38.61 -51.70
C VAL E 391 -13.01 -39.54 -50.86
N GLY E 392 -12.27 -40.42 -51.53
CA GLY E 392 -11.33 -41.24 -50.81
C GLY E 392 -11.95 -42.41 -50.10
N ASP E 393 -13.15 -42.82 -50.50
CA ASP E 393 -13.73 -44.06 -50.05
C ASP E 393 -13.23 -45.17 -50.95
N ALA E 394 -13.19 -46.38 -50.43
CA ALA E 394 -12.87 -47.51 -51.30
C ALA E 394 -13.97 -47.71 -52.34
N LYS E 395 -15.19 -47.31 -51.99
CA LYS E 395 -16.32 -47.32 -52.91
C LYS E 395 -16.21 -46.14 -53.84
N SER E 396 -16.45 -46.38 -55.14
CA SER E 396 -16.47 -45.29 -56.11
C SER E 396 -17.62 -44.31 -55.86
N LEU E 397 -17.31 -43.01 -56.01
CA LEU E 397 -18.27 -41.96 -55.74
C LEU E 397 -18.21 -40.96 -56.88
N ALA E 398 -19.33 -40.29 -57.12
CA ALA E 398 -19.40 -39.29 -58.17
C ALA E 398 -20.46 -38.29 -57.76
N ILE E 399 -20.23 -37.03 -58.13
CA ILE E 399 -21.18 -35.96 -57.87
C ILE E 399 -21.14 -35.01 -59.05
N HIS E 400 -22.24 -34.30 -59.23
CA HIS E 400 -22.33 -33.18 -60.14
C HIS E 400 -22.06 -31.92 -59.31
N PRO E 401 -20.81 -31.47 -59.23
CA PRO E 401 -20.46 -30.43 -58.26
C PRO E 401 -21.16 -29.11 -58.47
N TRP E 402 -21.50 -28.78 -59.72
CA TRP E 402 -22.11 -27.49 -60.01
C TRP E 402 -23.39 -27.30 -59.21
N SER E 403 -24.12 -28.39 -58.99
CA SER E 403 -25.39 -28.33 -58.29
C SER E 403 -25.32 -28.90 -56.88
N THR E 404 -24.11 -29.07 -56.30
CA THR E 404 -23.99 -29.64 -54.95
C THR E 404 -22.82 -29.02 -54.20
N THR E 405 -21.63 -29.64 -54.32
CA THR E 405 -20.51 -29.26 -53.45
C THR E 405 -19.99 -27.86 -53.74
N HIS E 406 -20.36 -27.29 -54.88
CA HIS E 406 -19.98 -25.93 -55.25
C HIS E 406 -21.22 -25.08 -55.62
N LEU E 409 -21.78 -21.12 -53.97
CA LEU E 409 -20.63 -20.36 -54.49
C LEU E 409 -20.98 -19.47 -55.67
N SER E 410 -20.20 -18.42 -55.86
CA SER E 410 -20.34 -17.58 -57.05
C SER E 410 -19.76 -18.30 -58.26
N GLU E 411 -20.08 -17.77 -59.44
CA GLU E 411 -19.49 -18.29 -60.67
C GLU E 411 -17.96 -18.21 -60.59
N ASP E 412 -17.45 -17.10 -60.05
CA ASP E 412 -16.00 -16.92 -59.94
C ASP E 412 -15.38 -17.95 -59.02
N GLU E 413 -15.90 -18.07 -57.80
CA GLU E 413 -15.38 -19.07 -56.89
C GLU E 413 -15.56 -20.48 -57.46
N ARG E 414 -16.66 -20.73 -58.17
CA ARG E 414 -16.77 -22.02 -58.87
C ARG E 414 -15.61 -22.21 -59.83
N LEU E 415 -15.34 -21.19 -60.65
CA LEU E 415 -14.28 -21.30 -61.64
C LEU E 415 -12.90 -21.30 -61.02
N ALA E 416 -12.75 -20.77 -59.81
CA ALA E 416 -11.47 -20.90 -59.10
C ALA E 416 -11.10 -22.35 -58.84
N SER E 417 -12.09 -23.25 -58.81
CA SER E 417 -11.86 -24.68 -58.71
C SER E 417 -12.24 -25.42 -60.00
N GLY E 418 -12.41 -24.68 -61.09
CA GLY E 418 -12.68 -25.29 -62.38
C GLY E 418 -14.04 -25.95 -62.50
N VAL E 419 -15.03 -25.54 -61.69
CA VAL E 419 -16.33 -26.18 -61.68
C VAL E 419 -17.25 -25.51 -62.70
N THR E 420 -17.86 -26.34 -63.55
CA THR E 420 -18.76 -25.93 -64.62
C THR E 420 -19.93 -26.90 -64.66
N GLU E 421 -20.98 -26.48 -65.36
CA GLU E 421 -22.23 -27.24 -65.37
C GLU E 421 -22.11 -28.59 -66.04
N ASP E 422 -21.15 -28.79 -66.92
CA ASP E 422 -21.02 -30.08 -67.57
C ASP E 422 -20.20 -31.07 -66.76
N MET E 423 -19.63 -30.65 -65.62
CA MET E 423 -18.59 -31.40 -64.94
C MET E 423 -19.17 -32.46 -63.99
N ILE E 424 -18.64 -33.67 -64.06
CA ILE E 424 -18.86 -34.70 -63.05
C ILE E 424 -17.52 -34.96 -62.37
N ARG E 425 -17.52 -34.96 -61.03
CA ARG E 425 -16.31 -35.27 -60.27
C ARG E 425 -16.40 -36.70 -59.78
N ILE E 426 -15.32 -37.46 -59.95
CA ILE E 426 -15.34 -38.90 -59.68
C ILE E 426 -14.20 -39.22 -58.73
N SER E 427 -14.54 -39.73 -57.55
CA SER E 427 -13.57 -40.36 -56.68
C SER E 427 -13.56 -41.85 -57.03
N VAL E 428 -12.53 -42.26 -57.77
CA VAL E 428 -12.48 -43.61 -58.33
C VAL E 428 -12.18 -44.57 -57.21
N GLY E 429 -13.05 -45.56 -57.03
CA GLY E 429 -12.90 -46.52 -55.96
C GLY E 429 -12.00 -47.65 -56.39
N ILE E 430 -12.00 -48.71 -55.57
CA ILE E 430 -11.17 -49.88 -55.84
C ILE E 430 -11.98 -51.08 -56.37
N GLU E 431 -13.25 -50.88 -56.73
CA GLU E 431 -14.03 -51.92 -57.41
C GLU E 431 -13.28 -52.36 -58.66
N HIS E 432 -13.69 -53.48 -59.23
CA HIS E 432 -13.11 -53.88 -60.50
C HIS E 432 -13.43 -52.82 -61.55
N VAL E 433 -12.41 -52.35 -62.27
CA VAL E 433 -12.63 -51.24 -63.19
C VAL E 433 -13.70 -51.55 -64.24
N ASP E 434 -13.83 -52.81 -64.67
CA ASP E 434 -14.86 -53.14 -65.65
C ASP E 434 -16.24 -52.84 -65.12
N ASP E 435 -16.46 -53.05 -63.82
CA ASP E 435 -17.79 -52.77 -63.30
C ASP E 435 -18.03 -51.28 -63.20
N ILE E 436 -16.97 -50.54 -62.90
CA ILE E 436 -17.08 -49.09 -62.89
C ILE E 436 -17.42 -48.59 -64.29
N ILE E 437 -16.68 -49.08 -65.29
CA ILE E 437 -16.95 -48.68 -66.67
C ILE E 437 -18.37 -49.06 -67.07
N ALA E 438 -18.77 -50.30 -66.77
CA ALA E 438 -20.11 -50.76 -67.13
C ALA E 438 -21.19 -49.89 -66.48
N ASP E 439 -20.96 -49.42 -65.24
CA ASP E 439 -21.93 -48.54 -64.59
C ASP E 439 -22.09 -47.22 -65.37
N PHE E 440 -20.99 -46.60 -65.78
CA PHE E 440 -21.09 -45.38 -66.59
C PHE E 440 -21.70 -45.67 -67.94
N GLU E 441 -21.33 -46.80 -68.55
CA GLU E 441 -21.89 -47.18 -69.83
C GLU E 441 -23.41 -47.26 -69.76
N GLN E 442 -23.95 -47.97 -68.76
CA GLN E 442 -25.41 -48.08 -68.70
C GLN E 442 -26.06 -46.76 -68.31
N SER E 443 -25.40 -45.94 -67.50
CA SER E 443 -25.97 -44.63 -67.20
C SER E 443 -25.93 -43.74 -68.43
N PHE E 444 -24.85 -43.84 -69.21
CA PHE E 444 -24.75 -43.04 -70.45
C PHE E 444 -25.87 -43.39 -71.42
N GLN E 445 -26.04 -44.68 -71.73
CA GLN E 445 -27.06 -45.05 -72.68
C GLN E 445 -28.46 -44.64 -72.19
N LYS E 446 -28.67 -44.60 -70.88
CA LYS E 446 -29.96 -44.10 -70.40
C LYS E 446 -30.09 -42.60 -70.59
N ALA E 447 -28.99 -41.86 -70.42
CA ALA E 447 -29.08 -40.41 -70.58
C ALA E 447 -29.07 -39.98 -72.05
N TYR E 448 -28.46 -40.76 -72.95
CA TYR E 448 -28.28 -40.35 -74.34
C TYR E 448 -28.86 -41.32 -75.38
N GLY E 449 -29.16 -42.56 -75.02
CA GLY E 449 -29.62 -43.55 -75.99
C GLY E 449 -28.46 -44.25 -76.69
N GLN F 24 -10.00 34.30 -68.58
CA GLN F 24 -9.65 32.92 -68.20
C GLN F 24 -8.16 32.71 -67.93
N ASN F 25 -7.32 33.69 -68.25
CA ASN F 25 -5.93 33.61 -67.86
C ASN F 25 -5.78 33.66 -66.33
N PHE F 26 -4.86 32.83 -65.83
CA PHE F 26 -4.56 32.78 -64.39
C PHE F 26 -4.25 34.17 -63.85
N GLU F 27 -3.39 34.91 -64.56
CA GLU F 27 -2.92 36.21 -64.10
C GLU F 27 -4.06 37.20 -63.88
N THR F 28 -5.16 37.00 -64.59
CA THR F 28 -6.35 37.85 -64.50
C THR F 28 -7.34 37.33 -63.47
N LEU F 29 -7.58 36.01 -63.45
CA LEU F 29 -8.47 35.45 -62.45
C LEU F 29 -8.00 35.75 -61.04
N GLN F 30 -6.69 35.72 -60.81
CA GLN F 30 -6.18 35.86 -59.45
C GLN F 30 -6.44 37.24 -58.86
N LEU F 31 -6.84 38.21 -59.72
CA LEU F 31 -7.21 39.56 -59.29
C LEU F 31 -8.70 39.83 -59.34
N HIS F 32 -9.49 38.97 -59.99
CA HIS F 32 -10.86 39.35 -60.33
C HIS F 32 -11.91 38.30 -60.01
N ALA F 33 -11.52 37.01 -60.04
CA ALA F 33 -12.55 35.98 -59.92
C ALA F 33 -13.23 36.03 -58.56
N GLY F 34 -14.55 35.89 -58.58
CA GLY F 34 -15.32 35.70 -57.36
C GLY F 34 -15.64 36.95 -56.57
N TYR F 35 -15.40 38.14 -57.11
CA TYR F 35 -15.75 39.36 -56.40
C TYR F 35 -16.17 40.42 -57.38
N THR F 36 -17.28 41.09 -57.06
CA THR F 36 -17.73 42.31 -57.73
C THR F 36 -18.09 43.31 -56.64
N PRO F 37 -17.65 44.56 -56.73
CA PRO F 37 -17.98 45.53 -55.68
C PRO F 37 -19.49 45.58 -55.44
N ASP F 38 -19.88 45.44 -54.17
CA ASP F 38 -21.30 45.50 -53.86
C ASP F 38 -21.83 46.91 -54.12
N PRO F 39 -23.09 47.05 -54.52
CA PRO F 39 -23.62 48.38 -54.86
C PRO F 39 -23.76 49.32 -53.67
N HIS F 40 -23.92 48.81 -52.45
CA HIS F 40 -24.03 49.70 -51.28
C HIS F 40 -22.78 50.57 -51.14
N THR F 41 -21.61 49.94 -50.97
CA THR F 41 -20.38 50.69 -50.75
C THR F 41 -19.54 50.86 -52.01
N ARG F 42 -19.64 49.94 -52.97
CA ARG F 42 -18.80 49.90 -54.17
C ARG F 42 -17.30 49.72 -53.86
N SER F 43 -16.95 49.23 -52.67
CA SER F 43 -15.56 48.94 -52.29
C SER F 43 -14.82 48.15 -53.40
N THR F 44 -13.72 48.73 -53.92
CA THR F 44 -12.92 48.07 -54.94
C THR F 44 -12.16 46.85 -54.40
N ALA F 45 -11.56 46.98 -53.23
CA ALA F 45 -10.88 45.91 -52.53
C ALA F 45 -11.89 45.09 -51.74
N VAL F 46 -11.52 43.89 -51.35
CA VAL F 46 -12.52 43.02 -50.73
C VAL F 46 -12.63 43.42 -49.26
N PRO F 47 -13.81 43.71 -48.74
CA PRO F 47 -13.90 44.08 -47.33
C PRO F 47 -13.63 42.87 -46.45
N ILE F 48 -13.26 43.15 -45.21
CA ILE F 48 -13.05 42.11 -44.23
C ILE F 48 -14.31 42.06 -43.41
N TYR F 49 -15.14 41.02 -43.60
CA TYR F 49 -16.39 40.95 -42.85
C TYR F 49 -16.10 40.32 -41.51
N ALA F 50 -15.54 41.13 -40.60
CA ALA F 50 -15.24 40.71 -39.23
C ALA F 50 -16.56 40.63 -38.47
N THR F 51 -17.38 39.62 -38.79
CA THR F 51 -18.64 39.43 -38.12
C THR F 51 -18.81 37.93 -37.89
N SER F 52 -19.44 37.59 -36.79
CA SER F 52 -19.78 36.18 -36.61
C SER F 52 -21.08 35.83 -37.31
N SER F 53 -21.98 36.81 -37.42
CA SER F 53 -23.38 36.58 -37.70
C SER F 53 -23.91 37.61 -38.70
N TYR F 54 -25.12 37.33 -39.19
CA TYR F 54 -25.76 38.06 -40.25
C TYR F 54 -27.24 38.14 -39.91
N THR F 55 -27.78 39.34 -39.90
CA THR F 55 -29.12 39.54 -39.36
C THR F 55 -30.19 39.10 -40.38
N PHE F 56 -31.17 38.32 -39.89
CA PHE F 56 -32.29 37.89 -40.73
C PHE F 56 -33.15 39.08 -41.13
N ASN F 57 -33.65 39.06 -42.37
CA ASN F 57 -34.64 40.07 -42.77
C ASN F 57 -35.95 39.91 -41.99
N ASP F 58 -36.32 38.67 -41.68
CA ASP F 58 -37.44 38.36 -40.81
C ASP F 58 -37.31 36.90 -40.41
N SER F 59 -38.26 36.41 -39.60
CA SER F 59 -38.16 35.03 -39.14
C SER F 59 -38.25 34.07 -40.31
N ALA F 60 -39.14 34.35 -41.27
CA ALA F 60 -39.32 33.42 -42.39
C ALA F 60 -38.05 33.33 -43.22
N HIS F 61 -37.34 34.44 -43.36
CA HIS F 61 -36.04 34.43 -44.04
C HIS F 61 -35.04 33.54 -43.30
N GLY F 62 -34.92 33.71 -41.98
CA GLY F 62 -34.09 32.80 -41.21
C GLY F 62 -34.44 31.35 -41.44
N ALA F 63 -35.74 31.05 -41.55
CA ALA F 63 -36.21 29.69 -41.82
C ALA F 63 -35.60 29.14 -43.11
N ARG F 64 -35.74 29.90 -44.20
CA ARG F 64 -35.22 29.44 -45.48
C ARG F 64 -33.70 29.30 -45.47
N LEU F 65 -33.00 30.14 -44.71
CA LEU F 65 -31.55 29.99 -44.62
C LEU F 65 -31.19 28.71 -43.89
N PHE F 66 -31.64 28.56 -42.64
CA PHE F 66 -31.28 27.38 -41.86
C PHE F 66 -31.81 26.11 -42.50
N GLY F 67 -32.94 26.20 -43.19
CA GLY F 67 -33.48 25.05 -43.89
C GLY F 67 -32.85 24.72 -45.21
N LEU F 68 -31.78 25.45 -45.57
CA LEU F 68 -31.11 25.37 -46.88
C LEU F 68 -32.08 25.62 -48.03
N LYS F 69 -33.19 26.32 -47.75
CA LYS F 69 -34.22 26.63 -48.75
C LYS F 69 -33.89 27.90 -49.52
N GLU F 70 -32.75 28.53 -49.25
CA GLU F 70 -32.35 29.78 -49.87
C GLU F 70 -30.87 30.02 -49.56
N LEU F 71 -30.11 30.49 -50.55
CA LEU F 71 -28.69 30.79 -50.33
C LEU F 71 -28.55 32.14 -49.63
N GLY F 72 -27.68 32.17 -48.62
CA GLY F 72 -27.38 33.40 -47.92
C GLY F 72 -26.47 33.16 -46.73
N ASN F 73 -25.79 34.22 -46.27
CA ASN F 73 -24.94 34.15 -45.09
C ASN F 73 -25.75 33.88 -43.82
N ILE F 74 -25.30 32.90 -43.05
CA ILE F 74 -25.90 32.52 -41.78
C ILE F 74 -24.95 32.75 -40.60
N TYR F 75 -23.71 32.29 -40.72
CA TYR F 75 -22.78 32.27 -39.58
C TYR F 75 -21.35 32.05 -40.08
N SER F 76 -20.38 32.84 -39.60
CA SER F 76 -19.05 32.75 -40.18
C SER F 76 -18.31 31.46 -39.87
N ARG F 77 -18.84 30.57 -39.01
CA ARG F 77 -18.28 29.22 -38.93
C ARG F 77 -18.53 28.46 -40.22
N LEU F 78 -19.59 28.80 -40.94
CA LEU F 78 -19.93 28.15 -42.21
C LEU F 78 -19.48 28.96 -43.42
N MET F 79 -19.73 30.27 -43.41
CA MET F 79 -19.54 31.09 -44.61
C MET F 79 -19.31 32.54 -44.19
N ASN F 80 -18.74 33.30 -45.11
CA ASN F 80 -18.38 34.67 -44.78
C ASN F 80 -17.99 35.33 -46.10
N PRO F 81 -18.51 36.51 -46.38
CA PRO F 81 -18.29 37.10 -47.73
C PRO F 81 -16.82 37.29 -48.06
N THR F 82 -15.95 37.62 -47.10
CA THR F 82 -14.52 37.70 -47.41
C THR F 82 -13.98 36.32 -47.76
N VAL F 83 -14.36 35.33 -46.98
CA VAL F 83 -13.88 33.98 -47.22
C VAL F 83 -14.49 33.44 -48.52
N ASP F 84 -15.70 33.88 -48.84
CA ASP F 84 -16.34 33.45 -50.08
C ASP F 84 -15.51 33.88 -51.29
N VAL F 85 -14.92 35.10 -51.27
CA VAL F 85 -14.10 35.52 -52.39
C VAL F 85 -12.88 34.61 -52.52
N PHE F 86 -12.22 34.36 -51.38
CA PHE F 86 -11.06 33.47 -51.38
C PHE F 86 -11.43 32.10 -51.97
N GLU F 87 -12.55 31.52 -51.54
CA GLU F 87 -12.98 30.22 -52.03
C GLU F 87 -13.22 30.25 -53.54
N LYS F 88 -14.02 31.20 -53.99
CA LYS F 88 -14.36 31.25 -55.41
C LYS F 88 -13.13 31.53 -56.24
N ARG F 89 -12.25 32.39 -55.75
CA ARG F 89 -11.08 32.73 -56.52
C ARG F 89 -10.17 31.51 -56.67
N ILE F 90 -9.93 30.77 -55.59
CA ILE F 90 -9.12 29.57 -55.69
C ILE F 90 -9.82 28.54 -56.56
N ALA F 91 -11.14 28.38 -56.41
CA ALA F 91 -11.83 27.43 -57.29
C ALA F 91 -11.61 27.80 -58.74
N ALA F 92 -11.74 29.08 -59.07
CA ALA F 92 -11.58 29.51 -60.45
C ALA F 92 -10.15 29.28 -60.93
N LEU F 93 -9.17 29.53 -60.07
CA LEU F 93 -7.78 29.35 -60.46
C LEU F 93 -7.48 27.90 -60.78
N GLU F 94 -8.12 26.97 -60.05
CA GLU F 94 -7.84 25.55 -60.21
C GLU F 94 -8.76 24.91 -61.24
N GLY F 95 -9.75 25.65 -61.71
CA GLY F 95 -10.73 25.05 -62.61
C GLY F 95 -11.72 24.17 -61.91
N GLY F 96 -12.00 24.43 -60.62
CA GLY F 96 -13.04 23.72 -59.92
C GLY F 96 -14.34 24.49 -59.98
N ILE F 97 -15.43 23.83 -59.58
CA ILE F 97 -16.70 24.56 -59.60
C ILE F 97 -16.87 25.38 -58.35
N ALA F 98 -16.28 24.95 -57.23
CA ALA F 98 -16.51 25.63 -55.96
C ALA F 98 -15.44 25.18 -54.98
N ALA F 99 -15.27 25.97 -53.91
CA ALA F 99 -14.31 25.63 -52.89
C ALA F 99 -14.85 25.97 -51.50
N ALA F 100 -14.24 25.35 -50.50
CA ALA F 100 -14.53 25.62 -49.10
C ALA F 100 -13.22 25.89 -48.36
N ALA F 101 -13.16 27.03 -47.66
CA ALA F 101 -11.96 27.36 -46.91
C ALA F 101 -11.96 26.68 -45.54
N THR F 102 -10.76 26.43 -45.03
CA THR F 102 -10.54 25.88 -43.70
C THR F 102 -9.45 26.66 -42.98
N SER F 103 -9.30 26.37 -41.69
CA SER F 103 -8.36 27.11 -40.86
C SER F 103 -6.90 26.78 -41.18
N SER F 104 -6.63 25.66 -41.86
CA SER F 104 -5.27 25.31 -42.22
C SER F 104 -5.32 24.28 -43.34
N GLY F 105 -4.15 24.02 -43.92
CA GLY F 105 -4.02 22.92 -44.87
C GLY F 105 -4.34 21.59 -44.20
N GLN F 106 -3.85 21.40 -42.98
CA GLN F 106 -4.18 20.17 -42.27
C GLN F 106 -5.69 19.99 -42.19
N ALA F 107 -6.41 21.08 -41.87
CA ALA F 107 -7.87 20.96 -41.72
C ALA F 107 -8.54 20.70 -43.07
N ALA F 108 -8.07 21.33 -44.15
CA ALA F 108 -8.59 20.99 -45.49
C ALA F 108 -8.52 19.47 -45.75
N GLN F 109 -7.36 18.87 -45.47
CA GLN F 109 -7.15 17.44 -45.66
C GLN F 109 -8.09 16.64 -44.77
N PHE F 110 -8.13 16.97 -43.49
CA PHE F 110 -8.96 16.22 -42.56
C PHE F 110 -10.44 16.29 -42.94
N LEU F 111 -10.97 17.49 -43.14
CA LEU F 111 -12.38 17.59 -43.51
C LEU F 111 -12.69 16.78 -44.76
N THR F 112 -11.79 16.81 -45.74
CA THR F 112 -12.03 16.08 -46.98
C THR F 112 -12.11 14.58 -46.71
N ILE F 113 -11.10 14.03 -46.05
CA ILE F 113 -11.09 12.59 -45.81
C ILE F 113 -12.24 12.21 -44.91
N ALA F 114 -12.56 13.04 -43.93
CA ALA F 114 -13.66 12.76 -43.02
C ALA F 114 -15.01 12.77 -43.73
N THR F 115 -15.13 13.48 -44.85
CA THR F 115 -16.37 13.44 -45.60
C THR F 115 -16.44 12.21 -46.50
N LEU F 116 -15.30 11.78 -47.02
CA LEU F 116 -15.28 10.62 -47.90
C LEU F 116 -15.41 9.32 -47.13
N ALA F 117 -14.97 9.28 -45.90
CA ALA F 117 -14.71 8.01 -45.25
C ALA F 117 -15.20 8.07 -43.82
N LYS F 118 -15.60 6.91 -43.30
CA LYS F 118 -15.99 6.79 -41.91
C LYS F 118 -15.40 5.50 -41.36
N ALA F 119 -15.68 5.24 -40.10
CA ALA F 119 -15.02 4.15 -39.41
C ALA F 119 -15.25 2.89 -40.22
N GLY F 120 -14.18 2.15 -40.47
CA GLY F 120 -14.24 0.95 -41.28
C GLY F 120 -13.76 1.14 -42.69
N ASP F 121 -13.61 2.39 -43.15
CA ASP F 121 -13.16 2.68 -44.50
C ASP F 121 -11.64 2.87 -44.54
N ASN F 122 -11.12 2.91 -45.75
CA ASN F 122 -9.72 3.19 -45.91
C ASN F 122 -9.54 4.14 -47.06
N ILE F 123 -8.35 4.72 -47.13
CA ILE F 123 -7.97 5.42 -48.34
C ILE F 123 -6.63 4.87 -48.81
N VAL F 124 -6.41 4.99 -50.10
CA VAL F 124 -5.16 4.57 -50.72
C VAL F 124 -4.32 5.81 -50.95
N ALA F 125 -3.10 5.85 -50.44
CA ALA F 125 -2.33 7.09 -50.49
C ALA F 125 -0.90 6.84 -50.91
N SER F 126 -0.35 7.79 -51.68
CA SER F 126 1.09 7.78 -51.91
C SER F 126 1.82 7.89 -50.58
N SER F 127 3.00 7.29 -50.53
CA SER F 127 3.78 7.38 -49.32
C SER F 127 4.65 8.62 -49.27
N HIS F 128 4.71 9.39 -50.35
CA HIS F 128 5.53 10.60 -50.42
C HIS F 128 4.67 11.74 -49.88
N LEU F 129 4.69 11.94 -48.58
CA LEU F 129 3.71 12.82 -47.97
C LEU F 129 4.38 13.82 -47.05
N TYR F 130 3.74 14.98 -46.96
CA TYR F 130 4.05 15.93 -45.91
C TYR F 130 3.92 15.30 -44.54
N GLY F 131 4.80 15.67 -43.63
CA GLY F 131 4.82 15.04 -42.31
C GLY F 131 3.50 15.17 -41.58
N GLY F 132 2.88 16.37 -41.64
CA GLY F 132 1.55 16.52 -41.07
C GLY F 132 0.53 15.58 -41.66
N THR F 133 0.58 15.35 -42.98
CA THR F 133 -0.38 14.45 -43.59
C THR F 133 -0.11 13.01 -43.21
N TYR F 134 1.16 12.66 -43.10
CA TYR F 134 1.50 11.31 -42.67
C TYR F 134 0.98 11.07 -41.26
N ASN F 135 1.09 12.07 -40.37
CA ASN F 135 0.49 11.94 -39.04
C ASN F 135 -1.00 11.70 -39.12
N GLN F 136 -1.69 12.51 -39.94
CA GLN F 136 -3.13 12.31 -40.08
C GLN F 136 -3.42 10.89 -40.53
N LEU F 137 -2.74 10.43 -41.57
CA LEU F 137 -3.14 9.16 -42.18
C LEU F 137 -2.64 7.96 -41.41
N ASN F 138 -1.50 8.08 -40.75
CA ASN F 138 -0.86 6.97 -40.04
C ASN F 138 -1.22 6.93 -38.56
N VAL F 139 -1.52 8.06 -37.92
CA VAL F 139 -1.78 8.11 -36.49
C VAL F 139 -3.19 8.58 -36.18
N LEU F 140 -3.60 9.74 -36.71
CA LEU F 140 -4.86 10.34 -36.29
C LEU F 140 -6.07 9.57 -36.81
N LEU F 141 -6.24 9.52 -38.15
CA LEU F 141 -7.44 8.92 -38.67
C LEU F 141 -7.63 7.47 -38.27
N PRO F 142 -6.58 6.65 -38.08
CA PRO F 142 -6.82 5.28 -37.60
C PRO F 142 -7.51 5.23 -36.24
N ARG F 143 -7.40 6.26 -35.42
CA ARG F 143 -8.13 6.29 -34.17
C ARG F 143 -9.63 6.35 -34.42
N PHE F 144 -10.03 6.91 -35.56
CA PHE F 144 -11.43 7.05 -35.94
C PHE F 144 -11.89 5.92 -36.84
N GLY F 145 -11.11 4.85 -36.93
CA GLY F 145 -11.43 3.73 -37.79
C GLY F 145 -11.14 3.94 -39.26
N ILE F 146 -10.36 4.96 -39.62
CA ILE F 146 -10.07 5.24 -41.03
C ILE F 146 -8.59 4.96 -41.25
N LYS F 147 -8.31 3.91 -42.01
CA LYS F 147 -6.95 3.49 -42.26
C LYS F 147 -6.51 3.88 -43.66
N THR F 148 -5.22 3.90 -43.87
CA THR F 148 -4.65 4.25 -45.15
C THR F 148 -3.75 3.13 -45.62
N LYS F 149 -3.83 2.83 -46.91
CA LYS F 149 -2.90 1.93 -47.57
C LYS F 149 -1.90 2.76 -48.34
N PHE F 150 -0.62 2.71 -47.93
CA PHE F 150 0.41 3.52 -48.55
C PHE F 150 1.04 2.78 -49.73
N VAL F 151 1.08 3.46 -50.88
CA VAL F 151 1.73 2.96 -52.09
C VAL F 151 3.05 3.70 -52.25
N ARG F 152 4.16 2.97 -52.16
CA ARG F 152 5.46 3.62 -52.24
C ARG F 152 6.00 3.74 -53.67
N SER F 153 5.57 2.88 -54.60
CA SER F 153 6.26 2.76 -55.89
C SER F 153 5.86 3.79 -56.94
N GLY F 154 4.67 4.39 -56.85
CA GLY F 154 4.14 5.21 -57.93
C GLY F 154 3.52 4.42 -59.08
N LYS F 155 3.58 3.09 -59.04
CA LYS F 155 3.13 2.28 -60.16
C LYS F 155 1.61 2.17 -60.16
N LEU F 156 1.00 2.43 -61.32
CA LEU F 156 -0.44 2.32 -61.45
C LEU F 156 -0.97 1.02 -60.89
N GLU F 157 -0.27 -0.10 -61.16
CA GLU F 157 -0.76 -1.42 -60.76
C GLU F 157 -0.87 -1.53 -59.25
N ASP F 158 0.06 -0.92 -58.51
CA ASP F 158 0.04 -1.00 -57.05
C ASP F 158 -1.09 -0.15 -56.46
N TYR F 159 -1.33 1.03 -57.04
CA TYR F 159 -2.52 1.78 -56.65
C TYR F 159 -3.76 0.93 -56.86
N ALA F 160 -3.84 0.30 -58.03
CA ALA F 160 -5.00 -0.51 -58.38
C ALA F 160 -5.21 -1.64 -57.38
N ALA F 161 -4.12 -2.36 -57.05
CA ALA F 161 -4.25 -3.52 -56.16
C ALA F 161 -4.48 -3.14 -54.70
N ALA F 162 -4.20 -1.89 -54.30
CA ALA F 162 -4.46 -1.48 -52.93
C ALA F 162 -5.94 -1.18 -52.69
N ILE F 163 -6.72 -0.99 -53.75
CA ILE F 163 -8.12 -0.62 -53.61
C ILE F 163 -8.92 -1.85 -53.20
N ASP F 164 -9.81 -1.67 -52.20
CA ASP F 164 -10.78 -2.72 -51.91
C ASP F 164 -12.14 -2.10 -51.77
N ASP F 165 -13.11 -2.90 -51.30
CA ASP F 165 -14.48 -2.40 -51.22
C ASP F 165 -14.66 -1.27 -50.21
N GLN F 166 -13.77 -1.16 -49.22
CA GLN F 166 -13.87 -0.11 -48.22
C GLN F 166 -13.11 1.14 -48.60
N THR F 167 -12.46 1.13 -49.77
CA THR F 167 -11.64 2.27 -50.16
C THR F 167 -12.51 3.45 -50.56
N ARG F 168 -12.12 4.65 -50.15
CA ARG F 168 -12.98 5.79 -50.42
C ARG F 168 -12.27 6.89 -51.19
N ALA F 169 -10.96 6.75 -51.43
CA ALA F 169 -10.26 7.71 -52.26
C ALA F 169 -8.86 7.19 -52.57
N ILE F 170 -8.26 7.73 -53.63
CA ILE F 170 -6.81 7.74 -53.74
C ILE F 170 -6.34 9.15 -53.43
N TYR F 171 -5.27 9.26 -52.67
CA TYR F 171 -4.73 10.53 -52.18
C TYR F 171 -3.26 10.64 -52.57
N VAL F 172 -2.90 11.71 -53.30
CA VAL F 172 -1.51 11.96 -53.66
C VAL F 172 -1.24 13.46 -53.46
N GLU F 173 0.03 13.80 -53.27
CA GLU F 173 0.45 15.19 -53.38
C GLU F 173 0.83 15.43 -54.83
N SER F 174 0.52 16.63 -55.33
CA SER F 174 0.84 16.93 -56.71
C SER F 174 2.35 16.96 -56.94
N MET F 175 3.11 17.37 -55.94
CA MET F 175 4.56 17.28 -55.98
C MET F 175 5.03 17.12 -54.55
N SER F 176 5.66 15.99 -54.27
CA SER F 176 6.05 15.71 -52.89
C SER F 176 7.24 16.57 -52.49
N ASN F 177 7.62 16.47 -51.24
CA ASN F 177 8.60 17.40 -50.70
C ASN F 177 9.24 16.69 -49.52
N PRO F 178 10.60 16.58 -49.44
CA PRO F 178 11.66 17.20 -50.27
C PRO F 178 12.22 16.38 -51.43
N ASP F 179 11.46 15.40 -51.92
CA ASP F 179 11.93 14.62 -53.06
C ASP F 179 11.22 14.95 -54.39
N TYR F 180 10.17 15.77 -54.39
CA TYR F 180 9.57 16.36 -55.62
C TYR F 180 9.10 15.29 -56.61
N VAL F 181 8.49 14.25 -56.09
CA VAL F 181 7.83 13.22 -56.89
C VAL F 181 6.50 13.76 -57.41
N VAL F 182 6.31 13.70 -58.72
CA VAL F 182 5.06 14.11 -59.36
C VAL F 182 4.33 12.83 -59.78
N PRO F 183 3.06 12.67 -59.40
CA PRO F 183 2.35 11.44 -59.75
C PRO F 183 1.81 11.47 -61.17
N ASP F 184 1.51 10.27 -61.68
CA ASP F 184 0.85 10.14 -62.96
C ASP F 184 -0.64 10.40 -62.73
N PHE F 185 -0.99 11.68 -62.69
CA PHE F 185 -2.39 12.04 -62.40
C PHE F 185 -3.37 11.27 -63.26
N GLU F 186 -3.17 11.29 -64.58
CA GLU F 186 -4.22 10.78 -65.46
C GLU F 186 -4.36 9.27 -65.31
N GLY F 187 -3.24 8.56 -65.21
CA GLY F 187 -3.33 7.12 -64.99
C GLY F 187 -3.90 6.74 -63.64
N ILE F 188 -3.53 7.49 -62.59
CA ILE F 188 -4.09 7.23 -61.28
C ILE F 188 -5.58 7.56 -61.25
N ALA F 189 -5.97 8.66 -61.91
CA ALA F 189 -7.38 9.04 -61.95
C ALA F 189 -8.19 7.97 -62.65
N LYS F 190 -7.67 7.45 -63.76
CA LYS F 190 -8.38 6.38 -64.46
C LYS F 190 -8.61 5.20 -63.53
N ILE F 191 -7.57 4.78 -62.80
CA ILE F 191 -7.72 3.70 -61.83
C ILE F 191 -8.79 4.05 -60.80
N ALA F 192 -8.72 5.26 -60.24
CA ALA F 192 -9.69 5.63 -59.22
C ALA F 192 -11.10 5.56 -59.79
N HIS F 193 -11.32 6.20 -60.93
CA HIS F 193 -12.66 6.28 -61.46
C HIS F 193 -13.19 4.92 -61.88
N GLU F 194 -12.32 4.05 -62.40
CA GLU F 194 -12.78 2.71 -62.74
C GLU F 194 -13.20 1.91 -61.52
N HIS F 195 -12.73 2.30 -60.33
CA HIS F 195 -13.11 1.63 -59.10
C HIS F 195 -14.18 2.39 -58.33
N GLY F 196 -14.80 3.39 -58.94
CA GLY F 196 -15.81 4.15 -58.23
C GLY F 196 -15.32 5.04 -57.10
N ILE F 197 -14.07 5.51 -57.16
CA ILE F 197 -13.63 6.40 -56.08
C ILE F 197 -12.99 7.66 -56.64
N PRO F 198 -12.99 8.74 -55.87
CA PRO F 198 -12.40 9.99 -56.34
C PRO F 198 -10.87 9.98 -56.18
N LEU F 199 -10.23 10.83 -56.96
CA LEU F 199 -8.83 11.16 -56.77
C LEU F 199 -8.75 12.49 -56.03
N VAL F 200 -8.11 12.49 -54.88
CA VAL F 200 -7.88 13.68 -54.05
C VAL F 200 -6.42 14.07 -54.20
N VAL F 201 -6.17 15.33 -54.53
CA VAL F 201 -4.79 15.77 -54.71
C VAL F 201 -4.50 16.94 -53.79
N ASP F 202 -3.43 16.82 -53.01
CA ASP F 202 -2.93 17.96 -52.26
C ASP F 202 -2.01 18.69 -53.21
N ASN F 203 -2.48 19.83 -53.74
CA ASN F 203 -1.77 20.59 -54.75
C ASN F 203 -1.00 21.78 -54.17
N THR F 204 -0.68 21.76 -52.87
CA THR F 204 0.05 22.85 -52.24
C THR F 204 1.28 23.25 -53.05
N LEU F 205 2.13 22.28 -53.42
CA LEU F 205 3.33 22.68 -54.14
C LEU F 205 3.05 23.08 -55.58
N GLY F 206 1.84 22.88 -56.07
CA GLY F 206 1.40 23.40 -57.36
C GLY F 206 1.08 24.87 -57.36
N ALA F 207 1.14 25.50 -56.19
CA ALA F 207 1.00 26.95 -56.06
C ALA F 207 -0.35 27.42 -56.61
N GLY F 208 -1.42 26.90 -55.99
CA GLY F 208 -2.74 27.38 -56.36
C GLY F 208 -3.16 27.09 -57.78
N GLY F 209 -2.55 26.11 -58.45
CA GLY F 209 -2.83 25.87 -59.86
C GLY F 209 -1.88 26.55 -60.84
N TYR F 210 -0.90 27.29 -60.36
CA TYR F 210 0.01 27.90 -61.31
C TYR F 210 0.94 26.86 -61.94
N TYR F 211 1.54 25.99 -61.11
CA TYR F 211 2.54 25.04 -61.58
C TYR F 211 1.90 23.73 -62.03
N ILE F 212 0.88 23.28 -61.31
CA ILE F 212 0.24 21.99 -61.56
C ILE F 212 -1.25 22.20 -61.43
N ARG F 213 -2.03 21.56 -62.34
CA ARG F 213 -3.47 21.76 -62.45
C ARG F 213 -4.15 20.39 -62.42
N PRO F 214 -4.25 19.80 -61.23
CA PRO F 214 -4.69 18.40 -61.14
C PRO F 214 -6.09 18.16 -61.68
N ILE F 215 -6.99 19.14 -61.63
CA ILE F 215 -8.36 18.90 -62.10
C ILE F 215 -8.39 18.70 -63.62
N GLU F 216 -7.48 19.36 -64.36
CA GLU F 216 -7.37 19.13 -65.79
C GLU F 216 -6.87 17.73 -66.12
N HIS F 217 -6.46 16.96 -65.12
CA HIS F 217 -5.82 15.68 -65.37
C HIS F 217 -6.47 14.60 -64.53
N GLY F 218 -7.73 14.79 -64.16
CA GLY F 218 -8.53 13.74 -63.57
C GLY F 218 -8.77 13.85 -62.08
N ALA F 219 -8.15 14.81 -61.39
CA ALA F 219 -8.41 14.94 -59.96
C ALA F 219 -9.85 15.38 -59.73
N ASP F 220 -10.45 14.80 -58.70
CA ASP F 220 -11.83 15.17 -58.40
C ASP F 220 -11.90 16.24 -57.33
N ILE F 221 -11.00 16.16 -56.35
CA ILE F 221 -10.97 17.08 -55.23
C ILE F 221 -9.52 17.50 -55.04
N VAL F 222 -9.29 18.81 -54.86
CA VAL F 222 -7.95 19.34 -54.64
C VAL F 222 -7.93 20.06 -53.29
N VAL F 223 -6.90 19.79 -52.49
CA VAL F 223 -6.72 20.50 -51.22
C VAL F 223 -5.42 21.25 -51.30
N HIS F 224 -5.38 22.42 -50.64
CA HIS F 224 -4.20 23.23 -50.53
C HIS F 224 -3.94 23.65 -49.10
N SER F 225 -2.67 23.72 -48.72
CA SER F 225 -2.25 24.61 -47.63
C SER F 225 -2.07 25.99 -48.24
N ALA F 226 -3.07 26.85 -48.08
CA ALA F 226 -2.94 28.25 -48.51
C ALA F 226 -1.89 29.00 -47.70
N THR F 227 -1.51 28.47 -46.54
CA THR F 227 -0.36 28.96 -45.75
C THR F 227 0.90 29.18 -46.57
N TRP F 229 2.47 28.87 -50.84
CA TRP F 229 2.58 29.84 -51.94
C TRP F 229 1.31 30.66 -52.20
N ILE F 230 0.13 30.11 -51.91
CA ILE F 230 -1.10 30.87 -52.17
C ILE F 230 -1.06 32.18 -51.39
N GLY F 231 -0.83 32.09 -50.08
CA GLY F 231 -0.71 33.31 -49.28
C GLY F 231 0.58 34.04 -49.56
N GLY F 232 1.69 33.30 -49.66
CA GLY F 232 2.96 33.76 -50.21
C GLY F 232 3.82 34.66 -49.35
N HIS F 233 3.37 35.08 -48.18
CA HIS F 233 4.14 36.02 -47.38
C HIS F 233 4.39 35.51 -45.96
N GLY F 234 4.00 34.27 -45.72
CA GLY F 234 4.26 33.67 -44.42
C GLY F 234 3.56 34.39 -43.29
N THR F 235 2.41 35.04 -43.55
CA THR F 235 1.72 35.74 -42.47
C THR F 235 0.55 34.97 -41.91
N THR F 236 0.06 33.94 -42.59
CA THR F 236 -1.29 33.46 -42.36
C THR F 236 -1.41 31.97 -42.58
N ILE F 237 -2.04 31.30 -41.67
CA ILE F 237 -2.35 29.87 -41.81
C ILE F 237 -3.70 29.78 -42.49
N GLY F 238 -3.87 28.82 -43.43
CA GLY F 238 -5.13 28.71 -44.12
C GLY F 238 -5.15 27.47 -44.97
N GLY F 239 -6.33 26.89 -45.19
CA GLY F 239 -6.50 25.80 -46.14
C GLY F 239 -7.69 26.04 -47.06
N VAL F 240 -7.76 25.23 -48.11
CA VAL F 240 -8.91 25.32 -48.98
C VAL F 240 -9.07 23.99 -49.69
N ILE F 241 -10.33 23.60 -49.86
CA ILE F 241 -10.75 22.38 -50.51
C ILE F 241 -11.48 22.75 -51.79
N VAL F 242 -11.07 22.18 -52.92
CA VAL F 242 -11.63 22.58 -54.21
C VAL F 242 -12.34 21.37 -54.81
N ASP F 243 -13.60 21.54 -55.15
CA ASP F 243 -14.39 20.43 -55.73
C ASP F 243 -14.39 20.61 -57.24
N SER F 244 -13.91 19.60 -57.96
CA SER F 244 -13.97 19.68 -59.42
C SER F 244 -15.42 19.67 -59.91
N GLY F 245 -16.34 19.10 -59.13
CA GLY F 245 -17.69 18.84 -59.62
C GLY F 245 -17.80 17.73 -60.64
N ARG F 246 -16.73 16.99 -60.87
CA ARG F 246 -16.69 16.00 -61.94
C ARG F 246 -17.01 14.58 -61.48
N PHE F 247 -17.12 14.34 -60.17
CA PHE F 247 -17.30 12.99 -59.68
C PHE F 247 -18.77 12.69 -59.44
N ASN F 248 -19.31 11.72 -60.16
CA ASN F 248 -20.75 11.45 -60.02
C ASN F 248 -20.98 10.60 -58.79
N TRP F 249 -21.31 11.25 -57.66
CA TRP F 249 -21.55 10.51 -56.43
C TRP F 249 -22.71 9.55 -56.57
N ASN F 250 -23.65 9.88 -57.44
CA ASN F 250 -24.85 9.07 -57.58
C ASN F 250 -24.53 7.74 -58.25
N LYS F 251 -23.74 7.78 -59.33
CA LYS F 251 -23.29 6.54 -59.97
C LYS F 251 -22.48 5.67 -59.03
N HIS F 252 -21.98 6.20 -57.91
CA HIS F 252 -21.18 5.43 -56.99
C HIS F 252 -21.73 5.56 -55.57
N SER F 253 -23.05 5.66 -55.50
CA SER F 253 -23.80 5.63 -54.26
C SER F 253 -23.49 4.41 -53.41
N ASP F 254 -22.95 3.34 -54.00
CA ASP F 254 -22.68 2.17 -53.18
C ASP F 254 -21.52 2.43 -52.23
N ARG F 255 -20.52 3.21 -52.67
CA ARG F 255 -19.41 3.57 -51.80
C ARG F 255 -19.66 4.86 -51.02
N PHE F 256 -20.54 5.72 -51.52
CA PHE F 256 -20.78 7.04 -50.93
C PHE F 256 -22.26 7.24 -50.67
N PRO F 257 -22.87 6.41 -49.83
CA PRO F 257 -24.32 6.50 -49.63
C PRO F 257 -24.74 7.81 -49.01
N GLU F 258 -23.89 8.40 -48.16
CA GLU F 258 -24.26 9.67 -47.52
C GLU F 258 -24.43 10.78 -48.55
N MET F 259 -23.87 10.61 -49.75
CA MET F 259 -24.00 11.64 -50.78
C MET F 259 -25.37 11.63 -51.46
N VAL F 260 -26.16 10.56 -51.32
CA VAL F 260 -27.42 10.46 -52.05
C VAL F 260 -28.59 10.19 -51.12
N GLU F 261 -28.33 9.53 -49.99
CA GLU F 261 -29.41 9.07 -49.13
C GLU F 261 -29.87 10.19 -48.22
N PRO F 262 -31.09 10.08 -47.66
CA PRO F 262 -31.59 11.15 -46.81
C PRO F 262 -30.63 11.40 -45.64
N SER F 263 -30.42 12.65 -45.38
CA SER F 263 -29.39 13.01 -44.40
C SER F 263 -30.02 13.24 -43.03
N PRO F 264 -29.52 12.57 -41.99
CA PRO F 264 -30.06 12.79 -40.65
C PRO F 264 -29.85 14.20 -40.14
N SER F 265 -28.87 14.92 -40.69
CA SER F 265 -28.58 16.28 -40.26
C SER F 265 -29.60 17.29 -40.79
N TYR F 266 -30.20 17.05 -41.96
CA TYR F 266 -31.08 18.04 -42.59
C TYR F 266 -32.44 17.46 -42.91
N HIS F 267 -32.98 16.66 -41.98
CA HIS F 267 -34.32 16.08 -42.09
C HIS F 267 -34.53 15.43 -43.45
N GLY F 268 -33.62 14.53 -43.78
CA GLY F 268 -33.76 13.71 -44.97
C GLY F 268 -33.30 14.33 -46.25
N LEU F 269 -32.69 15.50 -46.20
CA LEU F 269 -32.17 16.13 -47.40
C LEU F 269 -31.30 15.15 -48.17
N LYS F 270 -31.53 15.07 -49.48
CA LYS F 270 -30.80 14.17 -50.34
C LYS F 270 -29.82 15.02 -51.12
N TYR F 271 -28.54 14.93 -50.75
CA TYR F 271 -27.57 15.92 -51.25
C TYR F 271 -27.46 15.88 -52.76
N TRP F 272 -27.27 14.69 -53.35
CA TRP F 272 -27.10 14.63 -54.81
C TRP F 272 -28.31 15.20 -55.54
N GLU F 273 -29.52 14.80 -55.15
CA GLU F 273 -30.74 15.38 -55.74
C GLU F 273 -30.73 16.89 -55.68
N ALA F 274 -30.38 17.46 -54.51
CA ALA F 274 -30.50 18.91 -54.29
C ALA F 274 -29.38 19.71 -54.92
N PHE F 275 -28.16 19.17 -54.95
CA PHE F 275 -26.98 19.95 -55.31
C PHE F 275 -26.20 19.40 -56.50
N GLY F 276 -26.46 18.17 -56.93
CA GLY F 276 -25.80 17.60 -58.08
C GLY F 276 -24.29 17.65 -57.98
N PRO F 277 -23.63 18.25 -58.97
CA PRO F 277 -22.17 18.24 -59.00
C PRO F 277 -21.50 19.01 -57.85
N ALA F 278 -22.24 19.82 -57.11
CA ALA F 278 -21.68 20.52 -55.94
C ALA F 278 -21.92 19.75 -54.65
N THR F 279 -22.32 18.49 -54.75
CA THR F 279 -22.71 17.73 -53.56
C THR F 279 -21.58 17.68 -52.52
N PHE F 280 -20.37 17.28 -52.94
CA PHE F 280 -19.27 17.11 -51.99
C PHE F 280 -18.97 18.43 -51.27
N ILE F 281 -18.77 19.51 -52.04
CA ILE F 281 -18.35 20.75 -51.37
C ILE F 281 -19.49 21.29 -50.52
N THR F 282 -20.73 21.04 -50.92
CA THR F 282 -21.88 21.47 -50.11
C THR F 282 -21.90 20.73 -48.77
N ARG F 283 -21.63 19.42 -48.77
CA ARG F 283 -21.55 18.70 -47.50
C ARG F 283 -20.38 19.19 -46.64
N ILE F 284 -19.22 19.44 -47.27
CA ILE F 284 -18.09 20.02 -46.53
C ILE F 284 -18.57 21.23 -45.74
N ARG F 285 -19.36 22.10 -46.40
CA ARG F 285 -19.81 23.33 -45.76
C ARG F 285 -20.92 23.07 -44.75
N VAL F 286 -22.01 22.43 -45.17
CA VAL F 286 -23.17 22.38 -44.28
C VAL F 286 -23.05 21.29 -43.20
N GLU F 287 -22.16 20.31 -43.36
CA GLU F 287 -21.93 19.32 -42.32
C GLU F 287 -20.59 19.52 -41.61
N MET F 288 -19.49 19.55 -42.37
CA MET F 288 -18.18 19.39 -41.75
C MET F 288 -17.65 20.66 -41.14
N LEU F 289 -17.68 21.77 -41.90
CA LEU F 289 -17.42 23.06 -41.26
C LEU F 289 -18.39 23.31 -40.12
N ARG F 290 -19.67 23.01 -40.32
CA ARG F 290 -20.65 23.21 -39.25
C ARG F 290 -20.27 22.42 -38.00
N ASP F 291 -19.90 21.16 -38.17
CA ASP F 291 -19.74 20.30 -37.01
C ASP F 291 -18.30 20.19 -36.48
N ILE F 292 -17.30 20.27 -37.33
CA ILE F 292 -15.91 20.28 -36.87
C ILE F 292 -15.45 21.69 -36.57
N GLY F 293 -15.93 22.65 -37.34
CA GLY F 293 -15.69 24.05 -37.00
C GLY F 293 -14.30 24.57 -37.33
N ALA F 294 -13.62 23.95 -38.28
CA ALA F 294 -12.29 24.41 -38.65
C ALA F 294 -12.39 25.48 -39.74
N CYS F 295 -12.96 26.64 -39.35
CA CYS F 295 -13.26 27.73 -40.25
C CYS F 295 -12.08 28.70 -40.38
N LEU F 296 -12.05 29.38 -41.52
CA LEU F 296 -11.03 30.38 -41.80
C LEU F 296 -11.53 31.77 -41.39
N SER F 297 -10.69 32.52 -40.68
CA SER F 297 -11.03 33.88 -40.33
C SER F 297 -11.10 34.78 -41.58
N PRO F 298 -11.98 35.78 -41.57
CA PRO F 298 -11.96 36.76 -42.68
C PRO F 298 -10.69 37.56 -42.72
N PHE F 299 -10.06 37.82 -41.55
CA PHE F 299 -8.78 38.50 -41.57
C PHE F 299 -7.76 37.67 -42.30
N SER F 300 -7.75 36.36 -42.01
CA SER F 300 -6.83 35.47 -42.69
C SER F 300 -7.12 35.43 -44.16
N ALA F 301 -8.40 35.37 -44.53
CA ALA F 301 -8.75 35.33 -45.94
C ALA F 301 -8.23 36.59 -46.64
N GLN F 302 -8.30 37.72 -45.95
CA GLN F 302 -7.87 38.94 -46.64
C GLN F 302 -6.37 38.95 -46.84
N GLN F 303 -5.61 38.43 -45.85
CA GLN F 303 -4.18 38.26 -46.06
C GLN F 303 -3.93 37.35 -47.24
N LEU F 304 -4.69 36.27 -47.32
CA LEU F 304 -4.45 35.33 -48.41
C LEU F 304 -4.82 35.93 -49.76
N LEU F 305 -5.92 36.70 -49.81
CA LEU F 305 -6.29 37.40 -51.05
C LEU F 305 -5.19 38.32 -51.52
N LEU F 306 -4.54 39.03 -50.60
CA LEU F 306 -3.42 39.89 -51.01
C LEU F 306 -2.30 39.07 -51.63
N GLY F 307 -2.04 37.87 -51.08
CA GLY F 307 -1.05 37.01 -51.71
C GLY F 307 -1.52 36.50 -53.06
N ILE F 308 -2.79 36.13 -53.17
CA ILE F 308 -3.30 35.56 -54.42
C ILE F 308 -3.19 36.58 -55.55
N GLU F 309 -3.29 37.87 -55.23
CA GLU F 309 -3.26 38.90 -56.27
C GLU F 309 -1.95 38.91 -57.02
N THR F 310 -0.88 38.35 -56.44
CA THR F 310 0.40 38.26 -57.14
C THR F 310 0.86 36.82 -57.35
N LEU F 311 -0.04 35.85 -57.15
CA LEU F 311 0.34 34.43 -57.17
C LEU F 311 1.13 34.07 -58.43
N GLY F 312 0.58 34.39 -59.59
CA GLY F 312 1.27 34.05 -60.82
C GLY F 312 2.63 34.72 -60.94
N LEU F 313 2.67 36.03 -60.63
CA LEU F 313 3.94 36.74 -60.67
C LEU F 313 4.97 36.08 -59.76
N ARG F 314 4.57 35.80 -58.52
CA ARG F 314 5.50 35.23 -57.53
C ARG F 314 5.94 33.84 -57.95
N ALA F 315 4.99 32.99 -58.33
CA ALA F 315 5.31 31.63 -58.73
C ALA F 315 6.25 31.63 -59.92
N GLU F 316 5.99 32.54 -60.87
CA GLU F 316 6.89 32.69 -62.00
C GLU F 316 8.31 33.01 -61.55
N ARG F 317 8.46 34.00 -60.66
CA ARG F 317 9.81 34.34 -60.23
C ARG F 317 10.41 33.25 -59.35
N HIS F 318 9.59 32.65 -58.46
CA HIS F 318 10.08 31.52 -57.67
C HIS F 318 10.74 30.50 -58.58
N ALA F 319 10.03 30.11 -59.64
CA ALA F 319 10.53 29.01 -60.47
C ALA F 319 11.74 29.45 -61.30
N GLN F 320 11.76 30.71 -61.72
CA GLN F 320 12.95 31.19 -62.40
C GLN F 320 14.17 31.18 -61.49
N ASN F 321 14.02 31.66 -60.27
CA ASN F 321 15.13 31.57 -59.30
C ASN F 321 15.51 30.14 -59.03
N THR F 322 14.53 29.25 -58.92
CA THR F 322 14.83 27.86 -58.61
C THR F 322 15.64 27.22 -59.74
N GLU F 323 15.26 27.49 -60.98
CA GLU F 323 16.02 26.96 -62.10
C GLU F 323 17.46 27.47 -62.07
N LYS F 324 17.65 28.78 -61.81
CA LYS F 324 18.98 29.36 -61.77
C LYS F 324 19.80 28.80 -60.61
N LEU F 325 19.17 28.66 -59.44
CA LEU F 325 19.91 28.11 -58.30
C LEU F 325 20.30 26.66 -58.54
N SER F 326 19.47 25.92 -59.27
CA SER F 326 19.83 24.55 -59.57
C SER F 326 21.14 24.52 -60.36
N LYS F 327 21.31 25.45 -61.30
CA LYS F 327 22.56 25.49 -62.06
C LYS F 327 23.71 25.96 -61.19
N TYR F 328 23.47 26.92 -60.30
CA TYR F 328 24.53 27.32 -59.39
C TYR F 328 24.99 26.17 -58.50
N PHE F 329 24.06 25.48 -57.85
CA PHE F 329 24.46 24.35 -57.02
C PHE F 329 25.11 23.25 -57.83
N GLU F 330 24.68 23.08 -59.08
CA GLU F 330 25.25 22.03 -59.92
C GLU F 330 26.70 22.33 -60.29
N SER F 331 27.07 23.60 -60.34
CA SER F 331 28.46 23.98 -60.57
C SER F 331 29.29 24.09 -59.29
N SER F 332 28.71 23.86 -58.13
CA SER F 332 29.44 24.16 -56.90
C SER F 332 30.30 22.98 -56.45
N PRO F 333 31.57 23.20 -56.10
CA PRO F 333 32.38 22.12 -55.50
C PRO F 333 31.92 21.74 -54.10
N ASN F 334 31.00 22.48 -53.50
CA ASN F 334 30.56 22.15 -52.16
C ASN F 334 29.32 21.26 -52.14
N VAL F 335 28.82 20.90 -53.31
CA VAL F 335 27.56 20.19 -53.43
C VAL F 335 27.83 18.81 -54.04
N SER F 336 27.18 17.79 -53.49
CA SER F 336 27.31 16.42 -53.99
C SER F 336 26.28 16.05 -55.05
N TRP F 337 25.13 16.73 -55.08
CA TRP F 337 24.01 16.39 -55.97
C TRP F 337 22.91 17.43 -55.81
N VAL F 338 22.13 17.64 -56.85
CA VAL F 338 21.01 18.57 -56.85
C VAL F 338 19.76 17.76 -57.15
N LEU F 339 18.71 17.99 -56.39
CA LEU F 339 17.42 17.35 -56.67
C LEU F 339 16.40 18.43 -56.99
N TRP F 340 15.95 18.47 -58.23
CA TRP F 340 15.00 19.46 -58.77
C TRP F 340 14.11 18.70 -59.76
N PRO F 341 12.78 18.85 -59.68
CA PRO F 341 11.93 18.11 -60.62
C PRO F 341 12.14 18.53 -62.06
N GLY F 342 12.84 19.64 -62.32
CA GLY F 342 13.13 20.01 -63.68
C GLY F 342 14.27 19.24 -64.34
N SER F 343 15.05 18.49 -63.54
CA SER F 343 16.19 17.73 -64.06
C SER F 343 15.71 16.50 -64.82
N GLU F 344 16.32 16.27 -65.98
CA GLU F 344 15.98 15.07 -66.76
C GLU F 344 16.32 13.79 -66.01
N SER F 345 17.25 13.88 -65.08
CA SER F 345 17.61 12.76 -64.22
C SER F 345 16.64 12.55 -63.07
N HIS F 346 15.67 13.44 -62.88
CA HIS F 346 14.79 13.27 -61.74
C HIS F 346 13.96 12.00 -61.91
N PRO F 347 13.76 11.26 -60.83
CA PRO F 347 12.99 10.00 -60.92
C PRO F 347 11.63 10.13 -61.59
N THR F 348 10.92 11.25 -61.39
CA THR F 348 9.63 11.35 -62.05
C THR F 348 9.62 12.49 -63.06
N TYR F 349 10.77 12.74 -63.68
CA TYR F 349 10.87 13.80 -64.67
C TYR F 349 9.84 13.64 -65.78
N SER F 350 9.59 12.40 -66.23
CA SER F 350 8.62 12.22 -67.30
C SER F 350 7.26 12.77 -66.87
N GLN F 351 6.88 12.55 -65.60
CA GLN F 351 5.63 13.10 -65.11
C GLN F 351 5.71 14.62 -64.97
N ALA F 352 6.83 15.12 -64.42
CA ALA F 352 6.97 16.56 -64.27
C ALA F 352 6.95 17.26 -65.62
N LYS F 353 7.59 16.67 -66.63
CA LYS F 353 7.60 17.26 -67.96
C LYS F 353 6.19 17.36 -68.53
N LYS F 354 5.35 16.37 -68.22
CA LYS F 354 3.99 16.37 -68.69
C LYS F 354 3.11 17.39 -67.96
N TYR F 355 3.23 17.46 -66.63
CA TYR F 355 2.25 18.15 -65.82
C TYR F 355 2.69 19.53 -65.36
N LEU F 356 3.99 19.84 -65.47
CA LEU F 356 4.54 21.14 -65.11
C LEU F 356 5.08 21.84 -66.36
N THR F 357 4.23 22.67 -66.97
CA THR F 357 4.65 23.37 -68.18
C THR F 357 4.79 24.87 -67.96
N ARG F 358 4.67 25.32 -66.72
CA ARG F 358 4.77 26.73 -66.39
C ARG F 358 5.83 26.92 -65.31
N GLY F 359 6.89 26.14 -65.38
CA GLY F 359 7.94 26.21 -64.38
C GLY F 359 7.90 25.01 -63.45
N PHE F 360 9.09 24.55 -63.06
CA PHE F 360 9.22 23.31 -62.30
C PHE F 360 9.18 23.54 -60.80
N GLY F 361 8.28 24.39 -60.32
CA GLY F 361 8.16 24.55 -58.89
C GLY F 361 9.21 25.47 -58.29
N ALA F 362 9.13 25.59 -56.97
CA ALA F 362 9.83 26.62 -56.21
C ALA F 362 10.78 26.00 -55.21
N MET F 363 11.02 24.70 -55.29
CA MET F 363 11.82 23.99 -54.29
C MET F 363 13.01 23.31 -54.94
N LEU F 364 14.05 23.11 -54.15
CA LEU F 364 15.04 22.15 -54.59
C LEU F 364 15.74 21.64 -53.36
N SER F 365 16.39 20.51 -53.51
CA SER F 365 17.16 19.94 -52.43
C SER F 365 18.56 19.72 -52.96
N ILE F 366 19.54 19.82 -52.07
CA ILE F 366 20.91 19.57 -52.43
C ILE F 366 21.51 18.71 -51.34
N GLY F 367 22.56 17.97 -51.70
CA GLY F 367 23.46 17.35 -50.73
C GLY F 367 24.77 18.11 -50.73
N VAL F 368 25.26 18.40 -49.53
CA VAL F 368 26.53 19.11 -49.38
C VAL F 368 27.59 18.12 -48.94
N LYS F 369 28.85 18.45 -49.19
CA LYS F 369 29.94 17.51 -48.93
C LYS F 369 30.37 17.62 -47.46
N GLY F 370 31.28 16.73 -47.07
CA GLY F 370 31.73 16.68 -45.69
C GLY F 370 30.91 15.75 -44.85
N ASP F 371 31.02 15.90 -43.53
CA ASP F 371 30.43 14.92 -42.61
C ASP F 371 29.01 15.34 -42.23
N ALA F 372 28.46 14.67 -41.21
CA ALA F 372 27.04 14.84 -40.90
C ALA F 372 26.70 16.26 -40.51
N SER F 373 27.62 16.97 -39.86
CA SER F 373 27.34 18.32 -39.40
C SER F 373 27.38 19.36 -40.52
N ALA F 374 27.84 18.99 -41.71
CA ALA F 374 28.04 19.98 -42.76
C ALA F 374 26.72 20.65 -43.14
N GLY F 375 25.66 19.86 -43.32
CA GLY F 375 24.40 20.41 -43.78
C GLY F 375 23.88 21.46 -42.82
N SER F 376 23.92 21.17 -41.53
CA SER F 376 23.49 22.14 -40.53
C SER F 376 24.46 23.30 -40.41
N LYS F 377 25.76 23.07 -40.59
CA LYS F 377 26.66 24.22 -40.62
C LYS F 377 26.34 25.14 -41.79
N VAL F 378 26.03 24.57 -42.95
CA VAL F 378 25.71 25.42 -44.10
C VAL F 378 24.44 26.22 -43.83
N VAL F 379 23.40 25.56 -43.34
CA VAL F 379 22.13 26.28 -43.12
C VAL F 379 22.32 27.35 -42.05
N ASP F 380 23.04 27.01 -40.97
CA ASP F 380 23.24 27.94 -39.87
C ASP F 380 24.08 29.13 -40.30
N GLY F 381 24.91 28.95 -41.33
CA GLY F 381 25.75 30.04 -41.79
C GLY F 381 25.08 31.02 -42.73
N LEU F 382 23.87 30.72 -43.19
CA LEU F 382 23.15 31.66 -44.07
C LEU F 382 22.72 32.89 -43.29
N LYS F 383 22.80 34.05 -43.94
CA LYS F 383 22.43 35.33 -43.36
C LYS F 383 21.23 35.99 -44.03
N LEU F 384 20.81 35.51 -45.21
CA LEU F 384 19.66 36.02 -45.96
C LEU F 384 18.52 35.01 -45.97
N VAL F 385 18.78 33.84 -46.54
CA VAL F 385 17.90 32.70 -46.37
C VAL F 385 17.66 32.42 -44.90
N SER F 386 16.41 32.12 -44.53
CA SER F 386 16.03 31.91 -43.15
C SER F 386 15.96 30.42 -42.85
N ASN F 387 16.38 30.07 -41.64
CA ASN F 387 16.41 28.69 -41.18
C ASN F 387 15.10 28.43 -40.45
N LEU F 388 14.13 27.82 -41.14
CA LEU F 388 12.88 27.39 -40.53
C LEU F 388 12.16 26.50 -41.53
N ALA F 389 11.12 25.83 -41.04
CA ALA F 389 10.55 24.69 -41.73
C ALA F 389 9.44 25.04 -42.73
N ASN F 390 8.96 26.28 -42.76
CA ASN F 390 7.91 26.66 -43.70
C ASN F 390 8.46 26.61 -45.12
N VAL F 391 7.55 26.54 -46.10
CA VAL F 391 7.88 26.69 -47.50
C VAL F 391 6.90 27.67 -48.10
N GLY F 392 7.22 28.15 -49.30
CA GLY F 392 6.30 29.00 -50.03
C GLY F 392 6.19 30.42 -49.52
N ASP F 393 7.17 30.90 -48.78
CA ASP F 393 7.28 32.31 -48.45
C ASP F 393 7.97 33.03 -49.61
N ALA F 394 7.66 34.32 -49.78
CA ALA F 394 8.46 35.13 -50.69
C ALA F 394 9.92 35.20 -50.25
N LYS F 395 10.17 35.17 -48.96
CA LYS F 395 11.54 35.06 -48.44
C LYS F 395 12.05 33.64 -48.66
N SER F 396 13.35 33.53 -48.99
CA SER F 396 13.98 32.22 -49.17
C SER F 396 14.17 31.52 -47.83
N LEU F 397 13.84 30.23 -47.79
CA LEU F 397 13.94 29.46 -46.56
C LEU F 397 14.75 28.21 -46.85
N ALA F 398 15.53 27.77 -45.87
CA ALA F 398 16.27 26.53 -46.03
C ALA F 398 16.30 25.83 -44.69
N ILE F 399 16.29 24.50 -44.75
CA ILE F 399 16.32 23.70 -43.54
C ILE F 399 17.15 22.47 -43.83
N HIS F 400 17.65 21.86 -42.77
CA HIS F 400 18.41 20.62 -42.82
C HIS F 400 17.47 19.57 -42.25
N PRO F 401 16.63 18.94 -43.08
CA PRO F 401 15.51 18.14 -42.54
C PRO F 401 15.98 17.03 -41.64
N TRP F 402 17.13 16.43 -41.94
CA TRP F 402 17.71 15.36 -41.13
C TRP F 402 17.56 15.63 -39.65
N SER F 403 18.06 16.79 -39.19
CA SER F 403 17.99 17.17 -37.79
C SER F 403 16.78 18.05 -37.42
N THR F 404 15.73 18.11 -38.26
CA THR F 404 14.61 19.05 -38.00
C THR F 404 13.23 18.50 -38.41
N THR F 405 12.83 18.63 -39.70
CA THR F 405 11.46 18.27 -40.08
C THR F 405 11.23 16.75 -40.14
N HIS F 406 12.24 15.97 -40.52
CA HIS F 406 12.16 14.52 -40.52
C HIS F 406 12.92 13.87 -39.37
N GLU F 407 13.31 14.63 -38.35
CA GLU F 407 13.97 14.08 -37.16
C GLU F 407 12.96 13.46 -36.18
N SER F 410 11.97 7.44 -38.79
CA SER F 410 13.02 6.43 -38.89
C SER F 410 13.74 6.50 -40.24
N GLU F 411 14.80 5.70 -40.42
CA GLU F 411 15.56 5.74 -41.67
C GLU F 411 14.66 5.50 -42.88
N ASP F 412 13.74 4.54 -42.77
CA ASP F 412 12.91 4.21 -43.93
C ASP F 412 11.80 5.24 -44.13
N GLU F 413 11.25 5.76 -43.04
CA GLU F 413 10.43 6.95 -43.13
C GLU F 413 11.24 8.10 -43.72
N ARG F 414 12.41 8.40 -43.16
CA ARG F 414 13.26 9.44 -43.72
C ARG F 414 13.48 9.20 -45.21
N LEU F 415 13.79 7.95 -45.60
CA LEU F 415 14.07 7.65 -46.99
C LEU F 415 12.81 7.58 -47.83
N ALA F 416 11.64 7.40 -47.20
CA ALA F 416 10.38 7.54 -47.93
C ALA F 416 10.28 8.90 -48.59
N SER F 417 10.71 9.95 -47.90
CA SER F 417 10.76 11.30 -48.44
C SER F 417 12.13 11.64 -49.00
N GLY F 418 13.07 10.71 -48.94
CA GLY F 418 14.42 10.99 -49.42
C GLY F 418 15.20 11.94 -48.54
N VAL F 419 15.07 11.84 -47.23
CA VAL F 419 15.87 12.65 -46.31
C VAL F 419 17.13 11.88 -45.93
N THR F 420 18.29 12.46 -46.24
CA THR F 420 19.58 11.95 -45.80
C THR F 420 20.34 13.03 -45.05
N GLU F 421 21.42 12.63 -44.36
CA GLU F 421 22.13 13.53 -43.47
C GLU F 421 22.76 14.69 -44.22
N ASP F 422 23.07 14.51 -45.50
CA ASP F 422 23.73 15.55 -46.29
C ASP F 422 22.74 16.53 -46.92
N MET F 423 21.43 16.33 -46.76
CA MET F 423 20.45 17.06 -47.56
C MET F 423 20.07 18.38 -46.92
N ILE F 424 19.98 19.41 -47.75
CA ILE F 424 19.39 20.70 -47.41
C ILE F 424 18.20 20.92 -48.34
N ARG F 425 17.05 21.25 -47.76
CA ARG F 425 15.83 21.54 -48.51
C ARG F 425 15.71 23.05 -48.61
N ILE F 426 15.39 23.56 -49.80
CA ILE F 426 15.42 25.00 -50.04
C ILE F 426 14.09 25.40 -50.67
N SER F 427 13.37 26.28 -49.98
CA SER F 427 12.20 26.93 -50.55
C SER F 427 12.71 28.25 -51.13
N VAL F 428 12.91 28.25 -52.44
CA VAL F 428 13.59 29.35 -53.11
C VAL F 428 12.66 30.54 -53.12
N GLY F 429 13.13 31.67 -52.62
CA GLY F 429 12.31 32.86 -52.51
C GLY F 429 12.35 33.67 -53.78
N ILE F 430 11.79 34.88 -53.72
CA ILE F 430 11.82 35.77 -54.86
C ILE F 430 12.83 36.90 -54.70
N GLU F 431 13.77 36.79 -53.76
CA GLU F 431 14.89 37.73 -53.72
C GLU F 431 15.65 37.71 -55.03
N HIS F 432 16.52 38.69 -55.22
CA HIS F 432 17.40 38.62 -56.36
C HIS F 432 18.28 37.37 -56.26
N VAL F 433 18.30 36.57 -57.34
CA VAL F 433 19.05 35.32 -57.32
C VAL F 433 20.52 35.54 -56.93
N ASP F 434 21.13 36.66 -57.36
CA ASP F 434 22.54 36.86 -57.03
C ASP F 434 22.78 36.96 -55.54
N ASP F 435 21.82 37.51 -54.79
CA ASP F 435 22.00 37.60 -53.34
C ASP F 435 21.78 36.26 -52.65
N ILE F 436 20.83 35.48 -53.15
CA ILE F 436 20.67 34.12 -52.66
C ILE F 436 21.95 33.33 -52.88
N ILE F 437 22.46 33.36 -54.11
CA ILE F 437 23.72 32.70 -54.43
C ILE F 437 24.82 33.21 -53.51
N ALA F 438 24.92 34.53 -53.39
CA ALA F 438 25.97 35.09 -52.52
C ALA F 438 25.83 34.60 -51.10
N ASP F 439 24.59 34.40 -50.63
CA ASP F 439 24.43 33.93 -49.26
C ASP F 439 24.95 32.50 -49.12
N PHE F 440 24.70 31.63 -50.12
CA PHE F 440 25.22 30.27 -50.02
C PHE F 440 26.73 30.26 -50.15
N GLU F 441 27.26 31.10 -51.03
CA GLU F 441 28.69 31.18 -51.23
C GLU F 441 29.43 31.56 -49.95
N GLN F 442 28.91 32.54 -49.19
CA GLN F 442 29.64 32.91 -47.97
C GLN F 442 29.44 31.86 -46.88
N SER F 443 28.26 31.25 -46.79
CA SER F 443 28.10 30.16 -45.83
C SER F 443 28.99 28.98 -46.18
N PHE F 444 29.12 28.66 -47.48
CA PHE F 444 30.02 27.59 -47.89
C PHE F 444 31.46 27.89 -47.49
N GLN F 445 31.95 29.09 -47.80
CA GLN F 445 33.34 29.38 -47.47
C GLN F 445 33.57 29.32 -45.95
N LYS F 446 32.56 29.66 -45.15
CA LYS F 446 32.69 29.53 -43.71
C LYS F 446 32.73 28.07 -43.29
N ALA F 447 31.91 27.21 -43.91
CA ALA F 447 31.86 25.82 -43.47
C ALA F 447 33.02 24.98 -44.02
N TYR F 448 33.56 25.35 -45.18
CA TYR F 448 34.53 24.54 -45.89
C TYR F 448 35.90 25.20 -46.10
N GLY F 449 36.01 26.52 -45.96
CA GLY F 449 37.29 27.19 -46.12
C GLY F 449 37.55 27.74 -47.52
N PHE G 23 -2.85 30.09 45.13
CA PHE G 23 -2.17 29.55 43.96
C PHE G 23 -3.09 29.75 42.77
N GLN G 24 -3.18 30.99 42.34
CA GLN G 24 -3.71 31.26 41.01
C GLN G 24 -2.69 30.89 39.95
N ASN G 25 -1.42 30.91 40.32
CA ASN G 25 -0.36 31.08 39.35
C ASN G 25 0.04 29.73 38.80
N PHE G 26 -0.05 29.62 37.49
CA PHE G 26 0.35 28.45 36.72
C PHE G 26 1.70 27.93 37.19
N GLU G 27 2.66 28.84 37.39
CA GLU G 27 4.01 28.46 37.79
C GLU G 27 4.01 27.75 39.13
N THR G 28 3.01 27.97 39.96
CA THR G 28 3.01 27.32 41.25
C THR G 28 2.21 26.03 41.18
N LEU G 29 1.09 26.10 40.47
CA LEU G 29 0.22 24.95 40.26
C LEU G 29 0.99 23.82 39.60
N GLN G 30 1.88 24.15 38.66
CA GLN G 30 2.55 23.09 37.91
C GLN G 30 3.49 22.26 38.78
N LEU G 31 3.81 22.75 39.98
CA LEU G 31 4.67 22.07 40.94
C LEU G 31 3.95 21.45 42.13
N HIS G 32 2.75 21.92 42.46
CA HIS G 32 2.12 21.56 43.74
C HIS G 32 0.72 20.98 43.59
N ALA G 33 -0.01 21.33 42.56
CA ALA G 33 -1.41 20.94 42.49
C ALA G 33 -1.58 19.42 42.39
N GLY G 34 -2.57 18.88 43.13
CA GLY G 34 -2.91 17.46 43.02
C GLY G 34 -2.05 16.52 43.83
N TYR G 35 -1.14 17.02 44.66
CA TYR G 35 -0.32 16.10 45.43
C TYR G 35 0.03 16.70 46.78
N THR G 36 -0.10 15.89 47.82
CA THR G 36 0.43 16.17 49.15
C THR G 36 1.10 14.90 49.63
N PRO G 37 2.30 14.98 50.20
CA PRO G 37 2.95 13.74 50.66
C PRO G 37 2.05 12.94 51.58
N ASP G 38 1.88 11.66 51.25
CA ASP G 38 1.17 10.73 52.11
C ASP G 38 1.88 10.60 53.45
N PRO G 39 1.16 10.55 54.57
CA PRO G 39 1.85 10.50 55.87
C PRO G 39 2.60 9.20 56.12
N HIS G 40 2.35 8.12 55.37
CA HIS G 40 3.11 6.89 55.57
C HIS G 40 4.59 7.13 55.29
N THR G 41 4.92 7.60 54.08
CA THR G 41 6.30 7.77 53.69
C THR G 41 6.76 9.23 53.74
N ARG G 42 5.82 10.16 53.56
CA ARG G 42 6.08 11.59 53.42
C ARG G 42 6.95 11.90 52.20
N SER G 43 6.92 11.03 51.18
CA SER G 43 7.66 11.27 49.95
C SER G 43 7.39 12.65 49.37
N THR G 44 8.45 13.49 49.30
CA THR G 44 8.32 14.82 48.70
C THR G 44 7.99 14.75 47.21
N ALA G 45 8.70 13.90 46.44
CA ALA G 45 8.34 13.71 45.04
C ALA G 45 7.23 12.66 44.90
N VAL G 46 6.59 12.65 43.75
CA VAL G 46 5.46 11.74 43.51
C VAL G 46 5.99 10.33 43.26
N PRO G 47 5.62 9.35 44.07
CA PRO G 47 6.08 7.98 43.80
C PRO G 47 5.45 7.44 42.53
N ILE G 48 6.08 6.39 42.01
CA ILE G 48 5.63 5.68 40.82
C ILE G 48 4.93 4.43 41.34
N TYR G 49 3.60 4.45 41.31
CA TYR G 49 2.81 3.31 41.77
C TYR G 49 2.71 2.28 40.66
N ALA G 50 3.82 1.52 40.51
CA ALA G 50 3.94 0.47 39.49
C ALA G 50 3.20 -0.77 40.01
N THR G 51 1.89 -0.64 40.05
CA THR G 51 1.02 -1.70 40.55
C THR G 51 -0.16 -1.79 39.60
N SER G 52 -0.61 -3.01 39.33
CA SER G 52 -1.86 -3.18 38.61
C SER G 52 -3.03 -2.99 39.55
N SER G 53 -2.89 -3.46 40.80
CA SER G 53 -4.01 -3.65 41.71
C SER G 53 -3.73 -3.05 43.08
N TYR G 54 -4.80 -3.02 43.87
CA TYR G 54 -4.83 -2.41 45.19
C TYR G 54 -5.64 -3.32 46.07
N THR G 55 -5.08 -3.70 47.21
CA THR G 55 -5.67 -4.74 48.05
C THR G 55 -6.82 -4.19 48.88
N PHE G 56 -7.98 -4.89 48.83
CA PHE G 56 -9.10 -4.52 49.67
C PHE G 56 -8.72 -4.61 51.15
N ASN G 57 -9.30 -3.71 51.95
CA ASN G 57 -9.22 -3.86 53.40
C ASN G 57 -10.00 -5.07 53.86
N ASP G 58 -11.16 -5.29 53.24
CA ASP G 58 -11.97 -6.48 53.45
C ASP G 58 -12.97 -6.59 52.29
N SER G 59 -13.76 -7.66 52.31
CA SER G 59 -14.67 -7.91 51.19
C SER G 59 -15.69 -6.78 51.05
N ALA G 60 -16.20 -6.26 52.16
CA ALA G 60 -17.20 -5.19 52.08
C ALA G 60 -16.59 -3.92 51.50
N HIS G 61 -15.34 -3.62 51.83
CA HIS G 61 -14.60 -2.55 51.17
C HIS G 61 -14.60 -2.72 49.65
N GLY G 62 -14.24 -3.92 49.18
CA GLY G 62 -14.25 -4.17 47.75
C GLY G 62 -15.61 -3.97 47.12
N ALA G 63 -16.68 -4.38 47.82
CA ALA G 63 -18.04 -4.12 47.37
C ALA G 63 -18.27 -2.64 47.10
N ARG G 64 -17.91 -1.79 48.07
CA ARG G 64 -18.15 -0.36 47.90
C ARG G 64 -17.28 0.24 46.81
N LEU G 65 -16.05 -0.25 46.65
CA LEU G 65 -15.18 0.24 45.58
C LEU G 65 -15.72 -0.12 44.21
N PHE G 66 -16.04 -1.41 43.99
CA PHE G 66 -16.57 -1.81 42.69
C PHE G 66 -17.95 -1.22 42.46
N GLY G 67 -18.74 -1.07 43.53
CA GLY G 67 -20.05 -0.46 43.42
C GLY G 67 -20.05 1.03 43.26
N LEU G 68 -18.87 1.66 43.19
CA LEU G 68 -18.72 3.12 43.19
C LEU G 68 -19.41 3.76 44.40
N LYS G 69 -19.59 3.00 45.49
CA LYS G 69 -20.15 3.51 46.73
C LYS G 69 -19.13 4.24 47.60
N GLU G 70 -17.85 4.23 47.20
CA GLU G 70 -16.75 4.80 47.99
C GLU G 70 -15.56 5.02 47.07
N LEU G 71 -14.96 6.21 47.13
CA LEU G 71 -13.80 6.52 46.27
C LEU G 71 -12.55 5.81 46.79
N GLY G 72 -11.83 5.16 45.88
CA GLY G 72 -10.59 4.50 46.24
C GLY G 72 -9.98 3.83 45.02
N ASN G 73 -8.73 3.42 45.18
CA ASN G 73 -8.01 2.77 44.10
C ASN G 73 -8.56 1.37 43.89
N ILE G 74 -9.02 1.09 42.67
CA ILE G 74 -9.54 -0.22 42.32
C ILE G 74 -8.55 -0.98 41.45
N TYR G 75 -8.10 -0.36 40.35
CA TYR G 75 -7.36 -1.06 39.32
C TYR G 75 -6.70 -0.05 38.38
N SER G 76 -5.40 -0.21 38.08
CA SER G 76 -4.68 0.82 37.33
C SER G 76 -5.15 0.96 35.87
N ARG G 77 -6.01 0.06 35.34
CA ARG G 77 -6.60 0.37 34.04
C ARG G 77 -7.47 1.61 34.10
N LEU G 78 -8.03 1.89 35.28
CA LEU G 78 -8.93 3.01 35.53
C LEU G 78 -8.26 4.15 36.26
N MET G 79 -7.46 3.85 37.28
CA MET G 79 -6.87 4.90 38.09
C MET G 79 -5.60 4.41 38.77
N ASN G 80 -4.77 5.36 39.17
CA ASN G 80 -3.47 5.06 39.72
C ASN G 80 -2.99 6.32 40.46
N PRO G 81 -2.50 6.24 41.71
CA PRO G 81 -2.12 7.47 42.44
C PRO G 81 -1.12 8.34 41.69
N THR G 82 -0.17 7.78 40.92
CA THR G 82 0.74 8.61 40.13
C THR G 82 -0.04 9.32 39.04
N VAL G 83 -0.83 8.57 38.28
CA VAL G 83 -1.62 9.17 37.21
C VAL G 83 -2.59 10.18 37.78
N ASP G 84 -3.10 9.92 38.99
CA ASP G 84 -4.03 10.83 39.63
C ASP G 84 -3.42 12.21 39.82
N VAL G 85 -2.14 12.29 40.21
CA VAL G 85 -1.49 13.60 40.32
C VAL G 85 -1.44 14.26 38.95
N PHE G 86 -1.03 13.51 37.95
CA PHE G 86 -0.97 14.05 36.60
C PHE G 86 -2.33 14.58 36.16
N GLU G 87 -3.40 13.82 36.42
CA GLU G 87 -4.73 14.29 36.03
C GLU G 87 -5.11 15.55 36.80
N LYS G 88 -4.97 15.50 38.13
CA LYS G 88 -5.38 16.64 38.96
C LYS G 88 -4.58 17.88 38.60
N ARG G 89 -3.27 17.71 38.39
CA ARG G 89 -2.41 18.85 38.07
C ARG G 89 -2.77 19.49 36.73
N ILE G 90 -2.99 18.68 35.69
CA ILE G 90 -3.39 19.23 34.40
C ILE G 90 -4.77 19.86 34.50
N ALA G 91 -5.71 19.21 35.18
CA ALA G 91 -7.01 19.82 35.47
C ALA G 91 -6.83 21.20 36.11
N ALA G 92 -6.01 21.29 37.15
CA ALA G 92 -5.79 22.56 37.83
C ALA G 92 -5.22 23.60 36.87
N LEU G 93 -4.29 23.20 36.01
CA LEU G 93 -3.66 24.18 35.11
C LEU G 93 -4.63 24.66 34.04
N GLU G 94 -5.53 23.79 33.59
CA GLU G 94 -6.52 24.21 32.61
C GLU G 94 -7.73 24.86 33.25
N GLY G 95 -7.84 24.85 34.58
CA GLY G 95 -9.02 25.34 35.25
C GLY G 95 -10.24 24.46 35.04
N GLY G 96 -10.04 23.15 34.86
CA GLY G 96 -11.14 22.21 34.86
C GLY G 96 -11.38 21.63 36.24
N ILE G 97 -12.48 20.90 36.38
CA ILE G 97 -12.77 20.28 37.67
C ILE G 97 -12.00 18.99 37.86
N ALA G 98 -11.70 18.27 36.78
CA ALA G 98 -11.00 16.99 36.89
C ALA G 98 -10.60 16.55 35.50
N ALA G 99 -9.75 15.53 35.48
CA ALA G 99 -9.16 15.10 34.23
C ALA G 99 -8.97 13.59 34.28
N ALA G 100 -8.92 12.99 33.10
CA ALA G 100 -8.67 11.56 32.98
C ALA G 100 -7.55 11.38 31.99
N ALA G 101 -6.50 10.67 32.39
CA ALA G 101 -5.39 10.44 31.51
C ALA G 101 -5.65 9.27 30.56
N THR G 102 -4.98 9.32 29.41
CA THR G 102 -5.06 8.23 28.46
C THR G 102 -3.67 7.92 27.96
N SER G 103 -3.54 6.77 27.28
CA SER G 103 -2.20 6.37 26.83
C SER G 103 -1.66 7.27 25.72
N SER G 104 -2.48 8.08 25.07
CA SER G 104 -2.00 8.95 24.00
C SER G 104 -3.00 10.08 23.79
N GLY G 105 -2.58 11.11 23.05
CA GLY G 105 -3.51 12.14 22.63
C GLY G 105 -4.61 11.60 21.75
N GLN G 106 -4.27 10.74 20.79
CA GLN G 106 -5.30 10.13 19.96
C GLN G 106 -6.37 9.47 20.81
N ALA G 107 -5.95 8.75 21.87
CA ALA G 107 -6.89 8.07 22.74
C ALA G 107 -7.74 9.06 23.52
N ALA G 108 -7.16 10.20 23.90
CA ALA G 108 -7.96 11.21 24.60
C ALA G 108 -9.09 11.70 23.69
N GLN G 109 -8.76 11.95 22.43
CA GLN G 109 -9.75 12.37 21.46
C GLN G 109 -10.78 11.28 21.24
N PHE G 110 -10.30 10.07 20.98
CA PHE G 110 -11.22 8.98 20.71
C PHE G 110 -12.15 8.70 21.89
N LEU G 111 -11.60 8.59 23.11
CA LEU G 111 -12.48 8.31 24.25
C LEU G 111 -13.52 9.40 24.43
N THR G 112 -13.14 10.66 24.22
CA THR G 112 -14.08 11.76 24.34
C THR G 112 -15.23 11.62 23.35
N ILE G 113 -14.92 11.51 22.06
CA ILE G 113 -15.97 11.46 21.05
C ILE G 113 -16.82 10.21 21.23
N ALA G 114 -16.19 9.08 21.63
CA ALA G 114 -16.96 7.86 21.83
C ALA G 114 -17.91 7.96 23.02
N THR G 115 -17.63 8.85 23.97
CA THR G 115 -18.56 9.05 25.07
C THR G 115 -19.71 9.97 24.68
N LEU G 116 -19.46 10.92 23.76
CA LEU G 116 -20.47 11.89 23.36
C LEU G 116 -21.38 11.39 22.25
N ALA G 117 -20.88 10.54 21.38
CA ALA G 117 -21.59 10.16 20.18
C ALA G 117 -21.66 8.64 20.08
N LYS G 118 -22.64 8.19 19.32
CA LYS G 118 -22.82 6.78 19.06
C LYS G 118 -23.30 6.65 17.62
N ALA G 119 -23.49 5.41 17.16
CA ALA G 119 -23.81 5.20 15.77
C ALA G 119 -25.07 5.96 15.41
N GLY G 120 -25.02 6.67 14.28
CA GLY G 120 -26.07 7.55 13.85
C GLY G 120 -25.84 9.00 14.21
N ASP G 121 -24.89 9.29 15.10
CA ASP G 121 -24.59 10.66 15.52
C ASP G 121 -23.47 11.26 14.67
N ASN G 122 -23.27 12.55 14.83
CA ASN G 122 -22.21 13.20 14.10
C ASN G 122 -21.58 14.24 15.00
N ILE G 123 -20.43 14.72 14.57
CA ILE G 123 -19.86 15.87 15.23
C ILE G 123 -19.49 16.88 14.15
N VAL G 124 -19.51 18.14 14.55
CA VAL G 124 -19.09 19.22 13.70
C VAL G 124 -17.69 19.62 14.11
N ALA G 125 -16.79 19.64 13.14
CA ALA G 125 -15.38 19.85 13.43
C ALA G 125 -14.80 20.86 12.47
N SER G 126 -13.85 21.64 12.96
CA SER G 126 -13.02 22.40 12.04
C SER G 126 -12.33 21.43 11.09
N SER G 127 -12.10 21.87 9.86
CA SER G 127 -11.26 21.11 8.95
C SER G 127 -9.77 21.30 9.19
N HIS G 128 -9.39 22.16 10.12
CA HIS G 128 -7.97 22.47 10.34
C HIS G 128 -7.49 21.59 11.48
N LEU G 129 -6.94 20.43 11.12
CA LEU G 129 -6.75 19.38 12.10
C LEU G 129 -5.39 18.74 11.94
N TYR G 130 -4.83 18.34 13.08
CA TYR G 130 -3.79 17.33 13.14
C TYR G 130 -4.15 16.12 12.27
N GLY G 131 -3.18 15.65 11.49
CA GLY G 131 -3.46 14.57 10.55
C GLY G 131 -4.04 13.34 11.22
N GLY G 132 -3.54 13.02 12.41
CA GLY G 132 -4.08 11.89 13.13
C GLY G 132 -5.53 12.07 13.52
N THR G 133 -5.92 13.31 13.86
CA THR G 133 -7.31 13.58 14.20
C THR G 133 -8.21 13.49 12.97
N TYR G 134 -7.74 14.02 11.83
CA TYR G 134 -8.50 13.87 10.59
C TYR G 134 -8.75 12.39 10.28
N ASN G 135 -7.71 11.56 10.37
CA ASN G 135 -7.91 10.11 10.20
C ASN G 135 -8.99 9.58 11.13
N GLN G 136 -8.98 10.04 12.38
CA GLN G 136 -10.00 9.57 13.31
C GLN G 136 -11.38 9.95 12.85
N LEU G 137 -11.54 11.21 12.47
CA LEU G 137 -12.88 11.74 12.20
C LEU G 137 -13.39 11.29 10.86
N ASN G 138 -12.50 11.20 9.87
CA ASN G 138 -12.90 10.88 8.50
C ASN G 138 -12.95 9.40 8.19
N VAL G 139 -12.15 8.57 8.88
CA VAL G 139 -12.00 7.15 8.54
C VAL G 139 -12.43 6.25 9.70
N LEU G 140 -11.86 6.46 10.88
CA LEU G 140 -12.07 5.50 11.98
C LEU G 140 -13.49 5.58 12.54
N LEU G 141 -13.90 6.75 13.02
CA LEU G 141 -15.21 6.84 13.66
C LEU G 141 -16.38 6.55 12.73
N PRO G 142 -16.34 6.85 11.43
CA PRO G 142 -17.45 6.43 10.56
C PRO G 142 -17.69 4.93 10.55
N ARG G 143 -16.64 4.13 10.76
CA ARG G 143 -16.84 2.69 10.92
C ARG G 143 -17.69 2.37 12.14
N PHE G 144 -17.78 3.29 13.10
CA PHE G 144 -18.63 3.10 14.27
C PHE G 144 -19.93 3.88 14.15
N GLY G 145 -20.28 4.33 12.95
CA GLY G 145 -21.52 5.06 12.74
C GLY G 145 -21.48 6.51 13.13
N ILE G 146 -20.28 7.05 13.40
CA ILE G 146 -20.10 8.42 13.88
C ILE G 146 -19.44 9.23 12.76
N LYS G 147 -20.21 10.13 12.15
CA LYS G 147 -19.66 10.91 11.04
C LYS G 147 -19.30 12.31 11.50
N THR G 148 -18.45 12.98 10.72
CA THR G 148 -18.00 14.34 11.02
C THR G 148 -18.38 15.25 9.86
N LYS G 149 -18.95 16.40 10.18
CA LYS G 149 -19.13 17.46 9.21
C LYS G 149 -18.01 18.45 9.45
N PHE G 150 -17.17 18.65 8.43
CA PHE G 150 -16.05 19.55 8.52
C PHE G 150 -16.46 20.96 8.09
N VAL G 151 -16.06 21.95 8.89
CA VAL G 151 -16.27 23.36 8.57
C VAL G 151 -14.91 23.96 8.28
N ARG G 152 -14.73 24.47 7.06
CA ARG G 152 -13.44 24.99 6.64
C ARG G 152 -13.26 26.47 6.93
N SER G 153 -14.38 27.21 6.99
CA SER G 153 -14.32 28.67 6.95
C SER G 153 -14.01 29.31 8.30
N GLY G 154 -14.24 28.62 9.40
CA GLY G 154 -14.18 29.27 10.70
C GLY G 154 -15.31 30.22 10.98
N LYS G 155 -16.27 30.37 10.07
CA LYS G 155 -17.39 31.29 10.25
C LYS G 155 -18.43 30.68 11.19
N LEU G 156 -18.86 31.47 12.18
CA LEU G 156 -19.87 30.99 13.14
C LEU G 156 -21.11 30.47 12.43
N GLU G 157 -21.51 31.14 11.34
CA GLU G 157 -22.71 30.73 10.61
C GLU G 157 -22.54 29.32 10.08
N ASP G 158 -21.34 29.00 9.62
CA ASP G 158 -21.11 27.68 9.05
C ASP G 158 -21.10 26.60 10.13
N TYR G 159 -20.52 26.87 11.30
CA TYR G 159 -20.68 25.94 12.40
C TYR G 159 -22.15 25.75 12.74
N ALA G 160 -22.90 26.85 12.82
CA ALA G 160 -24.32 26.76 13.15
C ALA G 160 -25.09 25.92 12.13
N ALA G 161 -24.83 26.14 10.84
CA ALA G 161 -25.59 25.43 9.81
C ALA G 161 -25.26 23.95 9.77
N ALA G 162 -24.04 23.57 10.16
CA ALA G 162 -23.67 22.16 10.12
C ALA G 162 -24.39 21.32 11.15
N ILE G 163 -24.96 21.94 12.17
CA ILE G 163 -25.51 21.21 13.32
C ILE G 163 -26.89 20.67 12.98
N ASP G 164 -27.14 19.41 13.32
CA ASP G 164 -28.47 18.85 13.18
C ASP G 164 -28.81 18.09 14.45
N ASP G 165 -29.97 17.45 14.46
CA ASP G 165 -30.47 16.82 15.67
C ASP G 165 -29.59 15.67 16.13
N GLN G 166 -28.75 15.14 15.25
CA GLN G 166 -27.81 14.08 15.60
C GLN G 166 -26.43 14.58 15.97
N THR G 167 -26.18 15.90 15.93
CA THR G 167 -24.87 16.40 16.29
C THR G 167 -24.66 16.29 17.80
N ARG G 168 -23.42 16.02 18.20
CA ARG G 168 -23.10 15.76 19.59
C ARG G 168 -21.94 16.58 20.12
N ALA G 169 -21.27 17.36 19.27
CA ALA G 169 -20.18 18.20 19.73
C ALA G 169 -19.80 19.11 18.58
N ILE G 170 -19.21 20.25 18.92
CA ILE G 170 -18.31 20.96 18.03
C ILE G 170 -16.89 20.68 18.52
N TYR G 171 -16.00 20.35 17.58
CA TYR G 171 -14.63 19.98 17.88
C TYR G 171 -13.69 20.92 17.14
N VAL G 172 -12.80 21.59 17.87
CA VAL G 172 -11.80 22.43 17.23
C VAL G 172 -10.48 22.25 17.97
N GLU G 173 -9.39 22.57 17.27
CA GLU G 173 -8.09 22.68 17.91
C GLU G 173 -7.88 24.13 18.31
N SER G 174 -7.22 24.32 19.45
CA SER G 174 -7.05 25.68 19.97
C SER G 174 -6.10 26.50 19.08
N MET G 175 -5.15 25.84 18.42
CA MET G 175 -4.34 26.48 17.41
C MET G 175 -3.94 25.39 16.42
N SER G 176 -4.45 25.47 15.19
CA SER G 176 -4.28 24.37 14.26
C SER G 176 -2.82 24.25 13.83
N ASN G 177 -2.55 23.15 13.16
CA ASN G 177 -1.18 22.76 12.87
C ASN G 177 -1.14 22.23 11.44
N PRO G 178 -0.37 22.84 10.52
CA PRO G 178 0.67 23.88 10.65
C PRO G 178 0.30 25.30 10.22
N ASP G 179 -0.98 25.66 10.21
CA ASP G 179 -1.34 27.01 9.78
C ASP G 179 -1.72 27.92 10.93
N TYR G 180 -1.88 27.37 12.14
CA TYR G 180 -2.02 28.15 13.38
C TYR G 180 -3.27 29.01 13.35
N VAL G 181 -4.35 28.45 12.81
CA VAL G 181 -5.66 29.07 12.91
C VAL G 181 -6.12 28.97 14.36
N VAL G 182 -6.46 30.12 14.94
CA VAL G 182 -7.04 30.19 16.28
C VAL G 182 -8.54 30.38 16.12
N PRO G 183 -9.38 29.51 16.66
CA PRO G 183 -10.81 29.64 16.47
C PRO G 183 -11.39 30.73 17.37
N ASP G 184 -12.58 31.20 16.99
CA ASP G 184 -13.35 32.10 17.85
C ASP G 184 -13.98 31.25 18.95
N PHE G 185 -13.18 30.96 19.99
CA PHE G 185 -13.65 30.09 21.06
C PHE G 185 -15.01 30.56 21.57
N GLU G 186 -15.10 31.85 21.93
CA GLU G 186 -16.31 32.32 22.62
C GLU G 186 -17.55 32.21 21.72
N GLY G 187 -17.44 32.66 20.47
CA GLY G 187 -18.56 32.56 19.56
C GLY G 187 -18.96 31.13 19.28
N ILE G 188 -17.97 30.24 19.14
CA ILE G 188 -18.27 28.84 18.83
C ILE G 188 -18.86 28.14 20.04
N ALA G 189 -18.32 28.43 21.23
CA ALA G 189 -18.89 27.85 22.43
C ALA G 189 -20.37 28.20 22.55
N LYS G 190 -20.75 29.44 22.21
CA LYS G 190 -22.15 29.84 22.31
C LYS G 190 -23.00 29.11 21.28
N ILE G 191 -22.49 28.98 20.05
CA ILE G 191 -23.23 28.22 19.04
C ILE G 191 -23.48 26.81 19.55
N ALA G 192 -22.44 26.19 20.11
CA ALA G 192 -22.58 24.84 20.64
C ALA G 192 -23.58 24.81 21.77
N HIS G 193 -23.44 25.75 22.71
CA HIS G 193 -24.32 25.68 23.88
C HIS G 193 -25.75 25.99 23.50
N GLU G 194 -25.96 26.83 22.49
CA GLU G 194 -27.31 27.18 22.09
C GLU G 194 -27.98 26.07 21.29
N HIS G 195 -27.21 25.16 20.67
CA HIS G 195 -27.77 23.96 20.05
C HIS G 195 -27.71 22.74 20.96
N GLY G 196 -27.35 22.93 22.22
CA GLY G 196 -27.41 21.83 23.15
C GLY G 196 -26.26 20.84 23.09
N ILE G 197 -25.09 21.25 22.60
CA ILE G 197 -23.94 20.34 22.48
C ILE G 197 -22.71 20.99 23.10
N PRO G 198 -21.72 20.21 23.54
CA PRO G 198 -20.51 20.79 24.15
C PRO G 198 -19.50 21.20 23.09
N LEU G 199 -18.62 22.11 23.50
CA LEU G 199 -17.46 22.51 22.69
C LEU G 199 -16.27 21.71 23.20
N VAL G 200 -15.68 20.89 22.33
CA VAL G 200 -14.48 20.10 22.65
C VAL G 200 -13.29 20.79 21.99
N VAL G 201 -12.22 21.06 22.76
CA VAL G 201 -11.05 21.75 22.22
C VAL G 201 -9.81 20.88 22.43
N ASP G 202 -9.12 20.59 21.33
CA ASP G 202 -7.79 19.99 21.43
C ASP G 202 -6.81 21.12 21.66
N ASN G 203 -6.31 21.21 22.88
CA ASN G 203 -5.46 22.31 23.27
C ASN G 203 -3.98 21.91 23.35
N THR G 204 -3.58 20.86 22.63
CA THR G 204 -2.16 20.47 22.60
C THR G 204 -1.24 21.66 22.36
N LEU G 205 -1.54 22.47 21.35
CA LEU G 205 -0.63 23.55 21.00
C LEU G 205 -0.75 24.74 21.93
N GLY G 206 -1.71 24.72 22.86
CA GLY G 206 -1.80 25.69 23.92
C GLY G 206 -0.92 25.37 25.11
N ALA G 207 -0.14 24.29 25.00
CA ALA G 207 0.88 23.92 25.99
C ALA G 207 0.28 23.81 27.40
N GLY G 208 -0.74 22.96 27.50
CA GLY G 208 -1.31 22.65 28.81
C GLY G 208 -1.96 23.80 29.54
N GLY G 209 -2.52 24.76 28.80
CA GLY G 209 -3.10 25.93 29.42
C GLY G 209 -2.16 27.11 29.55
N TYR G 210 -0.89 26.96 29.17
CA TYR G 210 0.00 28.10 29.31
C TYR G 210 -0.27 29.14 28.25
N TYR G 211 -0.40 28.72 27.00
CA TYR G 211 -0.64 29.68 25.94
C TYR G 211 -2.11 30.00 25.70
N ILE G 212 -3.02 29.04 25.90
CA ILE G 212 -4.44 29.18 25.61
C ILE G 212 -5.18 28.39 26.69
N ARG G 213 -6.24 28.97 27.28
CA ARG G 213 -7.05 28.30 28.30
CA ARG G 213 -7.04 28.27 28.28
C ARG G 213 -8.46 28.24 27.74
N PRO G 214 -8.78 27.22 26.93
CA PRO G 214 -10.10 27.20 26.30
C PRO G 214 -11.27 27.16 27.28
N ILE G 215 -11.09 26.59 28.47
CA ILE G 215 -12.23 26.49 29.39
C ILE G 215 -12.65 27.88 29.85
N GLU G 216 -11.69 28.80 30.01
CA GLU G 216 -12.03 30.20 30.29
C GLU G 216 -12.79 30.88 29.16
N HIS G 217 -12.87 30.25 27.99
CA HIS G 217 -13.51 30.87 26.85
C HIS G 217 -14.64 30.02 26.29
N GLY G 218 -15.22 29.16 27.13
CA GLY G 218 -16.45 28.46 26.79
C GLY G 218 -16.28 26.99 26.46
N ALA G 219 -15.05 26.48 26.36
CA ALA G 219 -14.89 25.06 26.09
C ALA G 219 -15.40 24.24 27.26
N ASP G 220 -16.10 23.15 26.94
CA ASP G 220 -16.63 22.24 27.94
C ASP G 220 -15.66 21.12 28.26
N ILE G 221 -14.93 20.67 27.24
CA ILE G 221 -14.01 19.55 27.33
C ILE G 221 -12.73 19.94 26.61
N VAL G 222 -11.59 19.68 27.22
CA VAL G 222 -10.29 19.96 26.61
C VAL G 222 -9.50 18.67 26.54
N VAL G 223 -8.89 18.41 25.41
CA VAL G 223 -8.04 17.23 25.26
C VAL G 223 -6.65 17.70 24.90
N HIS G 224 -5.68 16.91 25.29
CA HIS G 224 -4.32 17.16 24.99
C HIS G 224 -3.55 15.92 24.64
N SER G 225 -2.60 16.10 23.76
CA SER G 225 -1.60 15.12 23.57
C SER G 225 -0.52 15.57 24.58
N ALA G 226 -0.42 14.94 25.73
CA ALA G 226 0.61 15.25 26.74
C ALA G 226 1.99 14.89 26.23
N THR G 227 2.06 14.11 25.16
CA THR G 227 3.29 13.78 24.46
C THR G 227 4.10 14.99 24.08
N TRP G 229 4.21 19.46 24.39
CA TRP G 229 4.75 20.42 25.34
C TRP G 229 4.51 20.03 26.79
N ILE G 230 3.41 19.36 27.11
CA ILE G 230 3.18 18.99 28.50
C ILE G 230 4.33 18.14 29.03
N GLY G 231 4.64 17.03 28.34
CA GLY G 231 5.81 16.25 28.71
C GLY G 231 7.12 16.98 28.47
N GLY G 232 7.27 17.60 27.30
CA GLY G 232 8.32 18.58 27.06
C GLY G 232 9.69 18.02 26.73
N HIS G 233 9.90 16.72 26.84
CA HIS G 233 11.22 16.14 26.62
C HIS G 233 11.17 15.00 25.60
N GLY G 234 10.03 14.80 24.95
CA GLY G 234 9.93 13.76 23.95
C GLY G 234 10.26 12.38 24.47
N THR G 235 10.01 12.12 25.75
CA THR G 235 10.28 10.77 26.25
C THR G 235 9.07 9.85 26.23
N THR G 236 7.84 10.39 26.11
CA THR G 236 6.66 9.70 26.62
C THR G 236 5.41 10.08 25.83
N ILE G 237 4.66 9.07 25.41
CA ILE G 237 3.39 9.25 24.76
C ILE G 237 2.34 9.35 25.86
N GLY G 238 1.38 10.24 25.68
CA GLY G 238 0.32 10.31 26.68
C GLY G 238 -0.75 11.30 26.28
N GLY G 239 -1.98 11.13 26.78
CA GLY G 239 -3.05 12.06 26.50
C GLY G 239 -3.75 12.41 27.80
N VAL G 240 -4.59 13.44 27.73
CA VAL G 240 -5.38 13.75 28.91
C VAL G 240 -6.67 14.45 28.46
N ILE G 241 -7.76 14.12 29.15
CA ILE G 241 -9.07 14.69 28.91
C ILE G 241 -9.39 15.53 30.14
N VAL G 242 -9.69 16.81 29.94
CA VAL G 242 -10.03 17.72 31.03
C VAL G 242 -11.49 18.10 30.88
N ASP G 243 -12.26 17.88 31.95
CA ASP G 243 -13.67 18.27 32.00
C ASP G 243 -13.78 19.63 32.67
N SER G 244 -14.39 20.59 31.99
CA SER G 244 -14.66 21.87 32.62
C SER G 244 -15.64 21.73 33.78
N GLY G 245 -16.45 20.68 33.78
CA GLY G 245 -17.56 20.60 34.73
C GLY G 245 -18.73 21.51 34.42
N ARG G 246 -18.70 22.22 33.30
CA ARG G 246 -19.64 23.30 33.02
C ARG G 246 -20.80 22.92 32.11
N PHE G 247 -20.78 21.72 31.53
CA PHE G 247 -21.83 21.38 30.59
C PHE G 247 -22.93 20.61 31.33
N ASN G 248 -24.18 21.06 31.19
CA ASN G 248 -25.26 20.45 31.94
C ASN G 248 -25.89 19.34 31.12
N TRP G 249 -25.44 18.11 31.40
CA TRP G 249 -25.91 16.94 30.66
C TRP G 249 -27.40 16.70 30.90
N ASN G 250 -27.90 17.03 32.11
CA ASN G 250 -29.33 16.87 32.39
C ASN G 250 -30.16 17.76 31.50
N LYS G 251 -29.77 19.04 31.40
CA LYS G 251 -30.49 19.97 30.54
C LYS G 251 -30.52 19.49 29.11
N HIS G 252 -29.50 18.75 28.67
CA HIS G 252 -29.43 18.34 27.29
C HIS G 252 -29.49 16.83 27.15
N SER G 253 -30.25 16.19 28.04
CA SER G 253 -30.34 14.74 28.03
C SER G 253 -31.01 14.22 26.77
N ASP G 254 -31.72 15.06 26.02
CA ASP G 254 -32.28 14.61 24.77
C ASP G 254 -31.18 14.24 23.76
N ARG G 255 -30.06 14.94 23.82
CA ARG G 255 -28.93 14.56 22.99
C ARG G 255 -27.96 13.63 23.68
N PHE G 256 -27.97 13.57 25.02
CA PHE G 256 -27.00 12.77 25.77
C PHE G 256 -27.71 11.93 26.83
N PRO G 257 -28.62 11.05 26.41
CA PRO G 257 -29.41 10.30 27.42
C PRO G 257 -28.57 9.40 28.30
N GLU G 258 -27.44 8.90 27.78
CA GLU G 258 -26.58 8.04 28.61
C GLU G 258 -25.98 8.78 29.78
N MET G 259 -25.95 10.11 29.73
CA MET G 259 -25.46 10.86 30.88
C MET G 259 -26.43 10.84 32.07
N VAL G 260 -27.72 10.56 31.85
CA VAL G 260 -28.72 10.68 32.90
C VAL G 260 -29.46 9.37 33.14
N GLU G 261 -29.72 8.62 32.08
CA GLU G 261 -30.56 7.45 32.21
C GLU G 261 -29.81 6.34 32.93
N PRO G 262 -30.54 5.40 33.55
CA PRO G 262 -29.87 4.32 34.28
C PRO G 262 -28.87 3.59 33.40
N SER G 263 -27.75 3.25 33.97
CA SER G 263 -26.64 2.80 33.15
C SER G 263 -26.55 1.29 33.17
N PRO G 264 -26.46 0.63 32.00
CA PRO G 264 -26.42 -0.83 31.99
C PRO G 264 -25.26 -1.40 32.78
N SER G 265 -24.17 -0.66 32.94
CA SER G 265 -22.93 -1.20 33.49
C SER G 265 -22.82 -1.13 35.01
N TYR G 266 -23.67 -0.34 35.68
CA TYR G 266 -23.51 -0.13 37.12
C TYR G 266 -24.83 -0.30 37.86
N HIS G 267 -25.51 -1.41 37.61
CA HIS G 267 -26.82 -1.68 38.19
C HIS G 267 -27.68 -0.42 38.14
N GLY G 268 -27.83 0.11 36.92
CA GLY G 268 -28.74 1.23 36.67
C GLY G 268 -28.30 2.57 37.20
N LEU G 269 -27.03 2.72 37.56
CA LEU G 269 -26.53 3.98 38.09
C LEU G 269 -26.87 5.13 37.15
N LYS G 270 -27.36 6.22 37.73
CA LYS G 270 -27.63 7.43 36.96
C LYS G 270 -26.46 8.38 37.20
N TYR G 271 -25.65 8.58 36.15
CA TYR G 271 -24.40 9.33 36.32
C TYR G 271 -24.66 10.77 36.76
N TRP G 272 -25.51 11.48 36.01
CA TRP G 272 -25.76 12.87 36.38
C TRP G 272 -26.24 12.97 37.82
N GLU G 273 -27.15 12.10 38.21
CA GLU G 273 -27.65 12.14 39.59
C GLU G 273 -26.53 11.88 40.59
N ALA G 274 -25.61 11.00 40.22
CA ALA G 274 -24.57 10.60 41.18
C ALA G 274 -23.40 11.55 41.18
N PHE G 275 -23.05 12.11 40.02
CA PHE G 275 -21.80 12.86 39.90
C PHE G 275 -21.95 14.31 39.46
N GLY G 276 -23.12 14.75 39.00
CA GLY G 276 -23.30 16.14 38.65
C GLY G 276 -22.26 16.70 37.69
N PRO G 277 -21.55 17.78 38.06
CA PRO G 277 -20.63 18.41 37.10
C PRO G 277 -19.50 17.51 36.64
N ALA G 278 -19.17 16.44 37.38
CA ALA G 278 -18.13 15.52 36.97
C ALA G 278 -18.69 14.35 36.18
N THR G 279 -19.92 14.45 35.67
CA THR G 279 -20.57 13.31 35.04
C THR G 279 -19.76 12.78 33.87
N PHE G 280 -19.36 13.66 32.95
CA PHE G 280 -18.62 13.26 31.77
C PHE G 280 -17.31 12.58 32.14
N ILE G 281 -16.48 13.25 32.94
CA ILE G 281 -15.16 12.71 33.23
C ILE G 281 -15.26 11.44 34.08
N THR G 282 -16.30 11.32 34.91
CA THR G 282 -16.49 10.08 35.65
C THR G 282 -16.83 8.94 34.71
N ARG G 283 -17.69 9.20 33.73
CA ARG G 283 -18.04 8.20 32.75
C ARG G 283 -16.81 7.79 31.92
N ILE G 284 -15.96 8.76 31.58
CA ILE G 284 -14.70 8.45 30.90
C ILE G 284 -13.93 7.41 31.70
N ARG G 285 -13.85 7.60 33.01
CA ARG G 285 -13.06 6.70 33.83
C ARG G 285 -13.79 5.38 34.05
N VAL G 286 -15.02 5.43 34.57
CA VAL G 286 -15.63 4.18 35.02
C VAL G 286 -16.23 3.38 33.86
N GLU G 287 -16.40 3.99 32.69
CA GLU G 287 -16.91 3.30 31.52
C GLU G 287 -15.85 3.16 30.43
N MET G 288 -15.25 4.27 30.00
CA MET G 288 -14.47 4.23 28.77
C MET G 288 -13.04 3.77 28.99
N LEU G 289 -12.36 4.29 30.02
CA LEU G 289 -11.11 3.66 30.43
C LEU G 289 -11.32 2.20 30.77
N ARG G 290 -12.39 1.90 31.51
CA ARG G 290 -12.64 0.52 31.93
C ARG G 290 -12.82 -0.41 30.74
N ASP G 291 -13.54 0.04 29.71
CA ASP G 291 -13.90 -0.86 28.63
C ASP G 291 -13.04 -0.72 27.38
N ILE G 292 -12.54 0.47 27.06
CA ILE G 292 -11.60 0.59 25.95
C ILE G 292 -10.17 0.35 26.43
N GLY G 293 -9.82 0.83 27.62
CA GLY G 293 -8.57 0.40 28.22
C GLY G 293 -7.36 1.14 27.74
N ALA G 294 -7.53 2.35 27.21
CA ALA G 294 -6.42 3.19 26.76
C ALA G 294 -5.86 3.97 27.94
N CYS G 295 -5.27 3.24 28.88
CA CYS G 295 -4.83 3.80 30.15
C CYS G 295 -3.36 4.23 30.09
N LEU G 296 -2.98 5.08 31.04
CA LEU G 296 -1.64 5.66 31.05
C LEU G 296 -0.81 4.99 32.12
N SER G 297 0.41 4.60 31.77
CA SER G 297 1.32 3.98 32.73
C SER G 297 1.67 4.98 33.83
N PRO G 298 1.85 4.52 35.08
CA PRO G 298 2.42 5.42 36.10
C PRO G 298 3.84 5.85 35.78
N PHE G 299 4.61 5.03 35.07
CA PHE G 299 5.94 5.46 34.62
C PHE G 299 5.81 6.63 33.66
N SER G 300 4.93 6.50 32.68
CA SER G 300 4.66 7.60 31.74
C SER G 300 4.20 8.83 32.49
N ALA G 301 3.27 8.65 33.43
CA ALA G 301 2.79 9.77 34.25
C ALA G 301 3.93 10.49 34.95
N GLN G 302 4.88 9.74 35.53
CA GLN G 302 5.98 10.39 36.26
C GLN G 302 6.85 11.18 35.30
N GLN G 303 7.16 10.62 34.14
CA GLN G 303 7.88 11.39 33.12
C GLN G 303 7.14 12.68 32.80
N LEU G 304 5.82 12.59 32.62
CA LEU G 304 5.07 13.80 32.27
C LEU G 304 5.07 14.80 33.43
N LEU G 305 5.03 14.31 34.67
CA LEU G 305 5.07 15.20 35.83
C LEU G 305 6.38 15.99 35.89
N LEU G 306 7.51 15.33 35.65
CA LEU G 306 8.78 16.04 35.56
C LEU G 306 8.73 17.12 34.49
N GLY G 307 8.13 16.81 33.33
CA GLY G 307 7.92 17.84 32.33
C GLY G 307 7.05 18.98 32.85
N ILE G 308 5.93 18.64 33.49
CA ILE G 308 4.95 19.66 33.90
C ILE G 308 5.56 20.61 34.92
N GLU G 309 6.51 20.11 35.72
CA GLU G 309 7.16 20.95 36.72
C GLU G 309 7.91 22.12 36.12
N THR G 310 8.22 22.11 34.82
CA THR G 310 8.84 23.27 34.19
C THR G 310 8.00 23.82 33.07
N LEU G 311 6.73 23.41 32.95
CA LEU G 311 5.95 23.72 31.76
C LEU G 311 5.94 25.22 31.48
N GLY G 312 5.64 26.02 32.49
CA GLY G 312 5.58 27.47 32.28
C GLY G 312 6.92 28.02 31.82
N LEU G 313 8.00 27.61 32.47
CA LEU G 313 9.33 28.07 32.07
C LEU G 313 9.64 27.69 30.64
N ARG G 314 9.30 26.46 30.24
CA ARG G 314 9.62 26.02 28.89
C ARG G 314 8.75 26.75 27.88
N ALA G 315 7.45 26.79 28.15
CA ALA G 315 6.57 27.49 27.22
C ALA G 315 7.01 28.93 27.07
N GLU G 316 7.45 29.54 28.16
CA GLU G 316 7.91 30.92 28.12
C GLU G 316 9.10 31.07 27.19
N ARG G 317 10.10 30.20 27.35
CA ARG G 317 11.27 30.28 26.49
C ARG G 317 10.95 29.82 25.07
N HIS G 318 10.14 28.75 24.90
CA HIS G 318 9.71 28.37 23.56
C HIS G 318 9.16 29.57 22.79
N ALA G 319 8.23 30.30 23.42
CA ALA G 319 7.52 31.36 22.69
C ALA G 319 8.44 32.51 22.40
N GLN G 320 9.34 32.79 23.34
CA GLN G 320 10.31 33.84 23.15
C GLN G 320 11.25 33.51 22.02
N ASN G 321 11.74 32.27 21.97
CA ASN G 321 12.55 31.85 20.83
C ASN G 321 11.76 31.91 19.54
N THR G 322 10.49 31.49 19.57
CA THR G 322 9.68 31.51 18.36
C THR G 322 9.50 32.93 17.82
N GLU G 323 9.30 33.91 18.70
CA GLU G 323 9.12 35.28 18.25
C GLU G 323 10.38 35.79 17.57
N LYS G 324 11.53 35.47 18.14
CA LYS G 324 12.80 35.91 17.57
C LYS G 324 13.10 35.18 16.27
N LEU G 325 12.80 33.87 16.21
CA LEU G 325 13.01 33.14 14.99
C LEU G 325 12.14 33.68 13.88
N SER G 326 10.92 34.10 14.21
CA SER G 326 10.06 34.65 13.17
C SER G 326 10.62 35.96 12.64
N LYS G 327 11.26 36.75 13.52
CA LYS G 327 11.93 37.96 13.05
C LYS G 327 13.09 37.62 12.13
N TYR G 328 13.90 36.62 12.51
CA TYR G 328 14.98 36.15 11.65
C TYR G 328 14.46 35.70 10.29
N PHE G 329 13.41 34.88 10.28
CA PHE G 329 12.94 34.37 8.99
C PHE G 329 12.29 35.46 8.14
N GLU G 330 11.68 36.48 8.75
CA GLU G 330 11.07 37.56 7.97
C GLU G 330 12.09 38.21 7.06
N SER G 331 13.29 38.46 7.59
CA SER G 331 14.31 39.20 6.88
C SER G 331 15.33 38.29 6.20
N SER G 332 15.03 37.03 6.06
CA SER G 332 15.95 36.17 5.35
C SER G 332 15.67 36.21 3.86
N PRO G 333 16.69 36.46 3.02
CA PRO G 333 16.49 36.44 1.57
C PRO G 333 16.07 35.09 1.00
N ASN G 334 16.13 34.01 1.77
CA ASN G 334 15.77 32.70 1.28
C ASN G 334 14.36 32.31 1.67
N VAL G 335 13.68 33.15 2.43
CA VAL G 335 12.38 32.81 3.01
C VAL G 335 11.30 33.52 2.21
N SER G 336 10.41 32.74 1.62
CA SER G 336 9.32 33.32 0.84
C SER G 336 8.25 33.89 1.76
N TRP G 337 7.90 33.17 2.82
CA TRP G 337 6.83 33.62 3.71
C TRP G 337 7.02 33.02 5.09
N VAL G 338 6.28 33.57 6.05
CA VAL G 338 6.29 33.08 7.42
C VAL G 338 4.85 33.00 7.91
N LEU G 339 4.48 31.85 8.47
CA LEU G 339 3.25 31.70 9.23
C LEU G 339 3.59 31.68 10.71
N TRP G 340 3.15 32.69 11.44
CA TRP G 340 3.30 32.76 12.88
C TRP G 340 2.06 33.42 13.47
N PRO G 341 1.35 32.76 14.38
CA PRO G 341 0.09 33.33 14.90
C PRO G 341 0.22 34.71 15.52
N GLY G 342 1.43 35.17 15.86
CA GLY G 342 1.61 36.50 16.39
C GLY G 342 1.73 37.60 15.36
N SER G 343 1.89 37.25 14.09
CA SER G 343 2.01 38.26 13.03
C SER G 343 0.66 38.89 12.72
N GLU G 344 0.67 40.21 12.51
CA GLU G 344 -0.56 40.94 12.26
C GLU G 344 -1.18 40.56 10.91
N SER G 345 -0.37 40.07 9.99
CA SER G 345 -0.85 39.59 8.69
C SER G 345 -1.48 38.22 8.76
N HIS G 346 -1.39 37.53 9.90
CA HIS G 346 -1.92 36.17 9.98
C HIS G 346 -3.44 36.19 9.86
N PRO G 347 -4.03 35.28 9.11
CA PRO G 347 -5.48 35.38 8.84
C PRO G 347 -6.35 35.43 10.08
N THR G 348 -5.96 34.77 11.17
CA THR G 348 -6.77 34.77 12.39
C THR G 348 -6.08 35.50 13.52
N TYR G 349 -5.37 36.57 13.17
CA TYR G 349 -4.64 37.35 14.16
C TYR G 349 -5.56 37.96 15.22
N SER G 350 -6.77 38.39 14.84
CA SER G 350 -7.59 39.02 15.87
C SER G 350 -7.99 38.00 16.94
N GLN G 351 -8.13 36.73 16.56
CA GLN G 351 -8.37 35.71 17.58
C GLN G 351 -7.09 35.43 18.37
N ALA G 352 -5.94 35.32 17.69
CA ALA G 352 -4.71 35.05 18.43
C ALA G 352 -4.43 36.16 19.44
N LYS G 353 -4.60 37.41 18.99
CA LYS G 353 -4.43 38.55 19.89
C LYS G 353 -5.34 38.43 21.10
N LYS G 354 -6.57 37.96 20.89
CA LYS G 354 -7.58 37.91 21.94
C LYS G 354 -7.29 36.78 22.92
N TYR G 355 -6.83 35.64 22.42
CA TYR G 355 -6.74 34.46 23.25
C TYR G 355 -5.32 34.05 23.63
N LEU G 356 -4.29 34.61 22.99
CA LEU G 356 -2.92 34.25 23.30
C LEU G 356 -2.24 35.50 23.87
N THR G 357 -2.26 35.62 25.19
CA THR G 357 -1.73 36.80 25.85
C THR G 357 -0.48 36.49 26.67
N ARG G 358 0.05 35.28 26.55
CA ARG G 358 1.22 34.83 27.29
C ARG G 358 2.22 34.22 26.33
N GLY G 359 2.22 34.67 25.08
CA GLY G 359 3.13 34.14 24.09
C GLY G 359 2.40 33.48 22.96
N PHE G 360 2.85 33.71 21.73
CA PHE G 360 2.15 33.19 20.57
C PHE G 360 2.59 31.80 20.19
N GLY G 361 2.75 30.93 21.20
CA GLY G 361 2.99 29.54 20.94
C GLY G 361 4.43 29.27 20.58
N ALA G 362 4.68 28.00 20.26
CA ALA G 362 6.02 27.47 20.12
C ALA G 362 6.32 27.07 18.68
N MET G 363 5.46 27.44 17.72
CA MET G 363 5.52 26.93 16.37
C MET G 363 5.61 28.06 15.36
N LEU G 364 6.31 27.81 14.27
CA LEU G 364 6.11 28.63 13.08
C LEU G 364 6.31 27.76 11.85
N SER G 365 5.78 28.25 10.72
CA SER G 365 5.90 27.59 9.44
C SER G 365 6.44 28.60 8.43
N ILE G 366 7.32 28.14 7.54
CA ILE G 366 7.96 29.03 6.58
C ILE G 366 7.91 28.41 5.20
N GLY G 367 7.90 29.27 4.19
CA GLY G 367 8.11 28.87 2.81
C GLY G 367 9.50 29.33 2.36
N VAL G 368 10.23 28.42 1.74
CA VAL G 368 11.58 28.74 1.28
C VAL G 368 11.55 28.94 -0.21
N LYS G 369 12.38 29.86 -0.69
CA LYS G 369 12.52 30.11 -2.11
C LYS G 369 13.19 28.92 -2.80
N GLY G 370 12.97 28.82 -4.11
CA GLY G 370 13.57 27.77 -4.92
C GLY G 370 12.54 26.73 -5.34
N ASP G 371 13.03 25.71 -6.02
CA ASP G 371 12.17 24.65 -6.55
C ASP G 371 11.71 23.73 -5.41
N ALA G 372 11.00 22.66 -5.80
CA ALA G 372 10.35 21.81 -4.81
C ALA G 372 11.34 21.18 -3.85
N SER G 373 12.58 20.98 -4.28
CA SER G 373 13.57 20.34 -3.43
C SER G 373 14.19 21.29 -2.40
N ALA G 374 13.87 22.58 -2.44
CA ALA G 374 14.53 23.51 -1.53
C ALA G 374 14.19 23.22 -0.08
N GLY G 375 12.91 23.04 0.22
CA GLY G 375 12.51 22.76 1.59
C GLY G 375 13.26 21.59 2.20
N SER G 376 13.34 20.49 1.45
CA SER G 376 14.00 19.30 1.97
C SER G 376 15.50 19.53 2.14
N LYS G 377 16.12 20.28 1.23
CA LYS G 377 17.53 20.59 1.39
C LYS G 377 17.78 21.39 2.67
N VAL G 378 16.92 22.36 2.96
CA VAL G 378 17.13 23.18 4.15
C VAL G 378 16.97 22.35 5.41
N VAL G 379 15.95 21.49 5.46
CA VAL G 379 15.76 20.64 6.63
C VAL G 379 16.92 19.66 6.76
N ASP G 380 17.28 19.02 5.65
CA ASP G 380 18.36 18.03 5.71
C ASP G 380 19.68 18.66 6.12
N GLY G 381 19.86 19.94 5.85
CA GLY G 381 21.11 20.57 6.19
C GLY G 381 21.22 21.01 7.63
N LEU G 382 20.14 20.95 8.39
CA LEU G 382 20.20 21.35 9.79
C LEU G 382 20.99 20.32 10.59
N LYS G 383 21.80 20.83 11.52
CA LYS G 383 22.67 20.02 12.36
C LYS G 383 22.31 20.07 13.83
N LEU G 384 21.59 21.10 14.26
CA LEU G 384 21.07 21.21 15.63
C LEU G 384 19.58 20.87 15.66
N VAL G 385 18.75 21.58 14.89
CA VAL G 385 17.36 21.20 14.72
C VAL G 385 17.29 19.78 14.18
N SER G 386 16.35 18.98 14.71
CA SER G 386 16.18 17.59 14.31
C SER G 386 15.03 17.43 13.32
N ASN G 387 15.19 16.50 12.37
CA ASN G 387 14.18 16.24 11.35
C ASN G 387 13.38 15.02 11.83
N LEU G 388 12.18 15.26 12.35
CA LEU G 388 11.35 14.17 12.84
C LEU G 388 9.92 14.69 13.01
N ALA G 389 9.04 13.77 13.44
CA ALA G 389 7.60 13.98 13.39
C ALA G 389 7.09 14.93 14.48
N ASN G 390 7.62 14.78 15.69
CA ASN G 390 7.09 15.36 16.91
C ASN G 390 7.01 16.90 16.85
N VAL G 391 6.27 17.45 17.81
CA VAL G 391 6.31 18.86 18.17
C VAL G 391 6.29 18.92 19.68
N GLY G 392 6.72 20.06 20.22
CA GLY G 392 6.64 20.25 21.65
C GLY G 392 7.75 19.58 22.42
N ASP G 393 8.87 19.27 21.79
CA ASP G 393 10.06 18.80 22.48
C ASP G 393 10.89 20.01 22.91
N ALA G 394 11.70 19.87 23.97
CA ALA G 394 12.61 20.97 24.33
C ALA G 394 13.63 21.20 23.21
N LYS G 395 13.95 20.17 22.46
CA LYS G 395 14.86 20.29 21.33
C LYS G 395 14.08 20.84 20.15
N SER G 396 14.71 21.68 19.36
CA SER G 396 14.07 22.19 18.17
C SER G 396 13.89 21.09 17.13
N LEU G 397 12.75 21.12 16.45
CA LEU G 397 12.40 20.13 15.45
C LEU G 397 11.87 20.83 14.22
N ALA G 398 12.13 20.24 13.06
CA ALA G 398 11.62 20.74 11.80
C ALA G 398 11.28 19.57 10.90
N ILE G 399 10.50 19.86 9.87
CA ILE G 399 10.08 18.83 8.95
C ILE G 399 9.61 19.52 7.68
N HIS G 400 9.83 18.85 6.55
CA HIS G 400 9.31 19.30 5.26
C HIS G 400 8.05 18.50 4.98
N PRO G 401 6.88 18.94 5.45
CA PRO G 401 5.74 18.00 5.58
C PRO G 401 5.21 17.42 4.27
N TRP G 402 5.15 18.16 3.15
CA TRP G 402 4.66 17.48 1.97
C TRP G 402 5.66 16.43 1.48
N SER G 403 6.95 16.76 1.43
CA SER G 403 7.87 15.72 0.93
C SER G 403 8.08 14.57 1.91
N THR G 404 7.43 14.57 3.08
CA THR G 404 7.60 13.50 4.06
C THR G 404 6.25 13.02 4.58
N THR G 405 5.98 13.33 5.84
CA THR G 405 4.69 13.04 6.47
C THR G 405 3.55 13.61 5.65
N GLY G 418 -3.32 22.68 4.68
CA GLY G 418 -2.44 23.83 4.86
C GLY G 418 -0.99 23.57 4.52
N VAL G 419 -0.72 22.50 3.74
CA VAL G 419 0.63 22.03 3.48
C VAL G 419 1.06 22.39 2.06
N THR G 420 2.26 22.94 1.91
CA THR G 420 2.81 23.36 0.63
C THR G 420 4.26 22.88 0.52
N GLU G 421 4.70 22.63 -0.70
CA GLU G 421 6.02 22.02 -0.90
C GLU G 421 7.17 23.00 -0.74
N ASP G 422 6.90 24.27 -0.52
CA ASP G 422 7.95 25.17 -0.05
C ASP G 422 7.96 25.26 1.48
N MET G 423 6.99 24.63 2.14
CA MET G 423 6.72 24.85 3.55
C MET G 423 7.58 23.97 4.44
N ILE G 424 8.22 24.60 5.43
CA ILE G 424 8.82 23.90 6.54
C ILE G 424 8.03 24.25 7.80
N ARG G 425 7.61 23.22 8.54
CA ARG G 425 7.00 23.41 9.85
C ARG G 425 8.08 23.26 10.92
N ILE G 426 8.12 24.18 11.87
CA ILE G 426 9.19 24.25 12.86
C ILE G 426 8.59 24.27 14.25
N SER G 427 8.97 23.27 15.08
CA SER G 427 8.68 23.30 16.51
C SER G 427 9.90 23.91 17.21
N VAL G 428 9.77 25.13 17.66
CA VAL G 428 10.96 25.82 18.16
C VAL G 428 11.29 25.37 19.57
N GLY G 429 12.54 24.94 19.79
CA GLY G 429 12.97 24.44 21.08
C GLY G 429 13.44 25.56 22.00
N ILE G 430 14.05 25.15 23.11
CA ILE G 430 14.50 26.07 24.13
C ILE G 430 16.02 26.19 24.13
N GLU G 431 16.70 25.66 23.11
CA GLU G 431 18.12 25.97 22.93
C GLU G 431 18.31 27.48 22.87
N HIS G 432 19.56 27.91 23.04
CA HIS G 432 19.85 29.33 22.83
C HIS G 432 19.45 29.75 21.42
N VAL G 433 18.66 30.82 21.33
CA VAL G 433 18.14 31.28 20.04
C VAL G 433 19.27 31.47 19.02
N ASP G 434 20.43 31.96 19.47
CA ASP G 434 21.52 32.19 18.51
C ASP G 434 21.95 30.90 17.84
N ASP G 435 21.93 29.78 18.56
CA ASP G 435 22.34 28.53 17.93
C ASP G 435 21.26 28.01 16.98
N ILE G 436 19.99 28.21 17.31
CA ILE G 436 18.94 27.80 16.38
C ILE G 436 19.09 28.60 15.09
N ILE G 437 19.21 29.92 15.23
CA ILE G 437 19.36 30.78 14.07
C ILE G 437 20.60 30.39 13.28
N ALA G 438 21.73 30.26 13.98
CA ALA G 438 22.96 29.89 13.28
C ALA G 438 22.78 28.58 12.51
N ASP G 439 22.08 27.61 13.09
CA ASP G 439 21.90 26.34 12.41
C ASP G 439 21.16 26.52 11.09
N PHE G 440 20.10 27.33 11.08
CA PHE G 440 19.40 27.61 9.83
C PHE G 440 20.28 28.44 8.89
N GLU G 441 21.12 29.32 9.43
CA GLU G 441 22.01 30.13 8.58
C GLU G 441 22.96 29.25 7.78
N GLN G 442 23.68 28.35 8.46
CA GLN G 442 24.58 27.45 7.73
C GLN G 442 23.82 26.51 6.79
N SER G 443 22.59 26.15 7.11
CA SER G 443 21.86 25.28 6.18
C SER G 443 21.43 26.05 4.95
N PHE G 444 21.03 27.31 5.13
CA PHE G 444 20.71 28.17 3.99
C PHE G 444 21.94 28.37 3.12
N GLN G 445 23.09 28.65 3.74
CA GLN G 445 24.33 28.85 2.99
C GLN G 445 24.64 27.64 2.11
N LYS G 446 24.34 26.43 2.59
CA LYS G 446 24.66 25.24 1.80
C LYS G 446 23.66 25.03 0.68
N ALA G 447 22.38 25.29 0.91
CA ALA G 447 21.39 25.05 -0.13
C ALA G 447 21.34 26.16 -1.17
N TYR G 448 21.78 27.38 -0.80
CA TYR G 448 21.64 28.54 -1.66
C TYR G 448 22.96 29.25 -1.95
N GLY G 449 24.10 28.70 -1.51
CA GLY G 449 25.38 29.33 -1.73
C GLY G 449 25.53 30.69 -1.06
N GLN H 24 10.05 -18.69 57.87
CA GLN H 24 9.04 -19.18 56.94
C GLN H 24 9.74 -19.84 55.71
N ASN H 25 8.97 -20.20 54.69
CA ASN H 25 9.57 -20.83 53.51
C ASN H 25 10.15 -19.78 52.57
N PHE H 26 11.35 -20.08 52.04
CA PHE H 26 12.02 -19.15 51.13
C PHE H 26 11.08 -18.68 50.03
N GLU H 27 10.29 -19.61 49.47
CA GLU H 27 9.43 -19.32 48.33
C GLU H 27 8.32 -18.33 48.68
N THR H 28 7.91 -18.30 49.93
CA THR H 28 6.92 -17.34 50.36
C THR H 28 7.56 -16.02 50.76
N LEU H 29 8.68 -16.10 51.48
CA LEU H 29 9.37 -14.88 51.91
C LEU H 29 9.75 -14.02 50.73
N GLN H 30 10.15 -14.65 49.63
CA GLN H 30 10.68 -13.86 48.53
C GLN H 30 9.59 -13.03 47.85
N LEU H 31 8.32 -13.31 48.18
CA LEU H 31 7.16 -12.58 47.67
C LEU H 31 6.53 -11.62 48.67
N HIS H 32 6.78 -11.79 49.96
CA HIS H 32 5.97 -11.14 50.98
C HIS H 32 6.80 -10.44 52.06
N ALA H 33 8.00 -10.94 52.37
CA ALA H 33 8.74 -10.37 53.49
C ALA H 33 9.02 -8.88 53.28
N GLY H 34 8.79 -8.08 54.31
CA GLY H 34 9.21 -6.70 54.28
C GLY H 34 8.26 -5.73 53.60
N TYR H 35 7.08 -6.15 53.17
CA TYR H 35 6.17 -5.18 52.59
C TYR H 35 4.73 -5.49 52.97
N THR H 36 4.00 -4.46 53.37
CA THR H 36 2.56 -4.53 53.48
C THR H 36 1.96 -3.30 52.80
N PRO H 37 0.90 -3.46 52.02
CA PRO H 37 0.30 -2.28 51.37
C PRO H 37 -0.01 -1.18 52.37
N ASP H 38 0.44 0.04 52.06
CA ASP H 38 0.14 1.18 52.91
C ASP H 38 -1.36 1.48 52.85
N PRO H 39 -1.95 1.97 53.93
CA PRO H 39 -3.40 2.17 53.93
C PRO H 39 -3.84 3.32 53.05
N HIS H 40 -2.92 4.19 52.64
CA HIS H 40 -3.29 5.32 51.81
C HIS H 40 -3.61 4.88 50.39
N THR H 41 -2.69 4.16 49.74
CA THR H 41 -2.91 3.74 48.38
C THR H 41 -3.35 2.30 48.27
N ARG H 42 -2.96 1.46 49.24
CA ARG H 42 -3.20 0.02 49.23
C ARG H 42 -2.54 -0.66 48.05
N SER H 43 -1.51 -0.04 47.48
CA SER H 43 -0.79 -0.62 46.34
C SER H 43 -0.31 -2.04 46.67
N THR H 44 -0.74 -3.02 45.84
CA THR H 44 -0.37 -4.42 46.07
C THR H 44 1.10 -4.67 45.76
N ALA H 45 1.59 -4.12 44.65
CA ALA H 45 3.00 -4.12 44.29
C ALA H 45 3.72 -2.97 45.02
N VAL H 46 5.04 -3.10 45.13
CA VAL H 46 5.83 -2.11 45.85
C VAL H 46 5.98 -0.85 45.01
N PRO H 47 5.61 0.34 45.47
CA PRO H 47 5.85 1.54 44.66
C PRO H 47 7.33 1.85 44.60
N ILE H 48 7.68 2.66 43.61
CA ILE H 48 9.04 3.11 43.37
C ILE H 48 9.05 4.52 43.93
N TYR H 49 9.66 4.71 45.09
CA TYR H 49 9.70 6.03 45.72
C TYR H 49 10.89 6.79 45.14
N ALA H 50 10.65 7.33 43.94
CA ALA H 50 11.63 8.14 43.20
C ALA H 50 11.63 9.55 43.80
N THR H 51 12.12 9.60 45.03
CA THR H 51 12.21 10.84 45.76
C THR H 51 13.57 10.90 46.42
N SER H 52 14.17 12.10 46.48
CA SER H 52 15.39 12.29 47.26
C SER H 52 15.09 12.49 48.74
N SER H 53 13.98 13.17 49.06
CA SER H 53 13.70 13.66 50.41
C SER H 53 12.28 13.30 50.83
N TYR H 54 12.01 13.55 52.12
CA TYR H 54 10.74 13.21 52.74
C TYR H 54 10.37 14.40 53.63
N THR H 55 9.17 14.94 53.45
CA THR H 55 8.85 16.21 54.11
C THR H 55 8.63 16.01 55.60
N PHE H 56 9.22 16.90 56.41
CA PHE H 56 8.99 16.91 57.86
C PHE H 56 7.54 17.27 58.18
N ASN H 57 7.01 16.64 59.23
CA ASN H 57 5.71 17.07 59.75
C ASN H 57 5.78 18.48 60.31
N ASP H 58 6.88 18.79 60.99
CA ASP H 58 7.20 20.11 61.52
C ASP H 58 8.69 20.10 61.84
N SER H 59 9.21 21.23 62.33
CA SER H 59 10.64 21.31 62.59
C SER H 59 11.08 20.35 63.68
N ALA H 60 10.28 20.24 64.74
CA ALA H 60 10.64 19.32 65.82
C ALA H 60 10.68 17.89 65.31
N HIS H 61 9.79 17.55 64.37
CA HIS H 61 9.88 16.25 63.72
C HIS H 61 11.24 16.07 63.04
N GLY H 62 11.65 17.05 62.23
CA GLY H 62 12.92 16.95 61.56
C GLY H 62 14.09 16.75 62.50
N ALA H 63 14.11 17.52 63.60
CA ALA H 63 15.20 17.42 64.57
C ALA H 63 15.28 16.04 65.19
N ARG H 64 14.12 15.45 65.55
CA ARG H 64 14.12 14.09 66.09
C ARG H 64 14.68 13.09 65.08
N LEU H 65 14.33 13.25 63.79
CA LEU H 65 14.87 12.36 62.77
C LEU H 65 16.39 12.50 62.67
N PHE H 66 16.88 13.72 62.51
CA PHE H 66 18.33 13.89 62.35
C PHE H 66 19.09 13.49 63.61
N GLY H 67 18.48 13.70 64.77
CA GLY H 67 19.11 13.33 66.03
C GLY H 67 18.99 11.86 66.37
N LEU H 68 18.51 11.06 65.41
CA LEU H 68 18.24 9.63 65.58
C LEU H 68 17.31 9.36 66.78
N LYS H 69 16.52 10.35 67.19
CA LYS H 69 15.57 10.21 68.28
C LYS H 69 14.28 9.50 67.89
N GLU H 70 14.12 9.15 66.60
CA GLU H 70 12.88 8.62 66.05
C GLU H 70 13.11 8.01 64.67
N LEU H 71 12.60 6.82 64.42
CA LEU H 71 12.74 6.23 63.09
C LEU H 71 11.84 6.98 62.11
N GLY H 72 12.35 7.14 60.88
CA GLY H 72 11.57 7.71 59.80
C GLY H 72 12.42 8.03 58.59
N ASN H 73 11.77 8.19 57.44
CA ASN H 73 12.50 8.56 56.23
C ASN H 73 13.07 9.96 56.35
N ILE H 74 14.36 10.08 56.05
CA ILE H 74 15.03 11.38 56.02
C ILE H 74 15.47 11.73 54.61
N TYR H 75 16.17 10.81 53.93
CA TYR H 75 16.88 11.18 52.71
C TYR H 75 17.38 9.94 51.99
N SER H 76 17.17 9.86 50.68
CA SER H 76 17.36 8.57 50.03
C SER H 76 18.81 8.16 49.85
N ARG H 77 19.79 9.04 50.16
CA ARG H 77 21.17 8.54 50.30
C ARG H 77 21.26 7.53 51.42
N LEU H 78 20.41 7.67 52.44
CA LEU H 78 20.35 6.80 53.60
C LEU H 78 19.30 5.71 53.49
N MET H 79 18.05 6.09 53.20
CA MET H 79 16.96 5.13 53.22
C MET H 79 15.90 5.53 52.21
N ASN H 80 15.09 4.57 51.85
CA ASN H 80 14.09 4.79 50.84
C ASN H 80 13.07 3.65 50.97
N PRO H 81 11.76 3.93 50.97
CA PRO H 81 10.78 2.84 51.21
C PRO H 81 10.86 1.70 50.21
N THR H 82 11.19 1.97 48.93
CA THR H 82 11.40 0.85 48.02
C THR H 82 12.63 0.05 48.40
N VAL H 83 13.74 0.73 48.67
CA VAL H 83 14.97 0.03 49.03
C VAL H 83 14.75 -0.74 50.33
N ASP H 84 13.95 -0.17 51.23
CA ASP H 84 13.68 -0.81 52.51
C ASP H 84 13.01 -2.17 52.33
N VAL H 85 12.09 -2.29 51.37
CA VAL H 85 11.49 -3.59 51.11
C VAL H 85 12.57 -4.54 50.63
N PHE H 86 13.43 -4.08 49.73
CA PHE H 86 14.49 -4.95 49.23
C PHE H 86 15.42 -5.39 50.35
N GLU H 87 15.78 -4.45 51.25
CA GLU H 87 16.63 -4.78 52.38
C GLU H 87 15.98 -5.82 53.29
N LYS H 88 14.75 -5.55 53.72
CA LYS H 88 14.10 -6.45 54.67
C LYS H 88 13.89 -7.82 54.05
N ARG H 89 13.58 -7.85 52.76
CA ARG H 89 13.29 -9.15 52.14
C ARG H 89 14.57 -9.98 52.05
N ILE H 90 15.68 -9.38 51.62
CA ILE H 90 16.93 -10.12 51.55
C ILE H 90 17.36 -10.57 52.95
N ALA H 91 17.24 -9.68 53.96
CA ALA H 91 17.57 -10.09 55.32
C ALA H 91 16.74 -11.28 55.75
N ALA H 92 15.43 -11.22 55.47
CA ALA H 92 14.55 -12.32 55.86
C ALA H 92 14.95 -13.61 55.14
N LEU H 93 15.40 -13.49 53.89
CA LEU H 93 15.72 -14.69 53.11
C LEU H 93 17.05 -15.28 53.56
N GLU H 94 17.95 -14.46 54.08
CA GLU H 94 19.20 -14.98 54.61
C GLU H 94 19.09 -15.31 56.08
N GLY H 95 17.97 -14.98 56.72
CA GLY H 95 17.88 -15.17 58.15
C GLY H 95 18.69 -14.19 58.97
N GLY H 96 18.95 -12.99 58.43
CA GLY H 96 19.53 -11.93 59.22
C GLY H 96 18.48 -11.02 59.84
N ILE H 97 18.94 -10.18 60.77
CA ILE H 97 17.98 -9.28 61.40
C ILE H 97 17.66 -8.09 60.52
N ALA H 98 18.59 -7.65 59.69
CA ALA H 98 18.38 -6.44 58.90
C ALA H 98 19.47 -6.37 57.84
N ALA H 99 19.28 -5.48 56.88
CA ALA H 99 20.20 -5.39 55.77
C ALA H 99 20.27 -3.94 55.32
N ALA H 100 21.38 -3.61 54.67
CA ALA H 100 21.56 -2.28 54.11
C ALA H 100 21.96 -2.44 52.65
N ALA H 101 21.20 -1.78 51.76
CA ALA H 101 21.47 -1.86 50.32
C ALA H 101 22.62 -0.95 49.94
N THR H 102 23.35 -1.34 48.89
CA THR H 102 24.38 -0.46 48.35
C THR H 102 24.25 -0.41 46.83
N SER H 103 24.94 0.52 46.19
CA SER H 103 24.80 0.64 44.74
C SER H 103 25.39 -0.55 43.99
N SER H 104 26.24 -1.35 44.62
CA SER H 104 26.87 -2.49 43.95
C SER H 104 27.36 -3.48 44.99
N GLY H 105 27.63 -4.69 44.51
CA GLY H 105 28.33 -5.68 45.33
C GLY H 105 29.66 -5.18 45.84
N GLN H 106 30.45 -4.53 44.98
CA GLN H 106 31.73 -4.01 45.45
C GLN H 106 31.52 -3.05 46.61
N ALA H 107 30.50 -2.17 46.52
CA ALA H 107 30.22 -1.22 47.60
C ALA H 107 29.82 -1.93 48.88
N ALA H 108 29.05 -3.01 48.77
CA ALA H 108 28.70 -3.80 49.95
C ALA H 108 29.96 -4.30 50.67
N GLN H 109 30.93 -4.83 49.91
CA GLN H 109 32.18 -5.32 50.50
C GLN H 109 32.96 -4.18 51.12
N PHE H 110 33.06 -3.07 50.41
CA PHE H 110 33.89 -1.97 50.86
C PHE H 110 33.32 -1.33 52.11
N LEU H 111 32.00 -1.07 52.14
CA LEU H 111 31.39 -0.44 53.31
C LEU H 111 31.50 -1.37 54.52
N THR H 112 31.35 -2.68 54.29
CA THR H 112 31.50 -3.65 55.38
C THR H 112 32.90 -3.57 55.98
N ILE H 113 33.93 -3.72 55.15
CA ILE H 113 35.30 -3.76 55.67
C ILE H 113 35.69 -2.41 56.26
N ALA H 114 35.23 -1.31 55.62
CA ALA H 114 35.56 0.02 56.12
C ALA H 114 34.92 0.27 57.49
N THR H 115 33.85 -0.46 57.83
CA THR H 115 33.23 -0.26 59.14
C THR H 115 33.92 -1.13 60.19
N LEU H 116 34.48 -2.28 59.81
CA LEU H 116 35.14 -3.15 60.76
C LEU H 116 36.56 -2.72 61.04
N ALA H 117 37.20 -2.12 60.05
CA ALA H 117 38.64 -1.92 60.04
C ALA H 117 38.96 -0.45 59.80
N LYS H 118 40.09 0.02 60.34
CA LYS H 118 40.61 1.33 59.97
C LYS H 118 42.13 1.19 59.79
N ALA H 119 42.76 2.30 59.41
CA ALA H 119 44.18 2.31 59.10
C ALA H 119 44.98 1.67 60.24
N GLY H 120 45.83 0.73 59.87
CA GLY H 120 46.58 -0.05 60.84
C GLY H 120 45.96 -1.39 61.15
N ASP H 121 44.73 -1.65 60.68
CA ASP H 121 44.08 -2.93 60.89
C ASP H 121 44.29 -3.83 59.68
N ASN H 122 43.86 -5.08 59.82
CA ASN H 122 43.96 -6.01 58.73
C ASN H 122 42.78 -6.94 58.80
N ILE H 123 42.54 -7.63 57.69
CA ILE H 123 41.54 -8.68 57.72
C ILE H 123 42.22 -9.91 57.17
N VAL H 124 41.66 -11.06 57.51
CA VAL H 124 42.18 -12.33 57.05
C VAL H 124 41.18 -12.81 56.02
N ALA H 125 41.67 -13.12 54.83
CA ALA H 125 40.78 -13.48 53.73
C ALA H 125 41.25 -14.77 53.09
N SER H 126 40.28 -15.55 52.65
CA SER H 126 40.57 -16.59 51.70
C SER H 126 41.23 -15.97 50.48
N SER H 127 42.13 -16.72 49.84
CA SER H 127 42.71 -16.21 48.59
C SER H 127 41.81 -16.47 47.39
N HIS H 128 40.74 -17.23 47.55
CA HIS H 128 39.87 -17.64 46.44
C HIS H 128 38.78 -16.59 46.30
N LEU H 129 39.08 -15.55 45.51
CA LEU H 129 38.29 -14.32 45.53
C LEU H 129 37.92 -13.87 44.13
N TYR H 130 36.72 -13.30 44.04
CA TYR H 130 36.33 -12.50 42.87
C TYR H 130 37.37 -11.42 42.62
N GLY H 131 37.70 -11.18 41.35
CA GLY H 131 38.79 -10.26 41.03
C GLY H 131 38.59 -8.86 41.59
N GLY H 132 37.37 -8.36 41.54
CA GLY H 132 37.10 -7.07 42.14
C GLY H 132 37.37 -7.05 43.63
N THR H 133 37.03 -8.14 44.32
CA THR H 133 37.35 -8.20 45.75
C THR H 133 38.87 -8.24 45.98
N TYR H 134 39.58 -9.03 45.17
CA TYR H 134 41.02 -9.08 45.30
C TYR H 134 41.64 -7.70 45.08
N ASN H 135 41.14 -6.93 44.12
CA ASN H 135 41.63 -5.56 43.95
C ASN H 135 41.43 -4.75 45.20
N GLN H 136 40.21 -4.81 45.76
CA GLN H 136 39.91 -4.07 46.99
C GLN H 136 40.89 -4.45 48.07
N LEU H 137 41.02 -5.76 48.33
CA LEU H 137 41.81 -6.17 49.48
C LEU H 137 43.29 -5.98 49.22
N ASN H 138 43.75 -6.24 48.00
CA ASN H 138 45.18 -6.24 47.72
C ASN H 138 45.73 -4.88 47.32
N VAL H 139 44.91 -3.99 46.77
CA VAL H 139 45.47 -2.73 46.25
C VAL H 139 44.82 -1.54 46.94
N LEU H 140 43.49 -1.48 46.91
CA LEU H 140 42.75 -0.29 47.31
C LEU H 140 42.80 -0.08 48.82
N LEU H 141 42.27 -1.04 49.59
CA LEU H 141 42.25 -0.87 51.03
C LEU H 141 43.65 -0.66 51.63
N PRO H 142 44.73 -1.28 51.14
CA PRO H 142 46.05 -0.96 51.71
C PRO H 142 46.42 0.50 51.55
N ARG H 143 45.90 1.19 50.54
CA ARG H 143 46.12 2.63 50.45
C ARG H 143 45.56 3.37 51.67
N PHE H 144 44.54 2.81 52.31
CA PHE H 144 43.96 3.39 53.52
C PHE H 144 44.45 2.71 54.80
N GLY H 145 45.59 2.04 54.73
CA GLY H 145 46.18 1.40 55.89
C GLY H 145 45.47 0.14 56.35
N ILE H 146 44.66 -0.47 55.49
CA ILE H 146 43.88 -1.68 55.82
C ILE H 146 44.41 -2.80 54.93
N LYS H 147 45.13 -3.74 55.54
CA LYS H 147 45.84 -4.79 54.82
C LYS H 147 45.09 -6.11 54.95
N THR H 148 45.38 -7.00 54.04
CA THR H 148 44.78 -8.33 54.05
C THR H 148 45.87 -9.38 54.08
N LYS H 149 45.70 -10.36 54.94
CA LYS H 149 46.50 -11.59 54.91
C LYS H 149 45.67 -12.67 54.24
N PHE H 150 46.17 -13.20 53.13
CA PHE H 150 45.45 -14.16 52.34
C PHE H 150 45.82 -15.57 52.76
N VAL H 151 44.81 -16.42 52.89
CA VAL H 151 44.98 -17.81 53.26
C VAL H 151 44.59 -18.63 52.04
N ARG H 152 45.52 -19.41 51.51
CA ARG H 152 45.25 -20.18 50.30
C ARG H 152 44.74 -21.59 50.59
N SER H 153 45.17 -22.16 51.72
CA SER H 153 44.99 -23.59 51.97
C SER H 153 43.57 -23.98 52.34
N GLY H 154 42.72 -23.04 52.75
CA GLY H 154 41.45 -23.40 53.31
C GLY H 154 41.53 -24.15 54.62
N LYS H 155 42.72 -24.29 55.20
CA LYS H 155 42.90 -25.03 56.44
C LYS H 155 42.62 -24.14 57.65
N LEU H 156 41.91 -24.69 58.62
CA LEU H 156 41.53 -23.94 59.81
C LEU H 156 42.76 -23.37 60.53
N GLU H 157 43.81 -24.18 60.65
CA GLU H 157 44.99 -23.74 61.38
C GLU H 157 45.61 -22.52 60.73
N ASP H 158 45.48 -22.41 59.40
CA ASP H 158 46.07 -21.29 58.67
C ASP H 158 45.25 -20.02 58.84
N TYR H 159 43.91 -20.11 58.85
CA TYR H 159 43.12 -18.94 59.23
C TYR H 159 43.50 -18.46 60.63
N ALA H 160 43.56 -19.39 61.60
CA ALA H 160 43.88 -19.05 62.99
C ALA H 160 45.24 -18.37 63.12
N ALA H 161 46.25 -18.89 62.43
CA ALA H 161 47.60 -18.35 62.55
C ALA H 161 47.73 -16.99 61.89
N ALA H 162 46.87 -16.67 60.94
CA ALA H 162 46.95 -15.38 60.27
C ALA H 162 46.41 -14.27 61.16
N ILE H 163 45.61 -14.61 62.16
CA ILE H 163 45.00 -13.58 63.00
C ILE H 163 46.04 -12.99 63.94
N ASP H 164 46.10 -11.66 63.98
CA ASP H 164 46.87 -10.99 65.02
C ASP H 164 46.00 -9.94 65.68
N ASP H 165 46.60 -9.11 66.53
CA ASP H 165 45.82 -8.23 67.37
C ASP H 165 45.13 -7.13 66.56
N GLN H 166 45.61 -6.87 65.35
CA GLN H 166 44.99 -5.84 64.51
C GLN H 166 43.97 -6.42 63.53
N THR H 167 43.78 -7.73 63.51
CA THR H 167 42.79 -8.36 62.63
C THR H 167 41.37 -7.99 63.03
N ARG H 168 40.51 -7.76 62.03
CA ARG H 168 39.20 -7.23 62.29
C ARG H 168 38.08 -8.07 61.69
N ALA H 169 38.42 -9.10 60.92
CA ALA H 169 37.44 -10.00 60.32
C ALA H 169 38.18 -11.15 59.70
N ILE H 170 37.44 -12.24 59.49
CA ILE H 170 37.74 -13.23 58.47
C ILE H 170 36.73 -13.05 57.34
N TYR H 171 37.22 -13.04 56.10
CA TYR H 171 36.40 -12.79 54.93
C TYR H 171 36.55 -13.99 54.00
N VAL H 172 35.44 -14.59 53.61
CA VAL H 172 35.44 -15.68 52.66
C VAL H 172 34.25 -15.53 51.72
N GLU H 173 34.36 -16.15 50.55
CA GLU H 173 33.21 -16.26 49.66
C GLU H 173 32.57 -17.60 49.90
N SER H 174 31.24 -17.64 49.85
CA SER H 174 30.52 -18.88 50.17
C SER H 174 30.81 -19.96 49.13
N MET H 175 31.07 -19.57 47.89
CA MET H 175 31.55 -20.49 46.89
C MET H 175 32.41 -19.70 45.92
N SER H 176 33.69 -20.07 45.83
CA SER H 176 34.60 -19.27 45.02
C SER H 176 34.32 -19.47 43.53
N ASN H 177 34.92 -18.65 42.73
CA ASN H 177 34.65 -18.67 41.29
C ASN H 177 35.97 -18.38 40.59
N PRO H 178 36.44 -19.21 39.65
CA PRO H 178 35.79 -20.32 38.91
C PRO H 178 36.05 -21.71 39.43
N ASP H 179 36.52 -21.85 40.67
CA ASP H 179 36.85 -23.18 41.16
C ASP H 179 35.85 -23.71 42.19
N TYR H 180 34.86 -22.91 42.56
CA TYR H 180 33.75 -23.36 43.40
C TYR H 180 34.20 -24.03 44.69
N VAL H 181 35.23 -23.44 45.32
CA VAL H 181 35.67 -23.86 46.64
C VAL H 181 34.65 -23.40 47.66
N VAL H 182 34.11 -24.34 48.42
CA VAL H 182 33.18 -24.05 49.51
C VAL H 182 33.95 -24.08 50.82
N PRO H 183 33.90 -23.03 51.63
CA PRO H 183 34.68 -23.03 52.87
C PRO H 183 33.97 -23.85 53.94
N ASP H 184 34.74 -24.23 54.96
CA ASP H 184 34.18 -24.80 56.18
C ASP H 184 33.64 -23.64 57.02
N PHE H 185 32.41 -23.22 56.70
CA PHE H 185 31.81 -22.08 57.38
C PHE H 185 31.85 -22.27 58.89
N GLU H 186 31.40 -23.43 59.34
CA GLU H 186 31.27 -23.62 60.78
C GLU H 186 32.62 -23.55 61.47
N GLY H 187 33.63 -24.24 60.91
CA GLY H 187 34.94 -24.20 61.51
C GLY H 187 35.54 -22.81 61.48
N ILE H 188 35.33 -22.08 60.39
CA ILE H 188 36.00 -20.78 60.29
C ILE H 188 35.32 -19.79 61.20
N ALA H 189 34.00 -19.87 61.32
CA ALA H 189 33.27 -18.96 62.19
C ALA H 189 33.71 -19.11 63.63
N LYS H 190 33.96 -20.34 64.09
CA LYS H 190 34.47 -20.51 65.45
C LYS H 190 35.85 -19.89 65.61
N ILE H 191 36.75 -20.09 64.64
CA ILE H 191 38.06 -19.45 64.69
C ILE H 191 37.88 -17.95 64.83
N ALA H 192 36.99 -17.39 64.02
CA ALA H 192 36.77 -15.96 64.09
C ALA H 192 36.22 -15.58 65.45
N HIS H 193 35.19 -16.30 65.91
CA HIS H 193 34.53 -15.87 67.15
C HIS H 193 35.47 -16.03 68.35
N GLU H 194 36.30 -17.06 68.35
CA GLU H 194 37.22 -17.30 69.46
C GLU H 194 38.37 -16.30 69.48
N HIS H 195 38.63 -15.62 68.37
CA HIS H 195 39.59 -14.53 68.32
C HIS H 195 38.92 -13.18 68.46
N GLY H 196 37.62 -13.14 68.68
CA GLY H 196 36.95 -11.87 68.90
C GLY H 196 36.67 -11.06 67.67
N ILE H 197 36.54 -11.71 66.51
CA ILE H 197 36.28 -11.01 65.23
C ILE H 197 35.14 -11.70 64.50
N PRO H 198 34.42 -10.98 63.64
CA PRO H 198 33.33 -11.62 62.88
C PRO H 198 33.82 -12.34 61.64
N LEU H 199 33.00 -13.31 61.22
CA LEU H 199 33.14 -13.96 59.93
C LEU H 199 32.25 -13.21 58.95
N VAL H 200 32.84 -12.68 57.87
CA VAL H 200 32.13 -11.99 56.80
C VAL H 200 32.12 -12.91 55.60
N VAL H 201 30.96 -13.15 55.02
CA VAL H 201 30.84 -14.06 53.89
C VAL H 201 30.20 -13.35 52.71
N ASP H 202 30.86 -13.40 51.56
CA ASP H 202 30.28 -12.95 50.31
C ASP H 202 29.46 -14.11 49.75
N ASN H 203 28.14 -14.02 49.85
CA ASN H 203 27.28 -15.15 49.48
C ASN H 203 26.64 -14.97 48.10
N THR H 204 27.27 -14.19 47.22
CA THR H 204 26.70 -13.97 45.89
C THR H 204 26.32 -15.26 45.19
N LEU H 205 27.23 -16.23 45.14
CA LEU H 205 26.96 -17.47 44.45
C LEU H 205 26.05 -18.40 45.25
N GLY H 206 25.68 -18.03 46.46
CA GLY H 206 24.63 -18.72 47.17
C GLY H 206 23.24 -18.25 46.82
N ALA H 207 23.14 -17.34 45.84
CA ALA H 207 21.86 -16.90 45.29
C ALA H 207 20.90 -16.48 46.40
N GLY H 208 21.32 -15.45 47.15
CA GLY H 208 20.45 -14.83 48.13
C GLY H 208 19.98 -15.74 49.23
N GLY H 209 20.76 -16.76 49.57
CA GLY H 209 20.28 -17.67 50.58
C GLY H 209 19.62 -18.91 50.04
N TYR H 210 19.44 -19.03 48.73
CA TYR H 210 18.77 -20.23 48.24
C TYR H 210 19.69 -21.43 48.28
N TYR H 211 20.92 -21.26 47.79
CA TYR H 211 21.85 -22.37 47.74
C TYR H 211 22.65 -22.55 49.02
N ILE H 212 23.05 -21.45 49.65
CA ILE H 212 23.95 -21.46 50.81
C ILE H 212 23.42 -20.42 51.77
N ARG H 213 23.46 -20.72 53.06
CA ARG H 213 22.84 -19.87 54.08
C ARG H 213 23.88 -19.65 55.17
N PRO H 214 24.85 -18.77 54.93
CA PRO H 214 26.01 -18.71 55.83
C PRO H 214 25.66 -18.32 57.24
N ILE H 215 24.61 -17.52 57.44
CA ILE H 215 24.28 -17.09 58.80
C ILE H 215 23.93 -18.30 59.66
N GLU H 216 23.20 -19.26 59.08
CA GLU H 216 22.90 -20.53 59.76
C GLU H 216 24.15 -21.30 60.17
N HIS H 217 25.30 -20.98 59.60
CA HIS H 217 26.52 -21.72 59.85
C HIS H 217 27.62 -20.83 60.41
N GLY H 218 27.23 -19.77 61.10
CA GLY H 218 28.16 -18.98 61.88
C GLY H 218 28.52 -17.62 61.31
N ALA H 219 28.14 -17.32 60.06
CA ALA H 219 28.48 -16.02 59.48
C ALA H 219 27.82 -14.91 60.28
N ASP H 220 28.56 -13.83 60.48
CA ASP H 220 28.04 -12.71 61.22
C ASP H 220 27.44 -11.66 60.31
N ILE H 221 28.07 -11.52 59.14
CA ILE H 221 27.74 -10.50 58.17
C ILE H 221 27.84 -11.17 56.82
N VAL H 222 26.82 -10.99 55.99
CA VAL H 222 26.81 -11.55 54.64
C VAL H 222 26.71 -10.40 53.66
N VAL H 223 27.57 -10.40 52.65
CA VAL H 223 27.45 -9.43 51.58
C VAL H 223 27.07 -10.15 50.28
N HIS H 224 26.36 -9.42 49.41
CA HIS H 224 25.97 -9.95 48.11
C HIS H 224 26.16 -8.90 47.04
N SER H 225 26.56 -9.36 45.85
CA SER H 225 26.26 -8.65 44.63
C SER H 225 24.83 -9.03 44.24
N ALA H 226 23.86 -8.15 44.49
CA ALA H 226 22.50 -8.45 44.03
C ALA H 226 22.40 -8.35 42.50
N THR H 227 23.41 -7.77 41.86
CA THR H 227 23.56 -7.71 40.43
C THR H 227 23.36 -9.08 39.81
N TRP H 229 22.45 -13.41 40.79
CA TRP H 229 21.22 -14.20 40.88
C TRP H 229 20.06 -13.52 41.59
N ILE H 230 20.34 -12.68 42.58
CA ILE H 230 19.24 -12.01 43.28
C ILE H 230 18.39 -11.23 42.28
N GLY H 231 19.00 -10.35 41.49
CA GLY H 231 18.26 -9.62 40.48
C GLY H 231 17.83 -10.53 39.33
N GLY H 232 18.70 -11.44 38.93
CA GLY H 232 18.37 -12.56 38.06
C GLY H 232 18.15 -12.28 36.58
N HIS H 233 18.05 -11.02 36.16
CA HIS H 233 17.76 -10.70 34.77
C HIS H 233 18.83 -9.81 34.15
N GLY H 234 19.95 -9.62 34.82
CA GLY H 234 21.02 -8.83 34.23
C GLY H 234 20.65 -7.40 33.91
N THR H 235 19.69 -6.80 34.60
CA THR H 235 19.28 -5.42 34.29
C THR H 235 19.90 -4.37 35.19
N THR H 236 20.43 -4.77 36.35
CA THR H 236 20.59 -3.84 37.47
C THR H 236 21.82 -4.20 38.30
N ILE H 237 22.66 -3.19 38.58
CA ILE H 237 23.78 -3.31 39.51
C ILE H 237 23.26 -3.05 40.91
N GLY H 238 23.74 -3.83 41.88
CA GLY H 238 23.30 -3.54 43.23
C GLY H 238 23.97 -4.44 44.23
N GLY H 239 24.09 -4.01 45.50
CA GLY H 239 24.66 -4.84 46.53
C GLY H 239 23.78 -4.80 47.77
N VAL H 240 24.13 -5.63 48.74
CA VAL H 240 23.37 -5.62 49.99
C VAL H 240 24.23 -6.28 51.04
N ILE H 241 24.20 -5.68 52.24
CA ILE H 241 24.89 -6.16 53.41
C ILE H 241 23.85 -6.69 54.37
N VAL H 242 24.01 -7.92 54.82
CA VAL H 242 23.06 -8.48 55.79
C VAL H 242 23.76 -8.66 57.13
N ASP H 243 23.15 -8.11 58.19
CA ASP H 243 23.63 -8.28 59.58
C ASP H 243 22.88 -9.45 60.21
N SER H 244 23.63 -10.46 60.66
CA SER H 244 23.00 -11.55 61.44
C SER H 244 22.48 -11.05 62.77
N GLY H 245 23.01 -9.95 63.27
CA GLY H 245 22.67 -9.53 64.62
C GLY H 245 23.26 -10.39 65.72
N ARG H 246 24.16 -11.34 65.39
CA ARG H 246 24.69 -12.28 66.38
C ARG H 246 26.09 -11.95 66.89
N PHE H 247 26.75 -10.94 66.37
CA PHE H 247 28.10 -10.70 66.83
C PHE H 247 28.05 -9.65 67.92
N ASN H 248 28.62 -9.99 69.09
CA ASN H 248 28.50 -9.15 70.27
C ASN H 248 29.64 -8.16 70.27
N TRP H 249 29.35 -6.99 69.72
CA TRP H 249 30.37 -5.96 69.60
C TRP H 249 30.82 -5.48 70.98
N ASN H 250 29.91 -5.43 71.95
CA ASN H 250 30.31 -5.00 73.28
C ASN H 250 31.31 -5.97 73.90
N LYS H 251 31.05 -7.28 73.78
CA LYS H 251 31.99 -8.27 74.30
C LYS H 251 33.35 -8.15 73.63
N HIS H 252 33.42 -7.71 72.38
CA HIS H 252 34.71 -7.59 71.69
C HIS H 252 35.08 -6.15 71.39
N SER H 253 34.74 -5.26 72.32
CA SER H 253 34.93 -3.83 72.09
C SER H 253 36.41 -3.46 72.03
N ASP H 254 37.30 -4.30 72.54
CA ASP H 254 38.72 -4.03 72.41
C ASP H 254 39.16 -4.03 70.95
N ARG H 255 38.54 -4.84 70.11
CA ARG H 255 38.85 -4.81 68.69
C ARG H 255 37.94 -3.89 67.92
N PHE H 256 36.77 -3.55 68.47
CA PHE H 256 35.77 -2.72 67.79
C PHE H 256 35.27 -1.61 68.68
N PRO H 257 36.16 -0.73 69.14
CA PRO H 257 35.71 0.30 70.10
C PRO H 257 34.69 1.24 69.53
N GLU H 258 34.74 1.52 68.22
CA GLU H 258 33.76 2.40 67.63
C GLU H 258 32.34 1.85 67.72
N MET H 259 32.20 0.56 67.97
CA MET H 259 30.86 -0.02 68.10
C MET H 259 30.20 0.34 69.44
N VAL H 260 30.99 0.74 70.46
CA VAL H 260 30.44 0.98 71.79
C VAL H 260 30.78 2.37 72.32
N GLU H 261 31.91 2.93 71.88
CA GLU H 261 32.36 4.17 72.49
C GLU H 261 31.61 5.36 71.91
N PRO H 262 31.63 6.50 72.60
CA PRO H 262 30.92 7.68 72.08
C PRO H 262 31.34 8.00 70.66
N SER H 263 30.34 8.16 69.79
CA SER H 263 30.57 8.36 68.37
C SER H 263 30.76 9.84 68.07
N PRO H 264 31.86 10.24 67.43
CA PRO H 264 32.03 11.67 67.08
C PRO H 264 30.97 12.15 66.11
N SER H 265 30.48 11.26 65.24
CA SER H 265 29.50 11.64 64.22
C SER H 265 28.17 12.06 64.83
N TYR H 266 27.79 11.49 65.98
CA TYR H 266 26.46 11.68 66.53
C TYR H 266 26.52 12.10 67.99
N HIS H 267 27.39 13.05 68.29
CA HIS H 267 27.55 13.63 69.63
C HIS H 267 27.59 12.54 70.69
N GLY H 268 28.67 11.77 70.63
CA GLY H 268 28.92 10.72 71.60
C GLY H 268 27.86 9.66 71.72
N LEU H 269 27.03 9.47 70.69
CA LEU H 269 26.11 8.34 70.69
C LEU H 269 26.89 7.04 70.84
N LYS H 270 26.39 6.16 71.72
CA LYS H 270 26.96 4.83 71.90
C LYS H 270 26.07 3.85 71.13
N TYR H 271 26.59 3.32 70.02
CA TYR H 271 25.77 2.52 69.12
C TYR H 271 25.29 1.25 69.79
N TRP H 272 26.19 0.49 70.40
CA TRP H 272 25.78 -0.76 71.01
C TRP H 272 24.72 -0.53 72.07
N GLU H 273 24.96 0.44 72.95
CA GLU H 273 23.96 0.79 73.96
C GLU H 273 22.63 1.17 73.31
N ALA H 274 22.67 1.84 72.16
CA ALA H 274 21.43 2.31 71.56
C ALA H 274 20.77 1.25 70.70
N PHE H 275 21.55 0.42 70.01
CA PHE H 275 21.04 -0.45 68.96
C PHE H 275 21.28 -1.93 69.17
N GLY H 276 22.18 -2.32 70.05
CA GLY H 276 22.35 -3.72 70.37
C GLY H 276 22.70 -4.54 69.14
N PRO H 277 21.98 -5.65 68.93
CA PRO H 277 22.31 -6.54 67.81
C PRO H 277 22.28 -5.86 66.44
N ALA H 278 21.59 -4.72 66.30
CA ALA H 278 21.54 -3.99 65.04
C ALA H 278 22.67 -2.97 64.91
N THR H 279 23.68 -3.04 65.77
CA THR H 279 24.71 -2.00 65.84
C THR H 279 25.48 -1.84 64.53
N PHE H 280 26.06 -2.93 64.02
CA PHE H 280 26.81 -2.86 62.77
C PHE H 280 25.97 -2.32 61.63
N ILE H 281 24.79 -2.90 61.39
CA ILE H 281 24.03 -2.47 60.23
C ILE H 281 23.53 -1.05 60.41
N THR H 282 23.34 -0.61 61.67
CA THR H 282 22.96 0.77 61.89
C THR H 282 24.10 1.72 61.54
N ARG H 283 25.33 1.39 61.95
CA ARG H 283 26.49 2.17 61.55
C ARG H 283 26.65 2.20 60.03
N ILE H 284 26.44 1.05 59.38
CA ILE H 284 26.50 1.04 57.92
C ILE H 284 25.58 2.11 57.36
N ARG H 285 24.38 2.22 57.92
CA ARG H 285 23.45 3.22 57.40
C ARG H 285 23.84 4.62 57.84
N VAL H 286 24.00 4.86 59.15
CA VAL H 286 24.08 6.23 59.65
C VAL H 286 25.46 6.84 59.49
N GLU H 287 26.49 6.02 59.29
CA GLU H 287 27.83 6.52 59.00
C GLU H 287 28.24 6.28 57.56
N MET H 288 28.21 5.02 57.09
CA MET H 288 28.88 4.68 55.84
C MET H 288 28.06 5.06 54.61
N LEU H 289 26.79 4.67 54.55
CA LEU H 289 25.93 5.19 53.48
C LEU H 289 25.85 6.71 53.55
N ARG H 290 25.76 7.26 54.77
CA ARG H 290 25.71 8.71 54.90
C ARG H 290 26.95 9.37 54.33
N ASP H 291 28.13 8.84 54.64
CA ASP H 291 29.38 9.51 54.30
C ASP H 291 30.03 9.01 53.02
N ILE H 292 29.97 7.71 52.72
CA ILE H 292 30.52 7.23 51.45
C ILE H 292 29.44 7.36 50.35
N GLY H 293 28.18 7.15 50.69
CA GLY H 293 27.12 7.53 49.76
C GLY H 293 26.94 6.57 48.62
N ALA H 294 27.28 5.30 48.82
CA ALA H 294 27.08 4.30 47.78
C ALA H 294 25.68 3.70 47.91
N CYS H 295 24.69 4.54 47.69
CA CYS H 295 23.30 4.14 47.91
C CYS H 295 22.70 3.47 46.67
N LEU H 296 21.58 2.76 46.88
CA LEU H 296 20.85 2.08 45.83
C LEU H 296 19.63 2.89 45.40
N SER H 297 19.47 3.07 44.10
CA SER H 297 18.29 3.70 43.53
C SER H 297 17.02 2.90 43.82
N PRO H 298 15.90 3.56 44.07
CA PRO H 298 14.63 2.83 44.19
C PRO H 298 14.21 2.15 42.91
N PHE H 299 14.55 2.73 41.74
CA PHE H 299 14.31 2.04 40.48
C PHE H 299 15.06 0.72 40.43
N SER H 300 16.33 0.74 40.81
CA SER H 300 17.14 -0.47 40.89
C SER H 300 16.54 -1.44 41.87
N ALA H 301 16.15 -0.94 43.03
CA ALA H 301 15.56 -1.81 44.02
C ALA H 301 14.32 -2.49 43.47
N GLN H 302 13.52 -1.77 42.69
CA GLN H 302 12.30 -2.42 42.19
C GLN H 302 12.64 -3.48 41.16
N GLN H 303 13.63 -3.22 40.29
CA GLN H 303 14.11 -4.26 39.38
C GLN H 303 14.52 -5.49 40.18
N LEU H 304 15.32 -5.28 41.22
CA LEU H 304 15.79 -6.42 42.00
C LEU H 304 14.64 -7.14 42.71
N LEU H 305 13.62 -6.38 43.15
CA LEU H 305 12.47 -7.01 43.81
C LEU H 305 11.73 -7.95 42.85
N LEU H 306 11.56 -7.55 41.60
CA LEU H 306 10.95 -8.44 40.62
C LEU H 306 11.80 -9.68 40.42
N GLY H 307 13.11 -9.53 40.40
CA GLY H 307 13.98 -10.69 40.42
C GLY H 307 13.75 -11.58 41.64
N ILE H 308 13.73 -10.98 42.82
CA ILE H 308 13.60 -11.75 44.05
C ILE H 308 12.29 -12.52 44.08
N GLU H 309 11.24 -12.00 43.46
CA GLU H 309 9.95 -12.68 43.43
C GLU H 309 10.02 -14.08 42.82
N THR H 310 11.02 -14.38 41.98
CA THR H 310 11.17 -15.72 41.41
C THR H 310 12.47 -16.37 41.82
N LEU H 311 13.16 -15.81 42.82
CA LEU H 311 14.51 -16.26 43.14
C LEU H 311 14.58 -17.77 43.33
N GLY H 312 13.73 -18.33 44.21
CA GLY H 312 13.78 -19.77 44.44
C GLY H 312 13.56 -20.58 43.17
N LEU H 313 12.56 -20.19 42.40
CA LEU H 313 12.26 -20.90 41.15
C LEU H 313 13.42 -20.87 40.18
N ARG H 314 14.03 -19.69 40.01
CA ARG H 314 15.14 -19.58 39.08
C ARG H 314 16.34 -20.36 39.61
N ALA H 315 16.66 -20.18 40.89
CA ALA H 315 17.79 -20.89 41.46
C ALA H 315 17.58 -22.39 41.31
N GLU H 316 16.33 -22.84 41.45
CA GLU H 316 15.99 -24.25 41.33
C GLU H 316 16.27 -24.74 39.91
N ARG H 317 15.73 -24.02 38.93
CA ARG H 317 16.00 -24.39 37.54
C ARG H 317 17.46 -24.19 37.17
N HIS H 318 18.08 -23.10 37.63
CA HIS H 318 19.51 -22.92 37.37
C HIS H 318 20.28 -24.18 37.79
N ALA H 319 20.04 -24.63 39.02
CA ALA H 319 20.86 -25.73 39.55
C ALA H 319 20.49 -27.04 38.88
N GLN H 320 19.22 -27.19 38.53
CA GLN H 320 18.80 -28.36 37.76
C GLN H 320 19.52 -28.41 36.41
N ASN H 321 19.49 -27.30 35.66
CA ASN H 321 20.22 -27.26 34.39
C ASN H 321 21.72 -27.49 34.60
N THR H 322 22.28 -26.92 35.67
CA THR H 322 23.71 -27.09 35.90
C THR H 322 24.06 -28.57 36.12
N GLU H 323 23.28 -29.27 36.94
CA GLU H 323 23.56 -30.69 37.18
C GLU H 323 23.55 -31.47 35.88
N LYS H 324 22.57 -31.18 35.01
CA LYS H 324 22.47 -31.91 33.74
C LYS H 324 23.58 -31.50 32.79
N LEU H 325 24.03 -30.25 32.84
CA LEU H 325 25.15 -29.88 31.99
C LEU H 325 26.43 -30.54 32.46
N SER H 326 26.63 -30.66 33.78
CA SER H 326 27.81 -31.37 34.24
C SER H 326 27.83 -32.78 33.67
N LYS H 327 26.66 -33.42 33.58
CA LYS H 327 26.57 -34.75 32.97
C LYS H 327 26.99 -34.71 31.52
N TYR H 328 26.34 -33.83 30.73
CA TYR H 328 26.69 -33.68 29.32
C TYR H 328 28.19 -33.50 29.13
N PHE H 329 28.80 -32.61 29.93
CA PHE H 329 30.21 -32.33 29.74
C PHE H 329 31.10 -33.49 30.20
N GLU H 330 30.66 -34.23 31.23
CA GLU H 330 31.43 -35.38 31.72
C GLU H 330 31.57 -36.46 30.65
N SER H 331 30.62 -36.56 29.72
CA SER H 331 30.67 -37.55 28.66
C SER H 331 31.00 -36.96 27.30
N SER H 332 31.49 -35.73 27.26
CA SER H 332 31.85 -35.19 25.95
C SER H 332 33.29 -35.50 25.61
N PRO H 333 33.58 -36.00 24.41
CA PRO H 333 34.97 -36.28 24.03
C PRO H 333 35.85 -35.05 24.02
N ASN H 334 35.26 -33.86 23.94
CA ASN H 334 36.02 -32.62 23.80
C ASN H 334 36.38 -31.99 25.12
N VAL H 335 35.91 -32.56 26.23
CA VAL H 335 36.06 -31.95 27.54
C VAL H 335 37.09 -32.75 28.34
N SER H 336 38.21 -32.09 28.67
CA SER H 336 39.22 -32.72 29.50
C SER H 336 38.71 -32.94 30.91
N TRP H 337 38.13 -31.90 31.51
CA TRP H 337 37.75 -31.96 32.91
C TRP H 337 36.53 -31.07 33.14
N VAL H 338 35.86 -31.34 34.25
CA VAL H 338 34.66 -30.63 34.64
C VAL H 338 34.80 -30.29 36.11
N LEU H 339 34.49 -29.05 36.45
CA LEU H 339 34.60 -28.57 37.81
C LEU H 339 33.21 -28.10 38.23
N TRP H 340 32.55 -28.87 39.10
CA TRP H 340 31.22 -28.54 39.54
C TRP H 340 31.18 -28.97 41.01
N PRO H 341 30.77 -28.08 41.92
CA PRO H 341 30.90 -28.41 43.36
C PRO H 341 30.05 -29.58 43.80
N GLY H 342 29.10 -30.04 42.98
CA GLY H 342 28.35 -31.24 43.29
C GLY H 342 29.06 -32.55 42.98
N SER H 343 30.22 -32.50 42.34
CA SER H 343 30.97 -33.71 42.02
C SER H 343 31.70 -34.26 43.25
N GLU H 344 31.68 -35.59 43.42
CA GLU H 344 32.37 -36.16 44.56
C GLU H 344 33.88 -36.04 44.45
N SER H 345 34.40 -35.85 43.24
CA SER H 345 35.81 -35.61 43.03
C SER H 345 36.21 -34.19 43.41
N HIS H 346 35.24 -33.29 43.54
CA HIS H 346 35.56 -31.90 43.80
C HIS H 346 36.34 -31.76 45.11
N PRO H 347 37.42 -30.98 45.13
CA PRO H 347 38.28 -30.93 46.33
C PRO H 347 37.58 -30.55 47.61
N THR H 348 36.55 -29.69 47.55
CA THR H 348 35.80 -29.33 48.75
C THR H 348 34.38 -29.90 48.71
N TYR H 349 34.21 -31.06 48.07
CA TYR H 349 32.93 -31.72 48.06
C TYR H 349 32.40 -31.95 49.47
N SER H 350 33.28 -32.32 50.42
CA SER H 350 32.77 -32.56 51.76
C SER H 350 32.14 -31.30 52.36
N GLN H 351 32.66 -30.13 52.00
CA GLN H 351 32.01 -28.91 52.43
C GLN H 351 30.73 -28.65 51.62
N ALA H 352 30.77 -28.84 50.30
CA ALA H 352 29.57 -28.59 49.48
C ALA H 352 28.42 -29.52 49.87
N LYS H 353 28.72 -30.79 50.11
CA LYS H 353 27.67 -31.71 50.56
C LYS H 353 26.99 -31.19 51.82
N LYS H 354 27.77 -30.63 52.74
CA LYS H 354 27.26 -30.19 54.04
C LYS H 354 26.43 -28.91 53.90
N TYR H 355 26.85 -27.98 53.04
CA TYR H 355 26.27 -26.64 53.01
C TYR H 355 25.38 -26.35 51.82
N LEU H 356 25.35 -27.22 50.81
CA LEU H 356 24.51 -27.01 49.63
C LEU H 356 23.52 -28.16 49.54
N THR H 357 22.35 -27.99 50.14
CA THR H 357 21.36 -29.05 50.15
C THR H 357 20.14 -28.72 49.29
N ARG H 358 20.19 -27.63 48.55
CA ARG H 358 19.07 -27.23 47.70
C ARG H 358 19.55 -27.02 46.26
N GLY H 359 20.56 -27.76 45.84
CA GLY H 359 21.09 -27.60 44.50
C GLY H 359 22.50 -27.07 44.58
N PHE H 360 23.37 -27.60 43.71
CA PHE H 360 24.80 -27.31 43.79
C PHE H 360 25.20 -26.09 42.97
N GLY H 361 24.40 -25.02 43.07
CA GLY H 361 24.73 -23.77 42.44
C GLY H 361 24.41 -23.76 40.98
N ALA H 362 24.79 -22.64 40.36
CA ALA H 362 24.40 -22.36 38.99
C ALA H 362 25.60 -22.25 38.07
N MET H 363 26.78 -22.67 38.53
CA MET H 363 28.01 -22.46 37.80
C MET H 363 28.68 -23.79 37.52
N LEU H 364 29.43 -23.83 36.43
CA LEU H 364 30.40 -24.90 36.27
C LEU H 364 31.50 -24.39 35.37
N SER H 365 32.66 -25.03 35.50
CA SER H 365 33.83 -24.73 34.69
C SER H 365 34.25 -26.00 33.96
N ILE H 366 34.74 -25.85 32.73
CA ILE H 366 35.16 -27.00 31.94
C ILE H 366 36.51 -26.71 31.30
N GLY H 367 37.27 -27.78 31.08
CA GLY H 367 38.50 -27.72 30.33
C GLY H 367 38.27 -28.39 29.00
N VAL H 368 38.49 -27.67 27.92
CA VAL H 368 38.27 -28.24 26.60
C VAL H 368 39.59 -28.73 26.04
N LYS H 369 39.50 -29.75 25.20
CA LYS H 369 40.64 -30.38 24.57
C LYS H 369 41.16 -29.54 23.41
N GLY H 370 42.41 -29.75 23.06
CA GLY H 370 43.05 -29.00 22.00
C GLY H 370 44.09 -28.04 22.55
N ASP H 371 44.49 -27.12 21.69
CA ASP H 371 45.56 -26.18 22.01
C ASP H 371 44.98 -24.90 22.60
N ALA H 372 45.83 -23.88 22.74
CA ALA H 372 45.50 -22.68 23.49
C ALA H 372 44.17 -22.06 23.05
N SER H 373 43.89 -22.12 21.75
CA SER H 373 42.77 -21.39 21.17
C SER H 373 41.47 -22.15 21.21
N ALA H 374 41.46 -23.36 21.76
CA ALA H 374 40.24 -24.15 21.78
C ALA H 374 39.16 -23.49 22.64
N GLY H 375 39.52 -23.05 23.85
CA GLY H 375 38.53 -22.48 24.73
C GLY H 375 37.82 -21.28 24.11
N SER H 376 38.59 -20.37 23.53
CA SER H 376 38.00 -19.18 22.92
C SER H 376 37.22 -19.54 21.65
N LYS H 377 37.65 -20.53 20.88
CA LYS H 377 36.87 -20.96 19.72
C LYS H 377 35.52 -21.53 20.14
N VAL H 378 35.50 -22.29 21.24
CA VAL H 378 34.24 -22.89 21.67
C VAL H 378 33.29 -21.83 22.17
N VAL H 379 33.77 -20.90 22.99
CA VAL H 379 32.92 -19.82 23.47
C VAL H 379 32.45 -18.97 22.30
N ASP H 380 33.38 -18.59 21.41
CA ASP H 380 33.03 -17.79 20.25
C ASP H 380 31.97 -18.46 19.39
N GLY H 381 31.96 -19.77 19.31
CA GLY H 381 31.00 -20.44 18.46
C GLY H 381 29.59 -20.56 19.00
N LEU H 382 29.39 -20.22 20.27
CA LEU H 382 28.06 -20.35 20.85
C LEU H 382 27.13 -19.30 20.25
N LYS H 383 25.87 -19.69 20.05
CA LYS H 383 24.87 -18.80 19.48
C LYS H 383 23.70 -18.52 20.41
N LEU H 384 23.49 -19.33 21.44
CA LEU H 384 22.47 -19.10 22.46
C LEU H 384 23.10 -18.56 23.74
N VAL H 385 24.04 -19.30 24.30
CA VAL H 385 24.85 -18.84 25.42
C VAL H 385 25.61 -17.58 25.01
N SER H 386 25.63 -16.59 25.90
CA SER H 386 26.22 -15.30 25.61
C SER H 386 27.62 -15.22 26.19
N ASN H 387 28.48 -14.50 25.48
CA ASN H 387 29.91 -14.36 25.79
C ASN H 387 30.07 -13.03 26.50
N LEU H 388 30.05 -13.06 27.82
CA LEU H 388 30.35 -11.89 28.62
C LEU H 388 30.77 -12.38 30.00
N ALA H 389 31.22 -11.45 30.84
CA ALA H 389 31.83 -11.84 32.10
C ALA H 389 30.86 -11.90 33.28
N ASN H 390 29.60 -11.50 33.10
CA ASN H 390 28.63 -11.53 34.19
C ASN H 390 28.33 -12.98 34.59
N VAL H 391 27.71 -13.15 35.76
CA VAL H 391 27.13 -14.42 36.16
C VAL H 391 25.76 -14.12 36.74
N GLY H 392 24.97 -15.16 36.90
CA GLY H 392 23.70 -14.99 37.58
C GLY H 392 22.60 -14.32 36.79
N ASP H 393 22.69 -14.31 35.47
CA ASP H 393 21.59 -13.95 34.58
C ASP H 393 20.68 -15.16 34.32
N ALA H 394 19.41 -14.89 34.03
CA ALA H 394 18.57 -16.00 33.56
C ALA H 394 19.11 -16.58 32.26
N LYS H 395 19.72 -15.75 31.42
CA LYS H 395 20.37 -16.23 30.20
C LYS H 395 21.70 -16.89 30.53
N SER H 396 21.98 -18.01 29.87
CA SER H 396 23.26 -18.68 30.01
C SER H 396 24.37 -17.81 29.51
N LEU H 397 25.48 -17.78 30.25
CA LEU H 397 26.64 -17.00 29.90
C LEU H 397 27.86 -17.90 29.97
N ALA H 398 28.88 -17.58 29.18
CA ALA H 398 30.09 -18.36 29.22
C ALA H 398 31.23 -17.44 28.87
N ILE H 399 32.41 -17.79 29.37
CA ILE H 399 33.58 -16.97 29.09
C ILE H 399 34.80 -17.89 29.09
N HIS H 400 35.82 -17.47 28.37
CA HIS H 400 37.13 -18.10 28.40
C HIS H 400 38.07 -17.16 29.12
N PRO H 401 38.04 -17.11 30.46
CA PRO H 401 38.72 -16.02 31.19
C PRO H 401 40.21 -15.98 30.97
N TRP H 402 40.81 -17.06 30.48
CA TRP H 402 42.24 -17.04 30.18
C TRP H 402 42.56 -15.95 29.19
N SER H 403 41.78 -15.87 28.11
CA SER H 403 42.05 -14.90 27.07
C SER H 403 41.24 -13.62 27.20
N THR H 404 40.41 -13.47 28.23
CA THR H 404 39.64 -12.24 28.34
C THR H 404 39.94 -11.49 29.65
N THR H 405 39.18 -11.77 30.70
CA THR H 405 39.32 -11.01 31.95
C THR H 405 40.76 -11.08 32.46
N HIS H 406 41.40 -12.23 32.33
CA HIS H 406 42.74 -12.45 32.86
C HIS H 406 43.83 -12.35 31.80
N GLU H 407 43.50 -11.85 30.60
CA GLU H 407 44.45 -11.81 29.50
C GLU H 407 45.70 -10.99 29.84
N GLN H 408 45.51 -9.87 30.54
CA GLN H 408 46.62 -8.99 30.90
C GLN H 408 47.27 -9.37 32.23
N LEU H 409 46.76 -10.39 32.93
CA LEU H 409 47.50 -10.91 34.09
C LEU H 409 48.61 -11.79 33.58
N SER H 410 49.64 -12.01 34.43
CA SER H 410 50.71 -12.89 33.96
C SER H 410 50.28 -14.35 34.00
N GLU H 411 50.97 -15.18 33.21
CA GLU H 411 50.58 -16.60 33.15
C GLU H 411 50.60 -17.26 34.53
N ASP H 412 51.58 -16.92 35.38
CA ASP H 412 51.61 -17.46 36.74
C ASP H 412 50.53 -16.78 37.58
N GLU H 413 50.18 -15.55 37.22
CA GLU H 413 49.07 -14.87 37.89
C GLU H 413 47.75 -15.57 37.59
N ARG H 414 47.47 -15.78 36.30
CA ARG H 414 46.22 -16.44 35.88
C ARG H 414 46.04 -17.77 36.60
N LEU H 415 47.12 -18.53 36.77
CA LEU H 415 47.04 -19.77 37.53
C LEU H 415 47.02 -19.53 39.04
N ALA H 416 47.56 -18.39 39.52
CA ALA H 416 47.33 -18.02 40.92
C ALA H 416 45.85 -17.84 41.20
N SER H 417 45.13 -17.28 40.25
CA SER H 417 43.67 -17.32 40.26
C SER H 417 43.24 -18.68 39.73
N GLY H 418 41.98 -18.98 39.68
CA GLY H 418 41.72 -20.36 39.31
C GLY H 418 41.81 -20.70 37.83
N VAL H 419 42.41 -19.85 37.02
CA VAL H 419 42.20 -19.84 35.57
C VAL H 419 43.29 -20.59 34.82
N THR H 420 42.87 -21.32 33.78
CA THR H 420 43.78 -22.09 32.96
C THR H 420 43.43 -21.89 31.49
N GLU H 421 44.42 -22.18 30.65
CA GLU H 421 44.31 -21.92 29.22
C GLU H 421 43.15 -22.67 28.58
N ASP H 422 42.77 -23.82 29.14
CA ASP H 422 41.68 -24.61 28.59
C ASP H 422 40.36 -24.37 29.30
N MET H 423 40.31 -23.45 30.28
CA MET H 423 39.12 -23.30 31.10
C MET H 423 38.06 -22.47 30.40
N ILE H 424 36.83 -22.97 30.39
CA ILE H 424 35.62 -22.22 30.05
C ILE H 424 34.76 -22.14 31.30
N ARG H 425 34.47 -20.91 31.76
CA ARG H 425 33.59 -20.72 32.91
C ARG H 425 32.16 -20.48 32.43
N ILE H 426 31.19 -21.17 33.04
CA ILE H 426 29.81 -21.17 32.57
C ILE H 426 28.86 -20.79 33.68
N SER H 427 28.08 -19.73 33.46
CA SER H 427 26.94 -19.41 34.31
C SER H 427 25.71 -20.00 33.62
N VAL H 428 25.18 -21.07 34.18
CA VAL H 428 24.13 -21.82 33.51
C VAL H 428 22.81 -21.09 33.68
N GLY H 429 22.12 -20.80 32.58
CA GLY H 429 20.86 -20.09 32.61
C GLY H 429 19.68 -21.01 32.82
N ILE H 430 18.48 -20.44 32.69
CA ILE H 430 17.26 -21.20 32.88
C ILE H 430 16.60 -21.57 31.55
N GLU H 431 17.29 -21.37 30.43
CA GLU H 431 16.78 -21.85 29.16
C GLU H 431 16.49 -23.35 29.27
N HIS H 432 15.83 -23.88 28.24
CA HIS H 432 15.64 -25.31 28.21
C HIS H 432 17.00 -25.99 28.06
N VAL H 433 17.28 -26.96 28.92
CA VAL H 433 18.64 -27.50 28.95
C VAL H 433 19.01 -28.14 27.62
N ASP H 434 18.02 -28.65 26.86
CA ASP H 434 18.35 -29.25 25.58
C ASP H 434 18.84 -28.22 24.59
N ASP H 435 18.36 -26.99 24.68
CA ASP H 435 18.89 -25.93 23.83
C ASP H 435 20.28 -25.47 24.27
N ILE H 436 20.55 -25.45 25.57
CA ILE H 436 21.90 -25.09 26.01
C ILE H 436 22.89 -26.14 25.52
N ILE H 437 22.61 -27.41 25.83
CA ILE H 437 23.47 -28.50 25.37
C ILE H 437 23.65 -28.44 23.86
N ALA H 438 22.54 -28.28 23.11
CA ALA H 438 22.67 -28.25 21.64
C ALA H 438 23.55 -27.10 21.18
N ASP H 439 23.53 -25.96 21.89
CA ASP H 439 24.39 -24.86 21.52
C ASP H 439 25.85 -25.25 21.67
N PHE H 440 26.20 -25.91 22.79
CA PHE H 440 27.57 -26.38 22.93
C PHE H 440 27.90 -27.45 21.90
N GLU H 441 26.93 -28.30 21.59
CA GLU H 441 27.17 -29.39 20.65
C GLU H 441 27.56 -28.86 19.28
N GLN H 442 26.92 -27.78 18.82
CA GLN H 442 27.23 -27.26 17.49
C GLN H 442 28.52 -26.43 17.50
N SER H 443 28.83 -25.79 18.63
CA SER H 443 30.09 -25.06 18.73
C SER H 443 31.27 -26.01 18.78
N PHE H 444 31.14 -27.09 19.56
CA PHE H 444 32.12 -28.16 19.56
C PHE H 444 32.36 -28.67 18.15
N GLN H 445 31.26 -28.95 17.42
CA GLN H 445 31.38 -29.47 16.07
C GLN H 445 32.19 -28.52 15.20
N LYS H 446 31.86 -27.23 15.24
CA LYS H 446 32.60 -26.25 14.46
C LYS H 446 34.05 -26.15 14.90
N ALA H 447 34.34 -26.40 16.17
CA ALA H 447 35.70 -26.19 16.65
C ALA H 447 36.56 -27.44 16.50
N TYR H 448 35.94 -28.61 16.43
CA TYR H 448 36.64 -29.88 16.48
C TYR H 448 36.32 -30.81 15.31
N GLY H 449 35.41 -30.44 14.42
CA GLY H 449 35.08 -31.28 13.29
C GLY H 449 34.42 -32.57 13.70
#